data_7WT7
#
_entry.id   7WT7
#
_cell.length_a   1.00
_cell.length_b   1.00
_cell.length_c   1.00
_cell.angle_alpha   90.00
_cell.angle_beta   90.00
_cell.angle_gamma   90.00
#
_symmetry.space_group_name_H-M   'P 1'
#
loop_
_entity.id
_entity.type
_entity.pdbx_description
1 polymer 'Spike glycoprotein'
2 polymer 'Heavy chain of Fab 9A8'
3 polymer 'Light chain of Fab 9A8'
4 branched beta-D-mannopyranose-(1-4)-2-acetamido-2-deoxy-beta-D-glucopyranose-(1-4)-2-acetamido-2-deoxy-beta-D-glucopyranose
5 branched 2-acetamido-2-deoxy-beta-D-glucopyranose-(1-4)-2-acetamido-2-deoxy-beta-D-glucopyranose
6 non-polymer 2-acetamido-2-deoxy-beta-D-glucopyranose
#
loop_
_entity_poly.entity_id
_entity_poly.type
_entity_poly.pdbx_seq_one_letter_code
_entity_poly.pdbx_strand_id
1 'polypeptide(L)'
;MFVFLVLLPLVSSQCVNLTTRTQLPPAYTNSFTRGVYYPDKVFRSSVLHSTQDLFLPFFSNVTWFHVISGTNGTKRFDNP
VLPFNDGVYFASIEKSNIIRGWIFGTTLDSKTQSLLIVNNATNVVIKVCEFQFCNDPFLDHKNNKSWMESEFRVYSSANN
CTFEYVSQPFLMDLEGKQGNFKNLREFVFKNIDGYFKIYSKHTPIIVREPEDLPQGFSALEPLVDLPIGINITRFQTLLA
LHRSYLTPGDSSSGWTAGAAAYYVGYLQPRTFLLKYNENGTITDAVDCALDPLSETKCTLKSFTVEKGIYQTSNFRVQPT
ESIVRFPNITNLCPFDEVFNATRFASVYAWNRKRISNCVADYSVLYNLAPFFTFKCYGVSPTKLNDLCFTNVYADSFVIR
GDEVRQIAPGQTGNIADYNYKLPDDFTGCVIAWNSNKLDSKVSGNYNYLYRLFRKSNLKPFERDISTEIYQAGNKPCNGV
AGFNCYFPLRSYSFRPTYGVGHQPYRVVVLSFELLHAPATVCGPKKSTNLVKNKCVNFNFNGLKGTGVLTESNKKFLPFQ
QFGRDIADTTDAVRDPQTLEILDITPCSFGGVSVITPGTNTSNQVAVLYQGVNCTEVPVAIHADQLTPTWRVYSTGSNVF
QTRAGCLIGAEYVNNSYECDIPIGAGICASYQTQTKSHRAAASVASQSIIAYTMSLGAENSVAYSNNSIAIPTNFTISVT
TEILPVSMTKTSVDCTMYICGDSTECSNLLLQYGSFCTQLKRALTGIAVEQDKNTQEVFAQVKQIYKTPPIKYFGGFNFS
QILPDPSKPSKRSPIEDLLFNKVTLADAGFIKQYGDCLGDIAARDLICAQKFKGLTVLPPLLTDEMIAQYTSALLAGTIT
SGWTFGAGPALQIPFPMQMAYRFNGIGVTQNVLYENQKLIANQFNSAIGKIQDSLSSTPSALGKLQDVVNHNAQALNTLV
KQLSSKFGAISSVLNDIFSRLDPPEAEVQIDRLITGRLQSLQTYVTQQLIRAAEIRASANLAATKMSECVLGQSKRVDFC
GKGYHLMSFPQSAPHGVVFLHVTYVPAQEKNFTTAPAICHDGKAHFPREGVFVSNGTHWFVTQRNFYEPQIITTDNTFVS
GNCDVVIGIVNNTVYDPLQPELDSFKEELDKYFKNHTSPDVDLGDISGINASVVNIQKEIDRLNEVAKNLNESLIDLQEL
GKYEQYIKWPWYIWLGFIAGLIAIVMVTIMLCCMTSCCSCLKGCCSCGSCCKFDEDDSEPVLKGVKLHYT
;
A,B,C
2 'polypeptide(L)'
;VQLVESGGGLVQPGGSLRLSCAASGIIVSSNYMSWVRQGPGKGLEWVSVIYSGGSTYYADSVKARFTISRDNSKNTLYLQ
MNSLRAEDTAVYYCAREVVGSNSNMDVWGQGTTVTVSSASTK
;
H
3 'polypeptide(L)'
;DIQMTQSPSSLSASVGDRVTITCQASQDINIYLNWYQQKPGKAPKLLIYDASNLETGVPSRFSGSGSGTDFTFTINSLQP
EDIATYYCQQYDNLPRTFGQGTKVEIK
;
D
#
loop_
_chem_comp.id
_chem_comp.type
_chem_comp.name
_chem_comp.formula
BMA D-saccharide, beta linking beta-D-mannopyranose 'C6 H12 O6'
NAG D-saccharide, beta linking 2-acetamido-2-deoxy-beta-D-glucopyranose 'C8 H15 N O6'
#
# COMPACT_ATOMS: atom_id res chain seq x y z
N GLN A 14 29.55 -54.67 -37.62
CA GLN A 14 28.27 -55.36 -37.55
C GLN A 14 28.27 -56.42 -36.46
N CYS A 15 27.15 -56.57 -35.77
CA CYS A 15 26.99 -57.54 -34.70
C CYS A 15 26.33 -58.81 -35.24
N VAL A 16 26.18 -59.79 -34.35
CA VAL A 16 25.65 -61.10 -34.70
C VAL A 16 24.47 -61.40 -33.79
N ASN A 17 23.38 -61.90 -34.39
CA ASN A 17 22.22 -62.31 -33.60
C ASN A 17 22.62 -63.38 -32.59
N LEU A 18 22.38 -63.10 -31.31
CA LEU A 18 22.74 -64.02 -30.23
C LEU A 18 21.55 -64.85 -29.78
N THR A 19 20.49 -64.20 -29.30
CA THR A 19 19.32 -64.87 -28.72
C THR A 19 19.73 -65.94 -27.72
N THR A 20 18.99 -67.04 -27.68
CA THR A 20 19.28 -68.17 -26.79
C THR A 20 19.45 -67.72 -25.35
N ARG A 21 18.59 -66.83 -24.88
CA ARG A 21 18.69 -66.24 -23.56
C ARG A 21 17.49 -66.65 -22.71
N THR A 22 17.76 -67.15 -21.51
CA THR A 22 16.72 -67.48 -20.54
C THR A 22 16.55 -66.25 -19.64
N GLN A 23 15.71 -65.32 -20.09
CA GLN A 23 15.55 -64.06 -19.37
C GLN A 23 14.89 -64.29 -18.01
N LEU A 24 15.38 -63.57 -17.01
CA LEU A 24 14.89 -63.63 -15.64
C LEU A 24 14.45 -62.23 -15.21
N PRO A 25 13.34 -62.12 -14.49
CA PRO A 25 12.85 -60.80 -14.09
C PRO A 25 13.90 -60.05 -13.29
N PRO A 26 14.11 -58.76 -13.58
CA PRO A 26 15.16 -58.01 -12.89
C PRO A 26 14.82 -57.81 -11.42
N ALA A 27 15.87 -57.68 -10.62
CA ALA A 27 15.66 -57.53 -9.18
C ALA A 27 15.17 -56.13 -8.85
N TYR A 28 14.66 -55.97 -7.64
CA TYR A 28 14.23 -54.66 -7.15
C TYR A 28 14.89 -54.40 -5.80
N THR A 29 15.66 -53.30 -5.74
CA THR A 29 16.45 -53.02 -4.55
C THR A 29 16.30 -51.56 -4.19
N ASN A 30 15.96 -51.29 -2.93
CA ASN A 30 15.70 -49.92 -2.51
C ASN A 30 16.98 -49.12 -2.40
N SER A 31 16.98 -47.93 -2.99
CA SER A 31 18.08 -46.99 -2.89
C SER A 31 17.77 -46.03 -1.75
N PHE A 32 18.69 -45.92 -0.79
CA PHE A 32 18.40 -45.22 0.45
C PHE A 32 18.57 -43.71 0.31
N THR A 33 19.79 -43.25 -0.01
CA THR A 33 20.03 -41.81 -0.06
C THR A 33 20.76 -41.37 -1.32
N ARG A 34 20.97 -42.24 -2.29
CA ARG A 34 21.74 -41.86 -3.47
C ARG A 34 20.93 -40.93 -4.37
N GLY A 35 21.64 -40.25 -5.27
CA GLY A 35 21.00 -39.45 -6.29
C GLY A 35 20.77 -38.00 -5.94
N VAL A 36 21.83 -37.30 -5.53
CA VAL A 36 21.78 -35.88 -5.22
C VAL A 36 22.95 -35.19 -5.90
N TYR A 37 22.70 -34.00 -6.44
CA TYR A 37 23.74 -33.26 -7.16
C TYR A 37 23.60 -31.78 -6.87
N TYR A 38 24.67 -31.05 -7.17
CA TYR A 38 24.64 -29.60 -7.06
C TYR A 38 23.81 -29.03 -8.20
N PRO A 39 22.74 -28.30 -7.92
CA PRO A 39 21.85 -27.82 -9.00
C PRO A 39 22.39 -26.65 -9.81
N ASP A 40 23.41 -25.95 -9.32
CA ASP A 40 23.93 -24.78 -10.04
C ASP A 40 25.36 -24.48 -9.62
N LYS A 41 26.02 -23.58 -10.34
CA LYS A 41 27.41 -23.22 -10.07
C LYS A 41 27.43 -21.97 -9.19
N VAL A 42 27.07 -22.15 -7.93
CA VAL A 42 27.08 -21.08 -6.94
C VAL A 42 27.69 -21.60 -5.66
N PHE A 43 28.57 -20.81 -5.07
CA PHE A 43 29.16 -21.15 -3.78
C PHE A 43 28.20 -20.80 -2.65
N ARG A 44 28.04 -21.74 -1.71
CA ARG A 44 27.16 -21.56 -0.57
C ARG A 44 27.75 -22.23 0.65
N SER A 45 28.20 -21.44 1.63
CA SER A 45 28.92 -21.96 2.78
C SER A 45 28.08 -21.80 4.05
N SER A 46 27.89 -22.92 4.76
CA SER A 46 27.20 -22.94 6.05
C SER A 46 25.82 -22.30 5.97
N VAL A 47 24.96 -22.90 5.14
CA VAL A 47 23.61 -22.39 4.92
C VAL A 47 22.73 -23.55 4.50
N LEU A 48 21.50 -23.56 4.99
CA LEU A 48 20.50 -24.53 4.58
C LEU A 48 19.64 -23.93 3.48
N HIS A 49 19.55 -24.60 2.35
CA HIS A 49 18.88 -24.06 1.18
C HIS A 49 17.81 -25.03 0.70
N SER A 50 16.65 -24.50 0.35
CA SER A 50 15.53 -25.28 -0.14
C SER A 50 15.44 -25.15 -1.65
N THR A 51 15.40 -26.28 -2.35
CA THR A 51 15.31 -26.27 -3.80
C THR A 51 14.16 -27.17 -4.25
N GLN A 52 13.75 -26.99 -5.50
CA GLN A 52 12.68 -27.81 -6.09
C GLN A 52 13.08 -28.13 -7.52
N ASP A 53 13.39 -29.38 -7.79
CA ASP A 53 13.90 -29.78 -9.11
C ASP A 53 13.73 -31.29 -9.23
N LEU A 54 14.30 -31.87 -10.28
CA LEU A 54 14.17 -33.30 -10.54
C LEU A 54 15.15 -34.06 -9.66
N PHE A 55 14.63 -34.93 -8.79
CA PHE A 55 15.44 -35.68 -7.85
C PHE A 55 14.96 -37.13 -7.76
N LEU A 56 15.77 -37.96 -7.11
CA LEU A 56 15.41 -39.35 -6.84
C LEU A 56 14.74 -39.44 -5.49
N PRO A 57 13.51 -39.94 -5.41
CA PRO A 57 12.84 -40.06 -4.11
C PRO A 57 13.61 -40.97 -3.16
N PHE A 58 13.56 -40.61 -1.88
CA PHE A 58 14.21 -41.43 -0.86
C PHE A 58 13.43 -42.73 -0.65
N PHE A 59 14.16 -43.81 -0.38
CA PHE A 59 13.57 -45.11 -0.04
C PHE A 59 12.63 -45.61 -1.13
N SER A 60 13.01 -45.41 -2.38
CA SER A 60 12.35 -46.04 -3.51
C SER A 60 13.26 -47.12 -4.09
N ASN A 61 12.65 -48.19 -4.60
CA ASN A 61 13.41 -49.35 -5.07
C ASN A 61 13.61 -49.27 -6.57
N VAL A 62 14.86 -49.44 -6.99
CA VAL A 62 15.28 -49.31 -8.38
C VAL A 62 15.48 -50.70 -8.96
N THR A 63 15.60 -50.74 -10.29
CA THR A 63 15.78 -52.01 -11.00
C THR A 63 17.24 -52.44 -10.97
N TRP A 64 17.49 -53.63 -10.45
CA TRP A 64 18.84 -54.18 -10.32
C TRP A 64 19.04 -55.22 -11.41
N PHE A 65 20.07 -55.01 -12.23
CA PHE A 65 20.52 -55.97 -13.22
C PHE A 65 21.84 -56.58 -12.77
N HIS A 66 21.92 -57.91 -12.82
CA HIS A 66 23.13 -58.64 -12.53
C HIS A 66 23.53 -59.44 -13.76
N VAL A 67 24.77 -59.28 -14.20
CA VAL A 67 25.27 -59.92 -15.42
C VAL A 67 26.58 -60.62 -15.08
N ILE A 68 26.66 -61.91 -15.39
CA ILE A 68 27.88 -62.67 -15.15
C ILE A 68 28.60 -62.95 -16.47
N LYS A 75 27.33 -66.64 -20.44
CA LYS A 75 26.37 -67.31 -19.57
C LYS A 75 25.19 -66.41 -19.23
N ARG A 76 25.44 -65.40 -18.40
CA ARG A 76 24.40 -64.47 -17.98
C ARG A 76 24.55 -63.19 -18.79
N PHE A 77 23.58 -62.92 -19.66
CA PHE A 77 23.62 -61.76 -20.55
C PHE A 77 22.27 -61.06 -20.42
N ASP A 78 22.22 -60.04 -19.56
CA ASP A 78 20.97 -59.35 -19.25
C ASP A 78 21.13 -57.86 -19.54
N ASN A 79 20.71 -57.42 -20.72
CA ASN A 79 20.71 -56.00 -21.03
C ASN A 79 19.59 -55.61 -21.98
N PRO A 80 18.33 -55.71 -21.57
CA PRO A 80 17.24 -55.23 -22.43
C PRO A 80 17.24 -53.71 -22.53
N VAL A 81 16.45 -53.21 -23.48
CA VAL A 81 16.22 -51.77 -23.57
C VAL A 81 15.38 -51.34 -22.38
N LEU A 82 15.61 -50.11 -21.92
CA LEU A 82 14.92 -49.61 -20.73
C LEU A 82 14.29 -48.27 -21.02
N PRO A 83 13.14 -47.98 -20.41
CA PRO A 83 12.49 -46.69 -20.64
C PRO A 83 13.31 -45.53 -20.11
N PHE A 84 13.24 -44.41 -20.83
CA PHE A 84 13.90 -43.18 -20.45
C PHE A 84 12.85 -42.06 -20.44
N ASN A 85 12.59 -41.50 -19.26
CA ASN A 85 11.64 -40.41 -19.15
C ASN A 85 12.02 -39.52 -17.99
N ASP A 86 12.13 -38.22 -18.25
CA ASP A 86 12.50 -37.22 -17.26
C ASP A 86 13.84 -37.56 -16.60
N GLY A 87 14.78 -38.05 -17.40
CA GLY A 87 16.11 -38.36 -16.90
C GLY A 87 16.16 -39.65 -16.12
N VAL A 88 17.35 -40.26 -16.05
CA VAL A 88 17.55 -41.51 -15.32
C VAL A 88 18.82 -41.42 -14.49
N TYR A 89 18.89 -42.30 -13.48
CA TYR A 89 20.05 -42.40 -12.61
C TYR A 89 20.60 -43.82 -12.71
N PHE A 90 21.88 -43.94 -13.04
CA PHE A 90 22.53 -45.22 -13.29
C PHE A 90 23.72 -45.37 -12.35
N ALA A 91 23.72 -46.43 -11.55
CA ALA A 91 24.79 -46.68 -10.59
C ALA A 91 25.32 -48.09 -10.81
N SER A 92 26.58 -48.19 -11.24
CA SER A 92 27.21 -49.48 -11.51
C SER A 92 28.29 -49.75 -10.48
N ILE A 93 28.21 -50.93 -9.85
CA ILE A 93 29.27 -51.38 -8.94
C ILE A 93 30.13 -52.35 -9.75
N GLU A 94 31.23 -51.84 -10.29
CA GLU A 94 32.03 -52.59 -11.24
C GLU A 94 33.50 -52.39 -10.91
N LYS A 95 34.31 -53.37 -11.29
CA LYS A 95 35.74 -53.35 -11.00
C LYS A 95 36.60 -53.26 -12.25
N SER A 96 36.39 -54.14 -13.23
CA SER A 96 37.33 -54.33 -14.32
C SER A 96 36.86 -53.71 -15.64
N ASN A 97 36.10 -52.63 -15.58
CA ASN A 97 35.67 -51.88 -16.77
C ASN A 97 34.94 -52.79 -17.77
N ILE A 98 33.78 -53.29 -17.34
CA ILE A 98 32.93 -54.08 -18.22
C ILE A 98 31.94 -53.19 -18.96
N ILE A 99 31.26 -52.30 -18.26
CA ILE A 99 30.34 -51.36 -18.89
C ILE A 99 31.14 -50.22 -19.50
N ARG A 100 30.88 -49.94 -20.77
CA ARG A 100 31.61 -48.91 -21.50
C ARG A 100 30.77 -47.67 -21.79
N GLY A 101 29.61 -47.83 -22.43
CA GLY A 101 28.86 -46.68 -22.88
C GLY A 101 27.35 -46.81 -22.89
N TRP A 102 26.69 -45.84 -23.53
CA TRP A 102 25.25 -45.75 -23.59
C TRP A 102 24.78 -45.38 -24.98
N ILE A 103 23.58 -45.82 -25.32
CA ILE A 103 22.91 -45.49 -26.58
C ILE A 103 21.54 -44.93 -26.24
N PHE A 104 21.21 -43.77 -26.81
CA PHE A 104 19.96 -43.08 -26.55
C PHE A 104 19.18 -42.91 -27.85
N GLY A 105 17.86 -43.02 -27.75
CA GLY A 105 17.02 -42.86 -28.92
C GLY A 105 15.57 -43.08 -28.57
N THR A 106 14.74 -43.12 -29.60
CA THR A 106 13.32 -43.41 -29.45
C THR A 106 12.85 -44.56 -30.33
N THR A 107 13.43 -44.74 -31.51
CA THR A 107 13.08 -45.84 -32.40
C THR A 107 14.28 -46.66 -32.84
N LEU A 108 15.43 -46.04 -33.04
CA LEU A 108 16.65 -46.73 -33.49
C LEU A 108 16.40 -47.51 -34.78
N ASP A 109 15.72 -46.87 -35.73
CA ASP A 109 15.40 -47.49 -37.02
C ASP A 109 15.93 -46.65 -38.19
N SER A 110 17.03 -45.92 -37.97
CA SER A 110 17.68 -45.08 -38.96
C SER A 110 16.81 -43.94 -39.46
N LYS A 111 15.62 -43.77 -38.90
CA LYS A 111 14.74 -42.67 -39.27
C LYS A 111 14.64 -41.59 -38.22
N THR A 112 15.16 -41.83 -37.02
CA THR A 112 15.16 -40.86 -35.94
C THR A 112 16.58 -40.64 -35.43
N GLN A 113 16.86 -39.42 -35.00
CA GLN A 113 18.19 -39.09 -34.50
C GLN A 113 18.49 -39.89 -33.24
N SER A 114 19.76 -40.30 -33.10
CA SER A 114 20.17 -41.17 -32.01
C SER A 114 21.51 -40.74 -31.47
N LEU A 115 21.73 -41.02 -30.19
CA LEU A 115 22.94 -40.71 -29.46
C LEU A 115 23.83 -41.95 -29.33
N LEU A 116 25.14 -41.71 -29.29
CA LEU A 116 26.07 -42.72 -28.81
C LEU A 116 27.08 -42.03 -27.91
N ILE A 117 27.29 -42.60 -26.72
CA ILE A 117 28.26 -42.11 -25.74
C ILE A 117 29.16 -43.30 -25.46
N VAL A 118 30.40 -43.28 -25.94
CA VAL A 118 31.28 -44.45 -25.87
C VAL A 118 32.61 -44.05 -25.25
N ASN A 119 33.05 -44.82 -24.25
CA ASN A 119 34.32 -44.60 -23.56
C ASN A 119 35.08 -45.92 -23.48
N ASN A 120 35.19 -46.62 -24.61
CA ASN A 120 35.73 -47.97 -24.62
C ASN A 120 37.19 -48.05 -24.19
N ALA A 121 38.11 -47.53 -25.00
CA ALA A 121 39.52 -47.59 -24.61
C ALA A 121 40.25 -46.27 -24.74
N THR A 122 39.98 -45.48 -25.79
CA THR A 122 40.80 -44.31 -26.08
C THR A 122 40.32 -43.09 -25.32
N ASN A 123 39.09 -42.65 -25.60
CA ASN A 123 38.59 -41.39 -25.08
C ASN A 123 37.10 -41.53 -24.83
N VAL A 124 36.45 -40.42 -24.51
CA VAL A 124 34.99 -40.37 -24.43
C VAL A 124 34.50 -39.69 -25.70
N VAL A 125 33.63 -40.38 -26.43
CA VAL A 125 33.22 -39.96 -27.77
C VAL A 125 31.69 -39.85 -27.81
N ILE A 126 31.21 -38.78 -28.43
CA ILE A 126 29.79 -38.44 -28.44
C ILE A 126 29.40 -38.18 -29.89
N LYS A 127 28.41 -38.91 -30.38
CA LYS A 127 27.81 -38.63 -31.69
C LYS A 127 26.29 -38.61 -31.67
N VAL A 128 25.73 -37.71 -32.48
CA VAL A 128 24.30 -37.63 -32.78
C VAL A 128 24.15 -37.90 -34.27
N CYS A 129 23.46 -38.99 -34.62
CA CYS A 129 23.29 -39.34 -36.02
C CYS A 129 22.10 -40.27 -36.18
N GLU A 130 21.64 -40.39 -37.43
CA GLU A 130 20.52 -41.27 -37.77
C GLU A 130 21.03 -42.70 -37.88
N PHE A 131 21.42 -43.25 -36.72
CA PHE A 131 22.04 -44.56 -36.69
C PHE A 131 21.00 -45.67 -36.89
N GLN A 132 21.44 -46.75 -37.51
CA GLN A 132 20.66 -47.98 -37.63
C GLN A 132 21.36 -49.01 -36.74
N PHE A 133 21.01 -49.01 -35.47
CA PHE A 133 21.63 -49.92 -34.51
C PHE A 133 21.14 -51.34 -34.74
N CYS A 134 22.06 -52.30 -34.73
CA CYS A 134 21.68 -53.69 -34.83
C CYS A 134 20.98 -54.14 -33.55
N ASN A 135 20.26 -55.26 -33.64
CA ASN A 135 19.43 -55.70 -32.52
C ASN A 135 20.27 -56.12 -31.32
N ASP A 136 21.58 -56.29 -31.50
CA ASP A 136 22.49 -56.67 -30.42
C ASP A 136 23.67 -55.70 -30.40
N PRO A 137 23.48 -54.50 -29.86
CA PRO A 137 24.61 -53.56 -29.73
C PRO A 137 25.50 -53.95 -28.55
N PHE A 138 26.69 -54.45 -28.86
CA PHE A 138 27.63 -54.88 -27.84
C PHE A 138 29.03 -54.90 -28.43
N LEU A 139 30.02 -55.17 -27.56
CA LEU A 139 31.40 -55.33 -27.97
C LEU A 139 32.05 -56.51 -27.24
N ASP A 140 31.25 -57.46 -26.77
CA ASP A 140 31.71 -58.51 -25.88
C ASP A 140 32.09 -59.80 -26.63
N HIS A 141 31.24 -60.25 -27.54
CA HIS A 141 31.41 -61.56 -28.18
C HIS A 141 32.58 -61.52 -29.14
N LYS A 142 33.73 -62.00 -28.67
CA LYS A 142 34.85 -62.36 -29.54
C LYS A 142 35.25 -63.78 -29.18
N ASN A 143 36.40 -64.21 -29.69
CA ASN A 143 36.91 -65.53 -29.32
C ASN A 143 37.23 -65.63 -27.82
N ASN A 144 37.68 -66.82 -27.43
CA ASN A 144 37.26 -67.51 -26.21
C ASN A 144 36.96 -66.60 -25.02
N LYS A 145 37.95 -65.87 -24.50
CA LYS A 145 37.70 -65.09 -23.29
C LYS A 145 38.40 -63.74 -23.26
N SER A 146 39.09 -63.33 -24.32
CA SER A 146 39.79 -62.06 -24.35
C SER A 146 39.00 -61.05 -25.18
N TRP A 147 38.71 -59.90 -24.58
CA TRP A 147 37.98 -58.86 -25.28
C TRP A 147 38.81 -58.28 -26.41
N MET A 148 38.16 -57.95 -27.51
CA MET A 148 38.78 -57.30 -28.64
C MET A 148 37.91 -56.12 -29.05
N GLU A 149 38.55 -55.08 -29.60
CA GLU A 149 37.81 -53.90 -30.02
C GLU A 149 37.21 -54.12 -31.41
N SER A 150 36.53 -55.24 -31.59
CA SER A 150 35.85 -55.58 -32.84
C SER A 150 34.36 -55.28 -32.69
N GLU A 151 33.67 -55.31 -33.84
CA GLU A 151 32.26 -54.98 -33.93
C GLU A 151 31.96 -53.58 -33.41
N PHE A 152 32.95 -52.67 -33.49
CA PHE A 152 32.78 -51.32 -32.96
C PHE A 152 31.70 -50.57 -33.72
N ARG A 153 31.49 -50.89 -34.99
CA ARG A 153 30.41 -50.29 -35.79
C ARG A 153 29.08 -50.98 -35.49
N VAL A 154 28.63 -50.80 -34.24
CA VAL A 154 27.36 -51.38 -33.81
C VAL A 154 26.22 -50.85 -34.66
N TYR A 155 26.33 -49.61 -35.13
CA TYR A 155 25.38 -49.11 -36.11
C TYR A 155 25.76 -49.63 -37.49
N SER A 156 24.76 -50.15 -38.22
CA SER A 156 25.04 -50.67 -39.56
C SER A 156 25.21 -49.55 -40.58
N SER A 157 24.62 -48.38 -40.32
CA SER A 157 24.70 -47.28 -41.26
C SER A 157 24.59 -45.97 -40.50
N ALA A 158 25.07 -44.90 -41.13
CA ALA A 158 25.01 -43.55 -40.59
C ALA A 158 24.75 -42.61 -41.77
N ASN A 159 23.49 -42.25 -41.99
CA ASN A 159 23.12 -41.47 -43.16
C ASN A 159 23.40 -39.99 -42.94
N ASN A 160 22.77 -39.38 -41.95
CA ASN A 160 22.91 -37.96 -41.68
C ASN A 160 23.26 -37.77 -40.21
N CYS A 161 24.51 -37.36 -39.96
CA CYS A 161 25.00 -37.12 -38.61
C CYS A 161 25.15 -35.62 -38.38
N THR A 162 24.63 -35.14 -37.25
CA THR A 162 24.51 -33.70 -37.03
C THR A 162 25.38 -33.17 -35.88
N PHE A 163 25.97 -34.04 -35.06
CA PHE A 163 26.75 -33.56 -33.94
C PHE A 163 27.86 -34.54 -33.60
N GLU A 164 29.00 -34.00 -33.16
CA GLU A 164 30.17 -34.80 -32.82
C GLU A 164 30.92 -34.08 -31.70
N TYR A 165 31.47 -34.86 -30.77
CA TYR A 165 32.20 -34.28 -29.64
C TYR A 165 33.05 -35.35 -28.98
N VAL A 166 34.33 -35.03 -28.77
CA VAL A 166 35.28 -35.94 -28.14
C VAL A 166 36.01 -35.20 -27.03
N SER A 167 36.26 -35.88 -25.92
CA SER A 167 36.90 -35.26 -24.77
C SER A 167 37.77 -36.31 -24.06
N GLN A 168 38.26 -35.96 -22.87
CA GLN A 168 39.14 -36.79 -22.05
C GLN A 168 38.34 -37.89 -21.35
N PRO A 169 38.84 -39.14 -21.37
CA PRO A 169 38.09 -40.25 -20.78
C PRO A 169 38.17 -40.30 -19.26
N PHE A 170 37.51 -41.28 -18.66
CA PHE A 170 37.43 -41.41 -17.22
C PHE A 170 38.47 -42.41 -16.70
N LEU A 171 38.40 -42.72 -15.41
CA LEU A 171 39.31 -43.67 -14.80
C LEU A 171 38.96 -45.07 -15.28
N MET A 172 39.99 -45.86 -15.59
CA MET A 172 39.81 -47.14 -16.25
C MET A 172 40.50 -48.25 -15.45
N ASP A 173 40.46 -49.47 -16.01
CA ASP A 173 41.09 -50.63 -15.40
C ASP A 173 41.55 -51.57 -16.51
N LEU A 174 42.28 -52.60 -16.12
CA LEU A 174 42.85 -53.57 -17.04
C LEU A 174 42.41 -54.98 -16.69
N GLU A 175 42.50 -55.87 -17.69
CA GLU A 175 42.20 -57.29 -17.54
C GLU A 175 40.76 -57.53 -17.11
N GLY A 176 40.42 -58.77 -16.80
CA GLY A 176 39.09 -59.12 -16.32
C GLY A 176 39.13 -59.87 -15.01
N LYS A 177 38.50 -59.32 -13.97
CA LYS A 177 38.51 -59.91 -12.64
C LYS A 177 37.08 -60.24 -12.20
N GLN A 178 37.00 -61.02 -11.12
CA GLN A 178 35.71 -61.43 -10.55
C GLN A 178 35.82 -61.33 -9.04
N GLY A 179 35.25 -60.26 -8.47
CA GLY A 179 35.25 -60.09 -7.02
C GLY A 179 35.98 -58.85 -6.55
N ASN A 180 35.71 -58.43 -5.33
CA ASN A 180 36.33 -57.24 -4.72
C ASN A 180 36.10 -56.00 -5.58
N PHE A 181 34.82 -55.73 -5.85
CA PHE A 181 34.41 -54.66 -6.76
C PHE A 181 34.47 -53.34 -6.01
N LYS A 182 35.69 -52.80 -5.89
CA LYS A 182 35.88 -51.58 -5.12
C LYS A 182 35.24 -50.38 -5.80
N ASN A 183 35.47 -50.20 -7.10
CA ASN A 183 35.00 -49.02 -7.80
C ASN A 183 33.48 -49.00 -7.89
N LEU A 184 32.90 -47.80 -7.74
CA LEU A 184 31.47 -47.60 -7.87
C LEU A 184 31.26 -46.29 -8.62
N ARG A 185 30.49 -46.34 -9.71
CA ARG A 185 30.29 -45.18 -10.57
C ARG A 185 28.81 -44.81 -10.58
N GLU A 186 28.53 -43.53 -10.35
CA GLU A 186 27.18 -42.99 -10.38
C GLU A 186 27.08 -41.94 -11.48
N PHE A 187 25.99 -41.98 -12.23
CA PHE A 187 25.73 -40.99 -13.27
C PHE A 187 24.26 -40.65 -13.27
N VAL A 188 23.95 -39.42 -13.63
CA VAL A 188 22.57 -38.98 -13.81
C VAL A 188 22.45 -38.22 -15.12
N PHE A 189 21.45 -38.57 -15.92
CA PHE A 189 21.23 -37.99 -17.24
C PHE A 189 19.87 -37.31 -17.28
N LYS A 190 19.86 -36.05 -17.69
CA LYS A 190 18.62 -35.27 -17.69
C LYS A 190 18.57 -34.37 -18.91
N ASN A 191 17.48 -34.45 -19.66
CA ASN A 191 17.29 -33.64 -20.86
C ASN A 191 16.12 -32.68 -20.67
N ILE A 192 16.37 -31.41 -20.98
CA ILE A 192 15.34 -30.37 -20.88
C ILE A 192 15.64 -29.27 -21.90
N ASP A 193 14.61 -28.86 -22.64
CA ASP A 193 14.70 -27.78 -23.62
C ASP A 193 15.83 -28.03 -24.62
N GLY A 194 15.97 -29.28 -25.05
CA GLY A 194 17.02 -29.64 -25.97
C GLY A 194 18.37 -29.89 -25.31
N TYR A 195 18.64 -29.17 -24.22
CA TYR A 195 19.88 -29.35 -23.50
C TYR A 195 19.91 -30.71 -22.82
N PHE A 196 21.10 -31.29 -22.74
CA PHE A 196 21.32 -32.61 -22.15
C PHE A 196 22.44 -32.49 -21.14
N LYS A 197 22.19 -32.93 -19.92
CA LYS A 197 23.15 -32.79 -18.82
C LYS A 197 23.47 -34.16 -18.26
N ILE A 198 24.77 -34.42 -18.09
CA ILE A 198 25.26 -35.66 -17.52
C ILE A 198 26.13 -35.30 -16.32
N TYR A 199 25.70 -35.70 -15.13
CA TYR A 199 26.49 -35.47 -13.93
C TYR A 199 27.06 -36.80 -13.46
N SER A 200 28.30 -36.75 -12.97
CA SER A 200 29.07 -37.96 -12.73
C SER A 200 29.65 -37.96 -11.33
N LYS A 201 29.95 -39.15 -10.84
CA LYS A 201 30.61 -39.33 -9.56
C LYS A 201 31.31 -40.68 -9.56
N HIS A 202 32.53 -40.71 -9.04
CA HIS A 202 33.33 -41.92 -8.93
C HIS A 202 33.78 -42.08 -7.49
N THR A 203 33.46 -43.23 -6.89
CA THR A 203 33.84 -43.50 -5.51
C THR A 203 34.59 -44.83 -5.49
N PRO A 204 35.85 -44.85 -5.07
CA PRO A 204 36.57 -46.11 -4.96
C PRO A 204 36.49 -46.69 -3.54
N ILE A 205 37.07 -47.87 -3.39
CA ILE A 205 37.19 -48.57 -2.11
C ILE A 205 35.81 -48.82 -1.52
N ILE A 206 34.98 -49.56 -2.25
CA ILE A 206 33.73 -50.08 -1.68
C ILE A 206 33.76 -51.60 -1.78
N VAL A 207 34.02 -52.26 -0.65
CA VAL A 207 33.96 -53.72 -0.57
C VAL A 207 32.94 -54.08 0.50
N ARG A 208 31.97 -54.92 0.13
CA ARG A 208 30.93 -55.36 1.05
C ARG A 208 30.50 -56.76 0.65
N GLU A 209 30.48 -57.67 1.62
CA GLU A 209 29.99 -59.02 1.34
C GLU A 209 28.54 -59.04 0.85
N PRO A 210 27.60 -58.33 1.48
CA PRO A 210 26.24 -58.25 0.91
C PRO A 210 26.18 -57.30 -0.27
N GLU A 211 25.15 -57.50 -1.09
CA GLU A 211 24.84 -56.64 -2.22
C GLU A 211 23.90 -55.53 -1.75
N ASP A 212 23.22 -54.87 -2.69
CA ASP A 212 22.16 -53.89 -2.41
C ASP A 212 22.71 -52.57 -1.89
N LEU A 213 23.85 -52.14 -2.46
CA LEU A 213 24.36 -50.77 -2.35
C LEU A 213 24.88 -50.45 -0.96
N PRO A 214 25.81 -49.50 -0.84
CA PRO A 214 26.34 -49.13 0.48
C PRO A 214 25.41 -48.17 1.20
N GLN A 215 25.77 -47.89 2.46
CA GLN A 215 25.04 -46.94 3.29
C GLN A 215 25.88 -45.70 3.49
N GLY A 216 25.37 -44.56 3.05
CA GLY A 216 26.10 -43.31 3.20
C GLY A 216 25.54 -42.24 2.28
N PHE A 217 26.28 -41.14 2.22
CA PHE A 217 25.89 -39.97 1.45
C PHE A 217 27.04 -39.55 0.54
N SER A 218 26.70 -39.04 -0.64
CA SER A 218 27.72 -38.56 -1.58
C SER A 218 27.05 -37.69 -2.62
N ALA A 219 27.56 -36.48 -2.80
CA ALA A 219 27.01 -35.55 -3.76
C ALA A 219 27.54 -35.86 -5.16
N LEU A 220 26.91 -35.24 -6.17
CA LEU A 220 27.30 -35.41 -7.56
C LEU A 220 27.63 -34.04 -8.15
N GLU A 221 28.75 -33.96 -8.87
CA GLU A 221 29.24 -32.75 -9.51
C GLU A 221 28.78 -32.69 -10.97
N PRO A 222 28.70 -31.50 -11.57
CA PRO A 222 28.31 -31.42 -12.97
C PRO A 222 29.50 -31.60 -13.90
N LEU A 223 29.30 -32.43 -14.93
CA LEU A 223 30.39 -32.82 -15.82
C LEU A 223 30.37 -32.07 -17.16
N VAL A 224 29.28 -32.18 -17.90
CA VAL A 224 29.21 -31.67 -19.27
C VAL A 224 27.75 -31.36 -19.61
N ASP A 225 27.57 -30.50 -20.62
CA ASP A 225 26.26 -30.17 -21.15
C ASP A 225 26.35 -30.12 -22.66
N LEU A 226 25.29 -30.58 -23.34
CA LEU A 226 25.30 -30.61 -24.79
C LEU A 226 23.93 -30.30 -25.39
N PRO A 227 23.86 -29.49 -26.45
CA PRO A 227 22.57 -29.16 -27.08
C PRO A 227 22.16 -30.11 -28.20
N ILE A 228 21.71 -31.31 -27.82
CA ILE A 228 21.28 -32.29 -28.81
C ILE A 228 19.97 -31.87 -29.47
N GLY A 229 19.01 -31.41 -28.67
CA GLY A 229 17.76 -30.91 -29.21
C GLY A 229 16.88 -31.95 -29.88
N ILE A 230 16.79 -33.15 -29.32
CA ILE A 230 15.90 -34.19 -29.86
C ILE A 230 15.17 -34.87 -28.71
N ASN A 231 14.24 -35.76 -29.05
CA ASN A 231 13.50 -36.54 -28.06
C ASN A 231 14.21 -37.85 -27.81
N ILE A 232 14.35 -38.21 -26.53
CA ILE A 232 14.85 -39.52 -26.12
C ILE A 232 13.85 -40.13 -25.14
N THR A 233 13.35 -41.31 -25.49
CA THR A 233 12.39 -42.01 -24.64
C THR A 233 12.88 -43.36 -24.16
N ARG A 234 14.02 -43.83 -24.65
CA ARG A 234 14.57 -45.12 -24.25
C ARG A 234 16.08 -45.06 -24.38
N PHE A 235 16.75 -45.92 -23.62
CA PHE A 235 18.21 -45.96 -23.64
C PHE A 235 18.69 -47.38 -23.47
N GLN A 236 19.88 -47.65 -23.98
CA GLN A 236 20.51 -48.96 -23.90
C GLN A 236 21.94 -48.81 -23.42
N THR A 237 22.33 -49.64 -22.45
CA THR A 237 23.69 -49.67 -21.95
C THR A 237 24.58 -50.50 -22.87
N LEU A 238 25.87 -50.22 -22.83
CA LEU A 238 26.84 -50.91 -23.69
C LEU A 238 27.93 -51.52 -22.83
N LEU A 239 28.37 -52.72 -23.21
CA LEU A 239 29.40 -53.42 -22.47
C LEU A 239 30.26 -54.23 -23.44
N ALA A 240 31.46 -54.59 -23.00
CA ALA A 240 32.36 -55.40 -23.80
C ALA A 240 33.01 -56.49 -22.94
N SER A 251 34.17 -67.34 -29.71
CA SER A 251 33.70 -66.54 -30.83
C SER A 251 32.43 -65.79 -30.48
N SER A 252 31.68 -65.38 -31.51
CA SER A 252 30.40 -64.74 -31.28
C SER A 252 29.43 -65.70 -30.58
N SER A 253 29.56 -66.99 -30.87
CA SER A 253 28.82 -68.03 -30.16
C SER A 253 29.78 -68.70 -29.17
N GLY A 254 29.62 -68.38 -27.89
CA GLY A 254 30.48 -68.92 -26.86
C GLY A 254 31.41 -67.88 -26.26
N TRP A 255 31.06 -67.39 -25.07
CA TRP A 255 31.86 -66.38 -24.39
C TRP A 255 31.58 -66.46 -22.89
N THR A 256 32.62 -66.24 -22.10
CA THR A 256 32.50 -66.24 -20.64
C THR A 256 32.82 -64.85 -20.12
N ALA A 257 31.93 -64.32 -19.28
CA ALA A 257 32.06 -62.98 -18.73
C ALA A 257 32.10 -63.03 -17.21
N GLY A 258 32.73 -62.01 -16.63
CA GLY A 258 32.84 -61.90 -15.20
C GLY A 258 31.61 -61.28 -14.55
N ALA A 259 31.69 -61.15 -13.23
CA ALA A 259 30.57 -60.58 -12.47
C ALA A 259 30.39 -59.11 -12.79
N ALA A 260 29.16 -58.64 -12.63
CA ALA A 260 28.80 -57.25 -12.90
C ALA A 260 27.42 -56.98 -12.30
N ALA A 261 27.26 -55.82 -11.68
CA ALA A 261 25.99 -55.44 -11.08
C ALA A 261 25.77 -53.95 -11.27
N TYR A 262 24.54 -53.59 -11.65
CA TYR A 262 24.19 -52.18 -11.76
C TYR A 262 22.71 -51.98 -11.42
N TYR A 263 22.37 -50.73 -11.18
CA TYR A 263 21.03 -50.33 -10.77
C TYR A 263 20.60 -49.14 -11.61
N VAL A 264 19.32 -49.13 -11.98
CA VAL A 264 18.73 -48.04 -12.75
C VAL A 264 17.51 -47.53 -12.00
N GLY A 265 17.44 -46.21 -11.82
CA GLY A 265 16.34 -45.60 -11.12
C GLY A 265 15.82 -44.38 -11.85
N TYR A 266 14.60 -44.00 -11.52
CA TYR A 266 13.88 -42.94 -12.20
C TYR A 266 13.62 -41.78 -11.24
N LEU A 267 13.78 -40.57 -11.77
CA LEU A 267 13.62 -39.34 -10.99
C LEU A 267 12.23 -38.75 -11.19
N GLN A 268 11.91 -37.74 -10.39
CA GLN A 268 10.65 -37.03 -10.50
C GLN A 268 10.82 -35.66 -9.85
N PRO A 269 9.94 -34.71 -10.16
CA PRO A 269 10.07 -33.37 -9.57
C PRO A 269 9.72 -33.39 -8.09
N ARG A 270 10.71 -33.12 -7.25
CA ARG A 270 10.53 -33.06 -5.81
C ARG A 270 11.24 -31.85 -5.25
N THR A 271 10.87 -31.48 -4.04
CA THR A 271 11.51 -30.39 -3.31
C THR A 271 12.35 -30.96 -2.17
N PHE A 272 13.60 -30.49 -2.08
CA PHE A 272 14.59 -31.00 -1.15
C PHE A 272 15.14 -29.85 -0.32
N LEU A 273 15.68 -30.19 0.86
CA LEU A 273 16.41 -29.27 1.70
C LEU A 273 17.86 -29.76 1.81
N LEU A 274 18.81 -28.87 1.56
CA LEU A 274 20.22 -29.22 1.45
C LEU A 274 21.02 -28.44 2.49
N LYS A 275 21.94 -29.12 3.15
CA LYS A 275 22.77 -28.50 4.18
C LYS A 275 24.22 -28.44 3.68
N TYR A 276 24.77 -27.24 3.62
CA TYR A 276 26.17 -27.04 3.28
C TYR A 276 27.02 -26.99 4.55
N ASN A 277 28.33 -27.07 4.37
CA ASN A 277 29.30 -26.97 5.45
C ASN A 277 30.19 -25.75 5.22
N GLU A 278 31.19 -25.60 6.09
CA GLU A 278 32.12 -24.48 5.96
C GLU A 278 32.93 -24.59 4.67
N ASN A 279 33.34 -25.81 4.32
CA ASN A 279 34.12 -26.01 3.10
C ASN A 279 33.33 -25.65 1.86
N GLY A 280 32.06 -26.04 1.82
CA GLY A 280 31.23 -25.76 0.65
C GLY A 280 30.75 -27.02 -0.04
N THR A 281 30.74 -28.13 0.68
CA THR A 281 30.32 -29.41 0.15
C THR A 281 29.03 -29.86 0.83
N ILE A 282 28.14 -30.46 0.06
CA ILE A 282 26.84 -30.87 0.58
C ILE A 282 27.04 -32.01 1.57
N THR A 283 26.60 -31.80 2.81
CA THR A 283 26.76 -32.77 3.89
C THR A 283 25.52 -33.62 4.11
N ASP A 284 24.32 -33.06 3.94
CA ASP A 284 23.10 -33.82 4.13
C ASP A 284 21.99 -33.20 3.29
N ALA A 285 20.99 -34.03 2.98
CA ALA A 285 19.80 -33.58 2.26
C ALA A 285 18.60 -34.35 2.79
N VAL A 286 17.47 -33.66 2.87
CA VAL A 286 16.25 -34.23 3.42
C VAL A 286 15.08 -33.94 2.47
N ASP A 287 14.21 -34.92 2.32
CA ASP A 287 13.03 -34.79 1.47
C ASP A 287 11.96 -33.96 2.17
N CYS A 288 11.03 -33.44 1.36
CA CYS A 288 9.94 -32.63 1.87
C CYS A 288 8.57 -33.21 1.60
N ALA A 289 8.47 -34.32 0.86
CA ALA A 289 7.19 -34.92 0.52
C ALA A 289 7.20 -36.43 0.72
N LEU A 290 7.92 -36.93 1.71
CA LEU A 290 8.00 -38.37 1.94
C LEU A 290 7.25 -38.77 3.22
N ASP A 291 7.62 -38.16 4.34
CA ASP A 291 7.06 -38.55 5.63
C ASP A 291 6.61 -37.31 6.40
N PRO A 292 5.69 -37.44 7.35
CA PRO A 292 5.30 -36.27 8.15
C PRO A 292 6.46 -35.60 8.85
N LEU A 293 7.40 -36.39 9.38
CA LEU A 293 8.58 -35.81 10.01
C LEU A 293 9.43 -35.08 8.97
N SER A 294 9.54 -35.64 7.77
CA SER A 294 10.27 -34.96 6.70
C SER A 294 9.60 -33.65 6.34
N GLU A 295 8.26 -33.64 6.26
CA GLU A 295 7.55 -32.41 5.94
C GLU A 295 7.74 -31.35 7.01
N THR A 296 7.69 -31.74 8.30
CA THR A 296 7.85 -30.75 9.35
C THR A 296 9.29 -30.26 9.43
N LYS A 297 10.26 -31.13 9.13
CA LYS A 297 11.64 -30.68 9.01
C LYS A 297 11.79 -29.67 7.88
N CYS A 298 11.13 -29.93 6.76
CA CYS A 298 11.22 -29.00 5.63
C CYS A 298 10.61 -27.66 5.98
N THR A 299 9.47 -27.65 6.67
CA THR A 299 8.79 -26.39 6.94
C THR A 299 9.44 -25.62 8.07
N LEU A 300 10.09 -26.31 9.01
CA LEU A 300 10.81 -25.62 10.08
C LEU A 300 12.21 -25.18 9.68
N LYS A 301 12.75 -25.68 8.57
CA LYS A 301 14.10 -25.36 8.11
C LYS A 301 15.15 -25.70 9.17
N SER A 302 14.91 -26.80 9.89
CA SER A 302 15.82 -27.26 10.93
C SER A 302 15.81 -28.77 10.98
N PHE A 303 17.01 -29.36 11.07
CA PHE A 303 17.13 -30.82 10.99
C PHE A 303 16.72 -31.53 12.27
N THR A 304 16.47 -30.79 13.36
CA THR A 304 16.00 -31.38 14.61
C THR A 304 14.87 -30.51 15.16
N VAL A 305 13.68 -31.10 15.24
CA VAL A 305 12.48 -30.40 15.71
C VAL A 305 12.14 -30.92 17.10
N GLU A 306 11.83 -30.00 18.01
CA GLU A 306 11.52 -30.36 19.38
C GLU A 306 10.11 -30.90 19.49
N LYS A 307 9.74 -31.31 20.70
CA LYS A 307 8.40 -31.82 20.95
C LYS A 307 7.37 -30.72 20.79
N GLY A 308 6.18 -31.09 20.34
CA GLY A 308 5.09 -30.14 20.20
C GLY A 308 4.10 -30.61 19.16
N ILE A 309 3.28 -29.66 18.69
CA ILE A 309 2.32 -29.90 17.64
C ILE A 309 2.51 -28.87 16.52
N TYR A 310 3.25 -29.25 15.49
CA TYR A 310 3.65 -28.31 14.46
C TYR A 310 2.66 -28.35 13.31
N GLN A 311 2.02 -27.22 13.05
CA GLN A 311 1.06 -27.17 11.93
C GLN A 311 1.86 -27.38 10.67
N THR A 312 1.28 -28.07 9.70
CA THR A 312 1.91 -28.30 8.40
C THR A 312 0.87 -27.99 7.32
N SER A 313 1.19 -28.37 6.09
CA SER A 313 0.31 -28.07 4.95
C SER A 313 -1.03 -28.78 5.10
N ASN A 314 -1.93 -28.50 4.17
CA ASN A 314 -3.32 -28.95 4.23
C ASN A 314 -3.55 -30.08 3.24
N PHE A 315 -4.67 -30.77 3.43
CA PHE A 315 -5.10 -31.81 2.50
C PHE A 315 -6.23 -31.27 1.63
N ARG A 316 -6.18 -31.65 0.35
CA ARG A 316 -7.08 -31.07 -0.65
C ARG A 316 -7.40 -32.17 -1.66
N VAL A 317 -8.66 -32.59 -1.72
CA VAL A 317 -9.08 -33.59 -2.69
C VAL A 317 -8.91 -33.04 -4.09
N GLN A 318 -8.37 -33.86 -4.99
CA GLN A 318 -8.15 -33.48 -6.36
C GLN A 318 -9.24 -34.07 -7.25
N PRO A 319 -9.61 -33.36 -8.32
CA PRO A 319 -10.67 -33.87 -9.20
C PRO A 319 -10.24 -35.11 -9.95
N THR A 320 -11.23 -35.90 -10.36
CA THR A 320 -11.00 -37.14 -11.10
C THR A 320 -11.00 -36.92 -12.60
N GLU A 321 -12.06 -36.31 -13.14
CA GLU A 321 -12.16 -36.11 -14.57
C GLU A 321 -12.67 -34.71 -14.91
N SER A 322 -13.01 -34.48 -16.17
CA SER A 322 -13.45 -33.17 -16.63
C SER A 322 -14.69 -33.30 -17.48
N ILE A 323 -15.51 -32.25 -17.49
CA ILE A 323 -16.75 -32.20 -18.26
C ILE A 323 -16.93 -30.79 -18.82
N VAL A 324 -17.42 -30.72 -20.05
CA VAL A 324 -17.83 -29.47 -20.68
C VAL A 324 -19.28 -29.62 -21.10
N ARG A 325 -20.01 -28.51 -21.06
CA ARG A 325 -21.45 -28.55 -21.27
C ARG A 325 -21.93 -27.41 -22.16
N PHE A 326 -21.25 -27.17 -23.27
CA PHE A 326 -21.70 -26.14 -24.19
C PHE A 326 -23.00 -26.57 -24.86
N PRO A 327 -23.87 -25.63 -25.23
CA PRO A 327 -25.14 -26.00 -25.87
C PRO A 327 -24.91 -26.55 -27.27
N ASN A 328 -25.99 -27.13 -27.82
CA ASN A 328 -25.91 -27.86 -29.09
C ASN A 328 -26.33 -26.94 -30.24
N ILE A 329 -25.34 -26.45 -31.00
CA ILE A 329 -25.57 -25.62 -32.17
C ILE A 329 -24.67 -26.14 -33.28
N THR A 330 -25.21 -26.18 -34.51
CA THR A 330 -24.47 -26.77 -35.63
C THR A 330 -24.26 -25.85 -36.82
N ASN A 331 -25.07 -24.80 -37.02
CA ASN A 331 -24.91 -23.97 -38.20
C ASN A 331 -23.68 -23.08 -38.08
N LEU A 332 -23.28 -22.51 -39.22
CA LEU A 332 -22.02 -21.80 -39.36
C LEU A 332 -22.27 -20.30 -39.38
N CYS A 333 -21.44 -19.55 -38.65
CA CYS A 333 -21.67 -18.13 -38.46
C CYS A 333 -21.48 -17.37 -39.78
N PRO A 334 -22.27 -16.32 -40.02
CA PRO A 334 -22.13 -15.55 -41.27
C PRO A 334 -21.03 -14.49 -41.18
N PHE A 335 -19.87 -14.89 -40.68
CA PHE A 335 -18.72 -13.99 -40.70
C PHE A 335 -18.30 -13.68 -42.12
N ASP A 336 -18.50 -14.64 -43.03
CA ASP A 336 -18.26 -14.38 -44.45
C ASP A 336 -19.17 -13.28 -44.96
N GLU A 337 -20.40 -13.22 -44.48
CA GLU A 337 -21.31 -12.17 -44.88
C GLU A 337 -20.79 -10.79 -44.46
N VAL A 338 -20.08 -10.72 -43.35
CA VAL A 338 -19.55 -9.46 -42.86
C VAL A 338 -18.30 -9.08 -43.63
N PHE A 339 -17.27 -9.92 -43.55
CA PHE A 339 -15.97 -9.56 -44.12
C PHE A 339 -15.98 -9.64 -45.64
N ASN A 340 -16.60 -10.69 -46.20
CA ASN A 340 -16.73 -10.81 -47.66
C ASN A 340 -18.02 -10.15 -48.12
N ALA A 341 -18.08 -8.83 -47.92
CA ALA A 341 -19.17 -8.01 -48.43
C ALA A 341 -18.59 -7.06 -49.46
N THR A 342 -19.24 -6.99 -50.62
CA THR A 342 -18.72 -6.17 -51.71
C THR A 342 -18.69 -4.70 -51.32
N ARG A 343 -19.72 -4.22 -50.64
CA ARG A 343 -19.84 -2.82 -50.28
C ARG A 343 -19.81 -2.67 -48.75
N PHE A 344 -19.11 -1.65 -48.28
CA PHE A 344 -19.14 -1.24 -46.89
C PHE A 344 -19.69 0.17 -46.77
N ALA A 345 -20.32 0.44 -45.63
CA ALA A 345 -21.00 1.70 -45.42
C ALA A 345 -20.00 2.84 -45.24
N SER A 346 -20.52 4.05 -45.19
CA SER A 346 -19.72 5.25 -44.98
C SER A 346 -19.40 5.42 -43.50
N VAL A 347 -18.52 6.38 -43.21
CA VAL A 347 -18.14 6.62 -41.82
C VAL A 347 -19.29 7.25 -41.04
N TYR A 348 -19.94 8.26 -41.64
CA TYR A 348 -20.93 9.03 -40.90
C TYR A 348 -22.20 8.24 -40.64
N ALA A 349 -22.47 7.20 -41.43
CA ALA A 349 -23.59 6.29 -41.19
C ALA A 349 -23.06 4.86 -41.21
N TRP A 350 -22.52 4.41 -40.08
CA TRP A 350 -21.91 3.09 -39.99
C TRP A 350 -22.97 2.02 -39.75
N ASN A 351 -22.75 0.85 -40.33
CA ASN A 351 -23.68 -0.26 -40.25
C ASN A 351 -23.54 -1.01 -38.93
N ARG A 352 -24.56 -1.83 -38.63
CA ARG A 352 -24.56 -2.66 -37.43
C ARG A 352 -25.30 -3.95 -37.76
N LYS A 353 -24.57 -5.06 -37.82
CA LYS A 353 -25.14 -6.37 -38.10
C LYS A 353 -25.08 -7.22 -36.84
N ARG A 354 -26.20 -7.87 -36.52
CA ARG A 354 -26.30 -8.70 -35.32
C ARG A 354 -26.14 -10.15 -35.70
N ILE A 355 -25.11 -10.80 -35.15
CA ILE A 355 -24.82 -12.20 -35.44
C ILE A 355 -25.17 -13.02 -34.20
N SER A 356 -26.00 -14.05 -34.37
CA SER A 356 -26.43 -14.87 -33.26
C SER A 356 -26.81 -16.26 -33.77
N ASN A 357 -26.86 -17.20 -32.82
CA ASN A 357 -27.31 -18.57 -33.07
C ASN A 357 -26.46 -19.26 -34.13
N CYS A 358 -25.17 -19.40 -33.82
CA CYS A 358 -24.25 -20.15 -34.66
C CYS A 358 -23.02 -20.50 -33.84
N VAL A 359 -22.07 -21.17 -34.48
CA VAL A 359 -20.81 -21.55 -33.85
C VAL A 359 -19.68 -20.74 -34.46
N ALA A 360 -18.88 -20.11 -33.60
CA ALA A 360 -17.90 -19.12 -34.02
C ALA A 360 -16.53 -19.78 -34.16
N ASP A 361 -15.95 -19.66 -35.36
CA ASP A 361 -14.60 -20.12 -35.64
C ASP A 361 -13.80 -18.93 -36.14
N TYR A 362 -12.63 -18.70 -35.54
CA TYR A 362 -11.82 -17.54 -35.85
C TYR A 362 -10.58 -17.87 -36.68
N SER A 363 -10.35 -19.13 -36.99
CA SER A 363 -9.19 -19.49 -37.80
C SER A 363 -9.38 -19.07 -39.25
N VAL A 364 -10.63 -18.99 -39.70
CA VAL A 364 -10.90 -18.51 -41.06
C VAL A 364 -10.43 -17.07 -41.22
N LEU A 365 -10.54 -16.28 -40.15
CA LEU A 365 -9.99 -14.92 -40.17
C LEU A 365 -8.48 -14.94 -40.39
N TYR A 366 -7.78 -15.73 -39.58
CA TYR A 366 -6.32 -15.71 -39.63
C TYR A 366 -5.80 -16.25 -40.96
N ASN A 367 -6.42 -17.30 -41.48
CA ASN A 367 -5.93 -17.91 -42.71
C ASN A 367 -6.05 -16.95 -43.89
N LEU A 368 -7.23 -16.42 -44.12
CA LEU A 368 -7.50 -15.58 -45.29
C LEU A 368 -7.09 -14.15 -44.99
N ALA A 369 -6.21 -13.58 -45.81
CA ALA A 369 -5.74 -12.20 -45.73
C ALA A 369 -4.90 -11.96 -44.48
N PRO A 370 -3.90 -11.07 -44.55
CA PRO A 370 -3.05 -10.84 -43.37
C PRO A 370 -3.78 -10.32 -42.14
N PHE A 371 -4.77 -9.44 -42.31
CA PHE A 371 -5.39 -8.72 -41.19
C PHE A 371 -4.33 -8.18 -40.25
N PHE A 372 -3.53 -7.24 -40.76
CA PHE A 372 -2.33 -6.76 -40.07
C PHE A 372 -2.60 -6.33 -38.64
N THR A 373 -3.66 -5.55 -38.43
CA THR A 373 -4.00 -5.05 -37.10
C THR A 373 -5.15 -5.87 -36.54
N PHE A 374 -4.91 -6.56 -35.42
CA PHE A 374 -5.93 -7.32 -34.71
C PHE A 374 -5.94 -6.99 -33.22
N LYS A 375 -5.90 -5.70 -32.91
CA LYS A 375 -5.89 -5.27 -31.52
C LYS A 375 -7.19 -5.66 -30.82
N CYS A 376 -7.07 -6.17 -29.59
CA CYS A 376 -8.22 -6.52 -28.78
C CYS A 376 -8.05 -5.90 -27.40
N TYR A 377 -9.17 -5.45 -26.83
CA TYR A 377 -9.13 -4.58 -25.66
C TYR A 377 -9.66 -5.23 -24.39
N GLY A 378 -10.31 -6.39 -24.47
CA GLY A 378 -10.84 -7.01 -23.27
C GLY A 378 -10.58 -8.50 -23.19
N VAL A 379 -10.01 -9.08 -24.25
CA VAL A 379 -9.78 -10.51 -24.32
C VAL A 379 -8.63 -10.77 -25.28
N SER A 380 -7.75 -11.69 -24.93
CA SER A 380 -6.66 -12.04 -25.82
C SER A 380 -7.20 -12.86 -26.99
N PRO A 381 -6.71 -12.62 -28.21
CA PRO A 381 -7.27 -13.33 -29.38
C PRO A 381 -7.16 -14.84 -29.30
N THR A 382 -6.05 -15.36 -28.78
CA THR A 382 -5.85 -16.80 -28.72
C THR A 382 -6.84 -17.51 -27.81
N LYS A 383 -7.53 -16.78 -26.93
CA LYS A 383 -8.54 -17.36 -26.06
C LYS A 383 -9.95 -17.27 -26.65
N LEU A 384 -10.11 -16.62 -27.81
CA LEU A 384 -11.45 -16.38 -28.34
C LEU A 384 -12.18 -17.68 -28.63
N ASN A 385 -11.44 -18.79 -28.75
CA ASN A 385 -12.08 -20.06 -29.06
C ASN A 385 -12.59 -20.79 -27.82
N ASP A 386 -12.36 -20.26 -26.61
CA ASP A 386 -12.70 -20.97 -25.39
C ASP A 386 -13.54 -20.10 -24.45
N LEU A 387 -14.55 -19.45 -25.03
CA LEU A 387 -15.48 -18.64 -24.26
C LEU A 387 -16.86 -18.78 -24.91
N CYS A 388 -17.85 -18.15 -24.28
CA CYS A 388 -19.17 -18.05 -24.89
C CYS A 388 -19.70 -16.62 -24.77
N PHE A 389 -20.30 -16.14 -25.86
CA PHE A 389 -20.63 -14.73 -26.04
C PHE A 389 -22.13 -14.52 -25.87
N THR A 390 -22.50 -13.44 -25.19
CA THR A 390 -23.92 -13.17 -24.98
C THR A 390 -24.59 -12.63 -26.24
N ASN A 391 -24.13 -11.48 -26.74
CA ASN A 391 -24.75 -10.88 -27.91
C ASN A 391 -23.72 -10.18 -28.78
N VAL A 392 -23.23 -10.87 -29.81
CA VAL A 392 -22.20 -10.30 -30.66
C VAL A 392 -22.80 -9.28 -31.62
N TYR A 393 -22.03 -8.24 -31.92
CA TYR A 393 -22.42 -7.22 -32.87
C TYR A 393 -21.25 -7.00 -33.82
N ALA A 394 -21.50 -6.29 -34.92
CA ALA A 394 -20.45 -6.09 -35.90
C ALA A 394 -20.58 -4.75 -36.63
N ASP A 395 -19.84 -3.74 -36.17
CA ASP A 395 -19.80 -2.47 -36.87
C ASP A 395 -18.77 -2.53 -38.00
N SER A 396 -19.08 -1.91 -39.12
CA SER A 396 -18.22 -1.99 -40.29
C SER A 396 -18.17 -0.65 -41.00
N PHE A 397 -16.96 -0.21 -41.37
CA PHE A 397 -16.81 1.01 -42.15
C PHE A 397 -15.39 1.05 -42.72
N VAL A 398 -15.10 2.11 -43.47
CA VAL A 398 -13.80 2.30 -44.12
C VAL A 398 -13.30 3.70 -43.77
N ILE A 399 -12.04 3.80 -43.38
CA ILE A 399 -11.43 5.07 -43.00
C ILE A 399 -10.06 5.19 -43.65
N ARG A 400 -9.53 6.40 -43.64
CA ARG A 400 -8.17 6.63 -44.12
C ARG A 400 -7.17 6.07 -43.11
N GLY A 401 -5.97 5.74 -43.61
CA GLY A 401 -4.99 5.06 -42.77
C GLY A 401 -4.58 5.86 -41.55
N ASP A 402 -4.26 7.14 -41.73
CA ASP A 402 -3.78 7.96 -40.62
C ASP A 402 -4.81 8.04 -39.49
N GLU A 403 -6.08 7.79 -39.79
CA GLU A 403 -7.12 7.89 -38.78
C GLU A 403 -7.39 6.57 -38.05
N VAL A 404 -6.76 5.48 -38.45
CA VAL A 404 -7.02 4.19 -37.79
C VAL A 404 -6.60 4.23 -36.34
N ARG A 405 -5.74 5.17 -35.96
CA ARG A 405 -5.34 5.30 -34.56
C ARG A 405 -6.46 5.88 -33.71
N GLN A 406 -7.35 6.66 -34.31
CA GLN A 406 -8.39 7.33 -33.53
C GLN A 406 -9.51 6.38 -33.13
N ILE A 407 -9.61 5.21 -33.77
CA ILE A 407 -10.69 4.28 -33.45
C ILE A 407 -10.57 3.77 -32.02
N ALA A 408 -9.35 3.49 -31.56
CA ALA A 408 -9.14 2.87 -30.24
C ALA A 408 -9.86 3.66 -29.17
N PRO A 409 -10.21 3.09 -28.00
CA PRO A 409 -10.98 3.82 -27.01
C PRO A 409 -10.37 5.13 -26.54
N GLY A 410 -11.20 6.14 -26.29
CA GLY A 410 -10.73 7.42 -25.74
C GLY A 410 -9.70 8.21 -26.52
N GLN A 411 -9.95 8.56 -27.78
CA GLN A 411 -9.00 9.44 -28.48
C GLN A 411 -9.73 10.64 -29.08
N THR A 412 -9.03 11.73 -29.40
CA THR A 412 -9.61 12.96 -29.93
C THR A 412 -9.37 13.03 -31.42
N GLY A 413 -10.01 14.00 -32.06
CA GLY A 413 -9.92 14.20 -33.48
C GLY A 413 -11.29 14.23 -34.14
N ASN A 414 -11.26 14.34 -35.46
CA ASN A 414 -12.51 14.41 -36.21
C ASN A 414 -13.25 13.08 -36.18
N ILE A 415 -12.56 11.97 -36.44
CA ILE A 415 -13.22 10.68 -36.58
C ILE A 415 -13.77 10.21 -35.24
N ALA A 416 -12.96 10.31 -34.19
CA ALA A 416 -13.31 9.74 -32.90
C ALA A 416 -14.20 10.63 -32.06
N ASP A 417 -14.60 11.80 -32.59
CA ASP A 417 -15.43 12.71 -31.84
C ASP A 417 -16.64 13.24 -32.61
N TYR A 418 -16.61 13.21 -33.94
CA TYR A 418 -17.74 13.69 -34.73
C TYR A 418 -18.40 12.59 -35.54
N ASN A 419 -17.75 11.45 -35.74
CA ASN A 419 -18.25 10.41 -36.64
C ASN A 419 -18.57 9.12 -35.91
N TYR A 420 -17.63 8.58 -35.13
CA TYR A 420 -17.81 7.29 -34.49
C TYR A 420 -16.96 7.24 -33.23
N LYS A 421 -17.60 7.15 -32.08
CA LYS A 421 -16.93 7.17 -30.79
C LYS A 421 -17.20 5.87 -30.04
N LEU A 422 -16.13 5.16 -29.70
CA LEU A 422 -16.28 3.94 -28.91
C LEU A 422 -16.43 4.29 -27.43
N PRO A 423 -17.13 3.46 -26.62
CA PRO A 423 -17.35 3.82 -25.26
C PRO A 423 -15.97 3.73 -24.64
N ASP A 424 -15.74 4.40 -23.52
CA ASP A 424 -14.45 4.27 -22.84
C ASP A 424 -14.30 2.83 -22.40
N ASP A 425 -15.35 2.25 -21.83
CA ASP A 425 -15.23 0.88 -21.26
C ASP A 425 -15.50 -0.15 -22.33
N PHE A 426 -14.66 -0.17 -23.34
CA PHE A 426 -14.90 -1.11 -24.42
C PHE A 426 -14.47 -2.52 -24.01
N THR A 427 -15.13 -3.51 -24.61
CA THR A 427 -14.80 -4.91 -24.42
C THR A 427 -15.01 -5.63 -25.75
N GLY A 428 -13.94 -5.78 -26.51
CA GLY A 428 -14.02 -6.45 -27.80
C GLY A 428 -12.71 -6.44 -28.56
N CYS A 429 -12.80 -6.37 -29.88
CA CYS A 429 -11.61 -6.39 -30.73
C CYS A 429 -11.79 -5.32 -31.81
N VAL A 430 -10.74 -5.13 -32.61
CA VAL A 430 -10.79 -4.23 -33.75
C VAL A 430 -9.89 -4.81 -34.83
N ILE A 431 -10.28 -4.65 -36.10
CA ILE A 431 -9.56 -5.28 -37.19
C ILE A 431 -9.30 -4.24 -38.28
N ALA A 432 -8.16 -4.35 -38.96
CA ALA A 432 -7.81 -3.39 -40.00
C ALA A 432 -6.87 -4.01 -41.02
N TRP A 433 -7.31 -4.09 -42.28
CA TRP A 433 -6.49 -4.64 -43.36
C TRP A 433 -6.57 -3.71 -44.55
N ASN A 434 -5.42 -3.43 -45.17
CA ASN A 434 -5.37 -2.53 -46.31
C ASN A 434 -6.24 -3.04 -47.45
N SER A 435 -7.04 -2.15 -48.02
CA SER A 435 -7.96 -2.47 -49.09
C SER A 435 -7.83 -1.49 -50.26
N ASN A 436 -6.60 -1.22 -50.67
CA ASN A 436 -6.36 -0.20 -51.68
C ASN A 436 -6.98 -0.57 -53.03
N LYS A 437 -6.83 -1.84 -53.44
CA LYS A 437 -7.36 -2.25 -54.73
C LYS A 437 -8.87 -2.37 -54.72
N LEU A 438 -9.43 -2.90 -53.64
CA LEU A 438 -10.87 -3.17 -53.59
C LEU A 438 -11.67 -1.87 -53.47
N ASP A 439 -11.25 -0.97 -52.58
CA ASP A 439 -12.08 0.13 -52.14
C ASP A 439 -11.71 1.48 -52.74
N SER A 440 -10.57 1.58 -53.42
CA SER A 440 -10.12 2.84 -54.01
C SER A 440 -10.18 2.74 -55.53
N LYS A 441 -11.10 3.47 -56.13
CA LYS A 441 -11.20 3.54 -57.58
C LYS A 441 -10.01 4.32 -58.14
N VAL A 442 -9.59 3.95 -59.36
CA VAL A 442 -8.44 4.59 -59.97
C VAL A 442 -8.70 6.07 -60.22
N SER A 443 -9.89 6.40 -60.70
CA SER A 443 -10.23 7.81 -60.92
C SER A 443 -10.49 8.52 -59.60
N GLY A 444 -11.07 7.83 -58.64
CA GLY A 444 -11.39 8.43 -57.34
C GLY A 444 -12.84 8.17 -57.01
N ASN A 445 -13.06 7.51 -55.87
CA ASN A 445 -14.39 7.13 -55.41
C ASN A 445 -14.82 8.07 -54.30
N TYR A 446 -16.01 8.66 -54.46
CA TYR A 446 -16.54 9.62 -53.51
C TYR A 446 -17.72 9.06 -52.72
N ASN A 447 -17.85 7.73 -52.65
CA ASN A 447 -18.99 7.15 -51.95
C ASN A 447 -18.80 7.21 -50.43
N TYR A 448 -17.57 7.40 -49.98
CA TYR A 448 -17.29 7.39 -48.54
C TYR A 448 -17.10 8.83 -48.05
N LEU A 449 -17.95 9.23 -47.11
CA LEU A 449 -18.04 10.61 -46.67
C LEU A 449 -17.82 10.70 -45.17
N TYR A 450 -17.32 11.85 -44.71
CA TYR A 450 -17.06 12.06 -43.29
C TYR A 450 -17.57 13.43 -42.88
N ARG A 451 -18.13 13.50 -41.68
CA ARG A 451 -18.59 14.76 -41.11
C ARG A 451 -17.44 15.50 -40.45
N LEU A 452 -17.29 16.77 -40.81
CA LEU A 452 -16.16 17.58 -40.37
C LEU A 452 -16.53 18.66 -39.38
N PHE A 453 -17.59 19.43 -39.64
CA PHE A 453 -18.05 20.48 -38.75
C PHE A 453 -19.33 20.04 -38.06
N ARG A 454 -19.36 20.15 -36.74
CA ARG A 454 -20.57 19.84 -35.98
C ARG A 454 -20.53 20.61 -34.66
N LYS A 455 -21.71 21.01 -34.19
CA LYS A 455 -21.79 21.86 -33.01
C LYS A 455 -21.24 21.16 -31.77
N SER A 456 -21.61 19.90 -31.56
CA SER A 456 -21.26 19.19 -30.34
C SER A 456 -20.71 17.83 -30.68
N ASN A 457 -20.20 17.15 -29.65
CA ASN A 457 -19.58 15.85 -29.82
C ASN A 457 -20.63 14.77 -30.01
N LEU A 458 -20.18 13.52 -30.07
CA LEU A 458 -21.04 12.36 -30.25
C LEU A 458 -20.96 11.48 -29.01
N LYS A 459 -22.11 11.15 -28.44
CA LYS A 459 -22.14 10.19 -27.35
C LYS A 459 -21.80 8.79 -27.89
N PRO A 460 -21.31 7.90 -27.05
CA PRO A 460 -20.82 6.61 -27.55
C PRO A 460 -21.88 5.84 -28.32
N PHE A 461 -21.45 5.23 -29.43
CA PHE A 461 -22.31 4.38 -30.25
C PHE A 461 -23.55 5.12 -30.74
N GLU A 462 -23.38 6.39 -31.09
CA GLU A 462 -24.48 7.20 -31.57
C GLU A 462 -24.23 7.64 -33.01
N ARG A 463 -25.28 7.56 -33.82
CA ARG A 463 -25.20 7.84 -35.24
C ARG A 463 -25.96 9.13 -35.55
N ASP A 464 -25.39 9.94 -36.43
CA ASP A 464 -26.01 11.19 -36.86
C ASP A 464 -25.96 11.26 -38.38
N ILE A 465 -27.13 11.32 -39.01
CA ILE A 465 -27.23 11.35 -40.46
C ILE A 465 -27.70 12.71 -40.96
N SER A 466 -27.84 13.68 -40.06
CA SER A 466 -28.32 15.00 -40.44
C SER A 466 -27.30 15.72 -41.30
N THR A 467 -27.78 16.51 -42.27
CA THR A 467 -26.95 17.31 -43.16
C THR A 467 -27.55 18.71 -43.30
N GLU A 468 -27.10 19.63 -42.45
CA GLU A 468 -27.58 20.99 -42.43
C GLU A 468 -26.40 21.95 -42.28
N ILE A 469 -26.55 23.16 -42.84
CA ILE A 469 -25.48 24.14 -42.78
C ILE A 469 -25.16 24.50 -41.34
N TYR A 470 -23.88 24.57 -41.02
CA TYR A 470 -23.40 24.81 -39.67
C TYR A 470 -22.90 26.24 -39.54
N GLN A 471 -23.39 26.95 -38.54
CA GLN A 471 -23.11 28.37 -38.37
C GLN A 471 -21.76 28.54 -37.67
N ALA A 472 -20.79 29.12 -38.39
CA ALA A 472 -19.49 29.36 -37.80
C ALA A 472 -19.52 30.56 -36.85
N GLY A 473 -20.31 31.57 -37.17
CA GLY A 473 -20.32 32.79 -36.38
C GLY A 473 -21.69 33.21 -35.92
N ASN A 474 -21.83 34.50 -35.56
CA ASN A 474 -23.09 34.99 -35.02
C ASN A 474 -24.11 35.23 -36.13
N LYS A 475 -23.66 35.29 -37.38
CA LYS A 475 -24.53 35.63 -38.50
C LYS A 475 -25.53 34.50 -38.77
N PRO A 476 -26.81 34.83 -38.93
CA PRO A 476 -27.77 33.81 -39.39
C PRO A 476 -27.34 33.16 -40.69
N CYS A 477 -27.62 31.87 -40.80
CA CYS A 477 -27.51 31.14 -42.07
C CYS A 477 -28.87 30.50 -42.34
N ASN A 478 -29.68 31.14 -43.18
CA ASN A 478 -30.94 30.59 -43.62
C ASN A 478 -30.76 29.54 -44.72
N GLY A 479 -29.53 29.09 -44.93
CA GLY A 479 -29.18 28.14 -45.96
C GLY A 479 -28.46 28.84 -47.10
N VAL A 480 -27.13 28.84 -47.03
CA VAL A 480 -26.27 29.55 -47.97
C VAL A 480 -24.93 28.83 -48.01
N ALA A 481 -24.17 29.11 -49.07
CA ALA A 481 -22.79 28.63 -49.19
C ALA A 481 -21.78 29.77 -49.06
N GLY A 482 -22.17 30.86 -48.39
CA GLY A 482 -21.35 32.04 -48.33
C GLY A 482 -20.52 32.15 -47.06
N PHE A 483 -20.43 33.39 -46.58
CA PHE A 483 -19.57 33.71 -45.44
C PHE A 483 -20.04 33.00 -44.18
N ASN A 484 -19.10 32.36 -43.50
CA ASN A 484 -19.24 31.72 -42.19
C ASN A 484 -20.35 30.68 -42.14
N CYS A 485 -20.87 30.22 -43.26
CA CYS A 485 -21.86 29.17 -43.30
C CYS A 485 -21.34 28.08 -44.24
N TYR A 486 -21.04 26.91 -43.69
CA TYR A 486 -20.31 25.88 -44.41
C TYR A 486 -21.02 24.54 -44.30
N PHE A 487 -20.85 23.72 -45.34
CA PHE A 487 -21.45 22.39 -45.34
C PHE A 487 -20.79 21.53 -44.27
N PRO A 488 -21.54 20.68 -43.57
CA PRO A 488 -20.94 19.96 -42.43
C PRO A 488 -20.00 18.84 -42.83
N LEU A 489 -20.34 18.08 -43.87
CA LEU A 489 -19.61 16.86 -44.20
C LEU A 489 -19.02 16.94 -45.60
N ARG A 490 -17.85 16.30 -45.77
CA ARG A 490 -17.11 16.30 -47.02
C ARG A 490 -16.71 14.87 -47.37
N SER A 491 -16.37 14.66 -48.63
CA SER A 491 -16.06 13.34 -49.15
C SER A 491 -14.58 13.22 -49.48
N TYR A 492 -13.99 12.05 -49.23
CA TYR A 492 -12.64 11.78 -49.69
C TYR A 492 -12.61 11.63 -51.21
N SER A 493 -11.38 11.60 -51.75
CA SER A 493 -11.13 11.18 -53.12
C SER A 493 -9.98 10.18 -53.10
N PHE A 494 -10.31 8.91 -52.85
CA PHE A 494 -9.28 7.88 -52.75
C PHE A 494 -8.74 7.53 -54.13
N ARG A 495 -7.42 7.55 -54.25
CA ARG A 495 -6.74 7.26 -55.50
C ARG A 495 -5.55 6.34 -55.23
N PRO A 496 -5.22 5.46 -56.18
CA PRO A 496 -4.09 4.53 -55.95
C PRO A 496 -2.76 5.23 -55.77
N THR A 497 -2.58 6.40 -56.40
CA THR A 497 -1.28 7.06 -56.39
C THR A 497 -0.91 7.66 -55.04
N TYR A 498 -1.84 7.70 -54.10
CA TYR A 498 -1.57 8.33 -52.82
C TYR A 498 -0.64 7.47 -51.97
N GLY A 499 -0.11 8.08 -50.92
CA GLY A 499 0.80 7.38 -50.03
C GLY A 499 0.09 6.30 -49.22
N VAL A 500 0.90 5.53 -48.49
CA VAL A 500 0.36 4.41 -47.71
C VAL A 500 -0.60 4.93 -46.64
N GLY A 501 -0.34 6.12 -46.11
CA GLY A 501 -1.20 6.66 -45.07
C GLY A 501 -2.54 7.13 -45.60
N HIS A 502 -2.63 7.41 -46.90
CA HIS A 502 -3.84 7.93 -47.50
C HIS A 502 -4.61 6.89 -48.31
N GLN A 503 -4.24 5.62 -48.19
CA GLN A 503 -5.03 4.58 -48.82
C GLN A 503 -6.10 4.08 -47.86
N PRO A 504 -7.25 3.64 -48.37
CA PRO A 504 -8.37 3.27 -47.50
C PRO A 504 -8.16 1.92 -46.83
N TYR A 505 -8.03 1.93 -45.51
CA TYR A 505 -8.08 0.71 -44.74
C TYR A 505 -9.55 0.32 -44.53
N ARG A 506 -9.76 -0.86 -43.95
CA ARG A 506 -11.11 -1.32 -43.65
C ARG A 506 -11.17 -1.67 -42.17
N VAL A 507 -12.29 -1.34 -41.55
CA VAL A 507 -12.45 -1.53 -40.11
C VAL A 507 -13.73 -2.31 -39.85
N VAL A 508 -13.58 -3.39 -39.08
CA VAL A 508 -14.68 -4.17 -38.55
C VAL A 508 -14.48 -4.34 -37.05
N VAL A 509 -15.41 -3.81 -36.27
CA VAL A 509 -15.28 -3.77 -34.82
C VAL A 509 -16.26 -4.78 -34.24
N LEU A 510 -15.75 -5.89 -33.72
CA LEU A 510 -16.58 -6.83 -33.00
C LEU A 510 -16.79 -6.36 -31.57
N SER A 511 -18.04 -6.31 -31.14
CA SER A 511 -18.39 -5.86 -29.79
C SER A 511 -19.30 -6.91 -29.17
N PHE A 512 -18.96 -7.34 -27.96
CA PHE A 512 -19.68 -8.41 -27.28
C PHE A 512 -19.57 -8.21 -25.76
N GLU A 513 -20.43 -8.94 -25.04
CA GLU A 513 -20.51 -8.86 -23.58
C GLU A 513 -20.50 -10.28 -23.04
N LEU A 514 -19.93 -10.45 -21.85
CA LEU A 514 -19.65 -11.77 -21.31
C LEU A 514 -20.25 -11.95 -19.93
N LEU A 515 -20.65 -13.19 -19.64
CA LEU A 515 -20.88 -13.69 -18.27
C LEU A 515 -22.07 -13.01 -17.60
N HIS A 516 -23.10 -12.72 -18.39
CA HIS A 516 -24.27 -12.04 -17.86
C HIS A 516 -25.58 -12.74 -18.19
N ALA A 517 -25.64 -13.42 -19.32
CA ALA A 517 -26.90 -13.94 -19.82
C ALA A 517 -26.68 -15.23 -20.60
N PRO A 518 -27.77 -15.93 -21.00
CA PRO A 518 -27.59 -17.07 -21.91
C PRO A 518 -26.84 -16.70 -23.18
N ALA A 519 -25.96 -17.59 -23.64
CA ALA A 519 -25.13 -17.35 -24.80
C ALA A 519 -25.68 -18.11 -26.00
N THR A 520 -25.66 -17.47 -27.16
CA THR A 520 -26.17 -18.09 -28.38
C THR A 520 -25.08 -18.50 -29.36
N VAL A 521 -24.01 -17.73 -29.48
CA VAL A 521 -22.91 -18.03 -30.39
C VAL A 521 -21.62 -18.13 -29.59
N CYS A 522 -20.93 -19.28 -29.72
CA CYS A 522 -19.61 -19.43 -29.12
C CYS A 522 -18.84 -20.58 -29.74
N GLY A 523 -17.79 -20.99 -29.02
CA GLY A 523 -16.71 -21.79 -29.55
C GLY A 523 -17.08 -23.18 -30.03
N PRO A 524 -16.24 -23.73 -30.91
CA PRO A 524 -16.55 -25.04 -31.52
C PRO A 524 -16.46 -26.21 -30.56
N LYS A 525 -15.94 -26.02 -29.34
CA LYS A 525 -15.66 -27.09 -28.41
C LYS A 525 -16.82 -28.08 -28.26
N LYS A 526 -16.54 -29.36 -28.51
CA LYS A 526 -17.57 -30.39 -28.45
C LYS A 526 -17.94 -30.70 -27.01
N SER A 527 -19.24 -30.93 -26.79
CA SER A 527 -19.76 -31.22 -25.46
C SER A 527 -19.40 -32.64 -25.04
N THR A 528 -19.78 -33.00 -23.82
CA THR A 528 -19.52 -34.34 -23.30
C THR A 528 -20.61 -34.69 -22.29
N ASN A 529 -20.37 -35.72 -21.49
CA ASN A 529 -21.33 -36.22 -20.53
C ASN A 529 -21.38 -35.34 -19.28
N LEU A 530 -22.35 -35.60 -18.40
CA LEU A 530 -22.56 -34.81 -17.21
C LEU A 530 -22.51 -35.72 -15.99
N VAL A 531 -21.84 -35.25 -14.93
CA VAL A 531 -21.61 -36.05 -13.74
C VAL A 531 -22.05 -35.24 -12.51
N LYS A 532 -22.67 -35.94 -11.55
CA LYS A 532 -23.12 -35.34 -10.31
C LYS A 532 -22.43 -36.03 -9.13
N ASN A 533 -22.24 -35.27 -8.05
CA ASN A 533 -21.72 -35.70 -6.77
C ASN A 533 -20.25 -36.13 -6.83
N LYS A 534 -19.57 -35.95 -7.95
CA LYS A 534 -18.17 -36.35 -8.10
C LYS A 534 -17.32 -35.11 -8.35
N CYS A 535 -16.22 -34.99 -7.61
CA CYS A 535 -15.29 -33.88 -7.82
C CYS A 535 -14.75 -33.91 -9.24
N VAL A 536 -15.16 -32.94 -10.05
CA VAL A 536 -14.83 -32.90 -11.46
C VAL A 536 -14.34 -31.49 -11.81
N ASN A 537 -13.82 -31.35 -13.03
CA ASN A 537 -13.44 -30.07 -13.59
C ASN A 537 -14.50 -29.66 -14.60
N PHE A 538 -15.39 -28.76 -14.20
CA PHE A 538 -16.50 -28.37 -15.04
C PHE A 538 -16.16 -27.14 -15.86
N ASN A 539 -16.73 -27.07 -17.06
CA ASN A 539 -16.53 -25.94 -17.97
C ASN A 539 -17.89 -25.49 -18.51
N PHE A 540 -18.84 -25.29 -17.59
CA PHE A 540 -20.21 -24.92 -17.97
C PHE A 540 -20.20 -23.60 -18.74
N ASN A 541 -20.48 -23.68 -20.03
CA ASN A 541 -20.75 -22.53 -20.89
C ASN A 541 -19.62 -21.51 -20.89
N GLY A 542 -18.39 -21.95 -20.65
CA GLY A 542 -17.23 -21.08 -20.68
C GLY A 542 -16.71 -20.67 -19.32
N LEU A 543 -17.44 -20.94 -18.24
CA LEU A 543 -17.02 -20.59 -16.89
C LEU A 543 -16.25 -21.78 -16.32
N LYS A 544 -14.92 -21.66 -16.25
CA LYS A 544 -14.11 -22.72 -15.70
C LYS A 544 -14.24 -22.76 -14.18
N GLY A 545 -13.81 -23.87 -13.59
CA GLY A 545 -13.86 -24.02 -12.16
C GLY A 545 -13.64 -25.46 -11.75
N THR A 546 -13.88 -25.72 -10.47
CA THR A 546 -13.72 -27.06 -9.90
C THR A 546 -14.61 -27.17 -8.68
N GLY A 547 -15.32 -28.30 -8.58
CA GLY A 547 -16.20 -28.50 -7.45
C GLY A 547 -17.02 -29.77 -7.61
N VAL A 548 -18.14 -29.80 -6.88
CA VAL A 548 -19.02 -30.96 -6.83
C VAL A 548 -20.41 -30.48 -7.27
N LEU A 549 -20.87 -30.99 -8.40
CA LEU A 549 -22.20 -30.66 -8.90
C LEU A 549 -23.27 -31.39 -8.10
N THR A 550 -24.43 -30.76 -7.93
CA THR A 550 -25.55 -31.41 -7.27
C THR A 550 -26.82 -30.68 -7.68
N GLU A 551 -27.95 -31.37 -7.52
CA GLU A 551 -29.25 -30.77 -7.81
C GLU A 551 -29.69 -29.89 -6.66
N SER A 552 -30.47 -28.86 -6.99
CA SER A 552 -30.90 -27.88 -6.00
C SER A 552 -32.27 -27.33 -6.40
N ASN A 553 -32.90 -26.65 -5.44
CA ASN A 553 -34.24 -26.09 -5.60
C ASN A 553 -34.13 -24.58 -5.74
N LYS A 554 -34.15 -24.10 -6.98
CA LYS A 554 -34.10 -22.68 -7.28
C LYS A 554 -35.20 -22.36 -8.29
N LYS A 555 -35.39 -21.07 -8.56
CA LYS A 555 -36.38 -20.61 -9.54
C LYS A 555 -35.72 -19.53 -10.40
N PHE A 556 -35.09 -19.97 -11.49
CA PHE A 556 -34.46 -19.03 -12.40
C PHE A 556 -35.46 -18.51 -13.42
N LEU A 557 -35.52 -17.20 -13.55
CA LEU A 557 -36.35 -16.52 -14.53
C LEU A 557 -35.73 -16.64 -15.91
N PRO A 558 -36.53 -16.47 -16.97
CA PRO A 558 -35.99 -16.71 -18.32
C PRO A 558 -34.82 -15.84 -18.70
N PHE A 559 -34.67 -14.66 -18.10
CA PHE A 559 -33.56 -13.78 -18.39
C PHE A 559 -32.40 -13.93 -17.41
N GLN A 560 -32.40 -15.00 -16.61
CA GLN A 560 -31.35 -15.24 -15.62
C GLN A 560 -30.77 -16.63 -15.83
N GLN A 561 -29.45 -16.70 -16.00
CA GLN A 561 -28.80 -18.00 -16.08
C GLN A 561 -27.84 -18.22 -14.92
N PHE A 562 -26.89 -17.31 -14.74
CA PHE A 562 -25.91 -17.48 -13.67
C PHE A 562 -26.42 -16.91 -12.36
N GLY A 563 -25.94 -17.48 -11.26
CA GLY A 563 -26.23 -16.98 -9.93
C GLY A 563 -24.94 -16.57 -9.24
N ARG A 564 -25.09 -15.76 -8.20
CA ARG A 564 -23.95 -15.25 -7.44
C ARG A 564 -24.27 -15.34 -5.96
N ASP A 565 -23.42 -14.74 -5.15
CA ASP A 565 -23.62 -14.65 -3.71
C ASP A 565 -22.93 -13.38 -3.22
N ILE A 566 -22.72 -13.28 -1.91
CA ILE A 566 -22.10 -12.08 -1.35
C ILE A 566 -20.64 -12.00 -1.76
N ALA A 567 -20.00 -13.15 -1.97
CA ALA A 567 -18.60 -13.17 -2.39
C ALA A 567 -18.44 -12.98 -3.90
N ASP A 568 -19.54 -12.88 -4.63
CA ASP A 568 -19.52 -12.70 -6.09
C ASP A 568 -18.78 -13.84 -6.79
N THR A 569 -18.98 -15.06 -6.30
CA THR A 569 -18.50 -16.26 -6.95
C THR A 569 -19.69 -17.14 -7.29
N THR A 570 -19.77 -17.56 -8.55
CA THR A 570 -20.94 -18.29 -9.02
C THR A 570 -21.13 -19.57 -8.24
N ASP A 571 -22.37 -19.77 -7.74
CA ASP A 571 -22.69 -20.97 -6.97
C ASP A 571 -24.02 -21.56 -7.41
N ALA A 572 -24.46 -21.24 -8.62
CA ALA A 572 -25.68 -21.82 -9.18
C ALA A 572 -25.64 -21.64 -10.69
N VAL A 573 -25.59 -22.73 -11.42
CA VAL A 573 -25.49 -22.70 -12.87
C VAL A 573 -26.60 -23.55 -13.46
N ARG A 574 -27.25 -23.00 -14.49
CA ARG A 574 -28.31 -23.71 -15.21
C ARG A 574 -27.67 -24.39 -16.42
N ASP A 575 -27.90 -25.69 -16.55
CA ASP A 575 -27.29 -26.49 -17.62
C ASP A 575 -27.71 -25.95 -18.98
N PRO A 576 -26.75 -25.69 -19.87
CA PRO A 576 -27.10 -25.10 -21.17
C PRO A 576 -27.94 -26.01 -22.04
N GLN A 577 -27.56 -27.28 -22.21
CA GLN A 577 -28.26 -28.15 -23.14
C GLN A 577 -29.67 -28.47 -22.67
N THR A 578 -29.79 -29.12 -21.52
CA THR A 578 -31.09 -29.36 -20.93
C THR A 578 -31.33 -28.40 -19.77
N LEU A 579 -32.51 -27.82 -19.72
CA LEU A 579 -32.82 -26.81 -18.71
C LEU A 579 -32.87 -27.46 -17.34
N GLU A 580 -31.85 -27.22 -16.52
CA GLU A 580 -31.71 -27.87 -15.23
C GLU A 580 -30.97 -26.92 -14.29
N ILE A 581 -31.26 -27.05 -13.00
CA ILE A 581 -30.68 -26.18 -11.98
C ILE A 581 -29.70 -26.99 -11.15
N LEU A 582 -28.49 -26.48 -10.98
CA LEU A 582 -27.46 -27.19 -10.24
C LEU A 582 -26.83 -26.32 -9.15
N ASP A 583 -25.80 -26.84 -8.49
CA ASP A 583 -25.08 -26.10 -7.47
C ASP A 583 -23.60 -26.33 -7.68
N ILE A 584 -22.78 -25.46 -7.07
CA ILE A 584 -21.33 -25.47 -7.27
C ILE A 584 -20.64 -25.64 -5.93
N THR A 585 -21.23 -26.42 -5.03
CA THR A 585 -20.61 -26.67 -3.73
C THR A 585 -19.21 -27.25 -3.92
N PRO A 586 -18.20 -26.69 -3.27
CA PRO A 586 -16.82 -27.04 -3.56
C PRO A 586 -16.44 -28.41 -3.01
N CYS A 587 -15.23 -28.84 -3.38
CA CYS A 587 -14.71 -30.13 -2.97
C CYS A 587 -14.20 -30.09 -1.54
N SER A 588 -13.89 -31.27 -0.99
CA SER A 588 -13.43 -31.37 0.38
C SER A 588 -11.99 -30.88 0.51
N PHE A 589 -11.67 -30.36 1.69
CA PHE A 589 -10.32 -29.89 2.02
C PHE A 589 -10.29 -29.60 3.51
N GLY A 590 -9.08 -29.53 4.06
CA GLY A 590 -8.95 -29.25 5.46
C GLY A 590 -7.50 -29.16 5.89
N GLY A 591 -7.32 -28.84 7.17
CA GLY A 591 -5.99 -28.67 7.72
C GLY A 591 -5.41 -29.95 8.31
N VAL A 592 -4.09 -29.98 8.39
CA VAL A 592 -3.34 -31.12 8.90
C VAL A 592 -2.33 -30.63 9.93
N SER A 593 -2.16 -31.41 11.00
CA SER A 593 -1.14 -31.11 12.00
C SER A 593 -0.21 -32.30 12.17
N VAL A 594 0.80 -32.16 13.01
CA VAL A 594 1.75 -33.24 13.28
C VAL A 594 2.08 -33.28 14.76
N ILE A 595 1.69 -34.35 15.45
CA ILE A 595 2.01 -34.52 16.86
C ILE A 595 3.21 -35.46 16.95
N THR A 596 4.38 -34.89 17.25
CA THR A 596 5.59 -35.68 17.30
C THR A 596 6.31 -35.47 18.62
N PRO A 597 6.90 -36.51 19.18
CA PRO A 597 7.88 -36.32 20.26
C PRO A 597 9.16 -35.73 19.70
N GLY A 598 10.09 -35.41 20.60
CA GLY A 598 11.34 -34.83 20.16
C GLY A 598 12.09 -35.75 19.22
N THR A 599 12.75 -35.14 18.23
CA THR A 599 13.55 -35.92 17.29
C THR A 599 14.65 -36.69 18.01
N ASN A 600 15.19 -36.10 19.08
CA ASN A 600 16.17 -36.81 19.90
C ASN A 600 15.56 -38.04 20.55
N THR A 601 14.33 -37.91 21.05
CA THR A 601 13.70 -39.04 21.75
C THR A 601 13.30 -40.15 20.79
N SER A 602 12.65 -39.81 19.69
CA SER A 602 12.13 -40.81 18.77
C SER A 602 11.86 -40.17 17.42
N ASN A 603 11.34 -41.00 16.50
CA ASN A 603 10.96 -40.54 15.17
C ASN A 603 9.51 -40.89 14.81
N GLN A 604 8.78 -41.49 15.74
CA GLN A 604 7.37 -41.78 15.52
C GLN A 604 6.56 -40.49 15.51
N VAL A 605 5.45 -40.49 14.79
CA VAL A 605 4.62 -39.28 14.65
C VAL A 605 3.17 -39.60 14.97
N ALA A 606 2.32 -38.58 14.87
CA ALA A 606 0.88 -38.73 15.02
C ALA A 606 0.18 -37.56 14.34
N VAL A 607 -0.66 -37.83 13.35
CA VAL A 607 -1.21 -36.81 12.48
C VAL A 607 -2.68 -36.62 12.81
N LEU A 608 -3.08 -35.37 13.04
CA LEU A 608 -4.46 -35.01 13.33
C LEU A 608 -5.09 -34.41 12.07
N TYR A 609 -6.20 -34.99 11.64
CA TYR A 609 -7.01 -34.38 10.58
C TYR A 609 -8.07 -33.52 11.23
N GLN A 610 -8.09 -32.24 10.87
CA GLN A 610 -8.72 -31.20 11.70
C GLN A 610 -10.15 -30.94 11.26
N GLY A 611 -11.08 -31.09 12.20
CA GLY A 611 -12.46 -30.69 11.97
C GLY A 611 -13.16 -31.41 10.85
N VAL A 612 -13.03 -32.73 10.78
CA VAL A 612 -13.64 -33.52 9.72
C VAL A 612 -13.96 -34.90 10.27
N ASN A 613 -15.04 -35.50 9.77
CA ASN A 613 -15.43 -36.84 10.18
C ASN A 613 -14.48 -37.87 9.60
N CYS A 614 -14.47 -39.06 10.21
CA CYS A 614 -13.52 -40.09 9.80
C CYS A 614 -14.00 -40.91 8.61
N THR A 615 -15.18 -40.64 8.08
CA THR A 615 -15.64 -41.25 6.84
C THR A 615 -15.10 -40.52 5.61
N GLU A 616 -14.29 -39.48 5.84
CA GLU A 616 -13.71 -38.63 4.81
C GLU A 616 -12.35 -39.16 4.38
N VAL A 617 -11.50 -38.26 3.85
CA VAL A 617 -10.30 -38.69 3.13
C VAL A 617 -9.46 -39.75 3.83
N PRO A 618 -9.51 -39.92 5.17
CA PRO A 618 -8.98 -41.19 5.70
C PRO A 618 -9.53 -42.42 5.01
N VAL A 619 -10.79 -42.37 4.56
CA VAL A 619 -11.35 -43.48 3.78
C VAL A 619 -10.91 -43.39 2.33
N ALA A 620 -10.51 -42.20 1.88
CA ALA A 620 -10.27 -41.96 0.46
C ALA A 620 -8.81 -42.21 0.08
N ILE A 621 -8.17 -43.17 0.75
CA ILE A 621 -6.80 -43.53 0.42
C ILE A 621 -6.72 -43.89 -1.06
N HIS A 622 -5.99 -43.08 -1.82
CA HIS A 622 -5.95 -43.25 -3.27
C HIS A 622 -4.84 -42.40 -3.88
N ALA A 623 -4.14 -42.95 -4.87
CA ALA A 623 -3.08 -42.23 -5.55
C ALA A 623 -3.66 -41.16 -6.46
N ASP A 624 -2.91 -40.05 -6.59
CA ASP A 624 -3.26 -38.94 -7.47
C ASP A 624 -4.61 -38.31 -7.11
N GLN A 625 -4.96 -38.33 -5.83
CA GLN A 625 -6.22 -37.72 -5.39
C GLN A 625 -6.00 -36.73 -4.26
N LEU A 626 -5.04 -37.01 -3.38
CA LEU A 626 -4.76 -36.18 -2.21
C LEU A 626 -3.45 -35.45 -2.41
N THR A 627 -3.43 -34.16 -2.05
CA THR A 627 -2.20 -33.37 -2.15
C THR A 627 -1.05 -33.93 -1.32
N PRO A 628 -1.24 -34.34 -0.06
CA PRO A 628 -0.14 -35.02 0.64
C PRO A 628 0.14 -36.36 -0.01
N THR A 629 1.33 -36.48 -0.61
CA THR A 629 1.65 -37.65 -1.44
C THR A 629 1.60 -38.94 -0.62
N TRP A 630 2.15 -38.90 0.60
CA TRP A 630 2.12 -40.09 1.44
C TRP A 630 0.68 -40.40 1.86
N ARG A 631 0.27 -41.65 1.63
CA ARG A 631 -1.07 -42.10 2.02
C ARG A 631 -1.01 -43.46 2.71
N VAL A 632 0.17 -44.06 2.82
CA VAL A 632 0.31 -45.31 3.56
C VAL A 632 0.07 -45.08 5.05
N TYR A 633 0.14 -43.82 5.49
CA TYR A 633 -0.10 -43.51 6.89
C TYR A 633 -1.56 -43.70 7.26
N SER A 634 -2.46 -43.38 6.33
CA SER A 634 -3.90 -43.42 6.62
C SER A 634 -4.35 -44.83 6.99
N THR A 635 -3.76 -45.85 6.36
CA THR A 635 -4.03 -47.24 6.71
C THR A 635 -3.15 -47.68 7.88
N GLY A 636 -3.14 -46.84 8.91
CA GLY A 636 -2.27 -47.05 10.05
C GLY A 636 -2.98 -47.57 11.28
N SER A 637 -2.72 -46.93 12.43
CA SER A 637 -3.19 -47.44 13.72
C SER A 637 -4.65 -47.06 13.94
N ASN A 638 -5.12 -47.24 15.17
CA ASN A 638 -6.52 -46.97 15.50
C ASN A 638 -6.85 -45.51 15.27
N VAL A 639 -8.06 -45.26 14.77
CA VAL A 639 -8.55 -43.90 14.58
C VAL A 639 -9.35 -43.50 15.82
N PHE A 640 -9.28 -42.23 16.17
CA PHE A 640 -9.97 -41.67 17.31
C PHE A 640 -10.70 -40.40 16.89
N GLN A 641 -11.87 -40.18 17.47
CA GLN A 641 -12.70 -39.04 17.10
C GLN A 641 -12.96 -38.16 18.32
N THR A 642 -12.92 -36.85 18.09
CA THR A 642 -13.14 -35.85 19.12
C THR A 642 -14.09 -34.80 18.56
N ARG A 643 -14.21 -33.67 19.27
CA ARG A 643 -15.05 -32.59 18.78
C ARG A 643 -14.55 -32.05 17.45
N ALA A 644 -13.23 -31.84 17.34
CA ALA A 644 -12.60 -31.44 16.09
C ALA A 644 -11.31 -32.23 15.90
N GLY A 645 -11.42 -33.41 15.28
CA GLY A 645 -10.25 -34.19 14.96
C GLY A 645 -10.59 -35.61 14.57
N CYS A 646 -9.71 -36.21 13.78
CA CYS A 646 -9.73 -37.63 13.47
C CYS A 646 -8.30 -38.16 13.56
N LEU A 647 -7.90 -38.62 14.73
CA LEU A 647 -6.49 -38.93 15.02
C LEU A 647 -6.15 -40.31 14.46
N ILE A 648 -5.36 -40.31 13.39
CA ILE A 648 -4.75 -41.54 12.90
C ILE A 648 -3.31 -41.58 13.38
N GLY A 649 -2.93 -42.64 14.09
CA GLY A 649 -1.58 -42.77 14.58
C GLY A 649 -1.47 -42.79 16.09
N ALA A 650 -2.60 -42.66 16.78
CA ALA A 650 -2.61 -42.71 18.23
C ALA A 650 -3.89 -43.41 18.67
N GLU A 651 -3.87 -43.93 19.90
CA GLU A 651 -4.99 -44.68 20.44
C GLU A 651 -5.34 -44.15 21.83
N TYR A 652 -6.64 -44.16 22.12
CA TYR A 652 -7.14 -43.62 23.38
C TYR A 652 -6.74 -44.50 24.55
N VAL A 653 -6.62 -43.86 25.72
CA VAL A 653 -6.48 -44.54 27.00
C VAL A 653 -7.49 -43.94 27.96
N ASN A 654 -7.46 -44.39 29.21
CA ASN A 654 -8.47 -43.99 30.18
C ASN A 654 -7.90 -43.21 31.36
N ASN A 655 -6.76 -43.64 31.90
CA ASN A 655 -6.15 -42.96 33.03
C ASN A 655 -5.77 -41.53 32.65
N SER A 656 -5.80 -40.62 33.62
CA SER A 656 -5.60 -39.20 33.37
C SER A 656 -4.18 -38.79 33.76
N TYR A 657 -3.54 -38.02 32.89
CA TYR A 657 -2.20 -37.50 33.14
C TYR A 657 -2.20 -35.99 32.96
N GLU A 658 -1.31 -35.32 33.69
CA GLU A 658 -1.05 -33.92 33.39
C GLU A 658 -0.39 -33.82 32.02
N CYS A 659 -1.17 -33.40 31.04
CA CYS A 659 -0.79 -33.62 29.65
C CYS A 659 0.32 -32.67 29.21
N ASP A 660 1.05 -33.09 28.19
CA ASP A 660 2.25 -32.38 27.74
C ASP A 660 2.02 -31.69 26.39
N ILE A 661 1.35 -32.37 25.47
CA ILE A 661 1.09 -31.82 24.14
C ILE A 661 -0.41 -31.64 23.96
N PRO A 662 -0.94 -30.43 24.13
CA PRO A 662 -2.38 -30.23 23.97
C PRO A 662 -2.82 -30.49 22.54
N ILE A 663 -4.02 -31.03 22.39
CA ILE A 663 -4.59 -31.35 21.09
C ILE A 663 -5.75 -30.44 20.75
N GLY A 664 -6.75 -30.40 21.61
CA GLY A 664 -7.92 -29.57 21.37
C GLY A 664 -9.18 -30.14 21.99
N ALA A 665 -9.95 -29.27 22.65
CA ALA A 665 -11.23 -29.65 23.25
C ALA A 665 -11.08 -30.76 24.28
N GLY A 666 -10.02 -30.68 25.10
CA GLY A 666 -9.92 -31.54 26.26
C GLY A 666 -8.98 -32.72 26.15
N ILE A 667 -8.57 -33.09 24.93
CA ILE A 667 -7.71 -34.26 24.75
C ILE A 667 -6.26 -33.81 24.58
N CYS A 668 -5.33 -34.58 25.13
CA CYS A 668 -3.91 -34.27 25.05
C CYS A 668 -3.12 -35.52 24.66
N ALA A 669 -2.09 -35.33 23.85
CA ALA A 669 -1.25 -36.43 23.41
C ALA A 669 -0.02 -36.54 24.30
N SER A 670 0.72 -37.64 24.17
CA SER A 670 1.94 -37.87 24.94
C SER A 670 2.72 -39.06 24.41
N TYR A 671 3.95 -39.23 24.88
CA TYR A 671 4.83 -40.32 24.47
C TYR A 671 5.10 -41.19 25.70
N GLN A 672 4.40 -42.32 25.81
CA GLN A 672 4.44 -43.14 27.01
C GLN A 672 4.73 -44.59 26.64
N THR A 673 5.26 -45.33 27.59
CA THR A 673 5.58 -46.74 27.40
C THR A 673 4.33 -47.57 27.21
N SER A 686 8.18 -50.76 22.71
CA SER A 686 7.93 -50.55 24.13
C SER A 686 7.53 -49.11 24.43
N GLN A 687 7.63 -48.25 23.41
CA GLN A 687 7.28 -46.84 23.53
C GLN A 687 6.28 -46.50 22.44
N SER A 688 5.25 -45.74 22.79
CA SER A 688 4.18 -45.43 21.85
C SER A 688 3.54 -44.09 22.21
N ILE A 689 2.88 -43.49 21.22
CA ILE A 689 2.17 -42.24 21.38
C ILE A 689 0.73 -42.54 21.77
N ILE A 690 0.23 -41.80 22.76
CA ILE A 690 -1.12 -42.00 23.28
C ILE A 690 -1.86 -40.67 23.28
N ALA A 691 -3.14 -40.72 23.65
CA ALA A 691 -3.98 -39.54 23.76
C ALA A 691 -5.01 -39.79 24.86
N TYR A 692 -5.15 -38.84 25.78
CA TYR A 692 -5.98 -39.05 26.96
C TYR A 692 -6.68 -37.76 27.36
N THR A 693 -7.68 -37.92 28.22
CA THR A 693 -8.38 -36.78 28.81
C THR A 693 -7.45 -36.02 29.74
N MET A 694 -7.52 -34.69 29.71
CA MET A 694 -6.74 -33.87 30.61
C MET A 694 -7.13 -34.12 32.05
N SER A 695 -6.15 -34.03 32.94
CA SER A 695 -6.36 -34.07 34.38
C SER A 695 -6.16 -32.68 34.96
N LEU A 696 -6.97 -32.36 35.97
CA LEU A 696 -6.92 -31.06 36.61
C LEU A 696 -6.17 -31.06 37.93
N GLY A 697 -5.99 -32.23 38.55
CA GLY A 697 -5.27 -32.30 39.79
C GLY A 697 -5.82 -33.41 40.65
N ALA A 698 -5.16 -33.62 41.78
CA ALA A 698 -5.62 -34.62 42.74
C ALA A 698 -6.93 -34.17 43.37
N GLU A 699 -7.97 -34.97 43.20
CA GLU A 699 -9.27 -34.64 43.79
C GLU A 699 -9.15 -34.64 45.31
N ASN A 700 -9.50 -33.51 45.92
CA ASN A 700 -9.40 -33.35 47.36
C ASN A 700 -10.74 -32.91 47.91
N SER A 701 -11.00 -33.27 49.16
CA SER A 701 -12.24 -32.93 49.84
C SER A 701 -11.91 -32.24 51.16
N VAL A 702 -12.83 -31.39 51.60
CA VAL A 702 -12.70 -30.69 52.87
C VAL A 702 -13.93 -30.98 53.71
N ALA A 703 -13.71 -31.23 55.00
CA ALA A 703 -14.79 -31.64 55.90
C ALA A 703 -15.33 -30.41 56.63
N TYR A 704 -16.21 -29.68 55.95
CA TYR A 704 -16.85 -28.49 56.59
C TYR A 704 -17.76 -29.00 57.67
N SER A 705 -17.81 -28.30 58.78
CA SER A 705 -18.67 -28.67 59.89
C SER A 705 -19.02 -27.42 60.69
N ASN A 706 -20.04 -27.56 61.54
CA ASN A 706 -20.45 -26.45 62.38
C ASN A 706 -19.34 -26.06 63.35
N ASN A 707 -18.48 -27.01 63.71
CA ASN A 707 -17.40 -26.79 64.64
C ASN A 707 -16.13 -27.56 64.24
N SER A 708 -15.32 -26.94 63.39
CA SER A 708 -14.07 -27.55 62.95
C SER A 708 -13.12 -26.52 62.37
N ILE A 709 -11.96 -26.33 62.99
CA ILE A 709 -10.92 -25.44 62.48
C ILE A 709 -9.61 -26.21 62.41
N ALA A 710 -8.84 -25.95 61.37
CA ALA A 710 -7.53 -26.57 61.17
C ALA A 710 -6.49 -25.45 61.25
N ILE A 711 -5.72 -25.43 62.34
CA ILE A 711 -4.75 -24.38 62.60
C ILE A 711 -3.35 -24.95 62.40
N PRO A 712 -2.56 -24.42 61.47
CA PRO A 712 -1.26 -25.02 61.16
C PRO A 712 -0.27 -24.87 62.30
N THR A 713 0.67 -25.82 62.36
CA THR A 713 1.83 -25.73 63.23
C THR A 713 3.07 -25.79 62.35
N ASN A 714 4.14 -25.08 62.76
CA ASN A 714 5.39 -25.05 62.02
C ASN A 714 5.19 -24.40 60.66
N PHE A 715 6.27 -24.22 59.89
CA PHE A 715 6.14 -23.48 58.64
C PHE A 715 7.27 -23.78 57.66
N THR A 716 7.34 -22.98 56.60
CA THR A 716 8.37 -23.13 55.59
C THR A 716 8.61 -21.77 54.94
N ILE A 717 9.88 -21.40 54.80
CA ILE A 717 10.28 -20.19 54.09
C ILE A 717 10.93 -20.61 52.79
N SER A 718 10.39 -20.14 51.66
CA SER A 718 10.78 -20.65 50.35
C SER A 718 10.98 -19.50 49.39
N VAL A 719 12.18 -19.40 48.82
CA VAL A 719 12.46 -18.40 47.81
C VAL A 719 11.93 -18.86 46.45
N THR A 720 11.46 -17.91 45.65
CA THR A 720 10.93 -18.23 44.31
C THR A 720 11.31 -17.09 43.37
N THR A 721 11.88 -17.44 42.22
CA THR A 721 12.31 -16.42 41.27
C THR A 721 11.14 -15.96 40.40
N GLU A 722 11.28 -14.76 39.86
CA GLU A 722 10.30 -14.23 38.91
C GLU A 722 11.04 -13.29 37.96
N ILE A 723 10.96 -13.56 36.66
CA ILE A 723 11.79 -12.88 35.68
C ILE A 723 10.91 -12.08 34.74
N LEU A 724 11.23 -10.80 34.56
CA LEU A 724 10.42 -9.90 33.77
C LEU A 724 11.28 -9.10 32.78
N PRO A 725 10.90 -9.05 31.51
CA PRO A 725 11.61 -8.17 30.57
C PRO A 725 11.39 -6.71 30.91
N VAL A 726 12.39 -5.89 30.59
CA VAL A 726 12.31 -4.46 30.89
C VAL A 726 12.61 -3.63 29.65
N SER A 727 13.39 -4.17 28.72
CA SER A 727 13.76 -3.40 27.54
C SER A 727 14.13 -4.35 26.42
N MET A 728 14.09 -3.82 25.20
CA MET A 728 14.48 -4.57 24.01
C MET A 728 15.71 -3.89 23.43
N THR A 729 16.20 -4.42 22.31
CA THR A 729 17.40 -3.88 21.67
C THR A 729 17.05 -2.61 20.91
N LYS A 730 17.68 -1.50 21.30
CA LYS A 730 17.52 -0.26 20.55
C LYS A 730 18.06 -0.43 19.14
N THR A 731 17.25 -0.07 18.14
CA THR A 731 17.63 -0.26 16.76
C THR A 731 17.31 0.99 15.95
N SER A 732 18.03 1.14 14.85
CA SER A 732 17.81 2.23 13.90
C SER A 732 18.00 1.67 12.49
N VAL A 733 17.33 2.32 11.56
CA VAL A 733 17.39 1.81 10.18
C VAL A 733 17.69 3.00 9.29
N ASP A 734 18.09 2.78 8.04
CA ASP A 734 18.50 3.87 7.13
C ASP A 734 17.85 3.67 5.78
N CYS A 735 16.60 4.07 5.64
CA CYS A 735 15.89 3.78 4.38
C CYS A 735 16.80 3.87 3.16
N THR A 736 17.41 5.00 2.90
CA THR A 736 18.14 5.11 1.64
C THR A 736 18.98 3.87 1.38
N MET A 737 19.66 3.35 2.41
CA MET A 737 20.56 2.23 2.21
C MET A 737 19.80 0.92 2.08
N TYR A 738 18.69 0.76 2.81
CA TYR A 738 17.94 -0.48 2.78
C TYR A 738 17.02 -0.55 1.57
N ILE A 739 16.07 0.39 1.50
CA ILE A 739 15.04 0.33 0.44
C ILE A 739 15.71 0.42 -0.93
N CYS A 740 16.61 1.37 -1.09
CA CYS A 740 17.32 1.57 -2.34
C CYS A 740 18.74 1.04 -2.20
N GLY A 741 19.34 0.68 -3.32
CA GLY A 741 20.74 0.32 -3.32
C GLY A 741 21.63 1.54 -3.23
N ASP A 742 22.93 1.30 -3.36
CA ASP A 742 23.90 2.40 -3.37
C ASP A 742 23.75 3.23 -4.63
N SER A 743 22.98 2.73 -5.60
CA SER A 743 22.76 3.45 -6.85
C SER A 743 22.01 4.75 -6.60
N THR A 744 22.33 5.78 -7.38
CA THR A 744 21.74 7.09 -7.18
C THR A 744 20.33 7.16 -7.74
N GLU A 745 20.03 6.37 -8.77
CA GLU A 745 18.76 6.50 -9.48
C GLU A 745 17.58 6.22 -8.56
N CYS A 746 17.68 5.20 -7.70
CA CYS A 746 16.57 4.85 -6.83
C CYS A 746 16.26 5.95 -5.83
N SER A 747 17.26 6.78 -5.51
CA SER A 747 17.08 7.82 -4.49
C SER A 747 16.04 8.84 -4.93
N ASN A 748 16.07 9.25 -6.20
CA ASN A 748 15.13 10.23 -6.68
C ASN A 748 13.70 9.71 -6.63
N LEU A 749 13.50 8.46 -7.07
CA LEU A 749 12.16 7.87 -7.02
C LEU A 749 11.67 7.71 -5.58
N LEU A 750 12.58 7.36 -4.67
CA LEU A 750 12.21 7.30 -3.26
C LEU A 750 11.81 8.67 -2.74
N LEU A 751 12.52 9.73 -3.17
CA LEU A 751 12.15 11.08 -2.79
C LEU A 751 10.79 11.46 -3.35
N GLN A 752 10.43 10.91 -4.51
CA GLN A 752 9.14 11.23 -5.12
C GLN A 752 7.98 10.71 -4.26
N TYR A 753 8.17 9.58 -3.59
CA TYR A 753 7.14 9.02 -2.71
C TYR A 753 6.86 9.92 -1.51
N GLY A 754 7.76 10.85 -1.24
CA GLY A 754 7.52 11.82 -0.18
C GLY A 754 8.17 11.48 1.13
N SER A 755 7.53 11.86 2.23
CA SER A 755 8.09 11.64 3.58
C SER A 755 7.59 10.32 4.15
N PHE A 756 8.08 9.23 3.56
CA PHE A 756 7.72 7.91 4.07
C PHE A 756 8.69 7.45 5.16
N CYS A 757 9.93 7.85 4.79
CA CYS A 757 11.10 7.54 5.61
C CYS A 757 11.19 8.48 6.81
N THR A 758 10.91 9.76 6.65
CA THR A 758 11.09 10.61 7.83
C THR A 758 10.16 10.07 8.88
N GLN A 759 8.98 9.66 8.48
CA GLN A 759 8.03 9.19 9.49
C GLN A 759 8.67 8.00 10.15
N LEU A 760 9.31 7.14 9.37
CA LEU A 760 9.84 5.90 10.00
C LEU A 760 10.93 6.22 11.02
N LYS A 761 11.90 7.07 10.70
CA LYS A 761 12.99 7.29 11.68
C LYS A 761 12.39 7.91 12.91
N ARG A 762 11.41 8.79 12.76
CA ARG A 762 10.84 9.48 13.93
C ARG A 762 10.20 8.39 14.76
N ALA A 763 9.58 7.40 14.12
CA ALA A 763 8.91 6.29 14.85
C ALA A 763 9.91 5.42 15.61
N LEU A 764 11.05 5.10 15.00
CA LEU A 764 12.03 4.18 15.62
C LEU A 764 13.03 4.98 16.44
N THR A 765 12.77 6.26 16.68
CA THR A 765 13.65 6.98 17.62
C THR A 765 12.85 7.03 18.89
N GLY A 766 11.61 7.45 18.81
CA GLY A 766 10.73 7.36 19.96
C GLY A 766 10.85 6.04 20.68
N ILE A 767 10.95 4.94 19.93
CA ILE A 767 11.13 3.62 20.53
C ILE A 767 12.41 3.59 21.36
N ALA A 768 13.50 4.12 20.82
CA ALA A 768 14.77 4.11 21.54
C ALA A 768 14.69 4.93 22.83
N VAL A 769 14.05 6.10 22.77
CA VAL A 769 13.92 6.92 23.97
C VAL A 769 13.10 6.21 25.02
N GLU A 770 11.99 5.58 24.62
CA GLU A 770 11.21 4.79 25.57
C GLU A 770 12.04 3.67 26.17
N GLN A 771 12.87 3.01 25.34
CA GLN A 771 13.70 1.91 25.85
C GLN A 771 14.66 2.39 26.92
N ASP A 772 15.26 3.57 26.71
CA ASP A 772 16.17 4.10 27.73
C ASP A 772 15.41 4.47 29.00
N LYS A 773 14.26 5.14 28.84
CA LYS A 773 13.51 5.57 30.02
C LYS A 773 12.99 4.38 30.81
N ASN A 774 12.74 3.24 30.15
CA ASN A 774 12.27 2.06 30.88
C ASN A 774 13.28 1.65 31.94
N THR A 775 14.54 1.43 31.56
CA THR A 775 15.55 1.06 32.53
C THR A 775 15.80 2.19 33.52
N GLN A 776 15.74 3.44 33.04
CA GLN A 776 15.98 4.58 33.92
C GLN A 776 14.99 4.59 35.08
N GLU A 777 13.72 4.29 34.80
CA GLU A 777 12.70 4.35 35.84
C GLU A 777 12.64 3.04 36.63
N VAL A 778 13.00 1.93 35.99
CA VAL A 778 12.93 0.65 36.69
C VAL A 778 14.03 0.54 37.74
N PHE A 779 15.24 1.01 37.42
CA PHE A 779 16.38 0.75 38.29
C PHE A 779 16.80 1.94 39.17
N ALA A 780 16.50 3.17 38.75
CA ALA A 780 17.09 4.35 39.39
C ALA A 780 16.11 5.07 40.33
N GLN A 781 15.31 4.33 41.09
CA GLN A 781 14.38 4.99 42.00
C GLN A 781 15.12 5.81 43.05
N VAL A 782 16.21 5.28 43.60
CA VAL A 782 17.03 5.99 44.59
C VAL A 782 18.23 6.59 43.89
N LYS A 783 18.47 7.88 44.12
CA LYS A 783 19.56 8.61 43.47
C LYS A 783 20.82 8.68 44.32
N GLN A 784 20.80 8.14 45.53
CA GLN A 784 21.97 8.07 46.38
C GLN A 784 22.55 6.67 46.33
N ILE A 785 23.80 6.55 45.87
CA ILE A 785 24.43 5.25 45.66
C ILE A 785 25.08 4.83 46.98
N TYR A 786 24.39 3.97 47.73
CA TYR A 786 24.97 3.41 48.94
C TYR A 786 26.02 2.38 48.60
N LYS A 787 26.86 2.04 49.57
CA LYS A 787 27.93 1.07 49.39
C LYS A 787 27.73 -0.10 50.34
N THR A 788 28.17 -1.27 49.89
CA THR A 788 27.98 -2.48 50.67
C THR A 788 28.79 -2.41 51.96
N PRO A 789 28.29 -2.96 53.07
CA PRO A 789 29.06 -2.93 54.32
C PRO A 789 30.32 -3.76 54.19
N PRO A 790 31.38 -3.40 54.91
CA PRO A 790 32.64 -4.16 54.78
C PRO A 790 32.53 -5.61 55.22
N ILE A 791 31.69 -5.91 56.20
CA ILE A 791 31.60 -7.27 56.76
C ILE A 791 30.23 -7.84 56.43
N LYS A 792 30.12 -9.17 56.53
CA LYS A 792 28.95 -9.91 56.06
C LYS A 792 28.28 -10.72 57.18
N TYR A 793 28.50 -10.35 58.44
CA TYR A 793 27.85 -11.05 59.55
C TYR A 793 26.47 -10.42 59.81
N PHE A 794 25.51 -10.83 58.99
CA PHE A 794 24.15 -10.30 59.07
C PHE A 794 23.23 -11.25 59.84
N GLY A 795 23.55 -11.43 61.12
CA GLY A 795 22.70 -12.21 62.00
C GLY A 795 22.48 -13.65 61.57
N GLY A 796 23.53 -14.29 61.08
CA GLY A 796 23.47 -15.69 60.70
C GLY A 796 23.04 -15.93 59.27
N PHE A 797 22.44 -14.94 58.62
CA PHE A 797 22.00 -15.11 57.24
C PHE A 797 23.20 -15.00 56.31
N ASN A 798 23.08 -15.60 55.13
CA ASN A 798 24.18 -15.62 54.17
C ASN A 798 23.76 -14.89 52.91
N PHE A 799 24.39 -13.75 52.65
CA PHE A 799 24.13 -12.95 51.47
C PHE A 799 25.28 -12.99 50.47
N SER A 800 26.00 -14.11 50.42
CA SER A 800 27.18 -14.10 49.52
C SER A 800 26.79 -14.16 48.03
N GLN A 801 25.86 -15.02 47.63
CA GLN A 801 25.58 -15.19 46.19
C GLN A 801 25.00 -13.91 45.61
N ILE A 802 24.44 -13.06 46.45
CA ILE A 802 23.77 -11.84 45.93
C ILE A 802 24.74 -10.65 46.00
N LEU A 803 25.37 -10.37 47.14
CA LEU A 803 26.23 -9.21 47.32
C LEU A 803 27.38 -9.26 46.32
N PRO A 804 27.93 -8.12 45.91
CA PRO A 804 28.96 -8.11 44.85
C PRO A 804 30.17 -8.99 45.14
N ASP A 805 30.76 -9.51 44.06
CA ASP A 805 31.94 -10.36 44.14
C ASP A 805 33.18 -9.50 43.98
N PRO A 806 34.01 -9.32 45.01
CA PRO A 806 35.22 -8.50 44.86
C PRO A 806 36.22 -9.05 43.86
N SER A 807 36.26 -10.37 43.68
CA SER A 807 37.27 -11.00 42.82
C SER A 807 37.21 -10.48 41.39
N LYS A 808 36.09 -10.71 40.71
CA LYS A 808 35.92 -10.17 39.37
C LYS A 808 35.85 -8.64 39.44
N PRO A 809 36.47 -7.93 38.50
CA PRO A 809 36.37 -6.45 38.53
C PRO A 809 34.94 -5.94 38.52
N SER A 810 34.07 -6.59 37.75
CA SER A 810 32.65 -6.26 37.83
C SER A 810 32.07 -6.77 39.14
N LYS A 811 31.19 -5.97 39.74
CA LYS A 811 30.58 -6.31 41.01
C LYS A 811 29.43 -7.31 40.86
N ARG A 812 29.43 -7.93 39.68
CA ARG A 812 28.41 -8.96 39.38
C ARG A 812 28.63 -10.07 40.37
N SER A 813 27.57 -10.57 40.95
CA SER A 813 27.72 -11.58 42.00
C SER A 813 27.46 -12.94 41.40
N PRO A 814 27.65 -14.05 42.11
CA PRO A 814 27.49 -15.31 41.47
C PRO A 814 26.12 -15.51 40.81
N ILE A 815 24.99 -15.20 41.45
CA ILE A 815 23.69 -15.49 40.79
C ILE A 815 23.64 -14.65 39.54
N GLU A 816 24.12 -13.41 39.57
CA GLU A 816 24.13 -12.62 38.32
C GLU A 816 25.08 -13.29 37.33
N ASP A 817 26.18 -13.87 37.80
CA ASP A 817 27.18 -14.43 36.85
C ASP A 817 26.56 -15.56 36.03
N LEU A 818 25.76 -16.42 36.65
CA LEU A 818 25.06 -17.47 35.89
C LEU A 818 24.09 -16.80 34.94
N LEU A 819 23.23 -15.93 35.44
CA LEU A 819 22.21 -15.37 34.56
C LEU A 819 22.83 -14.75 33.31
N PHE A 820 23.97 -14.06 33.48
CA PHE A 820 24.63 -13.46 32.33
C PHE A 820 25.17 -14.53 31.38
N ASN A 821 25.66 -15.65 31.93
CA ASN A 821 26.20 -16.70 31.08
C ASN A 821 25.11 -17.43 30.31
N LYS A 822 23.98 -17.73 30.95
CA LYS A 822 22.97 -18.55 30.29
C LYS A 822 22.28 -17.83 29.15
N VAL A 823 22.19 -16.49 29.21
CA VAL A 823 21.45 -15.75 28.20
C VAL A 823 22.17 -15.82 26.85
N THR A 824 23.50 -15.83 26.87
CA THR A 824 24.47 -16.00 25.77
C THR A 824 24.33 -14.93 24.68
N LEU A 825 23.48 -13.93 24.87
CA LEU A 825 23.45 -12.76 23.98
C LEU A 825 23.57 -11.48 24.79
N LEU A 846 28.56 -13.62 13.03
CA LEU A 846 28.72 -13.38 11.61
C LEU A 846 27.47 -12.71 11.04
N ILE A 847 26.33 -12.97 11.67
CA ILE A 847 25.08 -12.34 11.24
C ILE A 847 25.14 -10.84 11.49
N CYS A 848 25.75 -10.41 12.60
CA CYS A 848 25.89 -8.98 12.87
C CYS A 848 26.73 -8.30 11.80
N ALA A 849 27.79 -8.96 11.34
CA ALA A 849 28.58 -8.42 10.24
C ALA A 849 27.76 -8.36 8.96
N GLN A 850 26.80 -9.27 8.80
CA GLN A 850 25.94 -9.23 7.62
C GLN A 850 25.03 -8.01 7.62
N LYS A 851 24.86 -7.35 8.77
CA LYS A 851 24.06 -6.14 8.82
C LYS A 851 24.83 -4.94 8.28
N PHE A 852 25.33 -5.05 7.06
CA PHE A 852 25.83 -3.92 6.31
C PHE A 852 24.70 -3.14 5.65
N LYS A 853 23.47 -3.62 5.75
CA LYS A 853 22.34 -3.05 5.02
C LYS A 853 21.56 -2.06 5.89
N GLY A 854 22.28 -1.04 6.36
CA GLY A 854 21.66 0.08 7.04
C GLY A 854 21.03 -0.24 8.39
N LEU A 855 21.27 -1.43 8.93
CA LEU A 855 20.70 -1.82 10.21
C LEU A 855 21.78 -1.80 11.29
N THR A 856 21.49 -1.11 12.38
CA THR A 856 22.42 -0.96 13.49
C THR A 856 21.73 -1.27 14.80
N VAL A 857 22.53 -1.43 15.85
CA VAL A 857 22.04 -1.67 17.20
C VAL A 857 22.75 -0.68 18.11
N LEU A 858 22.08 0.40 18.47
CA LEU A 858 22.67 1.41 19.33
C LEU A 858 22.87 0.86 20.74
N PRO A 859 23.91 1.29 21.43
CA PRO A 859 24.16 0.78 22.78
C PRO A 859 23.26 1.46 23.80
N PRO A 860 22.94 0.78 24.90
CA PRO A 860 22.14 1.42 25.95
C PRO A 860 22.93 2.52 26.64
N LEU A 861 22.19 3.54 27.09
CA LEU A 861 22.83 4.65 27.79
C LEU A 861 23.45 4.18 29.09
N LEU A 862 22.77 3.32 29.84
CA LEU A 862 23.28 2.79 31.09
C LEU A 862 24.03 1.51 30.79
N THR A 863 25.35 1.54 30.95
CA THR A 863 26.15 0.34 30.71
C THR A 863 25.92 -0.68 31.83
N ASP A 864 26.40 -1.89 31.58
CA ASP A 864 26.19 -2.97 32.56
C ASP A 864 26.83 -2.66 33.89
N GLU A 865 27.92 -1.89 33.90
CA GLU A 865 28.56 -1.52 35.16
C GLU A 865 27.65 -0.63 35.99
N MET A 866 27.03 0.37 35.37
CA MET A 866 26.17 1.27 36.11
C MET A 866 24.89 0.58 36.55
N ILE A 867 24.36 -0.31 35.71
CA ILE A 867 23.19 -1.10 36.11
C ILE A 867 23.53 -1.99 37.29
N ALA A 868 24.70 -2.61 37.26
CA ALA A 868 25.14 -3.42 38.39
C ALA A 868 25.31 -2.59 39.64
N GLN A 869 25.83 -1.36 39.50
CA GLN A 869 25.98 -0.50 40.67
C GLN A 869 24.61 -0.10 41.23
N TYR A 870 23.64 0.17 40.37
CA TYR A 870 22.29 0.47 40.84
C TYR A 870 21.68 -0.71 41.59
N THR A 871 21.77 -1.90 41.01
CA THR A 871 21.27 -3.10 41.65
C THR A 871 22.01 -3.40 42.94
N SER A 872 23.29 -3.04 43.04
CA SER A 872 24.03 -3.15 44.28
C SER A 872 23.58 -2.14 45.32
N ALA A 873 23.27 -0.91 44.92
CA ALA A 873 22.77 0.08 45.88
C ALA A 873 21.42 -0.34 46.44
N LEU A 874 20.51 -0.78 45.56
CA LEU A 874 19.19 -1.22 46.01
C LEU A 874 19.30 -2.38 46.99
N LEU A 875 20.17 -3.34 46.67
CA LEU A 875 20.32 -4.54 47.46
C LEU A 875 21.21 -4.33 48.67
N ALA A 876 21.93 -3.22 48.76
CA ALA A 876 22.77 -2.90 49.90
C ALA A 876 22.14 -1.89 50.83
N GLY A 877 21.06 -1.25 50.43
CA GLY A 877 20.33 -0.40 51.34
C GLY A 877 19.28 -1.17 52.11
N THR A 878 18.71 -2.19 51.47
CA THR A 878 17.60 -2.93 52.07
C THR A 878 18.07 -3.99 53.05
N ILE A 879 19.37 -4.26 53.16
CA ILE A 879 19.84 -5.22 54.13
C ILE A 879 20.34 -4.55 55.40
N THR A 880 20.47 -3.23 55.41
CA THR A 880 20.93 -2.50 56.58
C THR A 880 19.98 -1.39 57.02
N SER A 881 19.19 -0.83 56.10
CA SER A 881 18.24 0.23 56.45
C SER A 881 16.82 -0.31 56.52
N GLY A 882 16.36 -0.93 55.45
CA GLY A 882 15.03 -1.51 55.42
C GLY A 882 14.12 -0.88 54.38
N TRP A 883 12.90 -0.54 54.79
CA TRP A 883 11.99 0.16 53.90
C TRP A 883 12.15 1.67 53.96
N THR A 884 12.99 2.18 54.85
CA THR A 884 12.99 3.63 55.02
C THR A 884 13.61 4.34 53.86
N PHE A 885 14.69 3.85 53.32
CA PHE A 885 15.40 4.66 52.34
C PHE A 885 14.56 4.97 51.11
N GLY A 886 13.40 4.35 50.95
CA GLY A 886 12.52 4.68 49.86
C GLY A 886 11.60 5.84 50.11
N ALA A 887 11.32 6.19 51.37
CA ALA A 887 10.44 7.30 51.68
C ALA A 887 11.28 8.53 51.96
N GLY A 888 12.19 8.53 52.94
CA GLY A 888 12.99 9.76 53.10
C GLY A 888 14.46 9.58 53.40
N PRO A 889 14.93 9.94 54.62
CA PRO A 889 16.31 9.74 54.99
C PRO A 889 16.55 8.31 55.49
N ALA A 890 17.55 7.61 54.94
CA ALA A 890 17.77 6.19 55.29
C ALA A 890 18.14 6.08 56.74
N LEU A 891 17.63 5.09 57.44
CA LEU A 891 18.07 4.92 58.83
C LEU A 891 18.53 3.47 59.02
N GLN A 892 19.68 3.23 59.68
CA GLN A 892 20.20 1.89 59.87
C GLN A 892 19.44 1.17 60.98
N ILE A 893 19.33 -0.18 60.94
CA ILE A 893 18.65 -0.99 62.00
C ILE A 893 19.16 -2.42 61.92
N PRO A 894 19.53 -3.07 63.03
CA PRO A 894 20.16 -4.37 62.94
C PRO A 894 19.35 -5.34 62.09
N PHE A 895 19.90 -6.13 61.15
CA PHE A 895 19.09 -6.99 60.21
C PHE A 895 18.22 -8.07 60.86
N PRO A 896 18.55 -8.73 61.98
CA PRO A 896 17.63 -9.68 62.53
C PRO A 896 16.40 -8.82 62.78
N MET A 897 16.53 -7.64 63.35
CA MET A 897 15.34 -6.85 63.72
C MET A 897 14.50 -6.46 62.51
N GLN A 898 15.09 -6.20 61.38
CA GLN A 898 14.20 -5.79 60.28
C GLN A 898 13.27 -6.95 60.14
N MET A 899 13.74 -8.19 60.25
CA MET A 899 12.80 -9.32 59.96
C MET A 899 11.61 -9.35 60.92
N ALA A 900 11.81 -9.08 62.18
CA ALA A 900 10.68 -9.20 63.09
C ALA A 900 9.72 -8.07 62.89
N TYR A 901 10.10 -7.02 62.18
CA TYR A 901 9.08 -5.97 61.87
C TYR A 901 8.57 -6.28 60.48
N ARG A 902 8.97 -7.41 59.93
CA ARG A 902 8.35 -7.88 58.69
C ARG A 902 7.45 -9.10 58.89
N PHE A 903 7.67 -9.88 59.96
CA PHE A 903 6.67 -10.88 60.35
C PHE A 903 5.41 -10.21 60.88
N ASN A 904 5.55 -9.09 61.58
CA ASN A 904 4.41 -8.46 62.23
C ASN A 904 3.34 -8.07 61.20
N GLY A 905 3.73 -7.81 59.95
CA GLY A 905 2.73 -7.50 58.94
C GLY A 905 1.94 -8.73 58.51
N ILE A 906 2.50 -9.92 58.73
CA ILE A 906 1.80 -11.15 58.35
C ILE A 906 0.56 -11.35 59.20
N GLY A 907 0.66 -11.07 60.49
CA GLY A 907 -0.41 -11.36 61.42
C GLY A 907 0.08 -12.28 62.52
N VAL A 908 1.37 -12.62 62.44
CA VAL A 908 2.04 -13.43 63.45
C VAL A 908 2.92 -12.51 64.28
N THR A 909 2.88 -12.70 65.60
CA THR A 909 3.64 -11.84 66.49
C THR A 909 5.14 -12.08 66.30
N GLN A 910 5.93 -11.14 66.80
CA GLN A 910 7.38 -11.15 66.62
C GLN A 910 8.05 -12.32 67.33
N ASN A 911 7.35 -13.01 68.24
CA ASN A 911 8.01 -13.96 69.11
C ASN A 911 8.36 -15.26 68.41
N VAL A 912 8.26 -15.20 67.10
CA VAL A 912 8.73 -16.37 66.33
C VAL A 912 10.16 -16.13 65.82
N LEU A 913 10.46 -15.06 65.07
CA LEU A 913 11.81 -14.99 64.45
C LEU A 913 12.90 -15.03 65.48
N TYR A 914 12.85 -14.24 66.53
CA TYR A 914 13.96 -14.37 67.51
C TYR A 914 13.95 -15.74 68.17
N GLU A 915 12.79 -16.26 68.56
CA GLU A 915 12.75 -17.49 69.36
C GLU A 915 13.31 -18.63 68.56
N ASN A 916 13.20 -18.55 67.26
CA ASN A 916 13.84 -19.63 66.49
C ASN A 916 14.74 -18.96 65.49
N GLN A 917 15.76 -18.25 65.96
CA GLN A 917 16.57 -17.45 65.00
C GLN A 917 17.35 -18.36 64.06
N LYS A 918 17.99 -19.41 64.58
CA LYS A 918 18.91 -20.21 63.73
C LYS A 918 18.14 -20.97 62.63
N LEU A 919 17.10 -21.69 63.00
CA LEU A 919 16.43 -22.52 62.01
C LEU A 919 16.01 -21.73 60.79
N ILE A 920 15.51 -20.51 60.95
CA ILE A 920 15.13 -19.67 59.83
C ILE A 920 16.37 -19.36 59.00
N ALA A 921 17.49 -19.12 59.67
CA ALA A 921 18.74 -18.87 58.95
C ALA A 921 19.15 -20.08 58.11
N ASN A 922 19.11 -21.27 58.70
CA ASN A 922 19.49 -22.47 57.96
C ASN A 922 18.54 -22.71 56.79
N GLN A 923 17.24 -22.52 57.01
CA GLN A 923 16.28 -22.70 55.93
C GLN A 923 16.52 -21.70 54.81
N PHE A 924 16.82 -20.44 55.16
CA PHE A 924 17.08 -19.45 54.12
C PHE A 924 18.34 -19.78 53.33
N ASN A 925 19.39 -20.24 54.00
CA ASN A 925 20.61 -20.60 53.28
C ASN A 925 20.39 -21.79 52.36
N SER A 926 19.71 -22.83 52.86
CA SER A 926 19.42 -23.99 52.02
C SER A 926 18.53 -23.59 50.85
N ALA A 927 17.56 -22.71 51.09
CA ALA A 927 16.69 -22.25 50.02
C ALA A 927 17.46 -21.52 48.94
N ILE A 928 18.38 -20.63 49.34
CA ILE A 928 19.12 -19.87 48.33
C ILE A 928 20.03 -20.79 47.53
N GLY A 929 20.63 -21.80 48.19
CA GLY A 929 21.42 -22.77 47.45
C GLY A 929 20.58 -23.56 46.46
N LYS A 930 19.39 -23.98 46.88
CA LYS A 930 18.51 -24.71 45.99
C LYS A 930 18.06 -23.84 44.82
N ILE A 931 17.85 -22.54 45.06
CA ILE A 931 17.49 -21.63 43.98
C ILE A 931 18.62 -21.56 42.96
N GLN A 932 19.85 -21.55 43.45
CA GLN A 932 20.98 -21.41 42.49
C GLN A 932 21.05 -22.68 41.66
N ASP A 933 20.90 -23.82 42.32
CA ASP A 933 20.99 -25.10 41.61
C ASP A 933 19.85 -25.25 40.61
N SER A 934 18.63 -24.87 40.98
CA SER A 934 17.49 -25.01 40.10
C SER A 934 17.59 -24.07 38.91
N LEU A 935 18.10 -22.84 39.14
CA LEU A 935 18.34 -21.94 38.02
C LEU A 935 19.37 -22.52 37.07
N SER A 936 20.43 -23.14 37.61
CA SER A 936 21.42 -23.77 36.75
C SER A 936 20.81 -24.92 35.95
N SER A 937 19.95 -25.71 36.59
CA SER A 937 19.40 -26.91 35.96
C SER A 937 18.53 -26.61 34.74
N THR A 938 17.27 -26.30 35.01
CA THR A 938 16.29 -26.21 33.88
C THR A 938 16.87 -25.42 32.71
N PRO A 939 16.79 -25.99 31.49
CA PRO A 939 17.22 -25.26 30.31
C PRO A 939 16.33 -24.03 30.12
N SER A 940 15.04 -24.14 30.46
CA SER A 940 14.09 -23.03 30.16
C SER A 940 13.74 -22.20 31.40
N ALA A 941 14.63 -22.13 32.38
CA ALA A 941 14.36 -21.23 33.51
C ALA A 941 14.31 -19.80 33.00
N LEU A 942 15.30 -19.39 32.19
CA LEU A 942 15.42 -17.98 31.69
C LEU A 942 14.90 -17.94 30.27
N GLY A 943 14.20 -18.97 29.86
CA GLY A 943 13.78 -19.04 28.47
C GLY A 943 13.11 -17.79 28.05
N LYS A 944 12.01 -17.45 28.69
CA LYS A 944 11.28 -16.23 28.33
C LYS A 944 12.25 -15.13 27.89
N LEU A 945 13.33 -14.95 28.64
CA LEU A 945 14.31 -13.94 28.30
C LEU A 945 14.98 -14.24 26.96
N GLN A 946 15.26 -15.52 26.69
CA GLN A 946 15.76 -15.92 25.38
C GLN A 946 14.72 -15.69 24.30
N ASP A 947 13.44 -15.86 24.62
CA ASP A 947 12.38 -15.61 23.64
C ASP A 947 12.37 -14.16 23.20
N VAL A 948 12.60 -13.24 24.13
CA VAL A 948 12.63 -11.82 23.73
C VAL A 948 13.72 -11.56 22.70
N VAL A 949 14.96 -11.99 23.00
CA VAL A 949 16.08 -11.71 22.11
C VAL A 949 15.94 -12.49 20.82
N ASN A 950 15.38 -13.70 20.88
CA ASN A 950 15.17 -14.49 19.67
C ASN A 950 14.11 -13.85 18.78
N HIS A 951 13.07 -13.28 19.39
CA HIS A 951 12.08 -12.55 18.60
C HIS A 951 12.73 -11.39 17.87
N ASN A 952 13.55 -10.60 18.58
CA ASN A 952 14.22 -9.48 17.92
C ASN A 952 15.15 -9.96 16.81
N ALA A 953 15.93 -11.01 17.07
CA ALA A 953 16.88 -11.51 16.09
C ALA A 953 16.18 -12.06 14.86
N GLN A 954 15.10 -12.82 15.05
CA GLN A 954 14.39 -13.38 13.90
C GLN A 954 13.66 -12.30 13.13
N ALA A 955 13.18 -11.26 13.81
CA ALA A 955 12.61 -10.13 13.10
C ALA A 955 13.64 -9.48 12.18
N LEU A 956 14.84 -9.22 12.72
CA LEU A 956 15.89 -8.63 11.90
C LEU A 956 16.28 -9.56 10.75
N ASN A 957 16.37 -10.86 11.03
CA ASN A 957 16.77 -11.81 10.00
C ASN A 957 15.74 -11.89 8.88
N THR A 958 14.46 -11.92 9.22
CA THR A 958 13.42 -11.91 8.19
C THR A 958 13.47 -10.62 7.39
N LEU A 959 13.66 -9.49 8.06
CA LEU A 959 13.78 -8.22 7.35
C LEU A 959 14.96 -8.21 6.39
N VAL A 960 16.08 -8.84 6.75
CA VAL A 960 17.21 -8.96 5.85
C VAL A 960 16.89 -9.86 4.67
N LYS A 961 16.25 -11.01 4.93
CA LYS A 961 15.95 -11.95 3.86
C LYS A 961 14.90 -11.41 2.89
N GLN A 962 14.07 -10.46 3.33
CA GLN A 962 12.99 -9.97 2.48
C GLN A 962 13.49 -9.38 1.17
N LEU A 963 14.70 -8.81 1.15
CA LEU A 963 15.16 -8.15 -0.06
C LEU A 963 15.65 -9.12 -1.13
N SER A 964 15.75 -10.41 -0.80
CA SER A 964 16.05 -11.40 -1.83
C SER A 964 14.82 -11.70 -2.67
N SER A 965 13.64 -11.41 -2.15
CA SER A 965 12.39 -11.74 -2.84
C SER A 965 12.24 -10.89 -4.10
N LYS A 966 11.71 -11.51 -5.15
CA LYS A 966 11.51 -10.79 -6.40
C LYS A 966 10.37 -9.78 -6.30
N PHE A 967 9.40 -10.04 -5.41
CA PHE A 967 8.25 -9.15 -5.21
C PHE A 967 7.52 -8.89 -6.52
N GLY A 968 7.46 -9.91 -7.37
CA GLY A 968 6.84 -9.77 -8.67
C GLY A 968 7.71 -9.14 -9.73
N ALA A 969 8.95 -8.78 -9.41
CA ALA A 969 9.86 -8.19 -10.37
C ALA A 969 10.73 -9.27 -11.01
N ILE A 970 11.45 -8.89 -12.05
CA ILE A 970 12.24 -9.85 -12.81
C ILE A 970 13.49 -10.26 -12.03
N SER A 971 13.98 -9.39 -11.14
CA SER A 971 15.17 -9.68 -10.38
C SER A 971 15.16 -8.89 -9.08
N SER A 972 16.00 -9.32 -8.13
CA SER A 972 16.11 -8.69 -6.83
C SER A 972 17.39 -7.89 -6.66
N VAL A 973 18.16 -7.72 -7.73
CA VAL A 973 19.40 -6.95 -7.69
C VAL A 973 19.17 -5.67 -8.48
N LEU A 974 19.39 -4.53 -7.83
CA LEU A 974 19.04 -3.25 -8.44
C LEU A 974 20.03 -2.85 -9.52
N ASN A 975 21.32 -3.07 -9.27
CA ASN A 975 22.34 -2.68 -10.25
C ASN A 975 22.15 -3.44 -11.57
N ASP A 976 21.90 -4.75 -11.49
CA ASP A 976 21.73 -5.53 -12.70
C ASP A 976 20.45 -5.16 -13.44
N ILE A 977 19.38 -4.83 -12.71
CA ILE A 977 18.14 -4.46 -13.39
C ILE A 977 18.27 -3.09 -14.05
N PHE A 978 19.08 -2.20 -13.46
CA PHE A 978 19.42 -0.97 -14.18
C PHE A 978 20.25 -1.25 -15.42
N SER A 979 21.25 -2.13 -15.30
CA SER A 979 22.17 -2.34 -16.42
C SER A 979 21.47 -3.02 -17.60
N ARG A 980 20.72 -4.07 -17.31
CA ARG A 980 20.13 -4.87 -18.41
C ARG A 980 18.86 -4.24 -18.96
N LEU A 981 18.13 -3.49 -18.13
CA LEU A 981 16.83 -2.96 -18.61
C LEU A 981 16.92 -1.46 -18.91
N ASP A 982 16.43 -1.02 -20.07
CA ASP A 982 16.45 0.42 -20.46
C ASP A 982 15.60 1.20 -19.45
N PRO A 983 15.92 2.46 -19.09
CA PRO A 983 15.19 3.15 -18.02
C PRO A 983 13.67 3.33 -18.08
N PRO A 984 13.00 3.63 -19.21
CA PRO A 984 11.56 3.84 -19.18
C PRO A 984 10.77 2.61 -18.71
N GLU A 985 11.07 1.42 -19.25
CA GLU A 985 10.42 0.17 -18.77
C GLU A 985 10.95 -0.18 -17.38
N ALA A 986 12.23 0.08 -17.15
CA ALA A 986 12.87 -0.34 -15.89
C ALA A 986 12.12 0.31 -14.73
N GLU A 987 11.66 1.54 -14.92
CA GLU A 987 11.05 2.21 -13.75
C GLU A 987 9.88 1.38 -13.24
N VAL A 988 9.13 0.72 -14.11
CA VAL A 988 8.04 -0.16 -13.56
C VAL A 988 8.59 -1.15 -12.55
N GLN A 989 9.50 -2.06 -12.93
CA GLN A 989 10.04 -3.12 -12.10
C GLN A 989 10.65 -2.56 -10.82
N ILE A 990 11.39 -1.46 -10.92
CA ILE A 990 11.97 -0.90 -9.71
C ILE A 990 10.88 -0.30 -8.82
N ASP A 991 9.77 0.16 -9.41
CA ASP A 991 8.63 0.56 -8.61
C ASP A 991 8.06 -0.63 -7.84
N ARG A 992 7.93 -1.79 -8.50
CA ARG A 992 7.50 -2.99 -7.79
C ARG A 992 8.41 -3.31 -6.62
N LEU A 993 9.71 -3.31 -6.86
CA LEU A 993 10.66 -3.64 -5.78
C LEU A 993 10.59 -2.63 -4.65
N ILE A 994 10.55 -1.33 -4.97
CA ILE A 994 10.57 -0.31 -3.93
C ILE A 994 9.28 -0.36 -3.12
N THR A 995 8.14 -0.60 -3.78
CA THR A 995 6.89 -0.75 -3.03
C THR A 995 6.89 -1.97 -2.13
N GLY A 996 7.39 -3.11 -2.61
CA GLY A 996 7.44 -4.30 -1.79
C GLY A 996 8.30 -4.10 -0.56
N ARG A 997 9.49 -3.53 -0.75
CA ARG A 997 10.38 -3.33 0.39
C ARG A 997 9.83 -2.25 1.32
N LEU A 998 9.11 -1.27 0.78
CA LEU A 998 8.46 -0.28 1.63
C LEU A 998 7.41 -0.94 2.53
N GLN A 999 6.59 -1.82 1.95
CA GLN A 999 5.58 -2.52 2.75
C GLN A 999 6.23 -3.40 3.81
N SER A 1000 7.33 -4.06 3.44
CA SER A 1000 8.04 -4.88 4.42
C SER A 1000 8.57 -4.04 5.57
N LEU A 1001 9.15 -2.88 5.25
CA LEU A 1001 9.69 -2.00 6.29
C LEU A 1001 8.57 -1.50 7.20
N GLN A 1002 7.43 -1.11 6.62
CA GLN A 1002 6.30 -0.66 7.43
C GLN A 1002 5.77 -1.77 8.34
N THR A 1003 5.68 -3.00 7.83
CA THR A 1003 5.29 -4.11 8.68
C THR A 1003 6.26 -4.31 9.83
N TYR A 1004 7.56 -4.23 9.55
CA TYR A 1004 8.56 -4.36 10.61
C TYR A 1004 8.36 -3.28 11.67
N VAL A 1005 8.16 -2.03 11.24
CA VAL A 1005 8.00 -0.93 12.18
C VAL A 1005 6.76 -1.11 13.03
N THR A 1006 5.64 -1.52 12.41
CA THR A 1006 4.41 -1.72 13.16
C THR A 1006 4.56 -2.84 14.19
N GLN A 1007 5.19 -3.95 13.79
CA GLN A 1007 5.40 -5.03 14.73
C GLN A 1007 6.29 -4.59 15.88
N GLN A 1008 7.32 -3.79 15.60
CA GLN A 1008 8.16 -3.28 16.67
C GLN A 1008 7.39 -2.36 17.59
N LEU A 1009 6.47 -1.56 17.05
CA LEU A 1009 5.64 -0.72 17.90
C LEU A 1009 4.78 -1.55 18.84
N ILE A 1010 4.17 -2.62 18.33
CA ILE A 1010 3.34 -3.48 19.19
C ILE A 1010 4.20 -4.13 20.27
N ARG A 1011 5.35 -4.66 19.88
CA ARG A 1011 6.21 -5.33 20.87
C ARG A 1011 6.74 -4.33 21.89
N ALA A 1012 7.00 -3.10 21.47
CA ALA A 1012 7.44 -2.07 22.40
C ALA A 1012 6.35 -1.72 23.39
N ALA A 1013 5.10 -1.70 22.93
CA ALA A 1013 3.99 -1.50 23.87
C ALA A 1013 3.93 -2.62 24.90
N GLU A 1014 4.10 -3.86 24.44
CA GLU A 1014 4.13 -4.99 25.37
C GLU A 1014 5.25 -4.83 26.40
N ILE A 1015 6.46 -4.50 25.92
CA ILE A 1015 7.60 -4.37 26.82
C ILE A 1015 7.42 -3.20 27.77
N ARG A 1016 6.77 -2.12 27.30
CA ARG A 1016 6.50 -0.99 28.18
C ARG A 1016 5.55 -1.37 29.30
N ALA A 1017 4.51 -2.15 28.97
CA ALA A 1017 3.62 -2.64 30.03
C ALA A 1017 4.38 -3.50 31.03
N SER A 1018 5.25 -4.38 30.53
CA SER A 1018 6.04 -5.21 31.43
C SER A 1018 6.97 -4.37 32.29
N ALA A 1019 7.54 -3.31 31.72
CA ALA A 1019 8.45 -2.45 32.47
C ALA A 1019 7.72 -1.69 33.56
N ASN A 1020 6.50 -1.22 33.27
CA ASN A 1020 5.70 -0.58 34.29
C ASN A 1020 5.37 -1.55 35.43
N LEU A 1021 5.04 -2.79 35.08
CA LEU A 1021 4.80 -3.79 36.13
C LEU A 1021 6.06 -4.04 36.94
N ALA A 1022 7.22 -4.11 36.28
CA ALA A 1022 8.47 -4.32 37.00
C ALA A 1022 8.78 -3.15 37.93
N ALA A 1023 8.53 -1.93 37.49
CA ALA A 1023 8.74 -0.76 38.35
C ALA A 1023 7.83 -0.82 39.56
N THR A 1024 6.56 -1.19 39.36
CA THR A 1024 5.64 -1.32 40.49
C THR A 1024 6.12 -2.39 41.46
N LYS A 1025 6.60 -3.52 40.94
CA LYS A 1025 7.09 -4.57 41.83
C LYS A 1025 8.33 -4.11 42.60
N MET A 1026 9.24 -3.40 41.93
CA MET A 1026 10.44 -2.94 42.62
C MET A 1026 10.13 -1.91 43.69
N SER A 1027 9.14 -1.05 43.44
CA SER A 1027 8.79 -0.02 44.41
C SER A 1027 7.80 -0.50 45.46
N GLU A 1028 7.23 -1.70 45.31
CA GLU A 1028 6.32 -2.25 46.30
C GLU A 1028 6.85 -3.49 47.00
N CYS A 1029 7.34 -4.48 46.26
CA CYS A 1029 7.88 -5.68 46.88
C CYS A 1029 9.18 -5.39 47.64
N VAL A 1030 10.05 -4.55 47.08
CA VAL A 1030 11.38 -4.34 47.63
C VAL A 1030 11.36 -3.27 48.71
N LEU A 1031 11.01 -2.03 48.33
CA LEU A 1031 11.09 -0.90 49.25
C LEU A 1031 10.01 -0.92 50.33
N GLY A 1032 9.24 -2.00 50.43
CA GLY A 1032 8.25 -2.13 51.48
C GLY A 1032 7.70 -3.54 51.47
N GLN A 1033 6.89 -3.84 52.47
CA GLN A 1033 6.23 -5.14 52.54
C GLN A 1033 4.82 -5.01 51.98
N SER A 1034 4.51 -5.84 50.98
CA SER A 1034 3.25 -5.74 50.25
C SER A 1034 2.22 -6.67 50.85
N LYS A 1035 0.96 -6.27 50.77
CA LYS A 1035 -0.17 -7.05 51.30
C LYS A 1035 -1.14 -7.43 50.19
N ARG A 1036 -0.68 -7.43 48.94
CA ARG A 1036 -1.50 -7.80 47.79
C ARG A 1036 -1.27 -9.29 47.52
N VAL A 1037 -2.37 -10.06 47.55
CA VAL A 1037 -2.25 -11.51 47.44
C VAL A 1037 -1.71 -11.89 46.07
N ASP A 1038 -0.74 -12.80 46.06
CA ASP A 1038 -0.15 -13.33 44.83
C ASP A 1038 0.52 -12.25 43.99
N PHE A 1039 1.01 -11.19 44.63
CA PHE A 1039 1.76 -10.18 43.90
C PHE A 1039 3.25 -10.37 44.12
N CYS A 1040 3.69 -10.35 45.39
CA CYS A 1040 5.09 -10.59 45.74
C CYS A 1040 5.22 -12.01 46.28
N GLY A 1041 5.03 -12.98 45.40
CA GLY A 1041 5.26 -14.37 45.76
C GLY A 1041 4.05 -15.14 46.24
N LYS A 1042 4.06 -16.45 46.05
CA LYS A 1042 2.95 -17.33 46.43
C LYS A 1042 2.95 -17.49 47.95
N GLY A 1043 2.15 -16.70 48.62
CA GLY A 1043 2.01 -16.81 50.06
C GLY A 1043 2.13 -15.47 50.72
N TYR A 1044 2.35 -15.50 52.03
CA TYR A 1044 2.54 -14.29 52.80
C TYR A 1044 3.93 -13.73 52.55
N HIS A 1045 3.98 -12.54 51.96
CA HIS A 1045 5.25 -11.98 51.50
C HIS A 1045 6.09 -11.47 52.67
N LEU A 1046 7.41 -11.58 52.51
CA LEU A 1046 8.36 -11.03 53.46
C LEU A 1046 9.24 -9.93 52.89
N MET A 1047 9.97 -10.20 51.81
CA MET A 1047 10.83 -9.18 51.20
C MET A 1047 11.24 -9.62 49.81
N SER A 1048 12.15 -8.89 49.18
CA SER A 1048 12.54 -9.25 47.82
C SER A 1048 13.96 -8.76 47.55
N PHE A 1049 14.57 -9.35 46.53
CA PHE A 1049 15.94 -9.05 46.13
C PHE A 1049 15.98 -8.80 44.64
N PRO A 1050 16.37 -7.61 44.17
CA PRO A 1050 16.52 -7.40 42.73
C PRO A 1050 17.83 -7.99 42.25
N GLN A 1051 17.81 -8.52 41.02
CA GLN A 1051 19.02 -9.00 40.37
C GLN A 1051 18.95 -8.65 38.90
N SER A 1052 20.05 -8.13 38.39
CA SER A 1052 20.15 -7.72 37.00
C SER A 1052 20.24 -8.94 36.09
N ALA A 1053 19.80 -8.74 34.85
CA ALA A 1053 19.86 -9.78 33.82
C ALA A 1053 19.79 -9.10 32.47
N PRO A 1054 20.27 -9.74 31.40
CA PRO A 1054 20.24 -9.10 30.07
C PRO A 1054 18.81 -8.80 29.59
N HIS A 1055 18.52 -7.51 29.47
CA HIS A 1055 17.23 -7.01 29.00
C HIS A 1055 16.09 -7.42 29.93
N GLY A 1056 16.34 -7.48 31.23
CA GLY A 1056 15.29 -7.86 32.15
C GLY A 1056 15.78 -7.83 33.58
N VAL A 1057 14.87 -8.19 34.50
CA VAL A 1057 15.15 -8.21 35.92
C VAL A 1057 14.67 -9.54 36.49
N VAL A 1058 15.30 -9.95 37.59
CA VAL A 1058 14.95 -11.16 38.32
C VAL A 1058 14.66 -10.77 39.76
N PHE A 1059 13.54 -11.23 40.30
CA PHE A 1059 13.20 -10.99 41.69
C PHE A 1059 13.22 -12.30 42.46
N LEU A 1060 13.86 -12.30 43.63
CA LEU A 1060 13.92 -13.46 44.51
C LEU A 1060 12.89 -13.30 45.62
N HIS A 1061 11.63 -13.52 45.28
CA HIS A 1061 10.54 -13.30 46.21
C HIS A 1061 10.61 -14.27 47.37
N VAL A 1062 10.64 -13.75 48.59
CA VAL A 1062 10.60 -14.59 49.78
C VAL A 1062 9.17 -14.65 50.31
N THR A 1063 8.81 -15.77 50.93
CA THR A 1063 7.45 -15.94 51.43
C THR A 1063 7.46 -16.93 52.59
N TYR A 1064 6.34 -16.94 53.33
CA TYR A 1064 6.18 -17.72 54.56
C TYR A 1064 4.89 -18.54 54.41
N VAL A 1065 5.01 -19.86 54.42
CA VAL A 1065 3.92 -20.76 54.09
C VAL A 1065 3.72 -21.74 55.24
N PRO A 1066 2.46 -21.80 55.79
CA PRO A 1066 2.12 -22.70 56.87
C PRO A 1066 2.38 -24.12 56.39
N ALA A 1067 2.65 -25.02 57.31
CA ALA A 1067 3.15 -26.33 56.87
C ALA A 1067 2.30 -27.49 57.31
N GLN A 1068 2.32 -27.75 58.59
CA GLN A 1068 1.63 -28.92 59.15
C GLN A 1068 0.40 -28.45 59.91
N GLU A 1069 -0.74 -29.03 59.54
CA GLU A 1069 -2.01 -28.57 60.12
C GLU A 1069 -2.56 -29.58 61.10
N LYS A 1070 -3.29 -29.09 62.08
CA LYS A 1070 -4.02 -29.94 63.01
C LYS A 1070 -5.40 -29.33 63.22
N ASN A 1071 -6.41 -30.20 63.30
CA ASN A 1071 -7.79 -29.75 63.33
C ASN A 1071 -8.39 -29.92 64.72
N PHE A 1072 -9.31 -29.03 65.08
CA PHE A 1072 -9.86 -28.94 66.42
C PHE A 1072 -11.35 -28.63 66.36
N THR A 1073 -11.92 -28.32 67.53
CA THR A 1073 -13.34 -27.99 67.67
C THR A 1073 -13.46 -26.52 68.09
N THR A 1074 -14.39 -25.80 67.48
CA THR A 1074 -14.45 -24.35 67.64
C THR A 1074 -15.81 -23.90 68.15
N ALA A 1075 -15.80 -22.82 68.94
CA ALA A 1075 -17.01 -22.13 69.37
C ALA A 1075 -16.80 -20.65 69.04
N PRO A 1076 -17.84 -19.95 68.58
CA PRO A 1076 -17.66 -18.56 68.09
C PRO A 1076 -17.62 -17.54 69.23
N ALA A 1077 -17.79 -18.01 70.46
CA ALA A 1077 -17.80 -17.13 71.62
C ALA A 1077 -17.63 -17.92 72.90
N ILE A 1078 -17.55 -17.24 74.04
CA ILE A 1078 -17.50 -17.88 75.34
C ILE A 1078 -18.41 -17.13 76.30
N CYS A 1079 -19.62 -17.64 76.52
CA CYS A 1079 -20.52 -17.00 77.46
C CYS A 1079 -20.05 -17.23 78.89
N HIS A 1080 -19.99 -16.15 79.66
CA HIS A 1080 -19.62 -16.21 81.07
C HIS A 1080 -20.47 -15.25 81.86
N ASP A 1081 -21.04 -15.73 82.97
CA ASP A 1081 -21.90 -14.94 83.85
C ASP A 1081 -23.08 -14.32 83.10
N GLY A 1082 -23.57 -15.00 82.06
CA GLY A 1082 -24.69 -14.50 81.30
C GLY A 1082 -24.36 -13.46 80.26
N LYS A 1083 -23.08 -13.17 80.03
CA LYS A 1083 -22.66 -12.21 79.03
C LYS A 1083 -21.60 -12.82 78.13
N ALA A 1084 -21.62 -12.42 76.86
CA ALA A 1084 -20.72 -13.02 75.88
C ALA A 1084 -19.29 -12.56 76.09
N HIS A 1085 -18.36 -13.23 75.41
CA HIS A 1085 -16.94 -12.87 75.45
C HIS A 1085 -16.34 -13.22 74.09
N PHE A 1086 -16.06 -12.22 73.30
CA PHE A 1086 -15.41 -12.42 72.02
C PHE A 1086 -13.90 -12.33 72.17
N PRO A 1087 -13.13 -13.02 71.32
CA PRO A 1087 -11.68 -12.94 71.41
C PRO A 1087 -11.17 -11.63 70.81
N ARG A 1088 -10.23 -10.99 71.53
CA ARG A 1088 -9.64 -9.76 71.01
C ARG A 1088 -8.87 -10.04 69.73
N GLU A 1089 -7.98 -11.03 69.75
CA GLU A 1089 -7.32 -11.53 68.57
C GLU A 1089 -7.17 -13.04 68.69
N GLY A 1090 -7.49 -13.75 67.62
CA GLY A 1090 -7.39 -15.19 67.62
C GLY A 1090 -8.72 -15.89 67.52
N VAL A 1091 -8.71 -17.15 67.97
CA VAL A 1091 -9.88 -18.02 67.93
C VAL A 1091 -9.73 -19.07 69.04
N PHE A 1092 -10.85 -19.72 69.36
CA PHE A 1092 -10.87 -20.76 70.37
C PHE A 1092 -10.68 -22.14 69.73
N VAL A 1093 -10.01 -23.04 70.46
CA VAL A 1093 -9.49 -24.25 69.82
C VAL A 1093 -9.88 -25.56 70.51
N SER A 1094 -9.65 -25.66 71.82
CA SER A 1094 -9.87 -26.88 72.59
C SER A 1094 -8.81 -27.94 72.25
N ASN A 1095 -8.01 -28.34 73.24
CA ASN A 1095 -7.13 -29.48 73.05
C ASN A 1095 -7.83 -30.80 73.33
N GLY A 1096 -9.16 -30.81 73.27
CA GLY A 1096 -9.96 -31.95 73.61
C GLY A 1096 -10.76 -31.80 74.89
N THR A 1097 -10.16 -31.22 75.93
CA THR A 1097 -10.83 -31.06 77.22
C THR A 1097 -10.79 -29.61 77.69
N HIS A 1098 -9.69 -28.92 77.41
CA HIS A 1098 -9.45 -27.56 77.90
C HIS A 1098 -9.57 -26.57 76.75
N TRP A 1099 -10.35 -25.52 76.96
CA TRP A 1099 -10.49 -24.48 75.94
C TRP A 1099 -9.30 -23.54 75.97
N PHE A 1100 -8.80 -23.18 74.79
CA PHE A 1100 -7.65 -22.29 74.67
C PHE A 1100 -7.92 -21.26 73.58
N VAL A 1101 -7.29 -20.10 73.72
CA VAL A 1101 -7.27 -19.08 72.67
C VAL A 1101 -5.86 -18.99 72.13
N THR A 1102 -5.73 -18.97 70.81
CA THR A 1102 -4.43 -18.91 70.17
C THR A 1102 -4.46 -17.84 69.08
N GLN A 1103 -3.36 -17.72 68.37
CA GLN A 1103 -3.30 -16.87 67.19
C GLN A 1103 -3.69 -17.68 65.96
N ARG A 1104 -3.76 -16.99 64.82
CA ARG A 1104 -4.42 -17.53 63.64
C ARG A 1104 -3.47 -18.17 62.63
N ASN A 1105 -2.17 -18.27 62.95
CA ASN A 1105 -1.24 -18.87 62.00
C ASN A 1105 -0.24 -19.76 62.72
N PHE A 1106 -0.45 -19.99 64.01
CA PHE A 1106 0.33 -20.94 64.80
C PHE A 1106 -0.51 -21.63 65.86
N TYR A 1107 0.15 -22.40 66.71
CA TYR A 1107 -0.48 -23.13 67.80
C TYR A 1107 0.14 -22.74 69.11
N GLU A 1108 0.24 -21.43 69.35
CA GLU A 1108 0.64 -20.92 70.64
C GLU A 1108 -0.61 -20.69 71.48
N PRO A 1109 -0.96 -21.63 72.36
CA PRO A 1109 -2.20 -21.48 73.12
C PRO A 1109 -1.99 -20.73 74.43
N GLN A 1110 -2.83 -19.74 74.69
CA GLN A 1110 -2.82 -19.03 75.96
C GLN A 1110 -4.13 -19.26 76.69
N ILE A 1111 -4.05 -19.28 78.02
CA ILE A 1111 -5.26 -19.38 78.82
C ILE A 1111 -6.13 -18.16 78.55
N ILE A 1112 -7.43 -18.39 78.48
CA ILE A 1112 -8.36 -17.32 78.10
C ILE A 1112 -8.47 -16.32 79.24
N THR A 1113 -8.22 -15.05 78.93
CA THR A 1113 -8.14 -14.02 79.96
C THR A 1113 -9.01 -12.83 79.59
N THR A 1114 -9.05 -11.85 80.49
CA THR A 1114 -9.74 -10.60 80.22
C THR A 1114 -8.91 -9.71 79.30
N ASP A 1115 -7.58 -9.84 79.34
CA ASP A 1115 -6.72 -8.98 78.53
C ASP A 1115 -6.94 -9.24 77.04
N ASN A 1116 -7.13 -10.49 76.65
CA ASN A 1116 -7.30 -10.85 75.25
C ASN A 1116 -8.76 -11.08 74.85
N THR A 1117 -9.70 -10.56 75.64
CA THR A 1117 -11.12 -10.64 75.30
C THR A 1117 -11.81 -9.33 75.65
N PHE A 1118 -12.89 -9.05 74.95
CA PHE A 1118 -13.75 -7.92 75.25
C PHE A 1118 -15.19 -8.39 75.32
N VAL A 1119 -15.91 -7.97 76.35
CA VAL A 1119 -17.32 -8.29 76.50
C VAL A 1119 -18.15 -7.32 75.67
N SER A 1120 -19.10 -7.85 74.91
CA SER A 1120 -19.92 -7.01 74.03
C SER A 1120 -21.21 -7.74 73.74
N GLY A 1121 -22.33 -7.11 74.05
CA GLY A 1121 -23.65 -7.64 73.77
C GLY A 1121 -24.21 -8.41 74.94
N ASN A 1122 -25.20 -9.24 74.63
CA ASN A 1122 -25.84 -10.10 75.61
C ASN A 1122 -25.77 -11.54 75.15
N CYS A 1123 -25.84 -12.46 76.11
CA CYS A 1123 -25.72 -13.87 75.81
C CYS A 1123 -27.08 -14.44 75.37
N ASP A 1124 -27.02 -15.58 74.69
CA ASP A 1124 -28.09 -16.38 74.08
C ASP A 1124 -28.53 -15.76 72.74
N VAL A 1125 -27.96 -14.61 72.39
CA VAL A 1125 -28.24 -14.00 71.09
C VAL A 1125 -27.46 -14.66 69.96
N VAL A 1126 -26.34 -15.30 70.27
CA VAL A 1126 -25.51 -15.97 69.28
C VAL A 1126 -25.51 -17.46 69.61
N ILE A 1127 -25.67 -18.29 68.57
CA ILE A 1127 -25.59 -19.74 68.73
C ILE A 1127 -24.12 -20.14 68.81
N GLY A 1128 -23.85 -21.33 69.33
CA GLY A 1128 -22.49 -21.83 69.42
C GLY A 1128 -21.75 -21.47 70.70
N ILE A 1129 -22.40 -20.74 71.61
CA ILE A 1129 -21.74 -20.41 72.88
C ILE A 1129 -21.42 -21.68 73.65
N VAL A 1130 -20.32 -21.65 74.38
CA VAL A 1130 -19.91 -22.73 75.26
C VAL A 1130 -19.58 -22.14 76.63
N ASN A 1131 -20.24 -22.64 77.66
CA ASN A 1131 -20.09 -22.05 78.99
C ASN A 1131 -18.89 -22.65 79.70
N ASN A 1132 -18.00 -21.76 80.13
CA ASN A 1132 -16.67 -22.14 80.62
C ASN A 1132 -16.11 -21.01 81.48
N THR A 1133 -15.07 -21.30 82.27
CA THR A 1133 -14.45 -20.28 83.09
C THR A 1133 -13.58 -19.36 82.25
N VAL A 1134 -13.37 -18.15 82.77
CA VAL A 1134 -12.45 -17.18 82.19
C VAL A 1134 -11.52 -16.70 83.29
N TYR A 1135 -10.35 -16.23 82.89
CA TYR A 1135 -9.27 -15.89 83.81
C TYR A 1135 -9.15 -14.38 83.94
N ASP A 1136 -9.17 -13.90 85.18
CA ASP A 1136 -9.02 -12.48 85.47
C ASP A 1136 -7.75 -12.23 86.25
N PRO A 1137 -6.70 -11.67 85.64
CA PRO A 1137 -5.42 -11.50 86.35
C PRO A 1137 -5.51 -10.58 87.57
N LEU A 1138 -6.50 -9.69 87.60
CA LEU A 1138 -6.71 -8.87 88.79
C LEU A 1138 -6.98 -9.74 90.01
N GLN A 1139 -7.63 -10.89 89.82
CA GLN A 1139 -7.88 -11.78 90.94
C GLN A 1139 -6.60 -12.28 91.59
N PRO A 1140 -5.60 -12.81 90.87
CA PRO A 1140 -4.31 -13.08 91.52
C PRO A 1140 -3.65 -11.82 92.06
N GLU A 1141 -3.55 -10.78 91.21
CA GLU A 1141 -2.81 -9.59 91.60
C GLU A 1141 -3.35 -8.93 92.85
N LEU A 1142 -4.62 -9.18 93.20
CA LEU A 1142 -5.21 -8.63 94.41
C LEU A 1142 -5.26 -9.65 95.54
N ASP A 1143 -5.69 -10.89 95.27
CA ASP A 1143 -5.83 -11.86 96.34
C ASP A 1143 -4.48 -12.27 96.92
N SER A 1144 -3.41 -12.19 96.13
CA SER A 1144 -2.09 -12.51 96.66
C SER A 1144 -1.72 -11.63 97.84
N PHE A 1145 -2.32 -10.45 97.93
CA PHE A 1145 -2.19 -9.59 99.09
C PHE A 1145 -3.40 -9.67 100.02
N LYS A 1146 -4.59 -9.95 99.48
CA LYS A 1146 -5.78 -10.05 100.30
C LYS A 1146 -5.68 -11.19 101.30
N GLU A 1147 -5.13 -12.33 100.89
CA GLU A 1147 -4.93 -13.43 101.83
C GLU A 1147 -3.96 -13.03 102.93
N GLU A 1148 -2.92 -12.27 102.58
CA GLU A 1148 -1.98 -11.78 103.59
C GLU A 1148 -2.66 -10.82 104.56
N LEU A 1149 -3.55 -9.96 104.06
CA LEU A 1149 -4.30 -9.09 104.95
C LEU A 1149 -5.22 -9.89 105.86
N ASP A 1150 -5.86 -10.92 105.33
CA ASP A 1150 -6.71 -11.78 106.15
C ASP A 1150 -5.91 -12.47 107.24
N LYS A 1151 -4.72 -12.95 106.90
CA LYS A 1151 -3.83 -13.52 107.91
C LYS A 1151 -3.42 -12.48 108.95
N TYR A 1152 -3.18 -11.25 108.51
CA TYR A 1152 -2.85 -10.17 109.44
C TYR A 1152 -3.98 -9.95 110.45
N PHE A 1153 -5.22 -9.88 109.94
CA PHE A 1153 -6.36 -9.70 110.84
C PHE A 1153 -6.53 -10.90 111.77
N LYS A 1154 -6.35 -12.11 111.24
CA LYS A 1154 -6.48 -13.31 112.07
C LYS A 1154 -5.46 -13.32 113.19
N ASN A 1155 -4.22 -12.94 112.89
CA ASN A 1155 -3.20 -12.86 113.93
C ASN A 1155 -3.48 -11.72 114.90
N HIS A 1156 -4.12 -10.65 114.43
CA HIS A 1156 -4.40 -9.50 115.29
C HIS A 1156 -5.61 -9.74 116.20
N THR A 1157 -6.36 -10.82 115.99
CA THR A 1157 -7.49 -11.11 116.87
C THR A 1157 -7.01 -11.48 118.27
N SER A 1158 -5.95 -12.27 118.37
CA SER A 1158 -5.50 -12.76 119.67
C SER A 1158 -5.07 -11.65 120.63
N PRO A 1159 -4.28 -10.64 120.21
CA PRO A 1159 -3.94 -9.63 121.23
C PRO A 1159 -5.10 -8.69 121.53
N GLN B 14 33.97 48.39 -36.30
CA GLN B 14 35.30 48.91 -36.58
C GLN B 14 36.00 49.32 -35.28
N CYS B 15 36.89 48.47 -34.79
CA CYS B 15 37.65 48.71 -33.57
C CYS B 15 39.14 48.59 -33.88
N VAL B 16 39.96 48.95 -32.89
CA VAL B 16 41.41 48.85 -33.01
C VAL B 16 41.96 48.18 -31.75
N ASN B 17 43.18 47.67 -31.86
CA ASN B 17 43.83 47.00 -30.75
C ASN B 17 44.27 48.02 -29.71
N LEU B 18 43.39 48.32 -28.74
CA LEU B 18 43.69 49.31 -27.72
C LEU B 18 44.91 48.93 -26.90
N THR B 19 44.97 47.67 -26.47
CA THR B 19 46.05 47.15 -25.64
C THR B 19 46.31 48.06 -24.44
N THR B 20 47.59 48.27 -24.11
CA THR B 20 48.00 49.12 -23.00
C THR B 20 47.28 48.74 -21.71
N ARG B 21 47.17 47.43 -21.48
CA ARG B 21 46.43 46.90 -20.35
C ARG B 21 47.37 46.76 -19.15
N THR B 22 47.09 47.51 -18.10
CA THR B 22 47.83 47.44 -16.84
C THR B 22 47.08 46.46 -15.94
N GLN B 23 47.27 45.17 -16.18
CA GLN B 23 46.54 44.13 -15.47
C GLN B 23 47.15 43.88 -14.10
N LEU B 24 46.29 43.71 -13.11
CA LEU B 24 46.64 43.36 -11.75
C LEU B 24 45.81 42.17 -11.31
N PRO B 25 46.30 41.38 -10.35
CA PRO B 25 45.51 40.26 -9.86
C PRO B 25 44.19 40.73 -9.29
N PRO B 26 43.10 40.03 -9.60
CA PRO B 26 41.78 40.45 -9.09
C PRO B 26 41.67 40.24 -7.59
N ALA B 27 40.80 41.02 -6.96
CA ALA B 27 40.67 40.92 -5.51
C ALA B 27 39.74 39.77 -5.15
N TYR B 28 39.88 39.29 -3.91
CA TYR B 28 39.05 38.21 -3.39
C TYR B 28 38.31 38.70 -2.15
N THR B 29 36.99 38.68 -2.18
CA THR B 29 36.18 39.06 -1.04
C THR B 29 35.20 37.93 -0.73
N ASN B 30 34.39 38.13 0.30
CA ASN B 30 33.41 37.14 0.72
C ASN B 30 32.01 37.72 0.65
N SER B 31 31.07 36.93 0.13
CA SER B 31 29.67 37.34 0.05
C SER B 31 28.94 36.79 1.27
N PHE B 32 28.49 37.70 2.14
CA PHE B 32 27.87 37.30 3.41
C PHE B 32 26.59 36.51 3.18
N THR B 33 25.56 37.16 2.62
CA THR B 33 24.29 36.48 2.36
C THR B 33 23.64 36.92 1.05
N ARG B 34 24.35 37.64 0.18
CA ARG B 34 23.76 38.15 -1.04
C ARG B 34 23.51 37.03 -2.04
N GLY B 35 22.55 37.24 -2.93
CA GLY B 35 22.30 36.35 -4.02
C GLY B 35 21.07 35.45 -3.93
N VAL B 36 20.07 35.82 -3.14
CA VAL B 36 18.86 35.03 -2.96
C VAL B 36 17.73 35.69 -3.73
N TYR B 37 17.05 34.93 -4.58
CA TYR B 37 15.95 35.43 -5.39
C TYR B 37 14.70 34.58 -5.17
N TYR B 38 13.62 34.98 -5.84
CA TYR B 38 12.35 34.28 -5.73
C TYR B 38 12.40 33.05 -6.62
N PRO B 39 12.27 31.84 -6.08
CA PRO B 39 12.37 30.63 -6.91
C PRO B 39 11.28 30.52 -7.96
N ASP B 40 10.02 30.60 -7.54
CA ASP B 40 8.88 30.34 -8.40
C ASP B 40 7.82 31.41 -8.25
N LYS B 41 6.80 31.33 -9.10
CA LYS B 41 5.72 32.31 -9.14
C LYS B 41 4.54 31.80 -8.32
N VAL B 42 4.75 31.72 -7.01
CA VAL B 42 3.74 31.25 -6.06
C VAL B 42 3.66 32.24 -4.91
N PHE B 43 2.45 32.55 -4.48
CA PHE B 43 2.21 33.44 -3.35
C PHE B 43 2.05 32.62 -2.08
N ARG B 44 2.91 32.87 -1.10
CA ARG B 44 2.85 32.18 0.18
C ARG B 44 3.00 33.21 1.30
N SER B 45 2.34 32.96 2.42
CA SER B 45 2.32 33.89 3.54
C SER B 45 2.71 33.19 4.82
N SER B 46 3.75 33.71 5.49
CA SER B 46 4.18 33.25 6.81
C SER B 46 4.44 31.75 6.84
N VAL B 47 5.27 31.30 5.89
CA VAL B 47 5.63 29.88 5.79
C VAL B 47 7.12 29.75 5.61
N LEU B 48 7.67 28.66 6.12
CA LEU B 48 9.04 28.25 5.87
C LEU B 48 9.03 27.15 4.82
N HIS B 49 9.64 27.41 3.68
CA HIS B 49 9.63 26.49 2.55
C HIS B 49 11.05 26.04 2.26
N SER B 50 11.23 24.73 2.09
CA SER B 50 12.52 24.15 1.77
C SER B 50 12.59 23.90 0.27
N THR B 51 13.60 24.48 -0.38
CA THR B 51 13.69 24.44 -1.83
C THR B 51 15.06 23.95 -2.26
N GLN B 52 15.14 23.42 -3.48
CA GLN B 52 16.36 22.88 -4.05
C GLN B 52 16.58 23.51 -5.43
N ASP B 53 17.57 24.38 -5.53
CA ASP B 53 17.82 25.11 -6.77
C ASP B 53 19.27 25.56 -6.82
N LEU B 54 19.60 26.36 -7.83
CA LEU B 54 20.94 26.92 -8.00
C LEU B 54 21.02 28.22 -7.19
N PHE B 55 21.97 28.29 -6.26
CA PHE B 55 22.11 29.44 -5.40
C PHE B 55 23.60 29.76 -5.20
N LEU B 56 23.87 31.00 -4.82
CA LEU B 56 25.20 31.38 -4.40
C LEU B 56 25.40 30.94 -2.96
N PRO B 57 26.40 30.10 -2.66
CA PRO B 57 26.57 29.63 -1.29
C PRO B 57 26.90 30.76 -0.34
N PHE B 58 26.46 30.62 0.91
CA PHE B 58 26.72 31.62 1.92
C PHE B 58 28.21 31.66 2.25
N PHE B 59 28.71 32.86 2.53
CA PHE B 59 30.12 33.07 2.88
C PHE B 59 31.05 32.46 1.84
N SER B 60 30.79 32.74 0.57
CA SER B 60 31.59 32.22 -0.52
C SER B 60 32.57 33.28 -1.03
N ASN B 61 33.66 32.80 -1.62
CA ASN B 61 34.67 33.66 -2.21
C ASN B 61 34.18 34.18 -3.55
N VAL B 62 34.24 35.49 -3.74
CA VAL B 62 33.84 36.13 -4.98
C VAL B 62 34.94 37.08 -5.44
N THR B 63 34.92 37.37 -6.73
CA THR B 63 36.00 38.12 -7.36
C THR B 63 35.62 39.58 -7.51
N TRP B 64 36.52 40.48 -7.11
CA TRP B 64 36.33 41.91 -7.14
C TRP B 64 37.21 42.50 -8.23
N PHE B 65 36.62 43.29 -9.12
CA PHE B 65 37.31 43.98 -10.18
C PHE B 65 37.09 45.48 -10.04
N HIS B 66 38.18 46.24 -10.06
CA HIS B 66 38.15 47.68 -9.88
C HIS B 66 38.67 48.35 -11.13
N VAL B 67 37.98 49.40 -11.58
CA VAL B 67 38.35 50.15 -12.76
C VAL B 67 38.51 51.62 -12.38
N ILE B 68 39.65 52.19 -12.71
CA ILE B 68 39.94 53.59 -12.42
C ILE B 68 40.68 54.23 -13.58
N LYS B 75 43.98 54.90 -17.10
CA LYS B 75 44.59 54.42 -15.86
C LYS B 75 44.57 52.89 -15.82
N ARG B 76 43.85 52.34 -14.85
CA ARG B 76 43.73 50.90 -14.69
C ARG B 76 42.37 50.45 -15.18
N PHE B 77 42.38 49.53 -16.15
CA PHE B 77 41.16 49.00 -16.74
C PHE B 77 41.05 47.51 -16.42
N ASP B 78 39.81 47.04 -16.26
CA ASP B 78 39.55 45.65 -15.92
C ASP B 78 38.29 45.21 -16.66
N ASN B 79 38.45 44.36 -17.66
CA ASN B 79 37.32 43.79 -18.38
C ASN B 79 37.68 42.51 -19.12
N PRO B 80 38.11 41.46 -18.42
CA PRO B 80 38.51 40.22 -19.09
C PRO B 80 37.32 39.28 -19.29
N VAL B 81 37.47 38.39 -20.27
CA VAL B 81 36.47 37.37 -20.52
C VAL B 81 36.50 36.35 -19.38
N LEU B 82 35.32 35.99 -18.88
CA LEU B 82 35.22 35.13 -17.72
C LEU B 82 34.34 33.93 -18.00
N PRO B 83 34.61 32.79 -17.37
CA PRO B 83 33.80 31.59 -17.64
C PRO B 83 32.39 31.72 -17.10
N PHE B 84 31.47 31.03 -17.77
CA PHE B 84 30.06 30.99 -17.35
C PHE B 84 29.65 29.53 -17.21
N ASN B 85 29.05 29.20 -16.08
CA ASN B 85 28.48 27.87 -15.87
C ASN B 85 27.54 27.90 -14.68
N ASP B 86 26.37 27.28 -14.86
CA ASP B 86 25.33 27.21 -13.82
C ASP B 86 24.95 28.60 -13.33
N GLY B 87 24.85 29.54 -14.25
CA GLY B 87 24.46 30.90 -13.91
C GLY B 87 25.58 31.67 -13.23
N VAL B 88 25.44 32.99 -13.25
CA VAL B 88 26.44 33.89 -12.67
C VAL B 88 25.74 35.01 -11.93
N TYR B 89 26.27 35.36 -10.76
CA TYR B 89 25.80 36.51 -10.01
C TYR B 89 26.74 37.68 -10.28
N PHE B 90 26.19 38.79 -10.76
CA PHE B 90 26.93 40.00 -11.08
C PHE B 90 26.46 41.14 -10.19
N ALA B 91 27.39 41.92 -9.67
CA ALA B 91 27.04 43.08 -8.87
C ALA B 91 27.90 44.26 -9.29
N SER B 92 27.34 45.46 -9.19
CA SER B 92 28.09 46.67 -9.52
C SER B 92 27.73 47.76 -8.53
N ILE B 93 28.76 48.37 -7.92
CA ILE B 93 28.56 49.52 -7.03
C ILE B 93 29.07 50.76 -7.76
N GLU B 94 28.21 51.76 -7.90
CA GLU B 94 28.52 52.87 -8.78
C GLU B 94 27.63 54.06 -8.44
N LYS B 95 28.07 55.24 -8.87
CA LYS B 95 27.26 56.45 -8.88
C LYS B 95 27.11 57.06 -10.27
N SER B 96 28.05 56.78 -11.17
CA SER B 96 28.11 57.44 -12.48
C SER B 96 27.53 56.60 -13.61
N ASN B 97 27.07 55.37 -13.33
CA ASN B 97 26.36 54.54 -14.30
C ASN B 97 27.22 54.28 -15.54
N ILE B 98 28.36 53.65 -15.30
CA ILE B 98 29.36 53.43 -16.34
C ILE B 98 29.17 52.06 -17.02
N ILE B 99 28.81 51.03 -16.24
CA ILE B 99 28.54 49.72 -16.80
C ILE B 99 27.31 49.81 -17.69
N ARG B 100 27.38 49.23 -18.90
CA ARG B 100 26.28 49.34 -19.85
C ARG B 100 25.69 47.99 -20.26
N GLY B 101 26.52 47.02 -20.65
CA GLY B 101 25.98 45.83 -21.28
C GLY B 101 26.73 44.56 -20.93
N TRP B 102 26.24 43.46 -21.49
CA TRP B 102 26.81 42.14 -21.30
C TRP B 102 26.82 41.39 -22.63
N ILE B 103 27.77 40.46 -22.74
CA ILE B 103 27.98 39.66 -23.94
C ILE B 103 28.05 38.19 -23.53
N PHE B 104 27.18 37.37 -24.12
CA PHE B 104 27.12 35.95 -23.82
C PHE B 104 27.34 35.14 -25.09
N GLY B 105 28.11 34.07 -24.97
CA GLY B 105 28.35 33.22 -26.12
C GLY B 105 29.33 32.12 -25.79
N THR B 106 29.69 31.36 -26.81
CA THR B 106 30.64 30.25 -26.68
C THR B 106 31.85 30.36 -27.58
N THR B 107 31.77 31.05 -28.72
CA THR B 107 32.91 31.22 -29.60
C THR B 107 33.23 32.68 -29.89
N LEU B 108 32.21 33.52 -30.12
CA LEU B 108 32.40 34.94 -30.38
C LEU B 108 33.35 35.20 -31.55
N ASP B 109 33.15 34.47 -32.65
CA ASP B 109 33.99 34.63 -33.83
C ASP B 109 33.18 34.62 -35.12
N SER B 110 31.93 35.07 -35.06
CA SER B 110 31.04 35.10 -36.23
C SER B 110 30.89 33.70 -36.83
N LYS B 111 30.89 32.70 -35.99
CA LYS B 111 30.64 31.31 -36.38
C LYS B 111 29.44 30.71 -35.67
N THR B 112 29.26 31.01 -34.39
CA THR B 112 28.09 30.59 -33.63
C THR B 112 27.36 31.83 -33.12
N GLN B 113 26.04 31.71 -33.00
CA GLN B 113 25.20 32.84 -32.62
C GLN B 113 25.48 33.25 -31.17
N SER B 114 25.35 34.55 -30.90
CA SER B 114 25.68 35.11 -29.59
C SER B 114 24.58 36.05 -29.13
N LEU B 115 24.57 36.31 -27.83
CA LEU B 115 23.58 37.16 -27.18
C LEU B 115 24.26 38.42 -26.66
N LEU B 116 23.54 39.54 -26.73
CA LEU B 116 24.03 40.84 -26.31
C LEU B 116 22.93 41.57 -25.57
N ILE B 117 23.24 42.06 -24.38
CA ILE B 117 22.32 42.88 -23.59
C ILE B 117 22.91 44.27 -23.59
N VAL B 118 22.15 45.29 -24.02
CA VAL B 118 22.73 46.63 -23.92
C VAL B 118 21.63 47.65 -23.62
N ASN B 119 21.97 48.60 -22.74
CA ASN B 119 21.07 49.67 -22.36
C ASN B 119 21.34 50.92 -23.19
N ASN B 120 20.30 51.44 -23.82
CA ASN B 120 20.38 52.71 -24.52
C ASN B 120 19.99 53.84 -23.56
N ALA B 121 19.87 55.06 -24.10
CA ALA B 121 19.44 56.18 -23.28
C ALA B 121 18.01 55.98 -22.78
N THR B 122 17.10 55.60 -23.68
CA THR B 122 15.72 55.33 -23.33
C THR B 122 15.28 53.92 -23.72
N ASN B 123 16.22 53.05 -24.05
CA ASN B 123 15.88 51.67 -24.41
C ASN B 123 16.81 50.69 -23.72
N VAL B 124 16.32 49.48 -23.54
CA VAL B 124 17.13 48.29 -23.34
C VAL B 124 16.85 47.35 -24.50
N VAL B 125 17.91 46.87 -25.16
CA VAL B 125 17.73 46.09 -26.37
C VAL B 125 18.53 44.81 -26.27
N ILE B 126 17.95 43.77 -26.89
CA ILE B 126 18.36 42.38 -26.73
C ILE B 126 18.70 41.88 -28.12
N LYS B 127 19.95 41.48 -28.34
CA LYS B 127 20.42 41.05 -29.66
C LYS B 127 20.85 39.60 -29.64
N VAL B 128 20.10 38.75 -30.33
CA VAL B 128 20.46 37.35 -30.51
C VAL B 128 20.77 37.18 -31.99
N CYS B 129 22.07 37.10 -32.30
CA CYS B 129 22.51 37.18 -33.68
C CYS B 129 24.00 36.81 -33.75
N GLU B 130 24.48 36.65 -34.98
CA GLU B 130 25.86 36.27 -35.26
C GLU B 130 26.72 37.52 -35.33
N PHE B 131 27.60 37.69 -34.34
CA PHE B 131 28.51 38.84 -34.26
C PHE B 131 29.96 38.41 -34.40
N GLN B 132 30.75 39.32 -34.96
CA GLN B 132 32.22 39.24 -34.96
C GLN B 132 32.69 40.36 -34.03
N PHE B 133 32.90 40.02 -32.77
CA PHE B 133 33.21 41.03 -31.76
C PHE B 133 34.66 41.48 -31.84
N CYS B 134 34.89 42.71 -31.40
CA CYS B 134 36.22 43.29 -31.35
C CYS B 134 37.02 42.70 -30.20
N ASN B 135 38.32 42.96 -30.22
CA ASN B 135 39.21 42.41 -29.18
C ASN B 135 38.87 42.99 -27.81
N ASP B 136 38.65 44.30 -27.73
CA ASP B 136 38.38 44.99 -26.46
C ASP B 136 37.13 45.84 -26.62
N PRO B 137 35.95 45.25 -26.40
CA PRO B 137 34.71 46.04 -26.49
C PRO B 137 34.70 47.16 -25.45
N PHE B 138 34.43 48.37 -25.93
CA PHE B 138 34.49 49.58 -25.07
C PHE B 138 33.88 50.72 -25.88
N LEU B 139 33.32 51.71 -25.21
CA LEU B 139 32.84 52.90 -25.97
C LEU B 139 33.35 54.16 -25.26
N ASP B 140 33.92 54.02 -24.06
CA ASP B 140 34.25 55.22 -23.23
C ASP B 140 35.21 56.23 -23.87
N HIS B 141 36.31 55.79 -24.50
CA HIS B 141 37.62 56.50 -24.39
C HIS B 141 37.62 57.71 -25.32
N LYS B 142 36.85 58.74 -25.01
CA LYS B 142 36.75 59.88 -25.95
C LYS B 142 37.16 61.15 -25.22
N ASN B 143 37.94 62.02 -25.87
CA ASN B 143 38.27 63.33 -25.25
C ASN B 143 38.87 63.05 -23.87
N ASN B 144 39.69 62.00 -23.74
CA ASN B 144 40.27 61.61 -22.43
C ASN B 144 39.15 61.43 -21.41
N LYS B 145 39.01 62.35 -20.47
CA LYS B 145 38.00 62.25 -19.37
C LYS B 145 36.58 62.16 -19.93
N SER B 146 36.27 62.87 -21.01
CA SER B 146 34.87 62.94 -21.50
C SER B 146 34.34 61.56 -21.89
N TRP B 147 33.04 61.36 -21.70
CA TRP B 147 32.43 60.07 -22.08
C TRP B 147 31.73 60.21 -23.42
N MET B 148 31.38 59.08 -24.04
CA MET B 148 30.71 59.06 -25.33
C MET B 148 30.67 57.62 -25.80
N GLU B 149 29.48 57.05 -25.92
CA GLU B 149 29.34 55.65 -26.33
C GLU B 149 29.45 55.51 -27.84
N SER B 150 30.50 56.09 -28.42
CA SER B 150 30.72 56.01 -29.85
C SER B 150 31.22 54.61 -30.23
N GLU B 151 31.41 54.41 -31.53
CA GLU B 151 31.80 53.13 -32.09
C GLU B 151 30.82 52.03 -31.68
N PHE B 152 29.57 52.23 -32.06
CA PHE B 152 28.53 51.23 -31.81
C PHE B 152 28.80 49.94 -32.57
N ARG B 153 29.64 50.00 -33.60
CA ARG B 153 29.93 48.84 -34.44
C ARG B 153 30.98 47.93 -33.80
N VAL B 154 30.66 47.47 -32.59
CA VAL B 154 31.49 46.48 -31.91
C VAL B 154 31.45 45.13 -32.61
N TYR B 155 30.51 44.94 -33.52
CA TYR B 155 30.42 43.74 -34.34
C TYR B 155 30.66 44.12 -35.80
N SER B 156 31.32 43.22 -36.54
CA SER B 156 31.60 43.48 -37.94
C SER B 156 30.30 43.56 -38.75
N SER B 157 29.43 42.57 -38.59
CA SER B 157 28.15 42.57 -39.30
C SER B 157 27.20 41.59 -38.60
N ALA B 158 25.91 41.83 -38.79
CA ALA B 158 24.86 40.96 -38.24
C ALA B 158 24.41 40.03 -39.35
N ASN B 159 25.00 38.84 -39.37
CA ASN B 159 24.75 37.89 -40.46
C ASN B 159 23.40 37.21 -40.30
N ASN B 160 23.21 36.47 -39.21
CA ASN B 160 22.01 35.66 -39.00
C ASN B 160 21.41 36.03 -37.65
N CYS B 161 20.40 36.90 -37.67
CA CYS B 161 19.73 37.37 -36.47
C CYS B 161 18.43 36.59 -36.28
N THR B 162 18.12 36.24 -35.04
CA THR B 162 16.92 35.47 -34.76
C THR B 162 15.95 36.18 -33.84
N PHE B 163 16.43 36.73 -32.73
CA PHE B 163 15.56 37.29 -31.69
C PHE B 163 15.85 38.78 -31.55
N GLU B 164 14.85 39.61 -31.81
CA GLU B 164 14.93 41.05 -31.62
C GLU B 164 13.89 41.48 -30.58
N TYR B 165 14.33 42.29 -29.61
CA TYR B 165 13.48 42.66 -28.49
C TYR B 165 13.84 44.07 -28.02
N VAL B 166 12.83 44.80 -27.58
CA VAL B 166 13.00 46.15 -27.04
C VAL B 166 12.03 46.33 -25.88
N SER B 167 12.51 46.91 -24.78
CA SER B 167 11.66 47.15 -23.63
C SER B 167 12.21 48.34 -22.84
N GLN B 168 11.68 48.56 -21.64
CA GLN B 168 12.03 49.66 -20.76
C GLN B 168 13.42 49.45 -20.14
N PRO B 169 14.31 50.42 -20.28
CA PRO B 169 15.66 50.28 -19.69
C PRO B 169 15.66 50.40 -18.18
N PHE B 170 16.85 50.39 -17.59
CA PHE B 170 17.04 50.44 -16.15
C PHE B 170 17.29 51.86 -15.69
N LEU B 171 17.12 52.08 -14.39
CA LEU B 171 17.34 53.41 -13.80
C LEU B 171 18.82 53.77 -13.87
N MET B 172 19.08 55.04 -14.18
CA MET B 172 20.45 55.54 -14.26
C MET B 172 20.41 57.04 -13.98
N ASP B 173 21.59 57.59 -13.68
CA ASP B 173 21.74 59.02 -13.43
C ASP B 173 22.57 59.66 -14.53
N LEU B 174 22.21 60.89 -14.88
CA LEU B 174 22.89 61.59 -15.96
C LEU B 174 24.32 61.95 -15.58
N GLU B 175 25.19 62.02 -16.60
CA GLU B 175 26.58 62.40 -16.44
C GLU B 175 27.36 61.42 -15.57
N GLY B 176 28.63 61.73 -15.31
CA GLY B 176 29.47 60.87 -14.50
C GLY B 176 30.03 61.55 -13.27
N LYS B 177 29.70 61.02 -12.09
CA LYS B 177 30.17 61.54 -10.82
C LYS B 177 31.26 60.60 -10.27
N GLN B 178 32.41 61.17 -9.95
CA GLN B 178 33.52 60.39 -9.43
C GLN B 178 33.33 60.15 -7.93
N GLY B 179 33.49 58.90 -7.50
CA GLY B 179 33.31 58.56 -6.11
C GLY B 179 31.85 58.64 -5.68
N ASN B 180 31.66 58.60 -4.37
CA ASN B 180 30.33 58.70 -3.75
C ASN B 180 29.35 57.71 -4.35
N PHE B 181 29.77 56.44 -4.41
CA PHE B 181 28.92 55.38 -4.95
C PHE B 181 27.67 55.25 -4.10
N LYS B 182 26.52 55.54 -4.72
CA LYS B 182 25.25 55.50 -4.01
C LYS B 182 24.26 54.50 -4.60
N ASN B 183 24.62 53.79 -5.65
CA ASN B 183 23.72 52.83 -6.28
C ASN B 183 24.42 51.47 -6.35
N LEU B 184 23.77 50.44 -5.79
CA LEU B 184 24.25 49.08 -5.90
C LEU B 184 23.25 48.27 -6.70
N ARG B 185 23.69 47.71 -7.82
CA ARG B 185 22.83 46.94 -8.70
C ARG B 185 23.25 45.48 -8.65
N GLU B 186 22.30 44.60 -8.34
CA GLU B 186 22.51 43.16 -8.32
C GLU B 186 21.75 42.55 -9.49
N PHE B 187 22.41 41.70 -10.25
CA PHE B 187 21.77 40.91 -11.30
C PHE B 187 22.18 39.46 -11.13
N VAL B 188 21.27 38.56 -11.42
CA VAL B 188 21.59 37.14 -11.47
C VAL B 188 21.09 36.58 -12.79
N PHE B 189 21.99 35.89 -13.51
CA PHE B 189 21.70 35.36 -14.84
C PHE B 189 21.73 33.85 -14.76
N LYS B 190 20.66 33.20 -15.25
CA LYS B 190 20.57 31.75 -15.17
C LYS B 190 19.98 31.19 -16.46
N ASN B 191 20.70 30.24 -17.05
CA ASN B 191 20.23 29.52 -18.23
C ASN B 191 19.77 28.14 -17.81
N ILE B 192 18.56 27.77 -18.20
CA ILE B 192 18.04 26.45 -17.86
C ILE B 192 16.92 26.11 -18.84
N ASP B 193 16.98 24.89 -19.38
CA ASP B 193 15.97 24.36 -20.31
C ASP B 193 15.77 25.34 -21.47
N GLY B 194 16.86 25.85 -22.00
CA GLY B 194 16.79 26.77 -23.12
C GLY B 194 16.41 28.17 -22.71
N TYR B 195 15.64 28.31 -21.65
CA TYR B 195 15.21 29.61 -21.17
C TYR B 195 16.37 30.35 -20.53
N PHE B 196 16.36 31.68 -20.70
CA PHE B 196 17.36 32.56 -20.09
C PHE B 196 16.62 33.52 -19.18
N LYS B 197 16.96 33.51 -17.89
CA LYS B 197 16.27 34.30 -16.90
C LYS B 197 17.24 35.30 -16.28
N ILE B 198 16.81 36.56 -16.21
CA ILE B 198 17.56 37.62 -15.57
C ILE B 198 16.71 38.17 -14.43
N TYR B 199 17.25 38.12 -13.22
CA TYR B 199 16.60 38.76 -12.08
C TYR B 199 17.44 39.95 -11.64
N SER B 200 16.77 41.06 -11.30
CA SER B 200 17.45 42.32 -11.06
C SER B 200 16.96 42.94 -9.76
N LYS B 201 17.85 43.72 -9.14
CA LYS B 201 17.54 44.42 -7.91
C LYS B 201 18.43 45.66 -7.83
N HIS B 202 17.88 46.74 -7.29
CA HIS B 202 18.61 48.00 -7.13
C HIS B 202 18.43 48.51 -5.71
N THR B 203 19.53 48.96 -5.09
CA THR B 203 19.44 49.58 -3.78
C THR B 203 20.18 50.92 -3.80
N PRO B 204 19.64 51.95 -3.14
CA PRO B 204 20.25 53.28 -3.19
C PRO B 204 21.18 53.54 -2.01
N ILE B 205 21.82 54.72 -2.09
CA ILE B 205 22.66 55.33 -1.06
C ILE B 205 23.49 54.32 -0.27
N ILE B 206 24.76 54.19 -0.63
CA ILE B 206 25.71 53.36 0.10
C ILE B 206 26.78 54.29 0.66
N VAL B 207 26.55 54.79 1.87
CA VAL B 207 27.49 55.73 2.48
C VAL B 207 28.77 55.01 2.89
N ARG B 208 28.68 53.74 3.26
CA ARG B 208 29.85 52.99 3.68
C ARG B 208 30.81 52.81 2.50
N GLU B 209 32.11 52.78 2.82
CA GLU B 209 33.12 52.66 1.79
C GLU B 209 32.91 51.37 0.99
N PRO B 210 32.99 51.42 -0.34
CA PRO B 210 32.66 50.24 -1.18
C PRO B 210 33.74 49.16 -1.16
N GLU B 211 33.69 48.33 -0.12
CA GLU B 211 34.59 47.19 0.00
C GLU B 211 33.83 45.99 0.52
N ASP B 212 34.19 44.81 0.00
CA ASP B 212 33.67 43.50 0.43
C ASP B 212 32.15 43.50 0.59
N LEU B 213 31.45 44.33 -0.19
CA LEU B 213 30.00 44.36 -0.28
C LEU B 213 29.32 44.78 1.02
N PRO B 214 28.11 45.33 0.95
CA PRO B 214 27.39 45.69 2.17
C PRO B 214 26.96 44.46 2.95
N GLN B 215 26.49 44.69 4.17
CA GLN B 215 26.03 43.64 5.06
C GLN B 215 24.52 43.75 5.23
N GLY B 216 23.86 42.59 5.28
CA GLY B 216 22.42 42.49 5.41
C GLY B 216 21.86 41.49 4.42
N PHE B 217 20.54 41.53 4.26
CA PHE B 217 19.84 40.63 3.34
C PHE B 217 18.89 41.44 2.48
N SER B 218 18.75 41.05 1.22
CA SER B 218 17.82 41.70 0.29
C SER B 218 17.46 40.70 -0.80
N ALA B 219 16.17 40.42 -0.95
CA ALA B 219 15.70 39.46 -1.94
C ALA B 219 15.83 40.04 -3.34
N LEU B 220 15.66 39.17 -4.33
CA LEU B 220 15.78 39.56 -5.74
C LEU B 220 14.48 39.19 -6.46
N GLU B 221 13.75 40.21 -6.89
CA GLU B 221 12.51 39.99 -7.62
C GLU B 221 12.81 39.57 -9.06
N PRO B 222 12.01 38.69 -9.65
CA PRO B 222 12.25 38.31 -11.04
C PRO B 222 11.99 39.47 -11.98
N LEU B 223 12.79 39.54 -13.04
CA LEU B 223 12.67 40.64 -14.01
C LEU B 223 12.27 40.14 -15.39
N VAL B 224 13.03 39.24 -16.01
CA VAL B 224 12.80 38.86 -17.40
C VAL B 224 13.07 37.37 -17.57
N ASP B 225 12.19 36.70 -18.32
CA ASP B 225 12.39 35.34 -18.80
C ASP B 225 12.27 35.36 -20.31
N LEU B 226 13.20 34.70 -21.00
CA LEU B 226 13.18 34.80 -22.45
C LEU B 226 13.68 33.53 -23.15
N PRO B 227 13.04 33.15 -24.26
CA PRO B 227 13.33 31.86 -24.92
C PRO B 227 14.42 31.88 -25.97
N ILE B 228 15.69 31.85 -25.59
CA ILE B 228 16.77 31.74 -26.57
C ILE B 228 17.07 30.29 -26.93
N GLY B 229 17.41 29.46 -25.95
CA GLY B 229 17.76 28.07 -26.20
C GLY B 229 19.12 27.83 -26.80
N ILE B 230 20.07 28.74 -26.63
CA ILE B 230 21.37 28.65 -27.27
C ILE B 230 22.42 28.26 -26.24
N ASN B 231 23.63 27.96 -26.73
CA ASN B 231 24.76 27.59 -25.90
C ASN B 231 25.29 28.80 -25.15
N ILE B 232 25.72 28.59 -23.91
CA ILE B 232 26.38 29.60 -23.11
C ILE B 232 27.50 28.96 -22.30
N THR B 233 28.72 29.47 -22.46
CA THR B 233 29.87 28.95 -21.72
C THR B 233 30.74 30.03 -21.08
N ARG B 234 30.76 31.26 -21.59
CA ARG B 234 31.55 32.33 -21.01
C ARG B 234 30.95 33.67 -21.40
N PHE B 235 31.22 34.67 -20.57
CA PHE B 235 30.63 35.99 -20.78
C PHE B 235 31.68 37.06 -20.46
N GLN B 236 31.41 38.27 -20.96
CA GLN B 236 32.27 39.42 -20.74
C GLN B 236 31.39 40.64 -20.55
N THR B 237 31.80 41.50 -19.63
CA THR B 237 31.03 42.68 -19.28
C THR B 237 31.35 43.81 -20.25
N LEU B 238 30.44 44.77 -20.33
CA LEU B 238 30.63 45.94 -21.17
C LEU B 238 30.61 47.20 -20.31
N LEU B 239 31.69 47.97 -20.40
CA LEU B 239 31.93 49.11 -19.53
C LEU B 239 32.15 50.34 -20.40
N ALA B 240 31.67 51.48 -19.93
CA ALA B 240 31.73 52.70 -20.72
C ALA B 240 32.39 53.83 -19.95
N SER B 251 41.46 58.56 -31.68
CA SER B 251 40.67 59.05 -30.56
C SER B 251 40.03 57.91 -29.79
N SER B 252 40.62 56.71 -29.92
CA SER B 252 40.12 55.52 -29.25
C SER B 252 40.81 55.26 -27.91
N SER B 253 41.66 56.17 -27.46
CA SER B 253 42.39 56.01 -26.20
C SER B 253 42.27 57.28 -25.38
N GLY B 254 42.41 57.13 -24.07
CA GLY B 254 42.31 58.24 -23.16
C GLY B 254 41.03 58.23 -22.33
N TRP B 255 41.14 57.80 -21.08
CA TRP B 255 39.99 57.73 -20.17
C TRP B 255 40.47 58.10 -18.78
N THR B 256 40.00 59.23 -18.26
CA THR B 256 40.33 59.70 -16.91
C THR B 256 39.02 60.08 -16.24
N ALA B 257 38.35 59.11 -15.63
CA ALA B 257 37.03 59.33 -15.05
C ALA B 257 37.01 58.71 -13.65
N GLY B 258 35.82 58.64 -13.06
CA GLY B 258 35.68 58.15 -11.71
C GLY B 258 35.91 56.66 -11.59
N ALA B 259 35.98 56.21 -10.34
CA ALA B 259 36.22 54.81 -10.03
C ALA B 259 34.98 53.98 -10.33
N ALA B 260 35.15 52.66 -10.28
CA ALA B 260 34.05 51.73 -10.46
C ALA B 260 34.47 50.37 -9.91
N ALA B 261 33.51 49.67 -9.31
CA ALA B 261 33.78 48.35 -8.75
C ALA B 261 32.66 47.40 -9.10
N TYR B 262 33.01 46.21 -9.58
CA TYR B 262 32.02 45.18 -9.85
C TYR B 262 32.53 43.83 -9.40
N TYR B 263 31.60 43.02 -8.92
CA TYR B 263 31.90 41.73 -8.29
C TYR B 263 31.21 40.62 -9.06
N VAL B 264 31.85 39.46 -9.10
CA VAL B 264 31.32 38.30 -9.81
C VAL B 264 31.39 37.08 -8.89
N GLY B 265 30.34 36.25 -8.95
CA GLY B 265 30.32 35.01 -8.19
C GLY B 265 29.60 33.92 -8.96
N TYR B 266 29.88 32.68 -8.57
CA TYR B 266 29.36 31.50 -9.24
C TYR B 266 28.42 30.73 -8.33
N LEU B 267 27.56 29.92 -8.95
CA LEU B 267 26.51 29.20 -8.26
C LEU B 267 26.70 27.70 -8.38
N GLN B 268 26.29 26.99 -7.34
CA GLN B 268 26.28 25.53 -7.32
C GLN B 268 24.94 25.04 -6.81
N PRO B 269 24.47 23.88 -7.28
CA PRO B 269 23.14 23.40 -6.88
C PRO B 269 23.11 23.05 -5.40
N ARG B 270 22.18 23.67 -4.66
CA ARG B 270 22.09 23.47 -3.23
C ARG B 270 20.61 23.46 -2.82
N THR B 271 20.40 23.35 -1.52
CA THR B 271 19.09 23.41 -0.90
C THR B 271 19.09 24.53 0.13
N PHE B 272 18.04 25.34 0.11
CA PHE B 272 17.88 26.46 1.02
C PHE B 272 16.56 26.32 1.75
N LEU B 273 16.43 27.09 2.84
CA LEU B 273 15.16 27.22 3.54
C LEU B 273 14.81 28.71 3.57
N LEU B 274 13.62 29.04 3.09
CA LEU B 274 13.20 30.41 2.87
C LEU B 274 12.00 30.74 3.75
N LYS B 275 12.02 31.93 4.36
CA LYS B 275 10.94 32.38 5.22
C LYS B 275 10.16 33.47 4.49
N TYR B 276 8.94 33.14 4.07
CA TYR B 276 8.08 34.14 3.45
C TYR B 276 7.39 34.97 4.54
N ASN B 277 7.33 36.28 4.32
CA ASN B 277 6.72 37.16 5.29
C ASN B 277 5.20 37.17 5.12
N GLU B 278 4.53 38.06 5.85
CA GLU B 278 3.07 38.12 5.80
C GLU B 278 2.57 38.59 4.44
N ASN B 279 3.40 39.30 3.68
CA ASN B 279 3.00 39.84 2.39
C ASN B 279 3.55 39.02 1.22
N GLY B 280 4.30 37.96 1.49
CA GLY B 280 4.85 37.15 0.43
C GLY B 280 6.22 37.53 -0.07
N THR B 281 6.97 38.31 0.71
CA THR B 281 8.33 38.72 0.34
C THR B 281 9.34 38.00 1.21
N ILE B 282 10.37 37.43 0.57
CA ILE B 282 11.39 36.68 1.28
C ILE B 282 12.13 37.60 2.24
N THR B 283 12.28 37.16 3.49
CA THR B 283 12.81 38.00 4.56
C THR B 283 14.09 37.42 5.18
N ASP B 284 14.21 36.11 5.22
CA ASP B 284 15.39 35.49 5.82
C ASP B 284 15.60 34.08 5.27
N ALA B 285 16.76 33.84 4.65
CA ALA B 285 17.09 32.55 4.07
C ALA B 285 18.24 31.91 4.83
N VAL B 286 18.17 30.60 4.99
CA VAL B 286 19.19 29.84 5.71
C VAL B 286 19.67 28.69 4.84
N ASP B 287 20.98 28.46 4.85
CA ASP B 287 21.59 27.40 4.06
C ASP B 287 21.37 26.04 4.72
N CYS B 288 21.71 24.99 3.99
CA CYS B 288 21.47 23.62 4.41
C CYS B 288 22.73 22.77 4.41
N ALA B 289 23.78 23.18 3.69
CA ALA B 289 24.98 22.37 3.54
C ALA B 289 26.24 23.17 3.82
N LEU B 290 26.19 24.07 4.80
CA LEU B 290 27.35 24.87 5.19
C LEU B 290 27.92 24.43 6.53
N ASP B 291 27.09 24.39 7.55
CA ASP B 291 27.49 24.10 8.92
C ASP B 291 26.55 23.06 9.50
N PRO B 292 27.01 22.28 10.47
CA PRO B 292 26.08 21.36 11.16
C PRO B 292 24.91 22.09 11.81
N LEU B 293 25.12 23.28 12.35
CA LEU B 293 23.99 24.04 12.89
C LEU B 293 23.02 24.44 11.78
N SER B 294 23.54 24.90 10.65
CA SER B 294 22.67 25.19 9.52
C SER B 294 22.00 23.93 9.01
N GLU B 295 22.70 22.80 9.05
CA GLU B 295 22.12 21.55 8.57
C GLU B 295 20.95 21.12 9.45
N THR B 296 21.09 21.25 10.77
CA THR B 296 19.97 20.86 11.65
C THR B 296 18.84 21.87 11.60
N LYS B 297 19.15 23.16 11.39
CA LYS B 297 18.09 24.14 11.15
C LYS B 297 17.31 23.77 9.89
N CYS B 298 18.01 23.39 8.84
CA CYS B 298 17.36 22.97 7.60
C CYS B 298 16.52 21.71 7.81
N THR B 299 17.06 20.75 8.58
CA THR B 299 16.33 19.50 8.80
C THR B 299 15.05 19.73 9.60
N LEU B 300 15.10 20.57 10.62
CA LEU B 300 13.93 20.76 11.48
C LEU B 300 12.91 21.72 10.91
N LYS B 301 13.18 22.32 9.74
CA LYS B 301 12.28 23.29 9.11
C LYS B 301 11.99 24.46 10.05
N SER B 302 13.01 24.87 10.81
CA SER B 302 12.83 25.91 11.82
C SER B 302 14.10 26.74 11.91
N PHE B 303 13.95 27.98 12.35
CA PHE B 303 15.07 28.89 12.46
C PHE B 303 15.73 28.88 13.83
N THR B 304 15.21 28.10 14.78
CA THR B 304 15.82 27.94 16.09
C THR B 304 15.81 26.48 16.48
N VAL B 305 16.74 26.09 17.35
CA VAL B 305 16.83 24.72 17.81
C VAL B 305 16.92 24.73 19.34
N GLU B 306 16.59 23.59 19.93
CA GLU B 306 16.62 23.42 21.38
C GLU B 306 17.81 22.55 21.77
N LYS B 307 18.05 22.47 23.08
CA LYS B 307 19.17 21.71 23.62
C LYS B 307 18.88 20.23 23.46
N GLY B 308 19.68 19.54 22.65
CA GLY B 308 19.48 18.12 22.45
C GLY B 308 20.38 17.59 21.37
N ILE B 309 20.11 16.34 21.00
CA ILE B 309 20.85 15.62 19.98
C ILE B 309 19.91 15.38 18.79
N TYR B 310 20.35 15.77 17.59
CA TYR B 310 19.54 15.64 16.39
C TYR B 310 20.34 14.89 15.33
N GLN B 311 19.72 13.89 14.72
CA GLN B 311 20.38 13.15 13.66
C GLN B 311 20.11 13.79 12.31
N THR B 312 21.16 14.21 11.62
CA THR B 312 21.00 14.91 10.36
C THR B 312 21.09 13.96 9.16
N SER B 313 22.24 13.32 8.97
CA SER B 313 22.44 12.45 7.82
C SER B 313 23.70 11.62 8.04
N ASN B 314 23.71 10.43 7.45
CA ASN B 314 24.84 9.52 7.56
C ASN B 314 25.94 9.91 6.57
N PHE B 315 27.14 9.37 6.81
CA PHE B 315 28.30 9.60 5.97
C PHE B 315 28.74 8.31 5.31
N ARG B 316 29.41 8.43 4.17
CA ARG B 316 29.90 7.27 3.44
C ARG B 316 31.02 7.72 2.50
N VAL B 317 32.03 6.87 2.37
CA VAL B 317 33.23 7.22 1.61
C VAL B 317 32.93 7.12 0.11
N GLN B 318 33.29 8.16 -0.62
CA GLN B 318 33.12 8.14 -2.07
C GLN B 318 34.14 7.20 -2.70
N PRO B 319 33.82 6.63 -3.87
CA PRO B 319 34.79 5.74 -4.53
C PRO B 319 36.06 6.47 -4.91
N THR B 320 37.18 5.76 -4.82
CA THR B 320 38.48 6.37 -5.13
C THR B 320 38.75 6.35 -6.62
N GLU B 321 38.74 5.16 -7.23
CA GLU B 321 38.89 5.04 -8.68
C GLU B 321 37.98 3.89 -9.13
N SER B 322 38.16 3.50 -10.39
CA SER B 322 37.38 2.41 -10.99
C SER B 322 38.32 1.42 -11.65
N ILE B 323 37.94 0.14 -11.57
CA ILE B 323 38.71 -0.93 -12.19
C ILE B 323 37.73 -1.88 -12.89
N VAL B 324 38.20 -2.48 -13.99
CA VAL B 324 37.42 -3.46 -14.73
C VAL B 324 38.34 -4.63 -15.07
N ARG B 325 37.81 -5.85 -15.00
CA ARG B 325 38.55 -7.05 -15.36
C ARG B 325 37.75 -7.82 -16.39
N PHE B 326 38.37 -8.09 -17.53
CA PHE B 326 37.73 -8.80 -18.63
C PHE B 326 38.69 -9.83 -19.21
N PRO B 327 38.19 -10.85 -19.90
CA PRO B 327 39.11 -11.78 -20.59
C PRO B 327 39.88 -11.11 -21.70
N ASN B 328 40.89 -11.79 -22.25
CA ASN B 328 41.76 -11.23 -23.29
C ASN B 328 41.48 -11.97 -24.59
N ILE B 329 40.58 -11.41 -25.39
CA ILE B 329 40.17 -12.00 -26.66
C ILE B 329 40.41 -10.97 -27.76
N THR B 330 40.98 -11.42 -28.87
CA THR B 330 41.29 -10.52 -29.99
C THR B 330 40.72 -10.95 -31.32
N ASN B 331 40.40 -12.22 -31.53
CA ASN B 331 39.87 -12.67 -32.81
C ASN B 331 38.42 -12.23 -32.98
N LEU B 332 38.07 -11.83 -34.20
CA LEU B 332 36.71 -11.39 -34.48
C LEU B 332 35.76 -12.57 -34.62
N CYS B 333 34.49 -12.32 -34.32
CA CYS B 333 33.48 -13.37 -34.39
C CYS B 333 33.08 -13.63 -35.85
N PRO B 334 32.65 -14.85 -36.17
CA PRO B 334 32.21 -15.14 -37.54
C PRO B 334 30.76 -14.77 -37.78
N PHE B 335 30.38 -13.54 -37.43
CA PHE B 335 29.05 -13.05 -37.79
C PHE B 335 28.89 -12.95 -39.30
N ASP B 336 29.97 -12.65 -40.02
CA ASP B 336 29.92 -12.49 -41.46
C ASP B 336 29.48 -13.78 -42.14
N GLU B 337 30.03 -14.91 -41.70
CA GLU B 337 29.70 -16.20 -42.31
C GLU B 337 28.22 -16.50 -42.15
N VAL B 338 27.67 -16.21 -40.97
CA VAL B 338 26.24 -16.42 -40.73
C VAL B 338 25.41 -15.48 -41.60
N PHE B 339 25.81 -14.21 -41.66
CA PHE B 339 25.03 -13.19 -42.35
C PHE B 339 25.39 -13.05 -43.83
N ASN B 340 26.46 -13.70 -44.30
CA ASN B 340 26.86 -13.63 -45.69
C ASN B 340 27.10 -15.05 -46.23
N ALA B 341 26.23 -15.97 -45.85
CA ALA B 341 26.31 -17.35 -46.32
C ALA B 341 25.78 -17.45 -47.74
N THR B 342 26.38 -18.36 -48.52
CA THR B 342 26.01 -18.51 -49.91
C THR B 342 24.56 -18.96 -50.06
N ARG B 343 24.17 -20.00 -49.32
CA ARG B 343 22.82 -20.55 -49.38
C ARG B 343 22.30 -20.80 -47.97
N PHE B 344 20.98 -20.78 -47.84
CA PHE B 344 20.29 -21.12 -46.61
C PHE B 344 19.45 -22.38 -46.82
N ALA B 345 19.32 -23.16 -45.75
CA ALA B 345 18.58 -24.39 -45.80
C ALA B 345 17.08 -24.14 -45.60
N SER B 346 16.30 -25.21 -45.57
CA SER B 346 14.86 -25.11 -45.43
C SER B 346 14.46 -24.94 -43.97
N VAL B 347 13.16 -24.73 -43.75
CA VAL B 347 12.65 -24.51 -42.40
C VAL B 347 12.79 -25.77 -41.56
N TYR B 348 12.51 -26.94 -42.14
CA TYR B 348 12.64 -28.19 -41.41
C TYR B 348 14.08 -28.59 -41.19
N ALA B 349 15.03 -27.92 -41.82
CA ALA B 349 16.46 -28.17 -41.66
C ALA B 349 17.19 -26.87 -41.33
N TRP B 350 16.64 -26.12 -40.38
CA TRP B 350 17.26 -24.84 -39.99
C TRP B 350 18.69 -25.07 -39.50
N ASN B 351 19.61 -24.25 -40.01
CA ASN B 351 21.02 -24.43 -39.73
C ASN B 351 21.39 -23.74 -38.43
N ARG B 352 21.95 -24.51 -37.50
CA ARG B 352 22.33 -24.00 -36.18
C ARG B 352 23.85 -23.96 -36.07
N LYS B 353 24.36 -22.82 -35.63
CA LYS B 353 25.80 -22.59 -35.52
C LYS B 353 26.11 -21.97 -34.16
N ARG B 354 27.28 -22.32 -33.63
CA ARG B 354 27.70 -21.80 -32.34
C ARG B 354 28.68 -20.65 -32.52
N ILE B 355 28.69 -19.73 -31.54
CA ILE B 355 29.63 -18.63 -31.51
C ILE B 355 30.35 -18.65 -30.17
N SER B 356 31.68 -18.73 -30.20
CA SER B 356 32.45 -18.78 -28.97
C SER B 356 33.89 -18.37 -29.28
N ASN B 357 34.58 -17.90 -28.24
CA ASN B 357 36.00 -17.54 -28.29
C ASN B 357 36.27 -16.51 -29.40
N CYS B 358 35.58 -15.38 -29.30
CA CYS B 358 35.77 -14.30 -30.26
C CYS B 358 35.25 -13.01 -29.65
N VAL B 359 35.43 -11.92 -30.40
CA VAL B 359 35.02 -10.58 -29.99
C VAL B 359 33.80 -10.20 -30.82
N ALA B 360 32.71 -9.88 -30.14
CA ALA B 360 31.44 -9.56 -30.80
C ALA B 360 31.33 -8.06 -31.04
N ASP B 361 31.08 -7.67 -32.28
CA ASP B 361 30.90 -6.27 -32.66
C ASP B 361 29.56 -6.15 -33.39
N TYR B 362 28.57 -5.59 -32.71
CA TYR B 362 27.24 -5.44 -33.29
C TYR B 362 27.09 -4.17 -34.11
N SER B 363 28.12 -3.30 -34.14
CA SER B 363 28.03 -2.08 -34.93
C SER B 363 27.93 -2.39 -36.42
N VAL B 364 28.72 -3.34 -36.90
CA VAL B 364 28.68 -3.69 -38.32
C VAL B 364 27.33 -4.29 -38.71
N LEU B 365 26.71 -5.05 -37.79
CA LEU B 365 25.40 -5.60 -38.07
C LEU B 365 24.37 -4.49 -38.25
N TYR B 366 24.43 -3.46 -37.39
CA TYR B 366 23.51 -2.33 -37.51
C TYR B 366 23.89 -1.40 -38.66
N ASN B 367 25.12 -1.45 -39.14
CA ASN B 367 25.57 -0.55 -40.20
C ASN B 367 24.89 -0.80 -41.53
N LEU B 368 24.30 -1.98 -41.74
CA LEU B 368 23.68 -2.33 -43.00
C LEU B 368 22.22 -1.88 -42.95
N ALA B 369 21.93 -0.73 -43.56
CA ALA B 369 20.61 -0.10 -43.45
C ALA B 369 19.47 -0.95 -44.00
N PRO B 370 19.57 -1.60 -45.19
CA PRO B 370 18.34 -2.12 -45.82
C PRO B 370 17.75 -3.36 -45.16
N PHE B 371 18.19 -3.68 -43.95
CA PHE B 371 17.53 -4.74 -43.18
C PHE B 371 16.06 -4.38 -42.96
N PHE B 372 15.17 -5.34 -43.18
CA PHE B 372 13.74 -5.10 -43.10
C PHE B 372 13.21 -5.22 -41.67
N THR B 373 13.42 -6.38 -41.04
CA THR B 373 12.91 -6.63 -39.70
C THR B 373 14.07 -6.98 -38.78
N PHE B 374 14.13 -6.31 -37.63
CA PHE B 374 15.19 -6.56 -36.65
C PHE B 374 14.59 -6.25 -35.27
N LYS B 375 14.36 -7.30 -34.48
CA LYS B 375 13.67 -7.16 -33.21
C LYS B 375 14.38 -7.95 -32.13
N CYS B 376 14.66 -7.30 -31.00
CA CYS B 376 15.26 -7.93 -29.84
C CYS B 376 14.26 -7.96 -28.70
N TYR B 377 14.27 -9.05 -27.92
CA TYR B 377 13.27 -9.29 -26.89
C TYR B 377 13.82 -9.17 -25.48
N GLY B 378 14.88 -9.93 -25.16
CA GLY B 378 15.36 -9.97 -23.78
C GLY B 378 15.93 -8.64 -23.30
N VAL B 379 16.74 -7.99 -24.14
CA VAL B 379 17.41 -6.75 -23.77
C VAL B 379 17.25 -5.75 -24.91
N SER B 380 17.51 -4.49 -24.60
CA SER B 380 17.50 -3.45 -25.61
C SER B 380 18.65 -3.69 -26.59
N PRO B 381 18.43 -3.51 -27.89
CA PRO B 381 19.47 -3.86 -28.88
C PRO B 381 20.65 -2.89 -28.89
N THR B 382 20.69 -1.95 -27.96
CA THR B 382 21.72 -0.92 -27.94
C THR B 382 22.85 -1.23 -26.96
N LYS B 383 22.50 -1.89 -25.85
CA LYS B 383 23.46 -2.00 -24.75
C LYS B 383 24.35 -3.24 -24.88
N LEU B 384 24.07 -4.09 -25.87
CA LEU B 384 24.75 -5.38 -26.00
C LEU B 384 26.27 -5.28 -25.91
N ASN B 385 26.84 -4.11 -26.24
CA ASN B 385 28.27 -3.94 -26.26
C ASN B 385 28.92 -4.06 -24.88
N ASP B 386 28.14 -3.97 -23.80
CA ASP B 386 28.72 -4.01 -22.46
C ASP B 386 28.30 -5.24 -21.67
N LEU B 387 27.79 -6.28 -22.33
CA LEU B 387 27.37 -7.50 -21.66
C LEU B 387 28.08 -8.68 -22.30
N CYS B 388 28.63 -9.57 -21.47
CA CYS B 388 29.31 -10.76 -21.95
C CYS B 388 28.41 -11.98 -21.76
N PHE B 389 28.32 -12.80 -22.81
CA PHE B 389 27.33 -13.86 -22.91
C PHE B 389 27.99 -15.22 -22.67
N THR B 390 27.21 -16.14 -22.09
CA THR B 390 27.72 -17.48 -21.85
C THR B 390 27.88 -18.27 -23.15
N ASN B 391 26.86 -18.25 -24.01
CA ASN B 391 26.91 -18.98 -25.27
C ASN B 391 25.94 -18.33 -26.24
N VAL B 392 26.30 -18.33 -27.53
CA VAL B 392 25.49 -17.73 -28.58
C VAL B 392 25.22 -18.79 -29.64
N TYR B 393 23.94 -18.94 -30.00
CA TYR B 393 23.50 -19.89 -31.01
C TYR B 393 22.71 -19.16 -32.08
N ALA B 394 23.07 -19.40 -33.34
CA ALA B 394 22.43 -18.74 -34.48
C ALA B 394 21.70 -19.79 -35.32
N ASP B 395 20.41 -19.56 -35.56
CA ASP B 395 19.58 -20.43 -36.37
C ASP B 395 19.17 -19.68 -37.62
N SER B 396 19.53 -20.23 -38.78
CA SER B 396 19.28 -19.59 -40.07
C SER B 396 18.37 -20.46 -40.92
N PHE B 397 17.42 -19.83 -41.61
CA PHE B 397 16.50 -20.51 -42.50
C PHE B 397 15.82 -19.48 -43.40
N VAL B 398 14.91 -19.96 -44.25
CA VAL B 398 14.20 -19.11 -45.20
C VAL B 398 12.73 -19.51 -45.18
N ILE B 399 11.84 -18.52 -45.08
CA ILE B 399 10.40 -18.74 -45.02
C ILE B 399 9.78 -17.92 -46.15
N ARG B 400 8.47 -18.12 -46.38
CA ARG B 400 7.74 -17.22 -47.24
C ARG B 400 7.40 -15.94 -46.47
N GLY B 401 7.34 -14.82 -47.19
CA GLY B 401 7.17 -13.53 -46.55
C GLY B 401 5.81 -13.31 -45.93
N ASP B 402 4.85 -14.21 -46.14
CA ASP B 402 3.51 -14.02 -45.62
C ASP B 402 3.45 -14.25 -44.11
N GLU B 403 4.14 -15.29 -43.62
CA GLU B 403 4.11 -15.67 -42.21
C GLU B 403 5.43 -15.34 -41.51
N VAL B 404 6.19 -14.38 -42.05
CA VAL B 404 7.51 -14.08 -41.50
C VAL B 404 7.42 -13.60 -40.06
N ARG B 405 6.28 -13.05 -39.66
CA ARG B 405 6.13 -12.56 -38.29
C ARG B 405 5.60 -13.62 -37.33
N GLN B 406 5.48 -14.87 -37.77
CA GLN B 406 5.10 -15.95 -36.86
C GLN B 406 6.28 -16.51 -36.08
N ILE B 407 7.50 -15.99 -36.31
CA ILE B 407 8.66 -16.43 -35.56
C ILE B 407 8.53 -16.13 -34.07
N ALA B 408 7.81 -15.08 -33.71
CA ALA B 408 7.73 -14.66 -32.32
C ALA B 408 7.09 -15.76 -31.48
N PRO B 409 7.59 -15.99 -30.26
CA PRO B 409 7.01 -17.03 -29.41
C PRO B 409 5.58 -16.70 -29.01
N GLY B 410 4.79 -17.75 -28.82
CA GLY B 410 3.39 -17.62 -28.46
C GLY B 410 2.43 -17.57 -29.62
N GLN B 411 2.92 -17.43 -30.85
CA GLN B 411 2.06 -17.43 -32.02
C GLN B 411 1.68 -18.86 -32.40
N THR B 412 0.72 -18.97 -33.31
CA THR B 412 0.25 -20.25 -33.80
C THR B 412 0.27 -20.27 -35.32
N GLY B 413 0.37 -21.46 -35.88
CA GLY B 413 0.38 -21.62 -37.31
C GLY B 413 1.10 -22.89 -37.70
N ASN B 414 1.11 -23.15 -39.00
CA ASN B 414 1.75 -24.36 -39.52
C ASN B 414 3.26 -24.34 -39.29
N ILE B 415 3.90 -23.21 -39.61
CA ILE B 415 5.36 -23.15 -39.59
C ILE B 415 5.89 -23.24 -38.15
N ALA B 416 5.20 -22.60 -37.21
CA ALA B 416 5.65 -22.64 -35.82
C ALA B 416 5.39 -24.00 -35.19
N ASP B 417 4.18 -24.54 -35.39
CA ASP B 417 3.80 -25.78 -34.74
C ASP B 417 4.40 -27.03 -35.37
N TYR B 418 4.85 -26.94 -36.62
CA TYR B 418 5.32 -28.12 -37.34
C TYR B 418 6.78 -28.06 -37.76
N ASN B 419 7.39 -26.89 -37.85
CA ASN B 419 8.77 -26.77 -38.30
C ASN B 419 9.71 -26.23 -37.24
N TYR B 420 9.39 -25.07 -36.64
CA TYR B 420 10.35 -24.40 -35.76
C TYR B 420 9.56 -23.52 -34.78
N LYS B 421 9.59 -23.90 -33.51
CA LYS B 421 8.89 -23.18 -32.45
C LYS B 421 9.88 -22.74 -31.39
N LEU B 422 9.71 -21.51 -30.90
CA LEU B 422 10.55 -20.91 -29.87
C LEU B 422 9.88 -20.97 -28.51
N PRO B 423 10.66 -21.12 -27.45
CA PRO B 423 10.07 -21.13 -26.10
C PRO B 423 9.50 -19.77 -25.73
N ASP B 424 8.53 -19.79 -24.82
CA ASP B 424 7.89 -18.56 -24.37
C ASP B 424 8.85 -17.61 -23.68
N ASP B 425 9.93 -18.14 -23.07
CA ASP B 425 10.92 -17.33 -22.38
C ASP B 425 12.17 -17.09 -23.23
N PHE B 426 11.99 -16.92 -24.54
CA PHE B 426 13.13 -16.67 -25.42
C PHE B 426 13.85 -15.39 -25.04
N THR B 427 15.17 -15.45 -25.00
CA THR B 427 16.02 -14.30 -24.66
C THR B 427 17.05 -14.15 -25.78
N GLY B 428 16.70 -13.34 -26.78
CA GLY B 428 17.60 -13.12 -27.91
C GLY B 428 17.09 -12.10 -28.90
N CYS B 429 17.42 -12.30 -30.17
CA CYS B 429 17.04 -11.36 -31.22
C CYS B 429 16.71 -12.13 -32.49
N VAL B 430 15.97 -11.47 -33.39
CA VAL B 430 15.58 -12.03 -34.66
C VAL B 430 15.79 -10.98 -35.75
N ILE B 431 16.39 -11.39 -36.86
CA ILE B 431 16.63 -10.51 -38.00
C ILE B 431 16.14 -11.22 -39.26
N ALA B 432 15.21 -10.59 -39.95
CA ALA B 432 14.65 -11.13 -41.19
C ALA B 432 14.72 -10.08 -42.28
N TRP B 433 15.07 -10.50 -43.49
CA TRP B 433 15.17 -9.59 -44.62
C TRP B 433 14.59 -10.26 -45.86
N ASN B 434 14.44 -9.47 -46.92
CA ASN B 434 13.89 -9.95 -48.18
C ASN B 434 15.01 -10.20 -49.17
N SER B 435 14.99 -11.37 -49.80
CA SER B 435 16.03 -11.80 -50.74
C SER B 435 15.41 -12.25 -52.06
N ASN B 436 14.45 -11.45 -52.56
CA ASN B 436 13.82 -11.78 -53.83
C ASN B 436 14.78 -11.61 -55.01
N LYS B 437 15.92 -10.94 -54.80
CA LYS B 437 16.88 -10.75 -55.89
C LYS B 437 17.75 -11.97 -56.12
N LEU B 438 17.75 -12.94 -55.19
CA LEU B 438 18.62 -14.09 -55.28
C LEU B 438 17.85 -15.40 -55.44
N ASP B 439 16.93 -15.70 -54.52
CA ASP B 439 16.26 -17.00 -54.53
C ASP B 439 15.21 -17.11 -55.63
N SER B 440 14.62 -15.99 -56.04
CA SER B 440 13.58 -16.03 -57.05
C SER B 440 14.14 -16.49 -58.39
N LYS B 441 13.39 -17.36 -59.07
CA LYS B 441 13.78 -17.88 -60.38
C LYS B 441 12.70 -17.52 -61.40
N VAL B 442 13.11 -17.43 -62.66
CA VAL B 442 12.17 -17.08 -63.72
C VAL B 442 11.12 -18.17 -63.90
N SER B 443 11.53 -19.43 -63.78
CA SER B 443 10.63 -20.56 -63.93
C SER B 443 10.06 -21.05 -62.60
N GLY B 444 10.37 -20.38 -61.49
CA GLY B 444 9.91 -20.83 -60.20
C GLY B 444 10.92 -21.72 -59.50
N ASN B 445 11.15 -21.47 -58.22
CA ASN B 445 12.13 -22.22 -57.44
C ASN B 445 11.41 -23.26 -56.59
N TYR B 446 11.81 -24.52 -56.72
CA TYR B 446 11.23 -25.62 -55.97
C TYR B 446 12.28 -26.38 -55.17
N ASN B 447 13.36 -25.69 -54.79
CA ASN B 447 14.45 -26.29 -54.02
C ASN B 447 14.30 -26.08 -52.53
N TYR B 448 13.19 -25.50 -52.07
CA TYR B 448 12.94 -25.26 -50.66
C TYR B 448 11.74 -26.09 -50.21
N LEU B 449 11.89 -26.77 -49.08
CA LEU B 449 10.88 -27.68 -48.56
C LEU B 449 10.34 -27.15 -47.23
N TYR B 450 9.11 -27.58 -46.91
CA TYR B 450 8.50 -27.24 -45.64
C TYR B 450 7.46 -28.31 -45.27
N ARG B 451 7.38 -28.62 -43.98
CA ARG B 451 6.43 -29.62 -43.52
C ARG B 451 5.01 -29.05 -43.50
N LEU B 452 4.05 -29.94 -43.75
CA LEU B 452 2.64 -29.55 -43.76
C LEU B 452 1.81 -30.51 -42.91
N PHE B 453 2.28 -31.74 -42.74
CA PHE B 453 1.54 -32.77 -42.01
C PHE B 453 2.34 -33.24 -40.81
N ARG B 454 1.66 -33.35 -39.67
CA ARG B 454 2.26 -33.87 -38.45
C ARG B 454 1.16 -34.45 -37.58
N LYS B 455 1.57 -35.31 -36.63
CA LYS B 455 0.61 -36.00 -35.77
C LYS B 455 0.42 -35.33 -34.43
N SER B 456 1.36 -34.51 -33.98
CA SER B 456 1.24 -33.84 -32.69
C SER B 456 2.14 -32.62 -32.67
N ASN B 457 1.90 -31.74 -31.70
CA ASN B 457 2.73 -30.56 -31.54
C ASN B 457 4.12 -30.94 -31.06
N LEU B 458 5.09 -30.10 -31.37
CA LEU B 458 6.49 -30.35 -31.05
C LEU B 458 6.98 -29.40 -29.97
N LYS B 459 7.87 -29.90 -29.11
CA LYS B 459 8.47 -29.10 -28.07
C LYS B 459 9.41 -28.06 -28.69
N PRO B 460 9.66 -26.95 -27.99
CA PRO B 460 10.54 -25.92 -28.54
C PRO B 460 11.93 -26.44 -28.82
N PHE B 461 12.53 -25.92 -29.90
CA PHE B 461 13.86 -26.32 -30.35
C PHE B 461 13.92 -27.82 -30.67
N GLU B 462 13.07 -28.26 -31.59
CA GLU B 462 13.04 -29.64 -32.04
C GLU B 462 13.16 -29.69 -33.56
N ARG B 463 13.89 -30.69 -34.05
CA ARG B 463 14.09 -30.89 -35.48
C ARG B 463 13.73 -32.32 -35.85
N ASP B 464 13.05 -32.48 -36.98
CA ASP B 464 12.64 -33.79 -37.47
C ASP B 464 12.97 -33.91 -38.95
N ILE B 465 13.49 -35.08 -39.33
CA ILE B 465 13.88 -35.34 -40.70
C ILE B 465 13.11 -36.49 -41.34
N SER B 466 12.53 -37.40 -40.55
CA SER B 466 11.84 -38.56 -41.11
C SER B 466 10.66 -38.12 -41.97
N THR B 467 10.48 -38.79 -43.10
CA THR B 467 9.41 -38.47 -44.04
C THR B 467 8.49 -39.67 -44.24
N GLU B 468 8.10 -40.31 -43.14
CA GLU B 468 7.26 -41.50 -43.23
C GLU B 468 5.87 -41.15 -43.77
N ILE B 469 5.16 -42.18 -44.22
CA ILE B 469 3.86 -41.98 -44.83
C ILE B 469 2.85 -41.54 -43.77
N TYR B 470 2.15 -40.45 -44.06
CA TYR B 470 1.14 -39.93 -43.14
C TYR B 470 -0.20 -40.62 -43.40
N GLN B 471 -0.87 -41.00 -42.32
CA GLN B 471 -2.17 -41.66 -42.39
C GLN B 471 -3.21 -40.76 -41.76
N ALA B 472 -4.28 -40.47 -42.51
CA ALA B 472 -5.36 -39.60 -42.04
C ALA B 472 -6.56 -40.41 -41.56
N GLY B 473 -7.11 -41.26 -42.43
CA GLY B 473 -8.26 -42.07 -42.08
C GLY B 473 -7.88 -43.28 -41.25
N ASN B 474 -8.91 -44.03 -40.86
CA ASN B 474 -8.69 -45.24 -40.08
C ASN B 474 -7.97 -46.33 -40.87
N LYS B 475 -8.01 -46.26 -42.19
CA LYS B 475 -7.31 -47.26 -43.00
C LYS B 475 -5.81 -47.03 -42.92
N PRO B 476 -5.01 -48.06 -42.68
CA PRO B 476 -3.55 -47.87 -42.64
C PRO B 476 -3.01 -47.40 -43.98
N CYS B 477 -1.98 -46.56 -43.92
CA CYS B 477 -1.34 -46.03 -45.11
C CYS B 477 0.03 -46.65 -45.29
N ASN B 478 0.34 -47.03 -46.53
CA ASN B 478 1.63 -47.62 -46.88
C ASN B 478 1.87 -47.39 -48.36
N GLY B 479 3.01 -47.86 -48.85
CA GLY B 479 3.37 -47.68 -50.25
C GLY B 479 3.79 -46.27 -50.57
N VAL B 480 2.99 -45.57 -51.37
CA VAL B 480 3.29 -44.21 -51.82
C VAL B 480 2.08 -43.33 -51.51
N ALA B 481 2.17 -42.06 -51.92
CA ALA B 481 1.12 -41.10 -51.66
C ALA B 481 -0.16 -41.46 -52.39
N GLY B 482 -1.29 -41.07 -51.81
CA GLY B 482 -2.56 -41.37 -52.40
C GLY B 482 -3.69 -40.73 -51.63
N PHE B 483 -4.89 -41.28 -51.81
CA PHE B 483 -6.06 -40.78 -51.09
C PHE B 483 -5.94 -41.10 -49.60
N ASN B 484 -6.14 -40.07 -48.77
CA ASN B 484 -6.01 -40.15 -47.32
C ASN B 484 -4.62 -40.56 -46.86
N CYS B 485 -3.65 -40.61 -47.77
CA CYS B 485 -2.26 -40.95 -47.48
C CYS B 485 -1.41 -39.87 -48.13
N TYR B 486 -1.17 -38.78 -47.41
CA TYR B 486 -0.55 -37.60 -47.99
C TYR B 486 0.93 -37.52 -47.62
N PHE B 487 1.70 -36.89 -48.51
CA PHE B 487 3.12 -36.66 -48.25
C PHE B 487 3.28 -35.48 -47.29
N PRO B 488 4.02 -35.66 -46.20
CA PRO B 488 4.11 -34.62 -45.17
C PRO B 488 4.99 -33.44 -45.52
N LEU B 489 5.40 -33.28 -46.79
CA LEU B 489 6.28 -32.19 -47.19
C LEU B 489 5.73 -31.51 -48.44
N ARG B 490 6.06 -30.23 -48.60
CA ARG B 490 5.65 -29.46 -49.75
C ARG B 490 6.75 -28.49 -50.12
N SER B 491 6.63 -27.87 -51.29
CA SER B 491 7.64 -26.99 -51.82
C SER B 491 7.05 -25.60 -52.06
N TYR B 492 7.94 -24.62 -52.18
CA TYR B 492 7.55 -23.22 -52.36
C TYR B 492 7.38 -22.93 -53.86
N SER B 493 7.17 -21.64 -54.18
CA SER B 493 7.06 -21.20 -55.56
C SER B 493 7.48 -19.74 -55.60
N PHE B 494 8.64 -19.46 -56.19
CA PHE B 494 9.25 -18.14 -56.14
C PHE B 494 9.56 -17.67 -57.56
N ARG B 495 8.84 -16.67 -58.03
CA ARG B 495 9.14 -15.97 -59.27
C ARG B 495 8.96 -14.48 -59.04
N PRO B 496 9.67 -13.64 -59.81
CA PRO B 496 9.65 -12.19 -59.51
C PRO B 496 8.27 -11.55 -59.66
N THR B 497 7.35 -12.15 -60.41
CA THR B 497 6.06 -11.52 -60.64
C THR B 497 5.10 -11.66 -59.47
N TYR B 498 5.45 -12.44 -58.44
CA TYR B 498 4.61 -12.51 -57.25
C TYR B 498 4.56 -11.16 -56.54
N GLY B 499 3.42 -10.87 -55.95
CA GLY B 499 3.25 -9.64 -55.21
C GLY B 499 3.99 -9.65 -53.89
N VAL B 500 3.98 -8.48 -53.23
CA VAL B 500 4.64 -8.35 -51.94
C VAL B 500 3.94 -9.24 -50.92
N GLY B 501 4.74 -9.98 -50.15
CA GLY B 501 4.22 -10.95 -49.21
C GLY B 501 4.36 -12.39 -49.65
N HIS B 502 4.95 -12.65 -50.81
CA HIS B 502 5.19 -14.00 -51.28
C HIS B 502 6.66 -14.30 -51.56
N GLN B 503 7.51 -13.28 -51.70
CA GLN B 503 8.91 -13.51 -51.97
C GLN B 503 9.59 -14.11 -50.75
N PRO B 504 10.64 -14.92 -50.95
CA PRO B 504 11.31 -15.54 -49.81
C PRO B 504 11.93 -14.51 -48.88
N TYR B 505 11.84 -14.78 -47.59
CA TYR B 505 12.42 -13.96 -46.54
C TYR B 505 13.43 -14.80 -45.78
N ARG B 506 14.65 -14.30 -45.66
CA ARG B 506 15.73 -14.97 -44.96
C ARG B 506 15.71 -14.55 -43.50
N VAL B 507 15.67 -15.52 -42.59
CA VAL B 507 15.47 -15.28 -41.17
C VAL B 507 16.63 -15.90 -40.40
N VAL B 508 17.19 -15.14 -39.46
CA VAL B 508 18.21 -15.61 -38.54
C VAL B 508 17.77 -15.25 -37.13
N VAL B 509 18.03 -16.16 -36.20
CA VAL B 509 17.63 -15.99 -34.81
C VAL B 509 18.85 -16.22 -33.93
N LEU B 510 19.18 -15.24 -33.09
CA LEU B 510 20.29 -15.33 -32.15
C LEU B 510 19.74 -15.57 -30.75
N SER B 511 20.24 -16.61 -30.09
CA SER B 511 19.81 -16.98 -28.76
C SER B 511 21.02 -17.08 -27.84
N PHE B 512 20.82 -16.69 -26.58
CA PHE B 512 21.91 -16.66 -25.62
C PHE B 512 21.35 -16.68 -24.20
N GLU B 513 22.24 -16.93 -23.25
CA GLU B 513 21.91 -16.91 -21.82
C GLU B 513 22.84 -15.92 -21.13
N LEU B 514 22.32 -15.26 -20.08
CA LEU B 514 22.97 -14.11 -19.48
C LEU B 514 23.49 -14.45 -18.08
N LEU B 515 24.81 -14.36 -17.92
CA LEU B 515 25.48 -14.25 -16.63
C LEU B 515 25.16 -15.44 -15.72
N HIS B 516 25.56 -16.63 -16.17
CA HIS B 516 25.53 -17.81 -15.32
C HIS B 516 26.74 -18.71 -15.57
N ALA B 517 27.77 -18.20 -16.22
CA ALA B 517 28.93 -19.00 -16.60
C ALA B 517 30.08 -18.05 -16.90
N PRO B 518 31.31 -18.56 -16.98
CA PRO B 518 32.43 -17.69 -17.36
C PRO B 518 32.19 -17.06 -18.73
N ALA B 519 32.63 -15.82 -18.88
CA ALA B 519 32.41 -15.07 -20.10
C ALA B 519 33.11 -15.74 -21.28
N THR B 520 32.45 -15.70 -22.44
CA THR B 520 32.98 -16.35 -23.63
C THR B 520 33.12 -15.35 -24.77
N VAL B 521 32.16 -14.44 -24.91
CA VAL B 521 32.15 -13.51 -26.04
C VAL B 521 31.44 -12.22 -25.66
N CYS B 522 32.06 -11.09 -25.96
CA CYS B 522 31.47 -9.77 -25.80
C CYS B 522 32.35 -8.76 -26.53
N GLY B 523 32.07 -7.47 -26.32
CA GLY B 523 32.65 -6.42 -27.10
C GLY B 523 34.13 -6.23 -26.81
N PRO B 524 34.73 -5.24 -27.48
CA PRO B 524 36.18 -5.03 -27.39
C PRO B 524 36.59 -4.16 -26.21
N LYS B 525 35.72 -4.02 -25.22
CA LYS B 525 36.00 -3.15 -24.07
C LYS B 525 37.33 -3.53 -23.42
N LYS B 526 38.16 -2.54 -23.17
CA LYS B 526 39.51 -2.75 -22.66
C LYS B 526 39.49 -2.99 -21.16
N SER B 527 40.36 -3.90 -20.71
CA SER B 527 40.47 -4.24 -19.30
C SER B 527 41.34 -3.21 -18.58
N THR B 528 41.53 -3.38 -17.29
CA THR B 528 42.31 -2.45 -16.48
C THR B 528 42.91 -3.22 -15.32
N ASN B 529 43.98 -2.65 -14.75
CA ASN B 529 44.68 -3.26 -13.63
C ASN B 529 43.79 -3.25 -12.38
N LEU B 530 44.01 -4.24 -11.52
CA LEU B 530 43.22 -4.40 -10.31
C LEU B 530 43.84 -3.61 -9.15
N VAL B 531 42.98 -3.21 -8.21
CA VAL B 531 43.38 -2.46 -7.03
C VAL B 531 42.88 -3.20 -5.79
N LYS B 532 43.74 -3.30 -4.79
CA LYS B 532 43.44 -4.05 -3.57
C LYS B 532 43.34 -3.12 -2.37
N ASN B 533 42.46 -3.46 -1.43
CA ASN B 533 42.28 -2.79 -0.16
C ASN B 533 41.84 -1.34 -0.29
N LYS B 534 41.36 -0.92 -1.45
CA LYS B 534 40.93 0.46 -1.66
C LYS B 534 39.58 0.44 -2.37
N CYS B 535 38.68 1.31 -1.93
CA CYS B 535 37.33 1.35 -2.48
C CYS B 535 37.37 1.70 -3.96
N VAL B 536 36.81 0.81 -4.79
CA VAL B 536 36.82 1.00 -6.24
C VAL B 536 35.43 0.74 -6.79
N ASN B 537 35.30 0.79 -8.12
CA ASN B 537 34.05 0.49 -8.81
C ASN B 537 34.29 -0.72 -9.71
N PHE B 538 34.16 -1.92 -9.13
CA PHE B 538 34.48 -3.13 -9.87
C PHE B 538 33.39 -3.46 -10.87
N ASN B 539 33.81 -3.97 -12.03
CA ASN B 539 32.92 -4.43 -13.09
C ASN B 539 33.31 -5.83 -13.53
N PHE B 540 33.51 -6.73 -12.56
CA PHE B 540 34.04 -8.05 -12.84
C PHE B 540 33.12 -8.83 -13.75
N ASN B 541 33.56 -9.06 -14.99
CA ASN B 541 32.84 -9.89 -15.96
C ASN B 541 31.39 -9.42 -16.12
N GLY B 542 31.22 -8.10 -16.18
CA GLY B 542 29.91 -7.52 -16.32
C GLY B 542 29.10 -7.55 -15.04
N LEU B 543 29.65 -6.97 -13.98
CA LEU B 543 28.95 -6.90 -12.70
C LEU B 543 29.26 -5.52 -12.11
N LYS B 544 28.39 -4.56 -12.39
CA LYS B 544 28.59 -3.18 -11.96
C LYS B 544 28.31 -3.08 -10.47
N GLY B 545 29.37 -3.01 -9.67
CA GLY B 545 29.22 -2.90 -8.23
C GLY B 545 30.36 -2.09 -7.64
N THR B 546 30.07 -1.47 -6.50
CA THR B 546 31.02 -0.65 -5.78
C THR B 546 31.35 -1.29 -4.43
N GLY B 547 32.62 -1.30 -4.07
CA GLY B 547 33.02 -1.87 -2.80
C GLY B 547 34.52 -1.95 -2.67
N VAL B 548 34.95 -2.70 -1.66
CA VAL B 548 36.35 -2.90 -1.34
C VAL B 548 36.71 -4.35 -1.64
N LEU B 549 37.83 -4.55 -2.34
CA LEU B 549 38.28 -5.87 -2.75
C LEU B 549 39.52 -6.24 -1.93
N THR B 550 39.45 -7.38 -1.25
CA THR B 550 40.53 -7.87 -0.42
C THR B 550 40.76 -9.36 -0.69
N GLU B 551 41.86 -9.88 -0.16
CA GLU B 551 42.21 -11.29 -0.32
C GLU B 551 41.32 -12.13 0.58
N SER B 552 40.81 -13.23 0.03
CA SER B 552 39.93 -14.14 0.76
C SER B 552 40.52 -15.55 0.73
N ASN B 553 40.38 -16.26 1.84
CA ASN B 553 40.89 -17.62 1.98
C ASN B 553 39.81 -18.68 1.75
N LYS B 554 38.60 -18.29 1.37
CA LYS B 554 37.51 -19.25 1.21
C LYS B 554 37.79 -20.19 0.04
N LYS B 555 37.29 -21.41 0.16
CA LYS B 555 37.51 -22.42 -0.87
C LYS B 555 36.45 -22.30 -1.97
N PHE B 556 36.85 -22.64 -3.18
CA PHE B 556 35.95 -22.70 -4.32
C PHE B 556 35.97 -24.10 -4.92
N LEU B 557 34.80 -24.65 -5.16
CA LEU B 557 34.71 -25.88 -5.95
C LEU B 557 35.14 -25.58 -7.38
N PRO B 558 35.71 -26.54 -8.10
CA PRO B 558 36.22 -26.26 -9.45
C PRO B 558 35.20 -25.66 -10.40
N PHE B 559 33.94 -26.11 -10.33
CA PHE B 559 32.92 -25.55 -11.21
C PHE B 559 32.38 -24.23 -10.66
N GLN B 560 32.46 -24.03 -9.34
CA GLN B 560 31.93 -22.82 -8.73
C GLN B 560 32.78 -21.61 -9.10
N GLN B 561 32.11 -20.48 -9.39
CA GLN B 561 32.79 -19.23 -9.69
C GLN B 561 32.43 -18.13 -8.71
N PHE B 562 31.15 -17.86 -8.51
CA PHE B 562 30.73 -16.74 -7.67
C PHE B 562 30.61 -17.19 -6.22
N GLY B 563 30.24 -16.26 -5.34
CA GLY B 563 29.94 -16.58 -3.96
C GLY B 563 28.80 -15.73 -3.48
N ARG B 564 27.90 -16.34 -2.70
CA ARG B 564 26.64 -15.71 -2.35
C ARG B 564 26.39 -15.85 -0.86
N ASP B 565 25.56 -14.94 -0.33
CA ASP B 565 25.18 -14.95 1.06
C ASP B 565 23.67 -15.11 1.20
N ILE B 566 23.16 -14.94 2.42
CA ILE B 566 21.73 -15.12 2.68
C ILE B 566 20.85 -14.18 1.89
N ALA B 567 21.32 -12.96 1.61
CA ALA B 567 20.51 -11.96 0.94
C ALA B 567 20.81 -11.83 -0.55
N ASP B 568 21.37 -12.87 -1.17
CA ASP B 568 21.70 -12.88 -2.59
C ASP B 568 22.61 -11.72 -2.97
N THR B 569 23.61 -11.44 -2.14
CA THR B 569 24.61 -10.43 -2.43
C THR B 569 25.94 -11.12 -2.72
N THR B 570 26.56 -10.77 -3.84
CA THR B 570 27.82 -11.40 -4.25
C THR B 570 28.92 -11.06 -3.25
N ASP B 571 29.50 -12.09 -2.64
CA ASP B 571 30.54 -11.91 -1.63
C ASP B 571 31.90 -12.43 -2.08
N ALA B 572 32.02 -12.93 -3.30
CA ALA B 572 33.30 -13.42 -3.79
C ALA B 572 33.22 -13.50 -5.32
N VAL B 573 34.36 -13.27 -5.96
CA VAL B 573 34.49 -13.36 -7.41
C VAL B 573 35.83 -13.99 -7.74
N ARG B 574 35.96 -14.43 -8.99
CA ARG B 574 37.21 -14.95 -9.52
C ARG B 574 37.62 -14.06 -10.70
N ASP B 575 38.83 -13.52 -10.64
CA ASP B 575 39.27 -12.61 -11.67
C ASP B 575 39.44 -13.36 -12.99
N PRO B 576 38.82 -12.89 -14.08
CA PRO B 576 38.89 -13.66 -15.33
C PRO B 576 40.31 -13.87 -15.85
N GLN B 577 41.17 -12.85 -15.74
CA GLN B 577 42.52 -12.97 -16.29
C GLN B 577 43.37 -13.93 -15.46
N THR B 578 43.37 -13.76 -14.14
CA THR B 578 44.15 -14.60 -13.24
C THR B 578 43.24 -15.16 -12.15
N LEU B 579 43.36 -16.45 -11.90
CA LEU B 579 42.53 -17.10 -10.89
C LEU B 579 42.96 -16.63 -9.50
N GLU B 580 41.99 -16.19 -8.70
CA GLU B 580 42.24 -15.73 -7.35
C GLU B 580 40.92 -15.63 -6.61
N ILE B 581 41.01 -15.47 -5.29
CA ILE B 581 39.84 -15.40 -4.42
C ILE B 581 39.78 -13.99 -3.85
N LEU B 582 38.72 -13.26 -4.18
CA LEU B 582 38.54 -11.88 -3.74
C LEU B 582 37.24 -11.77 -2.96
N ASP B 583 37.30 -11.05 -1.84
CA ASP B 583 36.16 -10.89 -0.94
C ASP B 583 35.64 -9.46 -1.05
N ILE B 584 34.45 -9.30 -1.62
CA ILE B 584 33.86 -7.97 -1.76
C ILE B 584 33.23 -7.57 -0.42
N THR B 585 33.67 -6.43 0.11
CA THR B 585 33.14 -5.92 1.37
C THR B 585 32.75 -4.45 1.17
N PRO B 586 31.56 -4.04 1.59
CA PRO B 586 31.15 -2.65 1.35
C PRO B 586 31.96 -1.68 2.18
N CYS B 587 31.86 -0.40 1.79
CA CYS B 587 32.65 0.65 2.41
C CYS B 587 32.14 0.97 3.82
N SER B 588 32.70 2.00 4.44
CA SER B 588 32.35 2.38 5.79
C SER B 588 31.18 3.36 5.77
N PHE B 589 30.28 3.21 6.73
CA PHE B 589 29.13 4.09 6.85
C PHE B 589 28.71 4.15 8.32
N GLY B 590 27.95 5.18 8.65
CA GLY B 590 27.48 5.34 10.01
C GLY B 590 26.70 6.62 10.17
N GLY B 591 25.94 6.68 11.26
CA GLY B 591 25.13 7.85 11.53
C GLY B 591 25.94 9.03 12.01
N VAL B 592 25.33 10.20 11.91
CA VAL B 592 25.92 11.45 12.39
C VAL B 592 24.86 12.23 13.14
N SER B 593 25.24 12.74 14.31
CA SER B 593 24.35 13.54 15.15
C SER B 593 24.99 14.91 15.37
N VAL B 594 24.27 15.79 16.05
CA VAL B 594 24.75 17.12 16.36
C VAL B 594 24.47 17.41 17.83
N ILE B 595 25.51 17.72 18.59
CA ILE B 595 25.38 18.07 20.00
C ILE B 595 25.39 19.59 20.05
N THR B 596 24.21 20.19 19.96
CA THR B 596 24.17 21.65 19.96
C THR B 596 23.42 22.18 21.16
N PRO B 597 23.90 23.24 21.81
CA PRO B 597 23.07 23.95 22.77
C PRO B 597 22.01 24.77 22.06
N GLY B 598 21.18 25.44 22.85
CA GLY B 598 20.16 26.30 22.29
C GLY B 598 20.73 27.39 21.41
N THR B 599 19.97 27.82 20.39
CA THR B 599 20.45 28.87 19.52
C THR B 599 20.69 30.16 20.30
N ASN B 600 19.90 30.41 21.35
CA ASN B 600 20.11 31.57 22.20
C ASN B 600 21.50 31.56 22.81
N THR B 601 21.90 30.41 23.37
CA THR B 601 23.14 30.34 24.13
C THR B 601 24.35 30.58 23.26
N SER B 602 24.48 29.83 22.16
CA SER B 602 25.64 29.96 21.29
C SER B 602 25.46 29.17 20.00
N ASN B 603 26.50 29.13 19.17
CA ASN B 603 26.49 28.39 17.91
C ASN B 603 27.61 27.37 17.82
N GLN B 604 28.19 26.97 18.94
CA GLN B 604 29.25 25.97 18.96
C GLN B 604 28.63 24.58 19.07
N VAL B 605 29.02 23.69 18.16
CA VAL B 605 28.41 22.37 18.06
C VAL B 605 29.46 21.29 18.31
N ALA B 606 29.03 20.02 18.24
CA ALA B 606 29.93 18.90 18.46
C ALA B 606 29.37 17.70 17.70
N VAL B 607 29.99 17.37 16.58
CA VAL B 607 29.50 16.30 15.71
C VAL B 607 29.98 14.96 16.21
N LEU B 608 29.06 14.02 16.41
CA LEU B 608 29.37 12.68 16.88
C LEU B 608 29.25 11.70 15.70
N TYR B 609 30.37 11.09 15.33
CA TYR B 609 30.38 10.05 14.30
C TYR B 609 30.18 8.72 15.00
N GLN B 610 29.03 8.09 14.76
CA GLN B 610 28.63 6.88 15.49
C GLN B 610 29.16 5.62 14.82
N GLY B 611 29.69 4.72 15.64
CA GLY B 611 29.98 3.36 15.22
C GLY B 611 30.91 3.21 14.04
N VAL B 612 32.02 3.96 14.05
CA VAL B 612 33.03 3.87 13.01
C VAL B 612 34.39 3.87 13.67
N ASN B 613 35.35 3.19 13.05
CA ASN B 613 36.73 3.26 13.52
C ASN B 613 37.24 4.66 13.21
N CYS B 614 37.89 5.27 14.20
CA CYS B 614 38.03 6.71 14.21
C CYS B 614 39.10 7.19 13.24
N THR B 615 39.91 6.25 12.73
CA THR B 615 41.00 6.63 11.84
C THR B 615 40.49 7.06 10.48
N GLU B 616 39.23 6.71 10.16
CA GLU B 616 38.72 6.96 8.81
C GLU B 616 38.59 8.44 8.51
N VAL B 617 38.03 9.21 9.45
CA VAL B 617 37.76 10.62 9.17
C VAL B 617 39.03 11.47 9.09
N PRO B 618 40.15 11.13 9.75
CA PRO B 618 41.43 11.64 9.26
C PRO B 618 41.64 11.40 7.77
N VAL B 619 41.46 10.16 7.31
CA VAL B 619 41.66 9.84 5.91
C VAL B 619 40.59 10.50 5.05
N ALA B 620 39.41 10.73 5.62
CA ALA B 620 38.32 11.39 4.90
C ALA B 620 38.61 12.85 4.62
N ILE B 621 39.66 13.42 5.20
CA ILE B 621 39.99 14.82 4.97
C ILE B 621 40.60 14.95 3.59
N HIS B 622 39.77 15.30 2.61
CA HIS B 622 40.19 15.44 1.21
C HIS B 622 39.13 16.25 0.48
N ALA B 623 39.44 16.60 -0.77
CA ALA B 623 38.52 17.33 -1.62
C ALA B 623 37.66 16.34 -2.38
N ASP B 624 36.34 16.43 -2.19
CA ASP B 624 35.37 15.59 -2.89
C ASP B 624 35.62 14.10 -2.62
N GLN B 625 35.90 13.76 -1.36
CA GLN B 625 36.06 12.37 -0.96
C GLN B 625 35.24 12.06 0.29
N LEU B 626 34.10 12.72 0.45
CA LEU B 626 33.21 12.46 1.57
C LEU B 626 31.83 13.03 1.23
N THR B 627 30.80 12.24 1.48
CA THR B 627 29.44 12.67 1.14
C THR B 627 29.01 13.94 1.89
N PRO B 628 29.20 14.08 3.20
CA PRO B 628 28.88 15.36 3.84
C PRO B 628 29.77 16.48 3.31
N THR B 629 29.16 17.65 3.14
CA THR B 629 29.89 18.77 2.55
C THR B 629 30.83 19.44 3.55
N TRP B 630 30.45 19.49 4.83
CA TRP B 630 31.26 20.20 5.82
C TRP B 630 32.47 19.38 6.25
N ARG B 631 33.23 18.90 5.27
CA ARG B 631 34.46 18.17 5.52
C ARG B 631 35.50 19.02 6.25
N VAL B 632 35.42 20.35 6.14
CA VAL B 632 36.39 21.22 6.81
C VAL B 632 36.35 21.03 8.31
N TYR B 633 35.20 20.63 8.86
CA TYR B 633 35.09 20.41 10.29
C TYR B 633 35.89 19.20 10.74
N SER B 634 36.22 18.28 9.82
CA SER B 634 36.91 17.05 10.21
C SER B 634 38.24 17.35 10.89
N THR B 635 38.98 18.34 10.39
CA THR B 635 40.20 18.80 11.05
C THR B 635 39.87 19.88 12.08
N GLY B 636 38.94 19.53 12.97
CA GLY B 636 38.40 20.45 13.95
C GLY B 636 39.06 20.31 15.31
N SER B 637 38.24 20.25 16.35
CA SER B 637 38.71 20.27 17.72
C SER B 637 39.22 18.90 18.18
N ASN B 638 39.44 18.77 19.48
CA ASN B 638 40.01 17.56 20.07
C ASN B 638 39.17 16.32 19.76
N VAL B 639 39.76 15.37 19.03
CA VAL B 639 39.05 14.14 18.72
C VAL B 639 39.03 13.24 19.95
N PHE B 640 37.84 12.79 20.31
CA PHE B 640 37.65 11.93 21.47
C PHE B 640 37.05 10.61 20.99
N GLN B 641 37.31 9.55 21.74
CA GLN B 641 36.88 8.21 21.37
C GLN B 641 35.94 7.65 22.44
N THR B 642 34.81 7.12 21.99
CA THR B 642 33.82 6.49 22.87
C THR B 642 33.51 5.11 22.36
N ARG B 643 32.71 4.38 23.15
CA ARG B 643 32.22 3.07 22.70
C ARG B 643 31.25 3.19 21.54
N ALA B 644 30.58 4.33 21.38
CA ALA B 644 29.61 4.52 20.31
C ALA B 644 30.18 5.25 19.10
N GLY B 645 31.30 5.93 19.23
CA GLY B 645 31.89 6.64 18.12
C GLY B 645 32.82 7.73 18.61
N CYS B 646 33.21 8.58 17.68
CA CYS B 646 34.12 9.70 17.98
C CYS B 646 33.35 11.00 18.03
N LEU B 647 33.51 11.72 19.13
CA LEU B 647 32.85 13.02 19.35
C LEU B 647 33.82 14.12 18.94
N ILE B 648 33.81 14.47 17.66
CA ILE B 648 34.74 15.45 17.11
C ILE B 648 34.18 16.83 17.45
N GLY B 649 34.82 17.51 18.40
CA GLY B 649 34.40 18.86 18.74
C GLY B 649 34.17 19.09 20.22
N ALA B 650 34.58 18.14 21.06
CA ALA B 650 34.39 18.28 22.49
C ALA B 650 35.56 17.60 23.22
N GLU B 651 36.04 18.23 24.27
CA GLU B 651 37.08 17.66 25.10
C GLU B 651 36.45 16.85 26.23
N TYR B 652 37.24 15.96 26.82
CA TYR B 652 36.78 15.09 27.91
C TYR B 652 37.35 15.60 29.23
N VAL B 653 36.48 16.00 30.14
CA VAL B 653 36.90 16.35 31.49
C VAL B 653 36.89 15.07 32.32
N ASN B 654 37.57 15.10 33.47
CA ASN B 654 37.66 13.94 34.34
C ASN B 654 36.76 14.04 35.57
N ASN B 655 36.03 15.13 35.73
CA ASN B 655 35.08 15.24 36.82
C ASN B 655 33.73 14.63 36.40
N SER B 656 32.83 14.50 37.37
CA SER B 656 31.53 13.89 37.14
C SER B 656 30.41 14.84 37.54
N TYR B 657 29.43 14.98 36.65
CA TYR B 657 28.24 15.77 36.94
C TYR B 657 27.00 15.05 36.44
N GLU B 658 25.84 15.68 36.57
CA GLU B 658 24.57 15.10 36.14
C GLU B 658 24.52 15.08 34.62
N CYS B 659 23.86 14.06 34.07
CA CYS B 659 23.84 13.89 32.62
C CYS B 659 22.81 14.83 31.99
N ASP B 660 23.29 15.73 31.15
CA ASP B 660 22.41 16.69 30.48
C ASP B 660 22.01 16.18 29.10
N ILE B 661 23.00 15.99 28.22
CA ILE B 661 22.70 15.40 26.91
C ILE B 661 23.41 14.06 26.82
N PRO B 662 22.70 12.96 26.60
CA PRO B 662 23.36 11.64 26.63
C PRO B 662 24.04 11.30 25.32
N ILE B 663 25.37 11.15 25.35
CA ILE B 663 26.10 10.77 24.15
C ILE B 663 25.84 9.32 23.81
N GLY B 664 25.95 8.43 24.80
CA GLY B 664 25.76 7.02 24.58
C GLY B 664 26.82 6.17 25.26
N ALA B 665 26.40 5.03 25.83
CA ALA B 665 27.29 4.08 26.49
C ALA B 665 28.06 4.71 27.64
N GLY B 666 27.41 5.57 28.43
CA GLY B 666 28.03 6.11 29.62
C GLY B 666 28.69 7.46 29.47
N ILE B 667 28.43 8.18 28.38
CA ILE B 667 29.05 9.48 28.11
C ILE B 667 27.93 10.51 27.99
N CYS B 668 28.10 11.65 28.63
CA CYS B 668 27.16 12.75 28.52
C CYS B 668 27.88 14.07 28.29
N ALA B 669 27.33 14.89 27.40
CA ALA B 669 27.92 16.17 27.04
C ALA B 669 27.15 17.30 27.71
N SER B 670 27.79 18.47 27.76
CA SER B 670 27.17 19.66 28.34
C SER B 670 27.93 20.87 27.80
N TYR B 671 27.31 22.04 27.96
CA TYR B 671 27.89 23.31 27.55
C TYR B 671 28.29 24.07 28.81
N GLN B 672 29.58 24.36 28.94
CA GLN B 672 30.08 24.96 30.17
C GLN B 672 31.07 26.07 29.85
N THR B 673 31.21 26.99 30.79
CA THR B 673 32.10 28.14 30.65
C THR B 673 33.50 27.79 31.13
N SER B 686 35.01 32.26 27.25
CA SER B 686 35.62 30.95 27.40
C SER B 686 34.56 29.88 27.67
N GLN B 687 33.87 29.48 26.61
CA GLN B 687 32.83 28.46 26.71
C GLN B 687 33.11 27.36 25.71
N SER B 688 32.70 26.14 26.04
CA SER B 688 32.90 25.01 25.16
C SER B 688 31.98 23.87 25.57
N ILE B 689 31.86 22.90 24.68
CA ILE B 689 31.10 21.67 24.96
C ILE B 689 32.07 20.64 25.50
N ILE B 690 31.78 20.13 26.70
CA ILE B 690 32.62 19.15 27.36
C ILE B 690 31.82 17.87 27.56
N ALA B 691 32.49 16.74 27.36
CA ALA B 691 31.89 15.42 27.53
C ALA B 691 32.54 14.73 28.72
N TYR B 692 31.72 14.03 29.52
CA TYR B 692 32.22 13.38 30.72
C TYR B 692 31.42 12.09 30.95
N THR B 693 31.70 11.44 32.08
CA THR B 693 31.04 10.21 32.46
C THR B 693 29.91 10.53 33.43
N MET B 694 28.84 9.73 33.38
CA MET B 694 27.66 10.01 34.18
C MET B 694 27.96 9.95 35.66
N SER B 695 27.16 10.68 36.43
CA SER B 695 27.21 10.65 37.89
C SER B 695 25.89 10.11 38.39
N LEU B 696 25.88 8.84 38.80
CA LEU B 696 24.65 8.24 39.31
C LEU B 696 24.19 8.94 40.59
N GLY B 697 25.13 9.47 41.36
CA GLY B 697 24.79 10.18 42.57
C GLY B 697 25.99 10.23 43.49
N ALA B 698 25.82 10.95 44.60
CA ALA B 698 26.85 11.08 45.60
C ALA B 698 26.82 9.87 46.52
N GLU B 699 27.99 9.25 46.71
CA GLU B 699 28.06 8.06 47.54
C GLU B 699 27.69 8.39 48.98
N ASN B 700 26.89 7.51 49.57
CA ASN B 700 26.53 7.62 50.97
C ASN B 700 26.88 6.31 51.67
N SER B 701 27.41 6.41 52.87
CA SER B 701 27.90 5.26 53.62
C SER B 701 27.07 5.11 54.89
N VAL B 702 26.00 4.33 54.81
CA VAL B 702 25.19 4.06 55.99
C VAL B 702 25.89 3.03 56.87
N ALA B 703 25.99 3.32 58.16
CA ALA B 703 26.69 2.45 59.08
C ALA B 703 25.89 1.19 59.37
N TYR B 704 26.42 0.32 60.23
CA TYR B 704 25.73 -0.90 60.62
C TYR B 704 26.43 -1.55 61.80
N SER B 705 25.67 -2.15 62.71
CA SER B 705 26.24 -2.86 63.84
C SER B 705 25.15 -3.74 64.45
N ASN B 706 25.58 -4.63 65.36
CA ASN B 706 24.62 -5.49 66.03
C ASN B 706 23.68 -4.71 66.94
N ASN B 707 24.01 -3.45 67.27
CA ASN B 707 23.15 -2.59 68.08
C ASN B 707 23.32 -1.14 67.61
N SER B 708 22.42 -0.70 66.73
CA SER B 708 22.39 0.69 66.29
C SER B 708 21.05 0.96 65.64
N ILE B 709 20.34 1.97 66.12
CA ILE B 709 19.07 2.38 65.54
C ILE B 709 19.10 3.87 65.31
N ALA B 710 18.51 4.32 64.20
CA ALA B 710 18.45 5.73 63.85
C ALA B 710 17.00 6.15 63.75
N ILE B 711 16.56 7.00 64.67
CA ILE B 711 15.16 7.39 64.78
C ILE B 711 15.04 8.87 64.45
N PRO B 712 14.14 9.27 63.55
CA PRO B 712 13.95 10.70 63.29
C PRO B 712 13.24 11.39 64.44
N THR B 713 13.57 12.66 64.64
CA THR B 713 12.97 13.47 65.69
C THR B 713 12.10 14.60 65.15
N ASN B 714 12.06 14.78 63.84
CA ASN B 714 11.31 15.88 63.23
C ASN B 714 10.86 15.47 61.85
N PHE B 715 9.83 16.17 61.37
CA PHE B 715 9.20 15.86 60.09
C PHE B 715 8.98 17.14 59.31
N THR B 716 8.73 16.98 58.01
CA THR B 716 8.40 18.09 57.14
C THR B 716 7.30 17.63 56.19
N ILE B 717 6.10 18.18 56.35
CA ILE B 717 5.02 17.87 55.43
C ILE B 717 5.32 18.48 54.07
N SER B 718 5.28 17.66 53.03
CA SER B 718 5.68 18.07 51.70
C SER B 718 4.51 17.92 50.74
N VAL B 719 4.61 18.63 49.61
CA VAL B 719 3.64 18.51 48.53
C VAL B 719 4.42 18.23 47.25
N THR B 720 3.77 17.52 46.34
CA THR B 720 4.41 17.15 45.07
C THR B 720 3.38 17.38 43.97
N THR B 721 3.63 16.85 42.78
CA THR B 721 2.68 16.96 41.69
C THR B 721 2.88 15.77 40.76
N GLU B 722 1.82 15.42 40.03
CA GLU B 722 1.86 14.28 39.12
C GLU B 722 0.91 14.56 37.95
N ILE B 723 1.49 15.04 36.85
CA ILE B 723 0.69 15.34 35.67
C ILE B 723 0.45 14.06 34.88
N LEU B 724 -0.80 13.86 34.45
CA LEU B 724 -1.19 12.67 33.71
C LEU B 724 -2.14 13.04 32.57
N PRO B 725 -1.88 12.54 31.37
CA PRO B 725 -2.89 12.63 30.31
C PRO B 725 -4.10 11.79 30.65
N VAL B 726 -5.26 12.26 30.21
CA VAL B 726 -6.51 11.54 30.46
C VAL B 726 -7.23 11.27 29.15
N SER B 727 -7.03 12.13 28.16
CA SER B 727 -7.70 11.97 26.89
C SER B 727 -6.95 12.76 25.83
N MET B 728 -7.09 12.32 24.58
CA MET B 728 -6.50 12.98 23.44
C MET B 728 -7.59 13.67 22.64
N THR B 729 -7.19 14.35 21.56
CA THR B 729 -8.12 15.15 20.78
C THR B 729 -8.99 14.23 19.93
N LYS B 730 -10.31 14.38 20.06
CA LYS B 730 -11.22 13.65 19.18
C LYS B 730 -11.03 14.13 17.74
N THR B 731 -11.23 13.22 16.80
CA THR B 731 -11.07 13.56 15.40
C THR B 731 -11.94 12.65 14.55
N SER B 732 -12.12 13.04 13.29
CA SER B 732 -12.92 12.29 12.35
C SER B 732 -12.39 12.54 10.95
N VAL B 733 -12.81 11.68 10.03
CA VAL B 733 -12.36 11.82 8.63
C VAL B 733 -13.52 11.46 7.74
N ASP B 734 -13.62 12.09 6.57
CA ASP B 734 -14.65 11.69 5.59
C ASP B 734 -13.89 11.38 4.30
N CYS B 735 -13.96 10.15 3.80
CA CYS B 735 -13.12 9.80 2.65
C CYS B 735 -13.46 10.65 1.44
N THR B 736 -14.70 10.63 0.99
CA THR B 736 -15.13 11.27 -0.25
C THR B 736 -14.63 12.70 -0.35
N MET B 737 -14.29 13.31 0.79
CA MET B 737 -13.68 14.63 0.77
C MET B 737 -12.17 14.55 0.78
N TYR B 738 -11.60 13.67 1.61
CA TYR B 738 -10.16 13.67 1.82
C TYR B 738 -9.42 13.05 0.64
N ILE B 739 -9.75 11.81 0.30
CA ILE B 739 -8.94 11.06 -0.66
C ILE B 739 -8.92 11.78 -2.01
N CYS B 740 -10.02 12.45 -2.34
CA CYS B 740 -10.07 13.32 -3.51
C CYS B 740 -11.16 14.35 -3.29
N GLY B 741 -10.95 15.57 -3.79
CA GLY B 741 -11.94 16.60 -3.68
C GLY B 741 -13.22 16.25 -4.43
N ASP B 742 -14.17 17.19 -4.39
CA ASP B 742 -15.44 17.00 -5.08
C ASP B 742 -15.23 16.57 -6.53
N SER B 743 -15.61 15.35 -6.85
CA SER B 743 -15.40 14.78 -8.18
C SER B 743 -16.24 13.51 -8.33
N THR B 744 -17.04 13.45 -9.39
CA THR B 744 -17.96 12.32 -9.56
C THR B 744 -17.21 11.02 -9.82
N GLU B 745 -16.28 11.05 -10.79
CA GLU B 745 -15.64 9.80 -11.21
C GLU B 745 -14.69 9.25 -10.15
N CYS B 746 -14.09 10.13 -9.34
CA CYS B 746 -13.24 9.62 -8.27
C CYS B 746 -14.05 8.82 -7.26
N SER B 747 -15.23 9.32 -6.87
CA SER B 747 -16.09 8.54 -5.99
C SER B 747 -16.60 7.28 -6.68
N ASN B 748 -16.89 7.40 -7.97
CA ASN B 748 -17.30 6.22 -8.74
C ASN B 748 -16.27 5.11 -8.67
N LEU B 749 -14.99 5.44 -8.81
CA LEU B 749 -13.93 4.44 -8.74
C LEU B 749 -13.55 4.06 -7.32
N LEU B 750 -13.81 4.93 -6.34
CA LEU B 750 -13.69 4.56 -4.94
C LEU B 750 -14.74 3.54 -4.52
N LEU B 751 -15.88 3.51 -5.22
CA LEU B 751 -16.88 2.49 -4.95
C LEU B 751 -16.31 1.10 -5.11
N GLN B 752 -15.38 0.92 -6.05
CA GLN B 752 -14.78 -0.40 -6.26
C GLN B 752 -14.00 -0.86 -5.02
N TYR B 753 -13.23 0.04 -4.41
CA TYR B 753 -12.53 -0.32 -3.18
C TYR B 753 -13.52 -0.53 -2.04
N GLY B 754 -14.42 0.42 -1.82
CA GLY B 754 -15.53 0.19 -0.93
C GLY B 754 -15.27 0.24 0.56
N SER B 755 -15.22 -0.94 1.20
CA SER B 755 -15.34 -1.12 2.64
C SER B 755 -14.13 -0.63 3.43
N PHE B 756 -13.02 -0.29 2.78
CA PHE B 756 -11.88 0.24 3.52
C PHE B 756 -12.25 1.51 4.26
N CYS B 757 -12.98 2.34 3.52
CA CYS B 757 -13.44 3.60 4.11
C CYS B 757 -14.43 3.27 5.23
N THR B 758 -15.35 2.39 4.98
CA THR B 758 -16.25 2.12 6.09
C THR B 758 -15.39 1.61 7.22
N GLN B 759 -14.41 0.78 6.95
CA GLN B 759 -13.61 0.34 8.13
C GLN B 759 -12.81 1.53 8.63
N LEU B 760 -12.27 2.38 7.76
CA LEU B 760 -11.45 3.49 8.31
C LEU B 760 -12.33 4.46 9.10
N LYS B 761 -13.48 4.89 8.60
CA LYS B 761 -14.25 5.85 9.41
C LYS B 761 -14.63 5.17 10.70
N ARG B 762 -15.11 3.94 10.62
CA ARG B 762 -15.60 3.30 11.85
C ARG B 762 -14.41 3.06 12.74
N ALA B 763 -13.20 3.01 12.19
CA ALA B 763 -12.09 2.79 13.13
C ALA B 763 -11.91 3.99 14.04
N LEU B 764 -11.92 5.19 13.45
CA LEU B 764 -11.73 6.44 14.23
C LEU B 764 -12.89 6.67 15.19
N THR B 765 -14.12 6.37 14.80
CA THR B 765 -15.25 6.70 15.70
C THR B 765 -15.06 5.99 17.01
N GLY B 766 -15.01 4.68 17.01
CA GLY B 766 -14.76 3.95 18.24
C GLY B 766 -13.75 4.67 19.12
N ILE B 767 -12.69 5.21 18.52
CA ILE B 767 -11.70 5.96 19.30
C ILE B 767 -12.35 7.16 19.98
N ALA B 768 -13.17 7.92 19.24
CA ALA B 768 -13.78 9.12 19.82
C ALA B 768 -14.71 8.76 20.98
N VAL B 769 -15.54 7.73 20.80
CA VAL B 769 -16.44 7.32 21.88
C VAL B 769 -15.63 6.85 23.08
N GLU B 770 -14.52 6.15 22.83
CA GLU B 770 -13.67 5.73 23.93
C GLU B 770 -13.08 6.92 24.67
N GLN B 771 -12.75 8.00 23.95
CA GLN B 771 -12.24 9.20 24.61
C GLN B 771 -13.29 9.79 25.55
N ASP B 772 -14.52 9.90 25.07
CA ASP B 772 -15.59 10.41 25.92
C ASP B 772 -15.79 9.53 27.14
N LYS B 773 -15.77 8.21 26.95
CA LYS B 773 -15.90 7.31 28.09
C LYS B 773 -14.73 7.45 29.05
N ASN B 774 -13.52 7.68 28.54
CA ASN B 774 -12.36 7.89 29.39
C ASN B 774 -12.58 9.07 30.32
N THR B 775 -12.96 10.21 29.75
CA THR B 775 -13.19 11.39 30.59
C THR B 775 -14.31 11.13 31.59
N GLN B 776 -15.39 10.50 31.13
CA GLN B 776 -16.54 10.26 31.99
C GLN B 776 -16.17 9.39 33.19
N GLU B 777 -15.40 8.32 32.97
CA GLU B 777 -15.05 7.43 34.07
C GLU B 777 -13.96 8.02 34.96
N VAL B 778 -13.09 8.87 34.40
CA VAL B 778 -12.05 9.47 35.23
C VAL B 778 -12.63 10.50 36.18
N PHE B 779 -13.52 11.37 35.70
CA PHE B 779 -14.00 12.47 36.53
C PHE B 779 -15.27 12.19 37.31
N ALA B 780 -16.23 11.46 36.73
CA ALA B 780 -17.54 11.30 37.34
C ALA B 780 -17.60 10.10 38.28
N GLN B 781 -16.96 10.20 39.44
CA GLN B 781 -17.02 9.13 40.43
C GLN B 781 -18.22 9.27 41.36
N VAL B 782 -18.58 10.49 41.74
CA VAL B 782 -19.75 10.75 42.58
C VAL B 782 -20.69 11.63 41.78
N LYS B 783 -21.97 11.24 41.72
CA LYS B 783 -22.91 11.97 40.89
C LYS B 783 -23.54 13.14 41.63
N GLN B 784 -23.80 12.98 42.93
CA GLN B 784 -24.42 14.06 43.71
C GLN B 784 -23.43 15.21 43.82
N ILE B 785 -23.67 16.28 43.06
CA ILE B 785 -22.77 17.42 43.08
C ILE B 785 -22.89 18.15 44.41
N TYR B 786 -21.74 18.46 45.00
CA TYR B 786 -21.68 19.17 46.27
C TYR B 786 -21.28 20.63 46.03
N LYS B 787 -21.58 21.48 47.02
CA LYS B 787 -21.27 22.89 46.95
C LYS B 787 -20.37 23.29 48.11
N THR B 788 -19.46 24.22 47.83
CA THR B 788 -18.46 24.61 48.82
C THR B 788 -19.13 25.38 49.97
N PRO B 789 -18.60 25.28 51.18
CA PRO B 789 -19.16 26.04 52.31
C PRO B 789 -18.89 27.53 52.16
N PRO B 790 -19.68 28.38 52.81
CA PRO B 790 -19.47 29.82 52.67
C PRO B 790 -18.13 30.31 53.19
N ILE B 791 -17.82 30.03 54.46
CA ILE B 791 -16.59 30.51 55.08
C ILE B 791 -15.61 29.34 55.15
N LYS B 792 -14.37 29.60 55.53
CA LYS B 792 -13.35 28.57 55.38
C LYS B 792 -12.92 27.98 56.71
N TYR B 793 -12.25 28.79 57.55
CA TYR B 793 -11.85 28.47 58.93
C TYR B 793 -11.55 26.98 59.11
N PHE B 794 -10.68 26.40 58.29
CA PHE B 794 -10.46 24.94 58.42
C PHE B 794 -9.25 24.71 59.34
N GLY B 795 -9.31 25.14 60.59
CA GLY B 795 -8.25 24.90 61.54
C GLY B 795 -6.97 25.62 61.25
N GLY B 796 -7.01 26.68 60.44
CA GLY B 796 -5.82 27.39 60.02
C GLY B 796 -5.30 26.98 58.66
N PHE B 797 -5.87 25.93 58.10
CA PHE B 797 -5.41 25.47 56.78
C PHE B 797 -5.99 26.43 55.75
N ASN B 798 -5.25 26.70 54.70
CA ASN B 798 -5.67 27.70 53.72
C ASN B 798 -5.87 27.02 52.37
N PHE B 799 -7.07 27.11 51.83
CA PHE B 799 -7.33 26.39 50.56
C PHE B 799 -7.74 27.41 49.53
N SER B 800 -7.47 28.67 49.82
CA SER B 800 -7.94 29.76 48.93
C SER B 800 -7.51 29.51 47.49
N GLN B 801 -6.37 28.85 47.24
CA GLN B 801 -5.85 28.73 45.87
C GLN B 801 -6.29 27.45 45.20
N ILE B 802 -7.00 26.60 45.91
CA ILE B 802 -7.53 25.35 45.30
C ILE B 802 -9.07 25.43 45.19
N LEU B 803 -9.78 25.97 46.20
CA LEU B 803 -11.23 26.13 46.14
C LEU B 803 -11.58 27.29 45.22
N PRO B 804 -12.53 27.10 44.29
CA PRO B 804 -12.82 28.17 43.33
C PRO B 804 -13.25 29.46 44.00
N ASP B 805 -12.77 30.57 43.45
CA ASP B 805 -13.11 31.87 44.01
C ASP B 805 -14.45 32.34 43.46
N PRO B 806 -15.43 32.63 44.32
CA PRO B 806 -16.71 33.15 43.80
C PRO B 806 -16.55 34.45 43.01
N SER B 807 -15.58 35.28 43.38
CA SER B 807 -15.36 36.54 42.66
C SER B 807 -14.75 36.30 41.28
N LYS B 808 -14.23 35.10 41.02
CA LYS B 808 -13.62 34.82 39.73
C LYS B 808 -14.69 34.88 38.64
N PRO B 809 -14.37 35.48 37.48
CA PRO B 809 -15.35 35.46 36.36
C PRO B 809 -15.71 34.05 35.94
N SER B 810 -14.76 33.13 35.95
CA SER B 810 -15.01 31.72 35.71
C SER B 810 -14.72 30.94 36.97
N LYS B 811 -15.56 29.95 37.28
CA LYS B 811 -15.47 29.26 38.56
C LYS B 811 -14.31 28.28 38.58
N ARG B 812 -13.10 28.79 38.30
CA ARG B 812 -11.86 27.98 38.36
C ARG B 812 -11.01 28.62 39.44
N SER B 813 -10.35 27.83 40.28
CA SER B 813 -9.55 28.33 41.41
C SER B 813 -8.29 28.96 40.88
N PRO B 814 -7.54 29.74 41.66
CA PRO B 814 -6.39 30.37 41.08
C PRO B 814 -5.34 29.46 40.42
N ILE B 815 -4.94 28.34 41.03
CA ILE B 815 -3.89 27.46 40.46
C ILE B 815 -4.42 26.95 39.14
N GLU B 816 -5.69 26.63 39.07
CA GLU B 816 -6.20 26.04 37.83
C GLU B 816 -5.94 27.10 36.79
N ASP B 817 -6.09 28.36 37.16
CA ASP B 817 -5.96 29.42 36.12
C ASP B 817 -4.55 29.42 35.51
N LEU B 818 -3.51 29.36 36.33
CA LEU B 818 -2.14 29.26 35.77
C LEU B 818 -2.12 28.05 34.86
N LEU B 819 -2.61 26.90 35.34
CA LEU B 819 -2.44 25.72 34.51
C LEU B 819 -3.01 25.94 33.11
N PHE B 820 -4.19 26.56 33.05
CA PHE B 820 -4.82 26.81 31.76
C PHE B 820 -4.01 27.80 30.93
N ASN B 821 -3.38 28.78 31.59
CA ASN B 821 -2.59 29.76 30.86
C ASN B 821 -1.26 29.19 30.40
N LYS B 822 -0.68 28.27 31.18
CA LYS B 822 0.64 27.75 30.84
C LYS B 822 0.64 26.88 29.60
N VAL B 823 -0.43 26.11 29.37
CA VAL B 823 -0.52 25.19 28.25
C VAL B 823 -1.10 25.94 27.06
N THR B 824 -0.41 25.88 25.94
CA THR B 824 -0.83 26.56 24.72
C THR B 824 -1.39 25.54 23.74
N LEU B 825 -2.60 25.77 23.27
CA LEU B 825 -3.26 24.86 22.35
C LEU B 825 -2.94 25.19 20.90
N LEU B 846 -7.59 29.69 11.77
CA LEU B 846 -6.30 29.47 11.14
C LEU B 846 -5.76 28.08 11.47
N ILE B 847 -5.91 27.69 12.73
CA ILE B 847 -5.42 26.38 13.16
C ILE B 847 -6.14 25.26 12.44
N CYS B 848 -7.47 25.38 12.30
CA CYS B 848 -8.27 24.40 11.62
C CYS B 848 -8.86 24.92 10.32
N ALA B 849 -8.26 25.97 9.74
CA ALA B 849 -8.82 26.57 8.54
C ALA B 849 -8.58 25.68 7.31
N GLN B 850 -7.32 25.40 7.00
CA GLN B 850 -6.99 24.64 5.81
C GLN B 850 -7.38 23.17 5.91
N LYS B 851 -7.52 22.64 7.13
CA LYS B 851 -7.82 21.22 7.28
C LYS B 851 -9.32 20.96 7.37
N PHE B 852 -10.08 21.47 6.39
CA PHE B 852 -11.42 20.96 6.10
C PHE B 852 -11.44 20.12 4.83
N LYS B 853 -10.35 19.41 4.54
CA LYS B 853 -10.35 18.39 3.50
C LYS B 853 -10.87 17.07 4.07
N GLY B 854 -12.08 17.13 4.62
CA GLY B 854 -12.72 15.97 5.21
C GLY B 854 -12.32 15.67 6.63
N LEU B 855 -11.39 16.42 7.21
CA LEU B 855 -10.93 16.21 8.57
C LEU B 855 -11.53 17.29 9.46
N THR B 856 -12.08 16.87 10.60
CA THR B 856 -12.67 17.80 11.54
C THR B 856 -12.29 17.40 12.96
N VAL B 857 -12.29 18.37 13.85
CA VAL B 857 -11.94 18.16 15.25
C VAL B 857 -13.22 18.37 16.06
N LEU B 858 -13.92 17.27 16.36
CA LEU B 858 -15.16 17.35 17.10
C LEU B 858 -14.90 17.85 18.51
N PRO B 859 -15.78 18.70 19.04
CA PRO B 859 -15.57 19.24 20.39
C PRO B 859 -15.83 18.19 21.44
N PRO B 860 -15.14 18.25 22.58
CA PRO B 860 -15.39 17.29 23.66
C PRO B 860 -16.81 17.42 24.17
N LEU B 861 -17.39 16.28 24.57
CA LEU B 861 -18.76 16.28 25.04
C LEU B 861 -18.89 16.97 26.39
N LEU B 862 -17.93 16.75 27.28
CA LEU B 862 -17.91 17.42 28.57
C LEU B 862 -17.15 18.74 28.42
N THR B 863 -17.86 19.86 28.60
CA THR B 863 -17.24 21.16 28.45
C THR B 863 -16.37 21.49 29.67
N ASP B 864 -15.53 22.50 29.51
CA ASP B 864 -14.57 22.87 30.54
C ASP B 864 -15.21 23.38 31.82
N GLU B 865 -16.45 23.88 31.75
CA GLU B 865 -17.11 24.40 32.94
C GLU B 865 -17.84 23.33 33.73
N MET B 866 -18.32 22.28 33.06
CA MET B 866 -18.93 21.17 33.78
C MET B 866 -17.87 20.33 34.48
N ILE B 867 -16.72 20.13 33.82
CA ILE B 867 -15.59 19.47 34.47
C ILE B 867 -15.13 20.28 35.68
N ALA B 868 -15.20 21.61 35.57
CA ALA B 868 -14.87 22.45 36.71
C ALA B 868 -15.81 22.18 37.88
N GLN B 869 -17.10 21.96 37.61
CA GLN B 869 -18.03 21.65 38.69
C GLN B 869 -17.79 20.26 39.26
N TYR B 870 -17.41 19.31 38.41
CA TYR B 870 -17.03 17.99 38.90
C TYR B 870 -15.86 18.10 39.88
N THR B 871 -14.81 18.81 39.48
CA THR B 871 -13.66 18.97 40.35
C THR B 871 -14.01 19.74 41.61
N SER B 872 -14.89 20.74 41.49
CA SER B 872 -15.34 21.48 42.66
C SER B 872 -16.08 20.58 43.64
N ALA B 873 -16.93 19.68 43.12
CA ALA B 873 -17.61 18.72 43.98
C ALA B 873 -16.61 17.79 44.66
N LEU B 874 -15.62 17.32 43.90
CA LEU B 874 -14.61 16.43 44.47
C LEU B 874 -13.86 17.12 45.61
N LEU B 875 -13.48 18.38 45.40
CA LEU B 875 -12.75 19.13 46.41
C LEU B 875 -13.62 19.58 47.57
N ALA B 876 -14.92 19.73 47.37
CA ALA B 876 -15.82 20.12 48.45
C ALA B 876 -16.32 18.95 49.27
N GLY B 877 -16.19 17.74 48.75
CA GLY B 877 -16.52 16.56 49.52
C GLY B 877 -15.39 16.12 50.42
N THR B 878 -14.14 16.22 49.95
CA THR B 878 -12.98 15.71 50.71
C THR B 878 -12.57 16.70 51.77
N ILE B 879 -13.14 17.89 51.79
CA ILE B 879 -12.64 18.84 52.82
C ILE B 879 -13.71 18.92 53.87
N THR B 880 -14.80 18.22 53.71
CA THR B 880 -15.85 18.17 54.73
C THR B 880 -16.33 16.75 55.05
N SER B 881 -16.25 15.81 54.12
CA SER B 881 -16.72 14.44 54.37
C SER B 881 -15.55 13.48 54.57
N GLY B 882 -14.62 13.46 53.63
CA GLY B 882 -13.46 12.59 53.75
C GLY B 882 -13.46 11.43 52.78
N TRP B 883 -13.21 10.21 53.29
CA TRP B 883 -13.30 9.04 52.44
C TRP B 883 -14.72 8.50 52.42
N THR B 884 -15.59 9.00 53.27
CA THR B 884 -16.91 8.38 53.32
C THR B 884 -17.75 8.73 52.13
N PHE B 885 -17.43 9.78 51.41
CA PHE B 885 -18.38 10.19 50.35
C PHE B 885 -18.24 9.24 49.20
N GLY B 886 -17.22 8.40 49.22
CA GLY B 886 -16.98 7.53 48.09
C GLY B 886 -17.36 6.09 48.36
N ALA B 887 -18.02 5.83 49.50
CA ALA B 887 -18.37 4.48 49.89
C ALA B 887 -19.77 4.40 50.52
N GLY B 888 -20.62 5.39 50.33
CA GLY B 888 -21.91 5.40 51.04
C GLY B 888 -22.56 6.78 51.05
N PRO B 889 -23.45 7.12 52.01
CA PRO B 889 -24.00 8.43 52.03
C PRO B 889 -22.83 9.29 52.46
N ALA B 890 -22.78 10.59 52.13
CA ALA B 890 -21.59 11.41 52.46
C ALA B 890 -21.74 12.02 53.85
N LEU B 891 -21.04 11.45 54.82
CA LEU B 891 -21.18 11.90 56.21
C LEU B 891 -20.19 13.05 56.42
N GLN B 892 -20.42 13.96 57.38
CA GLN B 892 -19.61 15.16 57.58
C GLN B 892 -18.69 14.99 58.78
N ILE B 893 -17.51 15.65 58.76
CA ILE B 893 -16.49 15.60 59.87
C ILE B 893 -15.53 16.80 59.82
N PRO B 894 -15.25 17.52 60.93
CA PRO B 894 -14.39 18.69 60.82
C PRO B 894 -12.99 18.42 60.24
N PHE B 895 -12.34 19.26 59.41
CA PHE B 895 -11.01 18.95 58.79
C PHE B 895 -9.87 18.77 59.79
N PRO B 896 -9.76 19.48 60.92
CA PRO B 896 -8.70 19.20 61.88
C PRO B 896 -8.84 17.81 62.48
N MET B 897 -10.00 17.16 62.37
CA MET B 897 -10.17 15.76 62.85
C MET B 897 -10.18 14.80 61.67
N GLN B 898 -9.91 15.23 60.45
CA GLN B 898 -9.81 14.30 59.30
C GLN B 898 -8.37 14.27 58.89
N MET B 899 -7.48 14.91 59.66
CA MET B 899 -6.04 14.71 59.38
C MET B 899 -5.47 13.96 60.57
N ALA B 900 -6.11 14.01 61.72
CA ALA B 900 -5.67 13.25 62.90
C ALA B 900 -6.14 11.85 62.70
N TYR B 901 -6.96 11.67 61.68
CA TYR B 901 -7.42 10.33 61.38
C TYR B 901 -6.67 9.75 60.19
N ARG B 902 -5.70 10.49 59.65
CA ARG B 902 -4.87 10.03 58.55
C ARG B 902 -3.41 9.85 58.94
N PHE B 903 -2.96 10.50 60.02
CA PHE B 903 -1.69 10.12 60.61
C PHE B 903 -1.73 8.70 61.14
N ASN B 904 -2.88 8.29 61.69
CA ASN B 904 -3.02 6.95 62.24
C ASN B 904 -2.77 5.89 61.19
N GLY B 905 -3.15 6.14 59.94
CA GLY B 905 -2.84 5.20 58.88
C GLY B 905 -1.35 5.06 58.62
N ILE B 906 -0.62 6.17 58.74
CA ILE B 906 0.83 6.14 58.51
C ILE B 906 1.52 5.33 59.60
N GLY B 907 1.14 5.55 60.85
CA GLY B 907 1.77 4.86 61.95
C GLY B 907 2.00 5.76 63.15
N VAL B 908 2.22 7.05 62.89
CA VAL B 908 2.37 8.01 63.99
C VAL B 908 1.02 8.25 64.63
N THR B 909 0.99 8.28 65.96
CA THR B 909 -0.26 8.45 66.67
C THR B 909 -0.84 9.83 66.40
N GLN B 910 -2.13 9.99 66.73
CA GLN B 910 -2.87 11.19 66.37
C GLN B 910 -2.47 12.41 67.18
N ASN B 911 -2.12 12.23 68.46
CA ASN B 911 -1.89 13.37 69.34
C ASN B 911 -0.90 14.35 68.76
N VAL B 912 0.16 13.82 68.13
CA VAL B 912 1.18 14.67 67.52
C VAL B 912 0.55 15.82 66.75
N LEU B 913 -0.49 15.55 65.93
CA LEU B 913 -1.14 16.62 65.10
C LEU B 913 -1.59 17.76 66.00
N TYR B 914 -2.43 17.51 67.00
CA TYR B 914 -2.94 18.61 67.85
C TYR B 914 -1.78 19.33 68.53
N GLU B 915 -0.72 18.62 68.89
CA GLU B 915 0.36 19.27 69.62
C GLU B 915 1.21 20.13 68.69
N ASN B 916 1.08 19.91 67.38
CA ASN B 916 1.80 20.72 66.42
C ASN B 916 0.85 21.51 65.53
N GLN B 917 -0.45 21.40 65.85
CA GLN B 917 -1.53 21.90 64.95
C GLN B 917 -1.17 23.17 64.23
N LYS B 918 -1.06 24.26 64.97
CA LYS B 918 -0.82 25.57 64.38
C LYS B 918 0.42 25.56 63.51
N LEU B 919 1.55 25.06 64.05
CA LEU B 919 2.78 25.00 63.26
C LEU B 919 2.53 24.27 61.95
N ILE B 920 1.93 23.08 62.03
CA ILE B 920 1.70 22.30 60.82
C ILE B 920 0.91 23.13 59.82
N ALA B 921 -0.13 23.82 60.30
CA ALA B 921 -0.94 24.63 59.41
C ALA B 921 -0.07 25.58 58.61
N ASN B 922 0.77 26.35 59.30
CA ASN B 922 1.64 27.31 58.62
C ASN B 922 2.46 26.60 57.55
N GLN B 923 3.08 25.47 57.92
CA GLN B 923 3.90 24.74 56.97
C GLN B 923 3.07 24.39 55.74
N PHE B 924 1.89 23.81 55.94
CA PHE B 924 1.06 23.45 54.81
C PHE B 924 0.79 24.66 53.94
N ASN B 925 0.42 25.78 54.56
CA ASN B 925 0.19 27.00 53.78
C ASN B 925 1.42 27.33 52.95
N SER B 926 2.59 27.41 53.61
CA SER B 926 3.80 27.72 52.86
C SER B 926 3.98 26.74 51.73
N ALA B 927 3.73 25.46 51.98
CA ALA B 927 3.89 24.45 50.96
C ALA B 927 3.12 24.83 49.71
N ILE B 928 1.83 25.12 49.85
CA ILE B 928 1.03 25.40 48.66
C ILE B 928 1.57 26.63 47.96
N GLY B 929 2.02 27.63 48.72
CA GLY B 929 2.59 28.81 48.10
C GLY B 929 3.74 28.47 47.19
N LYS B 930 4.63 27.59 47.66
CA LYS B 930 5.79 27.22 46.86
C LYS B 930 5.35 26.70 45.50
N ILE B 931 4.28 25.90 45.48
CA ILE B 931 3.81 25.33 44.22
C ILE B 931 3.46 26.44 43.24
N GLN B 932 2.75 27.42 43.74
CA GLN B 932 2.34 28.52 42.85
C GLN B 932 3.60 28.99 42.14
N ASP B 933 4.67 29.25 42.90
CA ASP B 933 5.88 29.79 42.31
C ASP B 933 6.52 28.82 41.34
N SER B 934 6.57 27.53 41.71
CA SER B 934 7.39 26.58 40.97
C SER B 934 6.91 26.45 39.53
N LEU B 935 5.61 26.17 39.35
CA LEU B 935 5.08 26.03 38.00
C LEU B 935 5.21 27.32 37.22
N SER B 936 5.27 28.45 37.93
CA SER B 936 5.45 29.73 37.25
C SER B 936 6.90 29.92 36.81
N SER B 937 7.84 29.29 37.51
CA SER B 937 9.26 29.55 37.15
C SER B 937 9.69 28.66 35.98
N THR B 938 9.91 27.37 36.24
CA THR B 938 10.41 26.45 35.18
C THR B 938 9.37 26.38 34.07
N PRO B 939 9.79 26.37 32.78
CA PRO B 939 8.85 26.22 31.68
C PRO B 939 8.71 24.77 31.21
N SER B 940 9.47 23.83 31.80
CA SER B 940 9.46 22.42 31.33
C SER B 940 8.57 21.56 32.21
N ALA B 941 7.75 22.18 33.06
CA ALA B 941 6.91 21.40 33.99
C ALA B 941 5.78 20.70 33.23
N LEU B 942 4.95 21.44 32.50
CA LEU B 942 3.77 20.90 31.82
C LEU B 942 4.15 20.15 30.56
N GLY B 943 5.28 19.46 30.60
CA GLY B 943 5.75 18.77 29.40
C GLY B 943 4.83 17.64 28.96
N LYS B 944 4.28 16.90 29.91
CA LYS B 944 3.50 15.71 29.57
C LYS B 944 2.25 16.08 28.77
N LEU B 945 1.46 17.02 29.27
CA LEU B 945 0.25 17.43 28.56
C LEU B 945 0.57 18.19 27.28
N GLN B 946 1.69 18.89 27.22
CA GLN B 946 2.10 19.60 26.02
C GLN B 946 2.61 18.67 24.93
N ASP B 947 3.10 17.48 25.30
CA ASP B 947 3.58 16.54 24.31
C ASP B 947 2.45 15.87 23.54
N VAL B 948 1.32 15.60 24.22
CA VAL B 948 0.21 14.92 23.56
C VAL B 948 -0.37 15.80 22.45
N VAL B 949 -0.65 17.06 22.77
CA VAL B 949 -1.22 17.96 21.77
C VAL B 949 -0.21 18.23 20.66
N ASN B 950 1.08 18.29 21.00
CA ASN B 950 2.08 18.49 19.97
C ASN B 950 2.14 17.30 19.02
N HIS B 951 2.07 16.08 19.56
CA HIS B 951 2.07 14.89 18.71
C HIS B 951 0.85 14.85 17.82
N ASN B 952 -0.32 15.18 18.37
CA ASN B 952 -1.53 15.20 17.55
C ASN B 952 -1.44 16.25 16.45
N ALA B 953 -0.94 17.43 16.78
CA ALA B 953 -0.81 18.48 15.78
C ALA B 953 0.16 18.09 14.68
N GLN B 954 1.30 17.48 15.05
CA GLN B 954 2.24 17.05 14.03
C GLN B 954 1.67 15.94 13.16
N ALA B 955 0.95 14.99 13.76
CA ALA B 955 0.35 13.92 12.98
C ALA B 955 -0.67 14.47 11.99
N LEU B 956 -1.53 15.38 12.45
CA LEU B 956 -2.51 15.97 11.54
C LEU B 956 -1.82 16.78 10.45
N ASN B 957 -0.78 17.53 10.80
CA ASN B 957 -0.10 18.36 9.80
C ASN B 957 0.58 17.51 8.74
N THR B 958 1.26 16.43 9.14
CA THR B 958 1.89 15.56 8.17
C THR B 958 0.89 14.70 7.41
N LEU B 959 -0.32 14.54 7.94
CA LEU B 959 -1.37 13.85 7.19
C LEU B 959 -1.91 14.72 6.06
N VAL B 960 -2.07 16.01 6.32
CA VAL B 960 -2.71 16.91 5.37
C VAL B 960 -1.63 17.50 4.48
N LYS B 961 -0.40 16.99 4.60
CA LYS B 961 0.71 17.42 3.78
C LYS B 961 1.08 16.41 2.70
N GLN B 962 0.61 15.17 2.79
CA GLN B 962 0.91 14.15 1.80
C GLN B 962 -0.01 14.22 0.59
N LEU B 963 -0.82 15.26 0.48
CA LEU B 963 -1.69 15.46 -0.68
C LEU B 963 -0.98 16.15 -1.82
N SER B 964 0.33 16.40 -1.70
CA SER B 964 1.10 17.09 -2.74
C SER B 964 2.34 16.27 -3.10
N SER B 965 2.15 14.95 -3.21
CA SER B 965 3.23 14.05 -3.57
C SER B 965 2.74 13.08 -4.63
N LYS B 966 3.57 12.82 -5.64
CA LYS B 966 3.11 12.09 -6.81
C LYS B 966 2.87 10.61 -6.53
N PHE B 967 3.57 10.04 -5.55
CA PHE B 967 3.51 8.60 -5.29
C PHE B 967 3.84 7.79 -6.54
N GLY B 968 4.88 8.20 -7.26
CA GLY B 968 5.28 7.51 -8.47
C GLY B 968 4.28 7.64 -9.60
N ALA B 969 3.76 8.85 -9.79
CA ALA B 969 2.84 9.12 -10.88
C ALA B 969 3.28 10.41 -11.57
N ILE B 970 2.55 10.77 -12.63
CA ILE B 970 2.93 11.92 -13.45
C ILE B 970 2.76 13.21 -12.68
N SER B 971 1.70 13.32 -11.88
CA SER B 971 1.41 14.54 -11.14
C SER B 971 0.50 14.21 -9.97
N SER B 972 0.45 15.15 -9.02
CA SER B 972 -0.42 15.02 -7.85
C SER B 972 -1.74 15.77 -8.01
N VAL B 973 -1.98 16.41 -9.15
CA VAL B 973 -3.21 17.14 -9.39
C VAL B 973 -4.21 16.19 -10.04
N LEU B 974 -5.41 16.12 -9.47
CA LEU B 974 -6.34 15.04 -9.81
C LEU B 974 -6.92 15.23 -11.22
N ASN B 975 -7.51 16.40 -11.48
CA ASN B 975 -8.14 16.60 -12.78
C ASN B 975 -7.10 16.64 -13.88
N ASP B 976 -5.88 17.06 -13.55
CA ASP B 976 -4.79 17.03 -14.51
C ASP B 976 -4.49 15.58 -14.93
N ILE B 977 -4.47 14.65 -13.97
CA ILE B 977 -4.10 13.28 -14.31
C ILE B 977 -5.27 12.56 -14.95
N PHE B 978 -6.50 13.04 -14.75
CA PHE B 978 -7.57 12.60 -15.64
C PHE B 978 -7.47 13.18 -17.04
N SER B 979 -6.93 14.38 -17.19
CA SER B 979 -7.09 15.13 -18.43
C SER B 979 -6.12 14.71 -19.53
N ARG B 980 -4.81 14.77 -19.27
CA ARG B 980 -3.83 14.50 -20.35
C ARG B 980 -3.76 13.02 -20.75
N LEU B 981 -3.49 12.12 -19.80
CA LEU B 981 -3.32 10.67 -20.09
C LEU B 981 -4.62 10.07 -20.66
N ASP B 982 -4.51 9.14 -21.61
CA ASP B 982 -5.70 8.53 -22.28
C ASP B 982 -6.39 7.55 -21.33
N PRO B 983 -7.65 7.14 -21.57
CA PRO B 983 -8.38 6.29 -20.63
C PRO B 983 -7.79 4.94 -20.24
N PRO B 984 -7.11 4.16 -21.12
CA PRO B 984 -6.60 2.85 -20.68
C PRO B 984 -5.67 2.94 -19.45
N GLU B 985 -4.76 3.91 -19.41
CA GLU B 985 -3.79 4.02 -18.28
C GLU B 985 -4.15 5.18 -17.38
N ALA B 986 -5.30 5.81 -17.61
CA ALA B 986 -5.65 6.87 -16.66
C ALA B 986 -5.79 6.16 -15.31
N GLU B 987 -6.46 5.01 -15.30
CA GLU B 987 -6.65 4.27 -14.04
C GLU B 987 -5.29 3.78 -13.55
N VAL B 988 -4.43 3.27 -14.43
CA VAL B 988 -3.12 2.70 -14.01
C VAL B 988 -2.35 3.79 -13.29
N GLN B 989 -2.95 4.97 -13.17
CA GLN B 989 -2.31 6.04 -12.42
C GLN B 989 -3.15 6.48 -11.24
N ILE B 990 -4.46 6.62 -11.44
CA ILE B 990 -5.28 7.11 -10.34
C ILE B 990 -5.52 6.02 -9.29
N ASP B 991 -5.43 4.74 -9.66
CA ASP B 991 -5.38 3.72 -8.63
C ASP B 991 -4.10 3.81 -7.82
N ARG B 992 -2.98 4.12 -8.48
CA ARG B 992 -1.75 4.38 -7.73
C ARG B 992 -1.97 5.48 -6.70
N LEU B 993 -2.54 6.61 -7.14
CA LEU B 993 -2.80 7.71 -6.20
C LEU B 993 -3.75 7.30 -5.09
N ILE B 994 -4.84 6.60 -5.44
CA ILE B 994 -5.87 6.28 -4.46
C ILE B 994 -5.35 5.30 -3.43
N THR B 995 -4.62 4.27 -3.86
CA THR B 995 -4.08 3.32 -2.89
C THR B 995 -2.98 3.96 -2.06
N GLY B 996 -2.24 4.92 -2.63
CA GLY B 996 -1.28 5.64 -1.82
C GLY B 996 -1.92 6.45 -0.71
N ARG B 997 -3.00 7.15 -1.04
CA ARG B 997 -3.69 7.93 -0.01
C ARG B 997 -4.41 7.03 0.99
N LEU B 998 -4.91 5.88 0.52
CA LEU B 998 -5.48 4.91 1.45
C LEU B 998 -4.41 4.37 2.40
N GLN B 999 -3.20 4.14 1.89
CA GLN B 999 -2.10 3.72 2.76
C GLN B 999 -1.76 4.81 3.77
N SER B 1000 -1.77 6.07 3.34
CA SER B 1000 -1.50 7.16 4.28
C SER B 1000 -2.57 7.23 5.37
N LEU B 1001 -3.85 7.12 4.99
CA LEU B 1001 -4.91 7.08 5.98
C LEU B 1001 -4.75 5.89 6.91
N GLN B 1002 -4.39 4.73 6.36
CA GLN B 1002 -4.22 3.53 7.18
C GLN B 1002 -3.10 3.73 8.20
N THR B 1003 -1.99 4.35 7.78
CA THR B 1003 -0.93 4.65 8.72
C THR B 1003 -1.38 5.59 9.82
N TYR B 1004 -2.10 6.66 9.46
CA TYR B 1004 -2.59 7.58 10.48
C TYR B 1004 -3.52 6.88 11.46
N VAL B 1005 -4.42 6.03 10.94
CA VAL B 1005 -5.38 5.34 11.79
C VAL B 1005 -4.66 4.37 12.72
N THR B 1006 -3.69 3.62 12.21
CA THR B 1006 -2.96 2.69 13.06
C THR B 1006 -2.19 3.42 14.16
N GLN B 1007 -1.56 4.55 13.81
CA GLN B 1007 -0.89 5.34 14.82
C GLN B 1007 -1.85 5.83 15.89
N GLN B 1008 -3.05 6.25 15.48
CA GLN B 1008 -4.04 6.69 16.46
C GLN B 1008 -4.53 5.55 17.34
N LEU B 1009 -4.74 4.35 16.79
CA LEU B 1009 -5.11 3.22 17.64
C LEU B 1009 -4.03 2.89 18.67
N ILE B 1010 -2.76 2.95 18.28
CA ILE B 1010 -1.71 2.67 19.26
C ILE B 1010 -1.65 3.77 20.32
N ARG B 1011 -1.75 5.05 19.89
CA ARG B 1011 -1.71 6.14 20.85
C ARG B 1011 -2.89 6.10 21.81
N ALA B 1012 -4.07 5.75 21.30
CA ALA B 1012 -5.25 5.67 22.15
C ALA B 1012 -5.12 4.55 23.17
N ALA B 1013 -4.50 3.44 22.77
CA ALA B 1013 -4.23 2.37 23.72
C ALA B 1013 -3.29 2.85 24.82
N GLU B 1014 -2.25 3.60 24.43
CA GLU B 1014 -1.35 4.16 25.45
C GLU B 1014 -2.10 5.09 26.40
N ILE B 1015 -2.96 5.95 25.85
CA ILE B 1015 -3.71 6.88 26.69
C ILE B 1015 -4.65 6.13 27.63
N ARG B 1016 -5.34 5.11 27.12
CA ARG B 1016 -6.23 4.31 27.95
C ARG B 1016 -5.46 3.62 29.06
N ALA B 1017 -4.24 3.16 28.77
CA ALA B 1017 -3.39 2.65 29.83
C ALA B 1017 -3.10 3.74 30.86
N SER B 1018 -2.88 4.97 30.39
CA SER B 1018 -2.63 6.07 31.31
C SER B 1018 -3.92 6.55 31.98
N ALA B 1019 -5.04 6.46 31.28
CA ALA B 1019 -6.32 6.90 31.83
C ALA B 1019 -6.77 6.04 33.00
N ASN B 1020 -6.44 4.74 32.99
CA ASN B 1020 -6.81 3.84 34.07
C ASN B 1020 -5.89 3.96 35.28
N LEU B 1021 -4.75 4.62 35.15
CA LEU B 1021 -3.89 4.93 36.27
C LEU B 1021 -4.31 6.20 36.98
N ALA B 1022 -5.22 6.97 36.38
CA ALA B 1022 -5.81 8.14 37.01
C ALA B 1022 -7.10 7.81 37.72
N ALA B 1023 -7.90 6.91 37.15
CA ALA B 1023 -9.10 6.44 37.84
C ALA B 1023 -8.73 5.72 39.13
N THR B 1024 -7.69 4.89 39.10
CA THR B 1024 -7.23 4.22 40.32
C THR B 1024 -6.65 5.21 41.32
N LYS B 1025 -5.86 6.18 40.84
CA LYS B 1025 -5.31 7.19 41.76
C LYS B 1025 -6.41 8.06 42.34
N MET B 1026 -7.40 8.44 41.52
CA MET B 1026 -8.50 9.25 42.03
C MET B 1026 -9.39 8.44 42.97
N SER B 1027 -9.44 7.13 42.77
CA SER B 1027 -10.24 6.28 43.64
C SER B 1027 -9.56 6.07 44.99
N GLU B 1028 -8.26 5.83 44.98
CA GLU B 1028 -7.57 5.46 46.21
C GLU B 1028 -6.94 6.65 46.93
N CYS B 1029 -6.10 7.41 46.23
CA CYS B 1029 -5.42 8.55 46.87
C CYS B 1029 -6.43 9.62 47.29
N VAL B 1030 -7.42 9.91 46.44
CA VAL B 1030 -8.34 11.00 46.73
C VAL B 1030 -9.42 10.55 47.70
N LEU B 1031 -10.10 9.45 47.40
CA LEU B 1031 -11.20 8.96 48.23
C LEU B 1031 -10.74 8.06 49.36
N GLY B 1032 -9.47 8.13 49.74
CA GLY B 1032 -8.98 7.33 50.84
C GLY B 1032 -7.51 7.57 51.06
N GLN B 1033 -6.93 6.72 51.91
CA GLN B 1033 -5.49 6.74 52.16
C GLN B 1033 -4.90 5.42 51.68
N SER B 1034 -4.02 5.50 50.67
CA SER B 1034 -3.47 4.33 50.03
C SER B 1034 -2.09 4.03 50.61
N LYS B 1035 -1.86 2.76 50.92
CA LYS B 1035 -0.61 2.31 51.53
C LYS B 1035 0.36 1.70 50.55
N ARG B 1036 0.05 1.71 49.25
CA ARG B 1036 1.00 1.22 48.26
C ARG B 1036 2.21 2.16 48.23
N VAL B 1037 3.41 1.58 48.30
CA VAL B 1037 4.60 2.40 48.47
C VAL B 1037 4.89 3.19 47.20
N ASP B 1038 5.10 4.50 47.38
CA ASP B 1038 5.44 5.41 46.29
C ASP B 1038 4.40 5.36 45.18
N PHE B 1039 3.13 5.25 45.56
CA PHE B 1039 2.01 5.34 44.63
C PHE B 1039 1.38 6.74 44.68
N CYS B 1040 0.91 7.15 45.84
CA CYS B 1040 0.37 8.50 46.02
C CYS B 1040 1.47 9.42 46.57
N GLY B 1041 2.49 9.61 45.76
CA GLY B 1041 3.59 10.50 46.09
C GLY B 1041 4.69 9.83 46.89
N LYS B 1042 5.85 10.47 46.88
CA LYS B 1042 7.03 9.98 47.58
C LYS B 1042 6.91 10.25 49.06
N GLY B 1043 7.17 9.23 49.87
CA GLY B 1043 7.00 9.31 51.31
C GLY B 1043 5.65 8.75 51.75
N TYR B 1044 5.45 8.77 53.06
CA TYR B 1044 4.17 8.34 53.61
C TYR B 1044 3.07 9.28 53.12
N HIS B 1045 2.00 8.69 52.59
CA HIS B 1045 0.92 9.46 51.98
C HIS B 1045 -0.04 9.98 53.03
N LEU B 1046 -0.56 11.18 52.80
CA LEU B 1046 -1.56 11.78 53.67
C LEU B 1046 -2.90 11.97 52.98
N MET B 1047 -2.92 12.62 51.82
CA MET B 1047 -4.16 12.86 51.05
C MET B 1047 -3.83 13.33 49.64
N SER B 1048 -4.79 13.84 48.96
CA SER B 1048 -4.54 14.35 47.62
C SER B 1048 -5.65 15.33 47.23
N PHE B 1049 -5.36 16.13 46.20
CA PHE B 1049 -6.27 17.14 45.70
C PHE B 1049 -6.27 17.15 44.18
N PRO B 1050 -7.30 16.65 43.52
CA PRO B 1050 -7.35 16.70 42.07
C PRO B 1050 -7.51 18.12 41.56
N GLN B 1051 -6.96 18.36 40.36
CA GLN B 1051 -7.13 19.63 39.67
C GLN B 1051 -7.24 19.34 38.18
N SER B 1052 -7.99 20.18 37.47
CA SER B 1052 -8.23 19.99 36.05
C SER B 1052 -7.11 20.64 35.24
N ALA B 1053 -6.96 20.15 34.01
CA ALA B 1053 -5.95 20.67 33.09
C ALA B 1053 -6.35 20.26 31.68
N PRO B 1054 -6.01 21.06 30.67
CA PRO B 1054 -6.49 20.80 29.32
C PRO B 1054 -6.08 19.44 28.81
N HIS B 1055 -7.07 18.58 28.56
CA HIS B 1055 -6.85 17.21 28.10
C HIS B 1055 -5.98 16.43 29.09
N GLY B 1056 -6.26 16.58 30.37
CA GLY B 1056 -5.52 15.86 31.38
C GLY B 1056 -6.02 16.19 32.76
N VAL B 1057 -5.24 15.75 33.75
CA VAL B 1057 -5.52 16.01 35.16
C VAL B 1057 -4.20 16.17 35.88
N VAL B 1058 -4.20 16.98 36.94
CA VAL B 1058 -3.02 17.25 37.74
C VAL B 1058 -3.37 16.97 39.19
N PHE B 1059 -2.73 15.97 39.79
CA PHE B 1059 -2.95 15.66 41.19
C PHE B 1059 -2.01 16.50 42.04
N LEU B 1060 -2.23 16.47 43.36
CA LEU B 1060 -1.47 17.33 44.25
C LEU B 1060 -1.35 16.57 45.59
N HIS B 1061 -0.29 15.78 45.71
CA HIS B 1061 -0.18 14.83 46.81
C HIS B 1061 0.48 15.46 48.02
N VAL B 1062 -0.03 15.15 49.21
CA VAL B 1062 0.51 15.65 50.47
C VAL B 1062 1.14 14.47 51.21
N THR B 1063 2.40 14.60 51.59
CA THR B 1063 3.17 13.49 52.13
C THR B 1063 3.88 13.87 53.43
N TYR B 1064 4.19 12.85 54.23
CA TYR B 1064 4.85 12.99 55.53
C TYR B 1064 6.27 12.44 55.42
N VAL B 1065 7.27 13.30 55.51
CA VAL B 1065 8.66 12.94 55.26
C VAL B 1065 9.49 13.28 56.49
N PRO B 1066 10.13 12.26 57.11
CA PRO B 1066 10.90 12.47 58.32
C PRO B 1066 12.12 13.28 57.91
N ALA B 1067 12.88 13.80 58.86
CA ALA B 1067 14.05 14.55 58.35
C ALA B 1067 15.23 14.54 59.30
N GLN B 1068 15.08 15.01 60.51
CA GLN B 1068 16.28 15.01 61.34
C GLN B 1068 16.29 13.80 62.27
N GLU B 1069 17.46 13.16 62.30
CA GLU B 1069 17.58 11.85 62.99
C GLU B 1069 18.71 11.75 63.99
N LYS B 1070 18.49 11.00 65.06
CA LYS B 1070 19.52 10.72 66.04
C LYS B 1070 19.62 9.21 66.20
N ASN B 1071 20.82 8.73 66.52
CA ASN B 1071 21.08 7.29 66.59
C ASN B 1071 21.32 6.89 68.05
N PHE B 1072 20.59 5.87 68.48
CA PHE B 1072 20.68 5.32 69.81
C PHE B 1072 21.02 3.83 69.76
N THR B 1073 21.25 3.26 70.94
CA THR B 1073 21.53 1.84 71.12
C THR B 1073 20.23 1.08 71.37
N THR B 1074 20.10 -0.07 70.71
CA THR B 1074 18.85 -0.83 70.74
C THR B 1074 19.14 -2.28 71.06
N ALA B 1075 18.13 -2.95 71.62
CA ALA B 1075 18.23 -4.34 72.03
C ALA B 1075 16.97 -5.08 71.61
N PRO B 1076 17.07 -6.35 71.25
CA PRO B 1076 15.88 -7.10 70.81
C PRO B 1076 14.79 -7.25 71.86
N ALA B 1077 15.15 -7.38 73.13
CA ALA B 1077 14.17 -7.64 74.18
C ALA B 1077 14.71 -7.23 75.54
N ILE B 1078 13.89 -7.39 76.58
CA ILE B 1078 14.33 -7.08 77.94
C ILE B 1078 13.84 -8.15 78.90
N CYS B 1079 14.76 -8.86 79.54
CA CYS B 1079 14.41 -9.84 80.56
C CYS B 1079 14.51 -9.21 81.94
N HIS B 1080 13.39 -9.20 82.67
CA HIS B 1080 13.38 -8.64 84.03
C HIS B 1080 13.14 -9.71 85.09
N ASP B 1081 12.01 -10.41 85.05
CA ASP B 1081 11.74 -11.49 85.99
C ASP B 1081 12.06 -12.85 85.39
N GLY B 1082 13.27 -13.00 84.85
CA GLY B 1082 13.64 -14.25 84.21
C GLY B 1082 12.86 -14.58 82.97
N LYS B 1083 12.08 -13.63 82.44
CA LYS B 1083 11.24 -13.85 81.28
C LYS B 1083 11.42 -12.70 80.30
N ALA B 1084 11.35 -13.02 79.01
CA ALA B 1084 11.51 -12.00 77.97
C ALA B 1084 10.32 -11.06 77.96
N HIS B 1085 10.51 -9.90 77.31
CA HIS B 1085 9.46 -8.89 77.23
C HIS B 1085 9.60 -8.19 75.87
N PHE B 1086 8.85 -8.67 74.89
CA PHE B 1086 8.87 -8.05 73.58
C PHE B 1086 7.97 -6.81 73.57
N PRO B 1087 8.33 -5.79 72.80
CA PRO B 1087 7.54 -4.56 72.77
C PRO B 1087 6.22 -4.78 72.04
N ARG B 1088 5.13 -4.30 72.64
CA ARG B 1088 3.82 -4.42 72.02
C ARG B 1088 3.77 -3.65 70.70
N GLU B 1089 3.95 -2.33 70.77
CA GLU B 1089 4.03 -1.48 69.58
C GLU B 1089 5.09 -0.42 69.84
N GLY B 1090 6.21 -0.54 69.16
CA GLY B 1090 7.32 0.38 69.33
C GLY B 1090 8.62 -0.38 69.35
N VAL B 1091 9.71 0.34 69.63
CA VAL B 1091 11.05 -0.23 69.64
C VAL B 1091 11.75 0.19 70.93
N PHE B 1092 12.61 -0.71 71.42
CA PHE B 1092 13.44 -0.47 72.59
C PHE B 1092 14.68 0.31 72.16
N VAL B 1093 14.91 1.46 72.80
CA VAL B 1093 16.08 2.28 72.55
C VAL B 1093 16.65 2.72 73.89
N SER B 1094 17.85 3.31 73.84
CA SER B 1094 18.49 3.81 75.04
C SER B 1094 19.35 5.00 74.71
N ASN B 1095 19.34 5.99 75.61
CA ASN B 1095 20.17 7.19 75.45
C ASN B 1095 21.47 7.09 76.25
N GLY B 1096 21.90 5.87 76.60
CA GLY B 1096 23.13 5.66 77.31
C GLY B 1096 22.99 5.43 78.80
N THR B 1097 21.87 5.82 79.39
CA THR B 1097 21.64 5.62 80.82
C THR B 1097 20.33 4.92 81.12
N HIS B 1098 19.29 5.18 80.35
CA HIS B 1098 17.96 4.63 80.60
C HIS B 1098 17.41 4.01 79.33
N TRP B 1099 16.60 2.97 79.48
CA TRP B 1099 15.96 2.31 78.36
C TRP B 1099 14.51 2.78 78.23
N PHE B 1100 14.10 3.04 76.99
CA PHE B 1100 12.77 3.54 76.70
C PHE B 1100 12.18 2.75 75.54
N VAL B 1101 10.86 2.79 75.43
CA VAL B 1101 10.15 2.25 74.26
C VAL B 1101 9.52 3.42 73.53
N THR B 1102 9.79 3.50 72.23
CA THR B 1102 9.33 4.64 71.44
C THR B 1102 8.55 4.14 70.24
N GLN B 1103 8.00 5.08 69.48
CA GLN B 1103 7.35 4.81 68.21
C GLN B 1103 8.42 4.52 67.16
N ARG B 1104 8.00 4.33 65.92
CA ARG B 1104 8.95 4.04 64.86
C ARG B 1104 9.27 5.25 63.99
N ASN B 1105 8.28 5.87 63.37
CA ASN B 1105 8.52 7.03 62.50
C ASN B 1105 8.34 8.34 63.25
N PHE B 1106 8.92 8.43 64.45
CA PHE B 1106 8.92 9.65 65.24
C PHE B 1106 9.78 9.43 66.47
N TYR B 1107 9.94 10.45 67.31
CA TYR B 1107 10.73 10.27 68.51
C TYR B 1107 9.91 10.70 69.72
N GLU B 1108 9.45 9.71 70.48
CA GLU B 1108 8.64 9.96 71.66
C GLU B 1108 8.97 8.91 72.71
N PRO B 1109 9.84 9.22 73.67
CA PRO B 1109 10.22 8.21 74.67
C PRO B 1109 9.18 8.04 75.76
N GLN B 1110 8.93 6.80 76.16
CA GLN B 1110 8.05 6.49 77.29
C GLN B 1110 8.73 5.45 78.17
N ILE B 1111 8.42 5.47 79.46
CA ILE B 1111 8.95 4.47 80.37
C ILE B 1111 8.33 3.11 80.04
N ILE B 1112 9.17 2.09 80.01
CA ILE B 1112 8.73 0.76 79.58
C ILE B 1112 7.87 0.15 80.68
N THR B 1113 6.65 -0.25 80.31
CA THR B 1113 5.67 -0.76 81.24
C THR B 1113 5.06 -2.04 80.69
N THR B 1114 4.25 -2.70 81.52
CA THR B 1114 3.53 -3.89 81.09
C THR B 1114 2.54 -3.60 79.97
N ASP B 1115 1.99 -2.38 79.93
CA ASP B 1115 1.07 -2.01 78.87
C ASP B 1115 1.75 -1.90 77.51
N ASN B 1116 3.08 -1.91 77.47
CA ASN B 1116 3.83 -1.82 76.23
C ASN B 1116 4.57 -3.09 75.87
N THR B 1117 4.53 -4.12 76.72
CA THR B 1117 5.34 -5.32 76.56
C THR B 1117 4.49 -6.56 76.77
N PHE B 1118 4.86 -7.65 76.11
CA PHE B 1118 4.24 -8.95 76.33
C PHE B 1118 5.33 -10.02 76.43
N VAL B 1119 5.06 -11.04 77.25
CA VAL B 1119 6.08 -12.04 77.56
C VAL B 1119 6.01 -13.20 76.56
N SER B 1120 7.17 -13.80 76.30
CA SER B 1120 7.24 -14.95 75.40
C SER B 1120 8.23 -16.02 75.87
N GLY B 1121 8.24 -16.34 77.15
CA GLY B 1121 9.02 -17.45 77.66
C GLY B 1121 10.28 -17.00 78.39
N ASN B 1122 11.12 -17.98 78.69
CA ASN B 1122 12.34 -17.73 79.44
C ASN B 1122 13.36 -16.96 78.62
N CYS B 1123 14.19 -16.19 79.31
CA CYS B 1123 15.19 -15.33 78.66
C CYS B 1123 16.55 -16.01 78.62
N ASP B 1124 16.58 -17.14 77.91
CA ASP B 1124 17.86 -17.82 77.66
C ASP B 1124 17.98 -18.35 76.25
N VAL B 1125 17.04 -18.10 75.35
CA VAL B 1125 17.09 -18.60 73.98
C VAL B 1125 17.31 -17.49 72.97
N VAL B 1126 16.90 -16.27 73.28
CA VAL B 1126 17.08 -15.15 72.37
C VAL B 1126 18.50 -14.62 72.54
N ILE B 1127 19.02 -14.01 71.48
CA ILE B 1127 20.37 -13.45 71.50
C ILE B 1127 20.30 -11.93 71.54
N GLY B 1128 21.03 -11.33 72.47
CA GLY B 1128 21.08 -9.88 72.56
C GLY B 1128 20.18 -9.29 73.61
N ILE B 1129 19.52 -10.14 74.40
CA ILE B 1129 18.64 -9.65 75.44
C ILE B 1129 19.46 -8.94 76.50
N VAL B 1130 18.88 -7.89 77.09
CA VAL B 1130 19.59 -6.99 77.99
C VAL B 1130 18.86 -6.93 79.32
N ASN B 1131 19.61 -7.08 80.41
CA ASN B 1131 19.06 -6.95 81.75
C ASN B 1131 18.52 -5.54 81.98
N ASN B 1132 17.37 -5.47 82.64
CA ASN B 1132 16.74 -4.20 82.97
C ASN B 1132 15.54 -4.44 83.89
N THR B 1133 14.89 -3.37 84.32
CA THR B 1133 13.68 -3.46 85.12
C THR B 1133 12.48 -3.00 84.29
N VAL B 1134 11.37 -3.72 84.41
CA VAL B 1134 10.14 -3.39 83.70
C VAL B 1134 9.21 -2.76 84.71
N TYR B 1135 8.84 -1.51 84.47
CA TYR B 1135 7.98 -0.77 85.38
C TYR B 1135 6.53 -1.17 85.19
N ASP B 1136 6.07 -2.19 85.92
CA ASP B 1136 4.71 -2.68 85.76
C ASP B 1136 3.70 -1.71 86.34
N PRO B 1137 2.99 -0.94 85.49
CA PRO B 1137 2.19 0.18 85.99
C PRO B 1137 1.10 -0.23 86.96
N LEU B 1138 0.54 -1.43 86.75
CA LEU B 1138 -0.52 -1.92 87.62
C LEU B 1138 -0.03 -2.08 89.06
N GLN B 1139 1.26 -2.38 89.25
CA GLN B 1139 1.77 -2.50 90.60
C GLN B 1139 1.72 -1.18 91.36
N PRO B 1140 2.23 -0.05 90.86
CA PRO B 1140 1.96 1.23 91.54
C PRO B 1140 0.49 1.61 91.52
N GLU B 1141 -0.27 1.14 90.54
CA GLU B 1141 -1.70 1.44 90.52
C GLU B 1141 -2.38 0.88 91.76
N LEU B 1142 -2.06 -0.36 92.11
CA LEU B 1142 -2.54 -0.93 93.38
C LEU B 1142 -1.78 -0.41 94.58
N ASP B 1143 -0.53 0.03 94.40
CA ASP B 1143 0.24 0.55 95.52
C ASP B 1143 -0.28 1.90 95.98
N SER B 1144 -0.94 2.64 95.09
CA SER B 1144 -1.58 3.89 95.48
C SER B 1144 -2.56 3.69 96.64
N PHE B 1145 -3.16 2.51 96.74
CA PHE B 1145 -3.94 2.15 97.92
C PHE B 1145 -3.16 1.28 98.89
N LYS B 1146 -2.17 0.52 98.42
CA LYS B 1146 -1.43 -0.38 99.30
C LYS B 1146 -0.60 0.41 100.32
N GLU B 1147 -0.07 1.56 99.94
CA GLU B 1147 0.72 2.37 100.86
C GLU B 1147 -0.15 2.87 102.02
N GLU B 1148 -1.31 3.44 101.70
CA GLU B 1148 -2.20 3.87 102.77
C GLU B 1148 -2.83 2.68 103.47
N LEU B 1149 -2.85 1.51 102.84
CA LEU B 1149 -3.27 0.29 103.52
C LEU B 1149 -2.26 -0.09 104.60
N ASP B 1150 -0.96 0.01 104.28
CA ASP B 1150 0.07 -0.20 105.28
C ASP B 1150 -0.01 0.84 106.38
N LYS B 1151 -0.34 2.08 106.03
CA LYS B 1151 -0.55 3.11 107.04
C LYS B 1151 -1.73 2.76 107.95
N TYR B 1152 -2.82 2.27 107.37
CA TYR B 1152 -3.98 1.86 108.14
C TYR B 1152 -3.65 0.68 109.05
N PHE B 1153 -2.82 -0.25 108.58
CA PHE B 1153 -2.41 -1.36 109.44
C PHE B 1153 -1.47 -0.89 110.55
N LYS B 1154 -0.63 0.12 110.28
CA LYS B 1154 0.16 0.71 111.34
C LYS B 1154 -0.73 1.33 112.42
N ASN B 1155 -1.78 2.04 111.99
CA ASN B 1155 -2.74 2.56 112.96
C ASN B 1155 -3.48 1.43 113.66
N HIS B 1156 -3.75 0.34 112.94
CA HIS B 1156 -4.47 -0.79 113.51
C HIS B 1156 -3.68 -1.47 114.62
N THR B 1157 -2.37 -1.64 114.42
CA THR B 1157 -1.53 -2.34 115.38
C THR B 1157 -0.83 -1.41 116.37
N SER B 1158 -0.91 -0.09 116.18
CA SER B 1158 -0.26 0.82 117.11
C SER B 1158 -0.80 0.75 118.54
N PRO B 1159 -2.11 0.74 118.80
CA PRO B 1159 -2.49 0.72 120.22
C PRO B 1159 -2.52 -0.69 120.80
N GLN C 14 -52.99 9.61 -45.08
CA GLN C 14 -53.35 10.99 -44.79
C GLN C 14 -53.79 11.14 -43.34
N CYS C 15 -53.68 12.36 -42.81
CA CYS C 15 -54.15 12.69 -41.48
C CYS C 15 -55.18 13.80 -41.57
N VAL C 16 -56.05 13.85 -40.57
CA VAL C 16 -57.03 14.93 -40.44
C VAL C 16 -56.71 15.71 -39.16
N ASN C 17 -56.31 16.96 -39.34
CA ASN C 17 -55.99 17.85 -38.21
C ASN C 17 -57.31 18.20 -37.53
N LEU C 18 -57.57 17.52 -36.41
CA LEU C 18 -58.88 17.57 -35.78
C LEU C 18 -59.15 18.91 -35.12
N THR C 19 -58.18 19.42 -34.35
CA THR C 19 -58.37 20.58 -33.47
C THR C 19 -59.59 20.38 -32.58
N THR C 20 -60.37 21.45 -32.40
CA THR C 20 -61.62 21.41 -31.64
C THR C 20 -61.41 20.84 -30.25
N ARG C 21 -60.35 21.28 -29.58
CA ARG C 21 -60.02 20.81 -28.24
C ARG C 21 -60.28 21.92 -27.23
N THR C 22 -61.12 21.62 -26.24
CA THR C 22 -61.31 22.50 -25.08
C THR C 22 -60.43 21.95 -23.97
N GLN C 23 -59.14 22.24 -24.06
CA GLN C 23 -58.16 21.64 -23.18
C GLN C 23 -58.29 22.17 -21.76
N LEU C 24 -57.87 21.34 -20.80
CA LEU C 24 -57.82 21.66 -19.39
C LEU C 24 -56.42 21.37 -18.86
N PRO C 25 -55.99 22.05 -17.80
CA PRO C 25 -54.66 21.79 -17.25
C PRO C 25 -54.53 20.34 -16.78
N PRO C 26 -53.39 19.70 -17.03
CA PRO C 26 -53.20 18.33 -16.56
C PRO C 26 -53.08 18.29 -15.05
N ALA C 27 -53.42 17.13 -14.48
CA ALA C 27 -53.45 17.03 -13.03
C ALA C 27 -52.13 16.52 -12.49
N TYR C 28 -51.98 16.55 -11.17
CA TYR C 28 -50.79 16.09 -10.50
C TYR C 28 -51.15 15.06 -9.44
N THR C 29 -50.44 13.94 -9.46
CA THR C 29 -50.73 12.83 -8.56
C THR C 29 -49.44 12.33 -7.94
N ASN C 30 -49.46 12.09 -6.63
CA ASN C 30 -48.26 11.62 -5.95
C ASN C 30 -48.04 10.14 -6.23
N SER C 31 -46.88 9.83 -6.82
CA SER C 31 -46.48 8.46 -7.09
C SER C 31 -45.73 7.93 -5.87
N PHE C 32 -46.30 6.93 -5.21
CA PHE C 32 -45.81 6.55 -3.89
C PHE C 32 -44.46 5.85 -3.96
N THR C 33 -44.40 4.71 -4.62
CA THR C 33 -43.16 3.94 -4.66
C THR C 33 -42.94 3.26 -6.01
N ARG C 34 -43.84 3.44 -6.96
CA ARG C 34 -43.76 2.75 -8.24
C ARG C 34 -42.52 3.20 -9.02
N GLY C 35 -42.11 2.35 -9.96
CA GLY C 35 -41.04 2.69 -10.89
C GLY C 35 -39.68 2.11 -10.57
N VAL C 36 -39.63 0.84 -10.19
CA VAL C 36 -38.37 0.16 -9.88
C VAL C 36 -38.29 -1.10 -10.73
N TYR C 37 -37.10 -1.41 -11.24
CA TYR C 37 -36.90 -2.53 -12.14
C TYR C 37 -35.61 -3.27 -11.80
N TYR C 38 -35.49 -4.47 -12.35
CA TYR C 38 -34.30 -5.30 -12.11
C TYR C 38 -33.10 -4.67 -12.80
N PRO C 39 -32.03 -4.37 -12.08
CA PRO C 39 -30.88 -3.67 -12.70
C PRO C 39 -29.94 -4.60 -13.46
N ASP C 40 -29.80 -5.84 -13.00
CA ASP C 40 -28.86 -6.76 -13.63
C ASP C 40 -29.50 -8.15 -13.72
N LYS C 41 -29.07 -8.91 -14.73
CA LYS C 41 -29.64 -10.23 -14.99
C LYS C 41 -28.79 -11.28 -14.27
N VAL C 42 -28.86 -11.25 -12.94
CA VAL C 42 -28.19 -12.20 -12.07
C VAL C 42 -29.12 -12.57 -10.93
N PHE C 43 -29.15 -13.85 -10.60
CA PHE C 43 -30.00 -14.37 -9.54
C PHE C 43 -29.33 -14.17 -8.18
N ARG C 44 -29.99 -13.44 -7.29
CA ARG C 44 -29.54 -13.26 -5.92
C ARG C 44 -30.71 -13.51 -4.98
N SER C 45 -30.41 -14.11 -3.82
CA SER C 45 -31.44 -14.47 -2.86
C SER C 45 -31.05 -13.94 -1.48
N SER C 46 -31.97 -13.20 -0.87
CA SER C 46 -31.84 -12.73 0.52
C SER C 46 -30.54 -11.97 0.74
N VAL C 47 -30.30 -10.97 -0.12
CA VAL C 47 -29.13 -10.12 -0.02
C VAL C 47 -29.56 -8.69 -0.30
N LEU C 48 -28.93 -7.74 0.38
CA LEU C 48 -29.20 -6.33 0.14
C LEU C 48 -28.15 -5.76 -0.80
N HIS C 49 -28.61 -5.23 -1.94
CA HIS C 49 -27.70 -4.74 -2.97
C HIS C 49 -27.94 -3.25 -3.20
N SER C 50 -26.87 -2.47 -3.13
CA SER C 50 -26.95 -1.03 -3.35
C SER C 50 -26.47 -0.73 -4.75
N THR C 51 -27.35 -0.15 -5.56
CA THR C 51 -27.03 0.19 -6.94
C THR C 51 -27.29 1.66 -7.18
N GLN C 52 -26.85 2.15 -8.33
CA GLN C 52 -27.11 3.53 -8.71
C GLN C 52 -27.34 3.61 -10.21
N ASP C 53 -28.44 4.24 -10.60
CA ASP C 53 -28.85 4.35 -12.00
C ASP C 53 -29.93 5.41 -12.09
N LEU C 54 -30.57 5.50 -13.26
CA LEU C 54 -31.64 6.44 -13.49
C LEU C 54 -32.94 5.83 -12.96
N PHE C 55 -33.46 6.39 -11.88
CA PHE C 55 -34.64 5.86 -11.21
C PHE C 55 -35.73 6.92 -11.18
N LEU C 56 -36.91 6.53 -10.70
CA LEU C 56 -38.00 7.47 -10.45
C LEU C 56 -38.03 7.79 -8.97
N PRO C 57 -37.77 9.04 -8.57
CA PRO C 57 -37.65 9.35 -7.14
C PRO C 57 -38.92 9.04 -6.38
N PHE C 58 -38.75 8.63 -5.13
CA PHE C 58 -39.88 8.33 -4.27
C PHE C 58 -40.68 9.59 -3.98
N PHE C 59 -42.01 9.46 -3.99
CA PHE C 59 -42.93 10.54 -3.66
C PHE C 59 -42.69 11.76 -4.56
N SER C 60 -42.88 11.55 -5.85
CA SER C 60 -42.82 12.62 -6.83
C SER C 60 -44.19 12.79 -7.47
N ASN C 61 -44.50 14.03 -7.83
CA ASN C 61 -45.80 14.36 -8.41
C ASN C 61 -45.76 14.16 -9.92
N VAL C 62 -46.36 13.07 -10.37
CA VAL C 62 -46.41 12.74 -11.79
C VAL C 62 -47.61 13.42 -12.42
N THR C 63 -47.52 13.64 -13.73
CA THR C 63 -48.57 14.31 -14.47
C THR C 63 -49.63 13.31 -14.92
N TRP C 64 -50.89 13.64 -14.68
CA TRP C 64 -52.03 12.81 -15.04
C TRP C 64 -52.79 13.44 -16.19
N PHE C 65 -53.02 12.65 -17.24
CA PHE C 65 -53.83 13.02 -18.39
C PHE C 65 -55.01 12.06 -18.48
N HIS C 66 -56.18 12.61 -18.80
CA HIS C 66 -57.39 11.83 -18.94
C HIS C 66 -57.98 12.05 -20.32
N VAL C 67 -58.47 10.97 -20.92
CA VAL C 67 -59.08 10.99 -22.25
C VAL C 67 -60.47 10.41 -22.15
N ILE C 68 -61.47 11.15 -22.62
CA ILE C 68 -62.85 10.68 -22.63
C ILE C 68 -63.25 10.27 -24.03
N LYS C 75 -65.47 13.15 -27.39
CA LYS C 75 -65.75 14.12 -26.35
C LYS C 75 -64.51 14.93 -25.99
N ARG C 76 -63.55 14.29 -25.32
CA ARG C 76 -62.33 14.94 -24.88
C ARG C 76 -61.13 14.14 -25.35
N PHE C 77 -60.17 14.84 -25.97
CA PHE C 77 -58.94 14.23 -26.45
C PHE C 77 -57.77 15.08 -26.00
N ASP C 78 -56.66 14.42 -25.63
CA ASP C 78 -55.52 15.15 -25.09
C ASP C 78 -54.27 14.29 -25.29
N ASN C 79 -53.35 14.76 -26.14
CA ASN C 79 -52.06 14.10 -26.31
C ASN C 79 -50.99 15.08 -26.77
N PRO C 80 -50.64 16.07 -25.95
CA PRO C 80 -49.58 17.02 -26.37
C PRO C 80 -48.22 16.33 -26.39
N VAL C 81 -47.33 16.88 -27.21
CA VAL C 81 -45.95 16.41 -27.23
C VAL C 81 -45.25 16.87 -25.97
N LEU C 82 -44.56 15.95 -25.30
CA LEU C 82 -43.94 16.23 -24.02
C LEU C 82 -42.43 16.09 -24.09
N PRO C 83 -41.69 16.83 -23.28
CA PRO C 83 -40.23 16.68 -23.27
C PRO C 83 -39.83 15.30 -22.75
N PHE C 84 -38.72 14.79 -23.29
CA PHE C 84 -38.16 13.51 -22.90
C PHE C 84 -36.72 13.72 -22.49
N ASN C 85 -36.40 13.37 -21.24
CA ASN C 85 -35.03 13.50 -20.76
C ASN C 85 -34.81 12.50 -19.64
N ASP C 86 -33.69 11.79 -19.69
CA ASP C 86 -33.32 10.78 -18.69
C ASP C 86 -34.37 9.68 -18.61
N GLY C 87 -35.01 9.38 -19.74
CA GLY C 87 -36.04 8.36 -19.76
C GLY C 87 -37.31 8.76 -19.04
N VAL C 88 -38.40 8.04 -19.27
CA VAL C 88 -39.68 8.36 -18.64
C VAL C 88 -40.33 7.08 -18.13
N TYR C 89 -41.27 7.25 -17.20
CA TYR C 89 -42.06 6.16 -16.65
C TYR C 89 -43.52 6.41 -16.97
N PHE C 90 -44.14 5.48 -17.69
CA PHE C 90 -45.48 5.64 -18.22
C PHE C 90 -46.40 4.59 -17.62
N ALA C 91 -47.56 5.02 -17.15
CA ALA C 91 -48.55 4.10 -16.60
C ALA C 91 -49.90 4.36 -17.26
N SER C 92 -50.63 3.28 -17.53
CA SER C 92 -51.95 3.41 -18.13
C SER C 92 -52.92 2.50 -17.41
N ILE C 93 -54.09 3.05 -17.06
CA ILE C 93 -55.15 2.28 -16.41
C ILE C 93 -56.34 2.23 -17.36
N GLU C 94 -56.52 1.07 -17.98
CA GLU C 94 -57.55 0.91 -19.00
C GLU C 94 -58.14 -0.50 -18.92
N LYS C 95 -59.28 -0.66 -19.56
CA LYS C 95 -59.91 -1.97 -19.74
C LYS C 95 -60.35 -2.21 -21.17
N SER C 96 -60.02 -1.30 -22.10
CA SER C 96 -60.47 -1.39 -23.48
C SER C 96 -59.36 -1.30 -24.51
N ASN C 97 -58.11 -1.17 -24.09
CA ASN C 97 -56.96 -1.19 -25.01
C ASN C 97 -57.05 -0.06 -26.05
N ILE C 98 -56.97 1.18 -25.56
CA ILE C 98 -57.04 2.34 -26.44
C ILE C 98 -55.65 2.82 -26.84
N ILE C 99 -54.70 2.88 -25.91
CA ILE C 99 -53.34 3.31 -26.23
C ILE C 99 -52.68 2.27 -27.12
N ARG C 100 -52.16 2.70 -28.27
CA ARG C 100 -51.56 1.82 -29.25
C ARG C 100 -50.04 1.81 -29.18
N GLY C 101 -49.42 2.96 -28.90
CA GLY C 101 -47.98 3.02 -28.88
C GLY C 101 -47.44 4.39 -28.59
N TRP C 102 -46.20 4.61 -29.04
CA TRP C 102 -45.46 5.83 -28.74
C TRP C 102 -44.61 6.26 -29.93
N ILE C 103 -44.26 7.54 -29.92
CA ILE C 103 -43.36 8.14 -30.90
C ILE C 103 -42.28 8.91 -30.14
N PHE C 104 -41.03 8.67 -30.50
CA PHE C 104 -39.89 9.32 -29.86
C PHE C 104 -39.08 10.05 -30.91
N GLY C 105 -38.56 11.22 -30.55
CA GLY C 105 -37.75 11.96 -31.50
C GLY C 105 -37.32 13.30 -30.93
N THR C 106 -36.79 14.13 -31.81
CA THR C 106 -36.32 15.46 -31.46
C THR C 106 -36.94 16.58 -32.29
N THR C 107 -37.30 16.32 -33.53
CA THR C 107 -37.97 17.29 -34.38
C THR C 107 -39.22 16.72 -35.05
N LEU C 108 -39.21 15.44 -35.40
CA LEU C 108 -40.37 14.76 -35.98
C LEU C 108 -40.82 15.43 -37.28
N ASP C 109 -39.87 15.93 -38.04
CA ASP C 109 -40.17 16.66 -39.28
C ASP C 109 -39.32 16.17 -40.43
N SER C 110 -39.04 14.86 -40.46
CA SER C 110 -38.27 14.23 -41.53
C SER C 110 -36.87 14.83 -41.66
N LYS C 111 -36.46 15.60 -40.66
CA LYS C 111 -35.10 16.12 -40.63
C LYS C 111 -34.18 15.25 -39.78
N THR C 112 -34.72 14.61 -38.75
CA THR C 112 -33.96 13.72 -37.88
C THR C 112 -34.73 12.42 -37.71
N GLN C 113 -34.00 11.32 -37.58
CA GLN C 113 -34.61 10.02 -37.44
C GLN C 113 -35.41 9.94 -36.14
N SER C 114 -36.39 9.03 -36.12
CA SER C 114 -37.35 8.96 -35.04
C SER C 114 -37.84 7.54 -34.89
N LEU C 115 -38.39 7.26 -33.70
CA LEU C 115 -38.97 5.98 -33.34
C LEU C 115 -40.46 5.94 -33.70
N LEU C 116 -40.98 4.72 -33.77
CA LEU C 116 -42.42 4.50 -33.85
C LEU C 116 -42.69 3.11 -33.33
N ILE C 117 -43.35 3.00 -32.18
CA ILE C 117 -43.73 1.72 -31.59
C ILE C 117 -45.25 1.65 -31.55
N VAL C 118 -45.81 0.58 -32.10
CA VAL C 118 -47.27 0.47 -32.03
C VAL C 118 -47.74 -0.98 -32.10
N ASN C 119 -48.76 -1.31 -31.30
CA ASN C 119 -49.31 -2.66 -31.26
C ASN C 119 -50.43 -2.79 -32.28
N ASN C 120 -50.43 -3.90 -33.01
CA ASN C 120 -51.51 -4.20 -33.94
C ASN C 120 -51.58 -5.70 -34.18
N ALA C 121 -52.71 -6.13 -34.75
CA ALA C 121 -52.91 -7.51 -35.21
C ALA C 121 -52.58 -8.43 -34.04
N THR C 122 -51.73 -9.44 -34.22
CA THR C 122 -51.20 -10.23 -33.12
C THR C 122 -49.68 -10.11 -33.09
N ASN C 123 -49.17 -8.89 -33.21
CA ASN C 123 -47.72 -8.66 -33.15
C ASN C 123 -47.41 -7.23 -32.72
N VAL C 124 -46.13 -6.86 -32.81
CA VAL C 124 -45.70 -5.49 -32.54
C VAL C 124 -44.88 -5.02 -33.74
N VAL C 125 -44.87 -3.71 -33.98
CA VAL C 125 -44.02 -3.12 -34.99
C VAL C 125 -43.29 -1.93 -34.40
N ILE C 126 -41.96 -1.95 -34.55
CA ILE C 126 -41.06 -0.89 -34.12
C ILE C 126 -40.26 -0.46 -35.34
N LYS C 127 -40.31 0.83 -35.67
CA LYS C 127 -39.66 1.35 -36.85
C LYS C 127 -38.80 2.54 -36.46
N VAL C 128 -37.55 2.54 -36.91
CA VAL C 128 -36.64 3.68 -36.75
C VAL C 128 -36.41 4.24 -38.14
N CYS C 129 -36.79 5.50 -38.36
CA CYS C 129 -36.85 6.00 -39.71
C CYS C 129 -37.00 7.51 -39.69
N GLU C 130 -36.81 8.14 -40.84
CA GLU C 130 -37.15 9.55 -40.97
C GLU C 130 -38.61 9.69 -41.37
N PHE C 131 -39.39 10.38 -40.54
CA PHE C 131 -40.84 10.38 -40.65
C PHE C 131 -41.33 11.82 -40.79
N GLN C 132 -42.33 12.01 -41.67
CA GLN C 132 -43.01 13.30 -41.78
C GLN C 132 -44.33 13.17 -41.03
N PHE C 133 -44.25 13.35 -39.72
CA PHE C 133 -45.41 13.14 -38.85
C PHE C 133 -46.45 14.24 -39.05
N CYS C 134 -47.71 13.84 -39.06
CA CYS C 134 -48.80 14.81 -39.19
C CYS C 134 -49.05 15.50 -37.84
N ASN C 135 -49.80 16.60 -37.91
CA ASN C 135 -49.96 17.46 -36.74
C ASN C 135 -50.64 16.71 -35.59
N ASP C 136 -51.69 15.97 -35.89
CA ASP C 136 -52.44 15.22 -34.88
C ASP C 136 -52.28 13.72 -35.13
N PRO C 137 -51.60 12.99 -34.19
CA PRO C 137 -51.28 11.58 -34.36
C PRO C 137 -52.32 10.59 -33.86
N PHE C 138 -53.08 10.00 -34.78
CA PHE C 138 -54.17 9.10 -34.36
C PHE C 138 -54.45 7.99 -35.39
N LEU C 139 -55.00 6.88 -34.90
CA LEU C 139 -55.50 5.83 -35.82
C LEU C 139 -56.98 5.63 -35.47
N ASP C 140 -57.62 6.61 -34.80
CA ASP C 140 -59.02 6.44 -34.34
C ASP C 140 -60.05 6.32 -35.48
N HIS C 141 -60.04 7.19 -36.50
CA HIS C 141 -61.31 7.85 -36.93
C HIS C 141 -61.88 7.25 -38.23
N LYS C 142 -63.09 6.70 -38.16
CA LYS C 142 -63.77 6.18 -39.38
C LYS C 142 -65.26 6.02 -39.07
N ASN C 143 -65.61 5.93 -37.79
CA ASN C 143 -67.04 5.87 -37.48
C ASN C 143 -67.30 6.74 -36.27
N ASN C 144 -68.46 6.55 -35.63
CA ASN C 144 -68.83 7.35 -34.48
C ASN C 144 -68.17 6.84 -33.19
N LYS C 145 -68.45 5.59 -32.81
CA LYS C 145 -68.02 5.11 -31.50
C LYS C 145 -67.25 3.79 -31.57
N SER C 146 -67.70 2.82 -32.34
CA SER C 146 -66.95 1.54 -32.34
C SER C 146 -65.54 1.81 -32.85
N TRP C 147 -64.52 1.57 -32.03
CA TRP C 147 -63.17 1.99 -32.46
C TRP C 147 -62.74 1.35 -33.79
N MET C 148 -62.18 2.17 -34.68
CA MET C 148 -61.69 1.68 -35.99
C MET C 148 -60.20 1.99 -36.07
N GLU C 149 -59.40 1.08 -36.64
CA GLU C 149 -57.94 1.29 -36.76
C GLU C 149 -57.69 2.15 -37.98
N SER C 150 -58.57 3.11 -38.26
CA SER C 150 -58.41 3.85 -39.50
C SER C 150 -57.16 4.72 -39.46
N GLU C 151 -56.79 5.24 -40.62
CA GLU C 151 -55.60 6.08 -40.78
C GLU C 151 -54.35 5.34 -40.27
N PHE C 152 -54.07 4.21 -40.92
CA PHE C 152 -52.93 3.38 -40.50
C PHE C 152 -51.61 4.14 -40.64
N ARG C 153 -51.43 4.88 -41.73
CA ARG C 153 -50.20 5.63 -41.97
C ARG C 153 -50.37 7.03 -41.38
N VAL C 154 -50.06 7.14 -40.09
CA VAL C 154 -50.07 8.45 -39.43
C VAL C 154 -48.98 9.36 -39.98
N TYR C 155 -48.01 8.80 -40.69
CA TYR C 155 -46.97 9.57 -41.37
C TYR C 155 -47.35 9.75 -42.83
N SER C 156 -47.13 10.97 -43.34
CA SER C 156 -47.45 11.24 -44.73
C SER C 156 -46.58 10.40 -45.67
N SER C 157 -45.29 10.27 -45.36
CA SER C 157 -44.38 9.49 -46.18
C SER C 157 -43.30 8.90 -45.30
N ALA C 158 -42.67 7.84 -45.80
CA ALA C 158 -41.59 7.15 -45.09
C ALA C 158 -40.38 7.04 -46.03
N ASN C 159 -39.37 7.87 -45.79
CA ASN C 159 -38.15 7.86 -46.58
C ASN C 159 -37.21 6.79 -46.00
N ASN C 160 -35.93 6.86 -46.35
CA ASN C 160 -34.95 5.85 -45.94
C ASN C 160 -35.04 5.53 -44.46
N CYS C 161 -35.38 4.28 -44.15
CA CYS C 161 -35.48 3.77 -42.80
C CYS C 161 -34.19 3.03 -42.44
N THR C 162 -34.08 2.65 -41.17
CA THR C 162 -32.86 1.97 -40.72
C THR C 162 -33.12 0.68 -39.98
N PHE C 163 -34.23 0.58 -39.24
CA PHE C 163 -34.48 -0.54 -38.36
C PHE C 163 -35.88 -1.08 -38.60
N GLU C 164 -36.03 -2.40 -38.55
CA GLU C 164 -37.33 -3.04 -38.63
C GLU C 164 -37.35 -4.19 -37.64
N TYR C 165 -38.50 -4.41 -37.00
CA TYR C 165 -38.60 -5.39 -35.93
C TYR C 165 -40.05 -5.76 -35.70
N VAL C 166 -40.32 -7.07 -35.60
CA VAL C 166 -41.64 -7.59 -35.29
C VAL C 166 -41.49 -8.71 -34.28
N SER C 167 -42.29 -8.69 -33.22
CA SER C 167 -42.17 -9.67 -32.15
C SER C 167 -43.56 -9.97 -31.59
N GLN C 168 -43.59 -10.73 -30.49
CA GLN C 168 -44.81 -11.15 -29.82
C GLN C 168 -45.47 -9.95 -29.15
N PRO C 169 -46.77 -9.73 -29.38
CA PRO C 169 -47.42 -8.54 -28.81
C PRO C 169 -47.64 -8.64 -27.31
N PHE C 170 -48.30 -7.65 -26.75
CA PHE C 170 -48.58 -7.59 -25.33
C PHE C 170 -50.01 -8.07 -25.07
N LEU C 171 -50.42 -8.08 -23.80
CA LEU C 171 -51.77 -8.48 -23.46
C LEU C 171 -52.78 -7.50 -24.03
N MET C 172 -53.90 -8.03 -24.53
CA MET C 172 -54.90 -7.24 -25.22
C MET C 172 -56.22 -7.30 -24.45
N ASP C 173 -56.94 -6.18 -24.47
CA ASP C 173 -58.29 -6.09 -23.92
C ASP C 173 -59.27 -5.87 -25.05
N LEU C 174 -60.23 -6.77 -25.18
CA LEU C 174 -61.17 -6.75 -26.29
C LEU C 174 -62.39 -5.89 -25.96
N GLU C 175 -62.96 -5.28 -26.99
CA GLU C 175 -64.16 -4.45 -26.88
C GLU C 175 -63.92 -3.22 -26.02
N GLY C 176 -64.96 -2.41 -25.83
CA GLY C 176 -64.85 -1.22 -25.02
C GLY C 176 -65.72 -1.26 -23.79
N LYS C 177 -65.11 -1.19 -22.61
CA LYS C 177 -65.81 -1.24 -21.34
C LYS C 177 -65.47 -0.01 -20.51
N GLN C 178 -66.48 0.54 -19.85
CA GLN C 178 -66.33 1.74 -19.04
C GLN C 178 -66.59 1.41 -17.58
N GLY C 179 -65.67 1.80 -16.72
CA GLY C 179 -65.82 1.58 -15.29
C GLY C 179 -65.18 0.29 -14.83
N ASN C 180 -64.68 0.31 -13.59
CA ASN C 180 -64.03 -0.83 -12.96
C ASN C 180 -62.88 -1.34 -13.83
N PHE C 181 -61.91 -0.47 -14.05
CA PHE C 181 -60.77 -0.79 -14.90
C PHE C 181 -59.84 -1.75 -14.16
N LYS C 182 -59.75 -2.98 -14.67
CA LYS C 182 -59.08 -4.06 -13.97
C LYS C 182 -57.63 -4.26 -14.41
N ASN C 183 -57.12 -3.43 -15.31
CA ASN C 183 -55.78 -3.62 -15.86
C ASN C 183 -54.91 -2.40 -15.62
N LEU C 184 -53.66 -2.64 -15.23
CA LEU C 184 -52.68 -1.58 -15.12
C LEU C 184 -51.45 -2.01 -15.91
N ARG C 185 -50.96 -1.14 -16.78
CA ARG C 185 -49.76 -1.43 -17.55
C ARG C 185 -48.74 -0.31 -17.34
N GLU C 186 -47.56 -0.66 -16.86
CA GLU C 186 -46.53 0.34 -16.59
C GLU C 186 -45.22 -0.05 -17.25
N PHE C 187 -44.63 0.91 -17.97
CA PHE C 187 -43.36 0.74 -18.66
C PHE C 187 -42.40 1.84 -18.26
N VAL C 188 -41.11 1.59 -18.46
CA VAL C 188 -40.10 2.63 -18.35
C VAL C 188 -39.25 2.58 -19.63
N PHE C 189 -38.95 3.76 -20.17
CA PHE C 189 -38.21 3.91 -21.40
C PHE C 189 -36.94 4.71 -21.15
N LYS C 190 -35.81 4.19 -21.64
CA LYS C 190 -34.54 4.89 -21.41
C LYS C 190 -33.53 4.46 -22.46
N ASN C 191 -32.82 5.42 -23.06
CA ASN C 191 -31.76 5.10 -24.01
C ASN C 191 -30.42 5.57 -23.47
N ILE C 192 -29.47 4.63 -23.40
CA ILE C 192 -28.10 4.93 -22.99
C ILE C 192 -27.16 4.12 -23.86
N ASP C 193 -26.04 4.73 -24.24
CA ASP C 193 -25.01 4.08 -25.06
C ASP C 193 -25.59 3.56 -26.37
N GLY C 194 -26.52 4.30 -26.95
CA GLY C 194 -27.15 3.88 -28.18
C GLY C 194 -28.09 2.70 -28.05
N TYR C 195 -28.40 2.27 -26.83
CA TYR C 195 -29.32 1.18 -26.60
C TYR C 195 -30.60 1.70 -25.95
N PHE C 196 -31.72 1.36 -26.57
CA PHE C 196 -33.05 1.68 -26.08
C PHE C 196 -33.54 0.52 -25.24
N LYS C 197 -33.83 0.80 -23.96
CA LYS C 197 -34.31 -0.20 -23.02
C LYS C 197 -35.75 0.13 -22.66
N ILE C 198 -36.62 -0.87 -22.75
CA ILE C 198 -38.01 -0.77 -22.34
C ILE C 198 -38.27 -1.86 -21.32
N TYR C 199 -38.69 -1.46 -20.12
CA TYR C 199 -39.05 -2.41 -19.08
C TYR C 199 -40.57 -2.37 -18.89
N SER C 200 -41.18 -3.55 -18.88
CA SER C 200 -42.64 -3.65 -18.92
C SER C 200 -43.16 -4.44 -17.72
N LYS C 201 -44.36 -4.06 -17.27
CA LYS C 201 -45.02 -4.77 -16.19
C LYS C 201 -46.53 -4.62 -16.36
N HIS C 202 -47.25 -5.71 -16.11
CA HIS C 202 -48.70 -5.76 -16.25
C HIS C 202 -49.30 -6.33 -14.97
N THR C 203 -50.35 -5.69 -14.47
CA THR C 203 -51.02 -6.25 -13.31
C THR C 203 -52.53 -6.23 -13.47
N PRO C 204 -53.21 -7.31 -13.10
CA PRO C 204 -54.67 -7.38 -13.23
C PRO C 204 -55.43 -6.91 -12.00
N ILE C 205 -56.75 -7.08 -12.05
CA ILE C 205 -57.69 -6.94 -10.93
C ILE C 205 -57.41 -5.71 -10.07
N ILE C 206 -57.36 -4.54 -10.71
CA ILE C 206 -57.32 -3.26 -10.00
C ILE C 206 -58.78 -2.89 -9.70
N VAL C 207 -59.16 -2.96 -8.42
CA VAL C 207 -60.52 -2.69 -8.00
C VAL C 207 -60.66 -1.32 -7.35
N ARG C 208 -59.70 -0.42 -7.58
CA ARG C 208 -59.72 0.90 -6.97
C ARG C 208 -60.59 1.82 -7.81
N GLU C 209 -61.81 2.09 -7.34
CA GLU C 209 -62.71 2.98 -8.06
C GLU C 209 -62.18 4.41 -8.16
N PRO C 210 -61.72 5.06 -7.08
CA PRO C 210 -61.19 6.42 -7.22
C PRO C 210 -59.96 6.53 -8.10
N GLU C 211 -59.21 5.44 -8.25
CA GLU C 211 -58.01 5.39 -9.12
C GLU C 211 -57.01 6.39 -8.58
N ASP C 212 -56.25 7.05 -9.48
CA ASP C 212 -55.16 7.99 -9.10
C ASP C 212 -53.83 7.26 -8.87
N LEU C 213 -53.36 6.39 -9.78
CA LEU C 213 -52.03 5.68 -9.70
C LEU C 213 -51.90 4.86 -8.41
N PRO C 214 -52.04 3.53 -8.46
CA PRO C 214 -52.25 2.72 -7.26
C PRO C 214 -51.07 2.71 -6.29
N GLN C 215 -51.32 2.32 -5.04
CA GLN C 215 -50.22 2.23 -4.06
C GLN C 215 -49.68 0.81 -4.00
N GLY C 216 -48.81 0.51 -3.05
CA GLY C 216 -48.13 -0.75 -2.84
C GLY C 216 -46.73 -0.80 -3.37
N PHE C 217 -46.39 -1.88 -4.06
CA PHE C 217 -45.03 -2.08 -4.54
C PHE C 217 -45.03 -3.18 -5.59
N SER C 218 -44.32 -2.94 -6.69
CA SER C 218 -44.14 -3.95 -7.72
C SER C 218 -42.86 -3.65 -8.48
N ALA C 219 -42.16 -4.71 -8.86
CA ALA C 219 -40.88 -4.59 -9.57
C ALA C 219 -41.08 -4.90 -11.04
N LEU C 220 -40.22 -4.33 -11.86
CA LEU C 220 -40.34 -4.40 -13.31
C LEU C 220 -39.24 -5.28 -13.88
N GLU C 221 -39.57 -6.10 -14.87
CA GLU C 221 -38.62 -7.01 -15.48
C GLU C 221 -38.13 -6.47 -16.82
N PRO C 222 -36.92 -6.81 -17.23
CA PRO C 222 -36.46 -6.42 -18.57
C PRO C 222 -37.30 -7.07 -19.65
N LEU C 223 -37.48 -6.34 -20.75
CA LEU C 223 -38.30 -6.83 -21.86
C LEU C 223 -37.49 -6.97 -23.13
N VAL C 224 -36.79 -5.92 -23.57
CA VAL C 224 -36.05 -5.96 -24.83
C VAL C 224 -35.06 -4.80 -24.88
N ASP C 225 -33.98 -4.98 -25.65
CA ASP C 225 -32.98 -3.95 -25.86
C ASP C 225 -32.80 -3.74 -27.35
N LEU C 226 -32.83 -2.49 -27.79
CA LEU C 226 -32.75 -2.18 -29.22
C LEU C 226 -31.52 -1.32 -29.50
N PRO C 227 -30.64 -1.75 -30.40
CA PRO C 227 -29.51 -0.89 -30.78
C PRO C 227 -29.90 0.15 -31.81
N ILE C 228 -30.60 1.20 -31.36
CA ILE C 228 -31.13 2.22 -32.27
C ILE C 228 -30.04 3.20 -32.68
N GLY C 229 -29.33 3.75 -31.70
CA GLY C 229 -28.24 4.67 -31.95
C GLY C 229 -28.62 6.00 -32.57
N ILE C 230 -29.63 6.68 -32.03
CA ILE C 230 -30.00 8.00 -32.50
C ILE C 230 -30.20 8.96 -31.33
N ASN C 231 -30.46 10.22 -31.63
CA ASN C 231 -30.74 11.25 -30.64
C ASN C 231 -32.22 11.26 -30.31
N ILE C 232 -32.54 11.65 -29.08
CA ILE C 232 -33.93 11.61 -28.60
C ILE C 232 -34.16 12.81 -27.70
N THR C 233 -35.22 13.57 -27.98
CA THR C 233 -35.52 14.76 -27.17
C THR C 233 -36.96 14.85 -26.69
N ARG C 234 -37.95 14.48 -27.50
CA ARG C 234 -39.36 14.67 -27.13
C ARG C 234 -40.15 13.44 -27.55
N PHE C 235 -41.25 13.18 -26.84
CA PHE C 235 -42.08 12.04 -27.17
C PHE C 235 -43.54 12.41 -26.97
N GLN C 236 -44.42 11.58 -27.51
CA GLN C 236 -45.86 11.75 -27.40
C GLN C 236 -46.46 10.38 -27.08
N THR C 237 -47.77 10.27 -27.19
CA THR C 237 -48.45 9.00 -27.04
C THR C 237 -49.46 8.82 -28.17
N LEU C 238 -49.59 7.61 -28.71
CA LEU C 238 -50.38 7.46 -29.97
C LEU C 238 -51.82 7.01 -29.77
N LEU C 239 -52.72 7.89 -29.30
CA LEU C 239 -54.08 7.38 -29.06
C LEU C 239 -54.53 6.92 -30.44
N ALA C 240 -55.20 5.78 -30.51
CA ALA C 240 -55.53 5.26 -31.85
C ALA C 240 -56.66 4.25 -31.76
N SER C 251 -67.26 10.28 -38.43
CA SER C 251 -66.47 9.48 -39.35
C SER C 251 -64.98 9.77 -39.19
N SER C 252 -64.45 10.65 -40.05
CA SER C 252 -63.04 11.01 -40.00
C SER C 252 -62.73 12.01 -38.89
N SER C 253 -63.74 12.54 -38.21
CA SER C 253 -63.52 13.47 -37.11
C SER C 253 -64.63 13.28 -36.09
N GLY C 254 -64.30 13.53 -34.81
CA GLY C 254 -65.31 13.41 -33.73
C GLY C 254 -65.52 11.98 -33.25
N TRP C 255 -64.98 11.66 -32.07
CA TRP C 255 -65.20 10.31 -31.48
C TRP C 255 -65.76 10.41 -30.08
N THR C 256 -66.91 9.79 -29.81
CA THR C 256 -67.40 9.77 -28.41
C THR C 256 -66.74 8.56 -27.75
N ALA C 257 -66.02 8.77 -26.65
CA ALA C 257 -65.24 7.67 -26.09
C ALA C 257 -65.50 7.53 -24.59
N GLY C 258 -64.98 6.44 -24.03
CA GLY C 258 -65.08 6.15 -22.62
C GLY C 258 -63.90 6.72 -21.83
N ALA C 259 -63.87 6.38 -20.55
CA ALA C 259 -62.86 6.89 -19.65
C ALA C 259 -61.50 6.23 -19.91
N ALA C 260 -60.45 7.04 -19.80
CA ALA C 260 -59.09 6.55 -19.97
C ALA C 260 -58.15 7.45 -19.19
N ALA C 261 -57.14 6.85 -18.58
CA ALA C 261 -56.20 7.60 -17.74
C ALA C 261 -54.78 7.10 -17.96
N TYR C 262 -53.87 8.05 -18.21
CA TYR C 262 -52.46 7.72 -18.30
C TYR C 262 -51.62 8.76 -17.59
N TYR C 263 -50.53 8.29 -16.99
CA TYR C 263 -49.70 9.06 -16.07
C TYR C 263 -48.26 9.00 -16.54
N VAL C 264 -47.54 10.11 -16.35
CA VAL C 264 -46.18 10.27 -16.84
C VAL C 264 -45.30 10.79 -15.72
N GLY C 265 -44.13 10.18 -15.54
CA GLY C 265 -43.16 10.67 -14.60
C GLY C 265 -41.76 10.67 -15.21
N TYR C 266 -40.89 11.48 -14.61
CA TYR C 266 -39.53 11.67 -15.10
C TYR C 266 -38.53 11.05 -14.14
N LEU C 267 -37.39 10.63 -14.69
CA LEU C 267 -36.37 9.92 -13.94
C LEU C 267 -35.16 10.82 -13.69
N GLN C 268 -34.46 10.56 -12.59
CA GLN C 268 -33.25 11.26 -12.21
C GLN C 268 -32.19 10.25 -11.83
N PRO C 269 -30.90 10.60 -11.95
CA PRO C 269 -29.82 9.68 -11.56
C PRO C 269 -29.69 9.61 -10.05
N ARG C 270 -30.13 8.50 -9.47
CA ARG C 270 -30.14 8.33 -8.02
C ARG C 270 -29.55 6.97 -7.66
N THR C 271 -29.24 6.83 -6.37
CA THR C 271 -28.76 5.58 -5.80
C THR C 271 -29.85 4.98 -4.92
N PHE C 272 -30.08 3.68 -5.09
CA PHE C 272 -31.11 2.95 -4.36
C PHE C 272 -30.50 1.76 -3.65
N LEU C 273 -31.18 1.32 -2.59
CA LEU C 273 -30.85 0.08 -1.92
C LEU C 273 -32.02 -0.89 -2.09
N LEU C 274 -31.73 -2.08 -2.62
CA LEU C 274 -32.75 -3.05 -3.01
C LEU C 274 -32.61 -4.31 -2.18
N LYS C 275 -33.74 -4.92 -1.84
CA LYS C 275 -33.77 -6.13 -1.02
C LYS C 275 -34.42 -7.26 -1.80
N TYR C 276 -33.76 -8.41 -1.85
CA TYR C 276 -34.28 -9.60 -2.48
C TYR C 276 -34.88 -10.53 -1.43
N ASN C 277 -35.67 -11.50 -1.90
CA ASN C 277 -36.26 -12.48 -1.01
C ASN C 277 -35.74 -13.87 -1.33
N GLU C 278 -36.27 -14.89 -0.66
CA GLU C 278 -35.82 -16.26 -0.89
C GLU C 278 -36.05 -16.73 -2.33
N ASN C 279 -37.10 -16.25 -2.99
CA ASN C 279 -37.35 -16.61 -4.38
C ASN C 279 -36.52 -15.79 -5.36
N GLY C 280 -35.91 -14.70 -4.92
CA GLY C 280 -35.14 -13.84 -5.79
C GLY C 280 -35.89 -12.66 -6.36
N THR C 281 -37.07 -12.35 -5.84
CA THR C 281 -37.87 -11.24 -6.33
C THR C 281 -37.65 -10.00 -5.49
N ILE C 282 -37.59 -8.85 -6.17
CA ILE C 282 -37.40 -7.57 -5.50
C ILE C 282 -38.68 -7.20 -4.76
N THR C 283 -38.58 -7.01 -3.45
CA THR C 283 -39.74 -6.71 -2.61
C THR C 283 -39.66 -5.36 -1.93
N ASP C 284 -38.47 -4.79 -1.77
CA ASP C 284 -38.31 -3.49 -1.15
C ASP C 284 -37.14 -2.74 -1.79
N ALA C 285 -37.26 -1.42 -1.81
CA ALA C 285 -36.19 -0.55 -2.24
C ALA C 285 -36.35 0.80 -1.55
N VAL C 286 -35.23 1.39 -1.16
CA VAL C 286 -35.23 2.68 -0.47
C VAL C 286 -34.31 3.64 -1.20
N ASP C 287 -34.77 4.88 -1.35
CA ASP C 287 -33.97 5.97 -1.87
C ASP C 287 -32.99 6.45 -0.81
N CYS C 288 -31.93 7.11 -1.26
CA CYS C 288 -30.89 7.61 -0.37
C CYS C 288 -30.79 9.12 -0.40
N ALA C 289 -31.60 9.78 -1.22
CA ALA C 289 -31.53 11.23 -1.37
C ALA C 289 -32.84 11.94 -1.07
N LEU C 290 -33.76 11.32 -0.34
CA LEU C 290 -35.06 11.92 -0.07
C LEU C 290 -35.15 12.47 1.35
N ASP C 291 -34.85 11.65 2.34
CA ASP C 291 -35.01 11.97 3.75
C ASP C 291 -33.72 11.67 4.47
N PRO C 292 -33.31 12.49 5.44
CA PRO C 292 -32.13 12.13 6.24
C PRO C 292 -32.24 10.76 6.89
N LEU C 293 -33.44 10.35 7.29
CA LEU C 293 -33.63 8.98 7.75
C LEU C 293 -33.32 7.99 6.63
N SER C 294 -33.79 8.28 5.42
CA SER C 294 -33.44 7.42 4.29
C SER C 294 -31.95 7.47 3.99
N GLU C 295 -31.33 8.64 4.16
CA GLU C 295 -29.89 8.76 3.89
C GLU C 295 -29.08 7.92 4.87
N THR C 296 -29.45 7.92 6.16
CA THR C 296 -28.75 7.06 7.11
C THR C 296 -29.17 5.60 7.02
N LYS C 297 -30.31 5.32 6.39
CA LYS C 297 -30.64 3.95 5.98
C LYS C 297 -29.71 3.47 4.88
N CYS C 298 -29.34 4.36 3.96
CA CYS C 298 -28.49 3.97 2.84
C CYS C 298 -27.05 3.71 3.28
N THR C 299 -26.55 4.51 4.23
CA THR C 299 -25.16 4.36 4.67
C THR C 299 -24.95 3.07 5.45
N LEU C 300 -25.85 2.78 6.39
CA LEU C 300 -25.75 1.54 7.15
C LEU C 300 -26.03 0.30 6.32
N LYS C 301 -26.62 0.46 5.13
CA LYS C 301 -27.03 -0.66 4.28
C LYS C 301 -27.96 -1.61 5.02
N SER C 302 -28.85 -1.03 5.83
CA SER C 302 -29.80 -1.80 6.60
C SER C 302 -31.12 -1.05 6.65
N PHE C 303 -32.21 -1.80 6.76
CA PHE C 303 -33.54 -1.22 6.74
C PHE C 303 -34.02 -0.79 8.12
N THR C 304 -33.35 -1.20 9.19
CA THR C 304 -33.69 -0.78 10.54
C THR C 304 -32.45 -0.22 11.21
N VAL C 305 -32.57 0.98 11.77
CA VAL C 305 -31.46 1.68 12.39
C VAL C 305 -31.79 1.93 13.85
N GLU C 306 -30.85 1.61 14.73
CA GLU C 306 -31.07 1.77 16.16
C GLU C 306 -30.89 3.23 16.57
N LYS C 307 -31.35 3.54 17.79
CA LYS C 307 -31.29 4.91 18.29
C LYS C 307 -29.84 5.34 18.51
N GLY C 308 -29.62 6.64 18.36
CA GLY C 308 -28.31 7.21 18.55
C GLY C 308 -28.06 8.28 17.52
N ILE C 309 -26.78 8.65 17.38
CA ILE C 309 -26.34 9.66 16.42
C ILE C 309 -25.43 8.99 15.40
N TYR C 310 -25.70 9.22 14.12
CA TYR C 310 -24.94 8.61 13.04
C TYR C 310 -24.28 9.72 12.23
N GLN C 311 -23.44 9.31 11.28
CA GLN C 311 -22.80 10.21 10.35
C GLN C 311 -23.06 9.71 8.94
N THR C 312 -23.79 10.50 8.15
CA THR C 312 -24.20 10.06 6.83
C THR C 312 -23.18 10.48 5.78
N SER C 313 -23.29 9.88 4.60
CA SER C 313 -22.50 10.27 3.45
C SER C 313 -23.15 11.47 2.77
N ASN C 314 -22.70 11.81 1.56
CA ASN C 314 -23.24 12.96 0.86
C ASN C 314 -24.50 12.52 0.14
N PHE C 315 -24.43 11.60 -0.82
CA PHE C 315 -25.59 11.03 -1.50
C PHE C 315 -26.42 12.07 -2.25
N ARG C 316 -25.97 13.32 -2.25
CA ARG C 316 -26.61 14.37 -3.01
C ARG C 316 -25.65 14.92 -4.05
N VAL C 317 -26.22 15.40 -5.16
CA VAL C 317 -25.40 15.82 -6.28
C VAL C 317 -26.09 16.96 -7.04
N GLN C 318 -25.30 17.81 -7.69
CA GLN C 318 -25.79 18.88 -8.55
C GLN C 318 -24.76 19.16 -9.63
N PRO C 319 -24.66 18.29 -10.64
CA PRO C 319 -23.61 18.44 -11.66
C PRO C 319 -23.72 19.75 -12.43
N THR C 320 -22.70 20.59 -12.26
CA THR C 320 -22.71 21.95 -12.78
C THR C 320 -21.98 22.07 -14.11
N GLU C 321 -21.84 23.30 -14.59
CA GLU C 321 -21.16 23.60 -15.85
C GLU C 321 -19.67 23.83 -15.62
N SER C 322 -18.98 24.34 -16.64
CA SER C 322 -17.55 24.59 -16.53
C SER C 322 -17.23 25.87 -17.29
N ILE C 323 -16.16 26.53 -16.86
CA ILE C 323 -15.65 27.73 -17.55
C ILE C 323 -14.15 27.57 -17.70
N VAL C 324 -13.60 28.15 -18.76
CA VAL C 324 -12.13 28.15 -18.96
C VAL C 324 -11.73 29.60 -19.30
N ARG C 325 -11.04 30.28 -18.41
CA ARG C 325 -10.57 31.64 -18.76
C ARG C 325 -9.06 31.58 -18.95
N PHE C 326 -8.56 32.08 -20.08
CA PHE C 326 -7.11 32.06 -20.40
C PHE C 326 -6.77 33.48 -20.85
N PRO C 327 -5.51 33.94 -20.94
CA PRO C 327 -5.22 35.37 -21.05
C PRO C 327 -5.69 36.01 -22.37
N ASN C 328 -5.84 37.34 -22.44
CA ASN C 328 -6.40 38.00 -23.66
C ASN C 328 -5.58 37.59 -24.88
N ILE C 329 -6.27 37.28 -25.98
CA ILE C 329 -5.64 36.71 -27.20
C ILE C 329 -4.64 37.62 -27.91
N THR C 330 -4.70 38.94 -27.73
CA THR C 330 -3.88 39.84 -28.59
C THR C 330 -2.42 39.41 -28.66
N ASN C 331 -1.87 39.35 -29.89
CA ASN C 331 -0.48 38.93 -30.20
C ASN C 331 -0.65 38.38 -31.62
N LEU C 332 -1.53 39.02 -32.40
CA LEU C 332 -1.92 38.50 -33.71
C LEU C 332 -0.70 38.19 -34.58
N CYS C 333 -0.91 37.42 -35.64
CA CYS C 333 0.13 36.95 -36.53
C CYS C 333 0.14 37.72 -37.83
N PRO C 334 1.26 37.73 -38.56
CA PRO C 334 1.25 38.31 -39.91
C PRO C 334 0.75 37.31 -40.93
N PHE C 335 -0.37 36.64 -40.63
CA PHE C 335 -0.96 35.71 -41.59
C PHE C 335 -1.55 36.45 -42.78
N ASP C 336 -2.11 37.64 -42.54
CA ASP C 336 -2.70 38.42 -43.64
C ASP C 336 -1.63 38.82 -44.65
N GLU C 337 -0.40 39.05 -44.19
CA GLU C 337 0.67 39.48 -45.09
C GLU C 337 0.98 38.40 -46.12
N VAL C 338 1.15 37.15 -45.67
CA VAL C 338 1.49 36.08 -46.59
C VAL C 338 0.28 35.65 -47.41
N PHE C 339 -0.90 35.64 -46.80
CA PHE C 339 -2.08 35.16 -47.52
C PHE C 339 -2.61 36.19 -48.51
N ASN C 340 -2.51 37.47 -48.18
CA ASN C 340 -3.01 38.54 -49.04
C ASN C 340 -1.85 39.38 -49.55
N ALA C 341 -1.77 39.51 -50.87
CA ALA C 341 -0.73 40.33 -51.48
C ALA C 341 -1.21 40.74 -52.88
N THR C 342 -0.30 41.29 -53.68
CA THR C 342 -0.59 41.60 -55.08
C THR C 342 0.09 40.67 -56.07
N ARG C 343 1.16 40.00 -55.68
CA ARG C 343 1.86 39.08 -56.56
C ARG C 343 2.71 38.14 -55.72
N PHE C 344 2.43 36.84 -55.79
CA PHE C 344 3.27 35.86 -55.13
C PHE C 344 4.56 35.64 -55.91
N ALA C 345 5.52 35.01 -55.25
CA ALA C 345 6.76 34.64 -55.93
C ALA C 345 6.50 33.58 -56.99
N SER C 346 7.35 33.58 -58.01
CA SER C 346 7.20 32.63 -59.10
C SER C 346 7.77 31.28 -58.68
N VAL C 347 7.74 30.31 -59.60
CA VAL C 347 8.14 28.95 -59.27
C VAL C 347 9.64 28.83 -59.02
N TYR C 348 10.47 29.56 -59.76
CA TYR C 348 11.91 29.38 -59.67
C TYR C 348 12.45 29.75 -58.30
N ALA C 349 11.89 30.79 -57.68
CA ALA C 349 12.34 31.25 -56.36
C ALA C 349 11.13 31.24 -55.43
N TRP C 350 10.95 30.14 -54.70
CA TRP C 350 9.85 30.04 -53.76
C TRP C 350 10.16 30.90 -52.54
N ASN C 351 9.29 31.88 -52.28
CA ASN C 351 9.55 32.90 -51.27
C ASN C 351 9.55 32.28 -49.88
N ARG C 352 10.62 32.53 -49.14
CA ARG C 352 10.72 32.04 -47.77
C ARG C 352 10.12 33.04 -46.79
N LYS C 353 9.54 32.51 -45.72
CA LYS C 353 8.97 33.35 -44.66
C LYS C 353 8.94 32.53 -43.37
N ARG C 354 9.86 32.82 -42.47
CA ARG C 354 9.97 32.10 -41.20
C ARG C 354 9.12 32.80 -40.14
N ILE C 355 7.90 32.32 -39.97
CA ILE C 355 7.01 32.87 -38.95
C ILE C 355 7.39 32.29 -37.59
N SER C 356 7.43 33.14 -36.57
CA SER C 356 7.72 32.71 -35.22
C SER C 356 7.21 33.74 -34.23
N ASN C 357 7.14 33.33 -32.96
CA ASN C 357 6.74 34.21 -31.85
C ASN C 357 5.35 34.80 -32.06
N CYS C 358 4.37 33.91 -32.22
CA CYS C 358 2.99 34.33 -32.41
C CYS C 358 2.06 33.18 -32.04
N VAL C 359 0.81 33.28 -32.48
CA VAL C 359 -0.23 32.35 -32.08
C VAL C 359 -0.64 31.49 -33.27
N ALA C 360 -1.57 30.57 -33.03
CA ALA C 360 -2.07 29.66 -34.05
C ALA C 360 -3.51 30.05 -34.39
N ASP C 361 -3.78 30.32 -35.66
CA ASP C 361 -5.12 30.64 -36.13
C ASP C 361 -5.22 30.22 -37.58
N TYR C 362 -6.12 29.29 -37.88
CA TYR C 362 -6.29 28.79 -39.24
C TYR C 362 -7.75 28.74 -39.67
N SER C 363 -8.68 29.22 -38.84
CA SER C 363 -10.09 29.24 -39.24
C SER C 363 -10.31 30.18 -40.41
N VAL C 364 -9.55 31.27 -40.47
CA VAL C 364 -9.69 32.21 -41.59
C VAL C 364 -9.30 31.54 -42.89
N LEU C 365 -8.46 30.51 -42.82
CA LEU C 365 -8.11 29.76 -44.03
C LEU C 365 -9.31 29.05 -44.62
N TYR C 366 -10.18 28.50 -43.78
CA TYR C 366 -11.47 27.99 -44.26
C TYR C 366 -12.29 29.09 -44.90
N ASN C 367 -12.11 30.33 -44.46
CA ASN C 367 -12.92 31.46 -44.88
C ASN C 367 -12.48 32.04 -46.22
N LEU C 368 -11.28 31.72 -46.68
CA LEU C 368 -10.73 32.39 -47.86
C LEU C 368 -11.47 31.99 -49.13
N ALA C 369 -11.69 30.69 -49.31
CA ALA C 369 -12.25 30.16 -50.54
C ALA C 369 -13.49 29.34 -50.20
N PRO C 370 -14.35 29.07 -51.19
CA PRO C 370 -15.46 28.14 -50.96
C PRO C 370 -14.99 26.80 -50.41
N PHE C 371 -15.92 25.99 -49.91
CA PHE C 371 -15.55 24.77 -49.20
C PHE C 371 -14.72 23.86 -50.08
N PHE C 372 -13.58 23.41 -49.55
CA PHE C 372 -12.65 22.57 -50.28
C PHE C 372 -12.01 21.59 -49.32
N THR C 373 -11.00 20.88 -49.82
CA THR C 373 -10.24 19.93 -49.00
C THR C 373 -8.77 20.35 -48.95
N PHE C 374 -8.19 20.30 -47.76
CA PHE C 374 -6.79 20.64 -47.58
C PHE C 374 -5.83 19.59 -48.12
N LYS C 375 -6.23 18.32 -48.13
CA LYS C 375 -5.34 17.21 -48.44
C LYS C 375 -4.07 17.30 -47.60
N CYS C 376 -4.27 17.28 -46.28
CA CYS C 376 -3.20 17.53 -45.33
C CYS C 376 -2.52 16.21 -44.97
N TYR C 377 -1.19 16.22 -44.93
CA TYR C 377 -0.39 15.01 -44.77
C TYR C 377 0.13 14.81 -43.36
N GLY C 378 0.79 15.82 -42.80
CA GLY C 378 1.45 15.68 -41.50
C GLY C 378 0.51 15.40 -40.35
N VAL C 379 -0.37 16.35 -40.05
CA VAL C 379 -1.28 16.26 -38.91
C VAL C 379 -2.70 16.41 -39.43
N SER C 380 -3.65 15.75 -38.77
CA SER C 380 -5.04 15.85 -39.17
C SER C 380 -5.51 17.30 -39.09
N PRO C 381 -6.29 17.76 -40.07
CA PRO C 381 -6.63 19.20 -40.12
C PRO C 381 -7.34 19.71 -38.87
N THR C 382 -8.11 18.87 -38.19
CA THR C 382 -8.90 19.35 -37.06
C THR C 382 -8.01 19.71 -35.87
N LYS C 383 -6.76 19.23 -35.85
CA LYS C 383 -5.86 19.47 -34.74
C LYS C 383 -4.71 20.41 -35.08
N LEU C 384 -4.83 21.19 -36.16
CA LEU C 384 -3.83 22.21 -36.43
C LEU C 384 -3.92 23.39 -35.46
N ASN C 385 -5.12 23.72 -34.98
CA ASN C 385 -5.25 24.76 -33.97
C ASN C 385 -4.51 24.37 -32.69
N ASP C 386 -4.59 23.10 -32.31
CA ASP C 386 -3.81 22.55 -31.22
C ASP C 386 -2.52 21.96 -31.78
N LEU C 387 -1.81 21.19 -30.95
CA LEU C 387 -0.53 20.57 -31.32
C LEU C 387 0.45 21.61 -31.84
N CYS C 388 0.69 22.63 -31.00
CA CYS C 388 1.50 23.76 -31.38
C CYS C 388 2.99 23.43 -31.25
N PHE C 389 3.77 23.96 -32.19
CA PHE C 389 5.19 23.64 -32.34
C PHE C 389 6.01 24.92 -32.36
N THR C 390 7.29 24.82 -32.72
CA THR C 390 8.16 25.97 -32.80
C THR C 390 8.64 26.15 -34.23
N ASN C 391 8.91 27.41 -34.60
CA ASN C 391 9.48 27.76 -35.89
C ASN C 391 8.62 27.29 -37.06
N VAL C 392 7.36 27.71 -37.12
CA VAL C 392 6.49 27.35 -38.23
C VAL C 392 7.11 27.88 -39.51
N TYR C 393 7.15 27.04 -40.55
CA TYR C 393 7.96 27.26 -41.74
C TYR C 393 7.02 27.38 -42.93
N ALA C 394 6.92 28.58 -43.49
CA ALA C 394 5.94 28.86 -44.53
C ALA C 394 6.62 29.25 -45.84
N ASP C 395 5.96 28.90 -46.95
CA ASP C 395 6.40 29.24 -48.28
C ASP C 395 5.24 29.86 -49.05
N SER C 396 5.51 30.31 -50.27
CA SER C 396 4.47 30.91 -51.10
C SER C 396 4.92 30.88 -52.55
N PHE C 397 4.18 30.17 -53.40
CA PHE C 397 4.43 30.18 -54.82
C PHE C 397 3.16 29.73 -55.54
N VAL C 398 3.12 29.99 -56.85
CA VAL C 398 1.93 29.76 -57.66
C VAL C 398 2.28 28.77 -58.76
N ILE C 399 1.46 27.73 -58.91
CA ILE C 399 1.68 26.70 -59.92
C ILE C 399 0.37 26.39 -60.63
N ARG C 400 0.38 25.40 -61.51
CA ARG C 400 -0.81 24.98 -62.23
C ARG C 400 -1.67 24.07 -61.35
N GLY C 401 -2.87 23.76 -61.86
CA GLY C 401 -3.77 22.88 -61.14
C GLY C 401 -3.29 21.45 -61.03
N ASP C 402 -2.65 20.93 -62.08
CA ASP C 402 -2.21 19.53 -62.06
C ASP C 402 -1.16 19.29 -60.98
N GLU C 403 -0.23 20.23 -60.81
CA GLU C 403 0.84 20.05 -59.84
C GLU C 403 0.38 20.16 -58.40
N VAL C 404 -0.85 20.62 -58.16
CA VAL C 404 -1.37 20.69 -56.81
C VAL C 404 -1.45 19.29 -56.20
N ARG C 405 -1.99 18.33 -56.96
CA ARG C 405 -2.00 16.94 -56.54
C ARG C 405 -0.65 16.26 -56.73
N GLN C 406 0.29 16.91 -57.39
CA GLN C 406 1.61 16.36 -57.65
C GLN C 406 2.67 16.91 -56.71
N ILE C 407 2.29 17.82 -55.81
CA ILE C 407 3.22 18.35 -54.81
C ILE C 407 3.50 17.38 -53.69
N ALA C 408 2.84 16.21 -53.70
CA ALA C 408 3.00 15.24 -52.62
C ALA C 408 4.43 14.70 -52.58
N PRO C 409 4.97 14.46 -51.39
CA PRO C 409 6.29 13.84 -51.29
C PRO C 409 6.28 12.43 -51.87
N GLY C 410 7.37 12.09 -52.56
CA GLY C 410 7.54 10.81 -53.20
C GLY C 410 7.33 10.84 -54.70
N GLN C 411 6.46 11.71 -55.19
CA GLN C 411 6.23 11.85 -56.61
C GLN C 411 7.15 12.91 -57.20
N THR C 412 7.66 12.63 -58.39
CA THR C 412 8.57 13.51 -59.10
C THR C 412 7.86 14.15 -60.28
N GLY C 413 8.61 14.92 -61.06
CA GLY C 413 8.06 15.62 -62.20
C GLY C 413 8.97 16.73 -62.68
N ASN C 414 8.42 17.93 -62.83
CA ASN C 414 9.20 19.10 -63.19
C ASN C 414 9.20 20.16 -62.11
N ILE C 415 8.04 20.60 -61.64
CA ILE C 415 8.00 21.50 -60.49
C ILE C 415 8.37 20.75 -59.21
N ALA C 416 7.84 19.54 -59.03
CA ALA C 416 8.13 18.77 -57.82
C ALA C 416 9.56 18.24 -57.81
N ASP C 417 10.23 18.19 -58.96
CA ASP C 417 11.58 17.68 -59.04
C ASP C 417 12.63 18.77 -59.25
N TYR C 418 12.46 19.58 -60.29
CA TYR C 418 13.46 20.59 -60.64
C TYR C 418 13.20 21.95 -60.01
N ASN C 419 12.12 22.11 -59.26
CA ASN C 419 11.82 23.43 -58.72
C ASN C 419 11.59 23.44 -57.21
N TYR C 420 10.93 22.41 -56.67
CA TYR C 420 10.62 22.38 -55.25
C TYR C 420 10.32 20.93 -54.87
N LYS C 421 11.11 20.37 -53.96
CA LYS C 421 10.93 19.00 -53.51
C LYS C 421 10.79 18.94 -52.01
N LEU C 422 10.05 17.96 -51.53
CA LEU C 422 9.77 17.78 -50.12
C LEU C 422 10.47 16.53 -49.59
N PRO C 423 10.85 16.52 -48.31
CA PRO C 423 11.45 15.32 -47.73
C PRO C 423 10.42 14.20 -47.58
N ASP C 424 10.94 12.98 -47.46
CA ASP C 424 10.07 11.84 -47.22
C ASP C 424 9.47 11.86 -45.81
N ASP C 425 10.17 12.43 -44.84
CA ASP C 425 9.65 12.62 -43.49
C ASP C 425 9.08 14.01 -43.28
N PHE C 426 8.50 14.59 -44.34
CA PHE C 426 8.00 15.96 -44.30
C PHE C 426 6.83 16.07 -43.34
N THR C 427 6.99 16.89 -42.30
CA THR C 427 5.91 17.19 -41.36
C THR C 427 5.31 18.54 -41.70
N GLY C 428 3.97 18.59 -41.76
CA GLY C 428 3.28 19.75 -42.26
C GLY C 428 2.54 19.42 -43.52
N CYS C 429 1.79 20.36 -44.09
CA CYS C 429 1.00 20.04 -45.26
C CYS C 429 0.66 21.29 -46.06
N VAL C 430 0.22 21.08 -47.29
CA VAL C 430 0.01 22.16 -48.23
C VAL C 430 -1.42 22.69 -48.13
N ILE C 431 -1.61 23.91 -48.63
CA ILE C 431 -2.92 24.55 -48.71
C ILE C 431 -3.05 25.17 -50.09
N ALA C 432 -4.12 24.83 -50.80
CA ALA C 432 -4.29 25.29 -52.18
C ALA C 432 -5.69 25.85 -52.38
N TRP C 433 -5.77 26.89 -53.20
CA TRP C 433 -7.05 27.47 -53.57
C TRP C 433 -6.94 28.07 -54.97
N ASN C 434 -8.08 28.19 -55.63
CA ASN C 434 -8.12 28.74 -56.98
C ASN C 434 -7.96 30.26 -56.94
N SER C 435 -7.28 30.79 -57.95
CA SER C 435 -6.98 32.21 -58.03
C SER C 435 -7.21 32.74 -59.44
N ASN C 436 -8.34 32.32 -60.04
CA ASN C 436 -8.68 32.83 -61.36
C ASN C 436 -8.98 34.31 -61.34
N LYS C 437 -9.68 34.79 -60.31
CA LYS C 437 -10.10 36.18 -60.25
C LYS C 437 -8.96 37.14 -59.93
N LEU C 438 -7.97 36.73 -59.13
CA LEU C 438 -6.83 37.61 -58.85
C LEU C 438 -5.69 37.41 -59.83
N ASP C 439 -5.13 36.20 -59.89
CA ASP C 439 -3.88 36.00 -60.62
C ASP C 439 -4.07 36.05 -62.13
N SER C 440 -5.12 35.42 -62.66
CA SER C 440 -5.30 35.33 -64.11
C SER C 440 -5.61 36.71 -64.69
N LYS C 441 -5.05 36.96 -65.87
CA LYS C 441 -5.23 38.23 -66.58
C LYS C 441 -5.82 37.96 -67.96
N VAL C 442 -6.77 38.80 -68.37
CA VAL C 442 -7.43 38.61 -69.65
C VAL C 442 -6.46 38.82 -70.81
N SER C 443 -5.54 39.78 -70.69
CA SER C 443 -4.55 40.01 -71.74
C SER C 443 -3.43 39.00 -71.76
N GLY C 444 -3.31 38.19 -70.72
CA GLY C 444 -2.26 37.19 -70.64
C GLY C 444 -1.12 37.62 -69.73
N ASN C 445 -1.11 37.10 -68.50
CA ASN C 445 -0.07 37.43 -67.54
C ASN C 445 1.05 36.39 -67.66
N TYR C 446 2.26 36.87 -67.99
CA TYR C 446 3.40 35.99 -68.16
C TYR C 446 4.52 36.33 -67.17
N ASN C 447 4.16 36.92 -66.03
CA ASN C 447 5.16 37.24 -65.01
C ASN C 447 5.62 36.01 -64.23
N TYR C 448 4.87 34.92 -64.29
CA TYR C 448 5.21 33.71 -63.54
C TYR C 448 6.00 32.76 -64.44
N LEU C 449 7.17 32.35 -63.98
CA LEU C 449 8.06 31.50 -64.76
C LEU C 449 8.52 30.34 -63.89
N TYR C 450 8.91 29.25 -64.56
CA TYR C 450 9.35 28.04 -63.88
C TYR C 450 10.61 27.50 -64.54
N ARG C 451 11.35 26.69 -63.78
CA ARG C 451 12.56 26.07 -64.26
C ARG C 451 12.22 24.69 -64.83
N LEU C 452 12.41 24.52 -66.13
CA LEU C 452 12.17 23.22 -66.75
C LEU C 452 13.45 22.46 -67.03
N PHE C 453 14.56 23.17 -67.25
CA PHE C 453 15.86 22.55 -67.47
C PHE C 453 16.77 22.86 -66.29
N ARG C 454 17.01 21.86 -65.46
CA ARG C 454 18.07 21.94 -64.46
C ARG C 454 19.00 20.73 -64.52
N LYS C 455 18.47 19.56 -64.88
CA LYS C 455 19.27 18.36 -65.15
C LYS C 455 20.04 17.88 -63.94
N SER C 456 19.49 18.10 -62.75
CA SER C 456 20.10 17.64 -61.51
C SER C 456 19.01 17.40 -60.48
N ASN C 457 19.09 16.27 -59.79
CA ASN C 457 18.13 15.98 -58.73
C ASN C 457 18.29 16.96 -57.58
N LEU C 458 17.16 17.41 -57.04
CA LEU C 458 17.17 18.40 -55.96
C LEU C 458 17.00 17.71 -54.62
N LYS C 459 17.85 18.05 -53.67
CA LYS C 459 17.66 17.62 -52.31
C LYS C 459 16.47 18.39 -51.71
N PRO C 460 15.86 17.85 -50.65
CA PRO C 460 14.73 18.55 -50.03
C PRO C 460 15.15 19.91 -49.48
N PHE C 461 14.26 20.88 -49.65
CA PHE C 461 14.34 22.19 -48.98
C PHE C 461 15.64 22.94 -49.31
N GLU C 462 15.78 23.29 -50.58
CA GLU C 462 16.78 24.28 -50.97
C GLU C 462 16.30 24.96 -52.24
N ARG C 463 16.80 26.18 -52.46
CA ARG C 463 16.44 26.98 -53.62
C ARG C 463 17.65 27.13 -54.52
N ASP C 464 17.46 26.90 -55.81
CA ASP C 464 18.50 27.05 -56.82
C ASP C 464 18.07 28.12 -57.82
N ILE C 465 18.96 29.07 -58.06
CA ILE C 465 18.70 30.14 -59.03
C ILE C 465 19.80 30.05 -60.08
N SER C 466 19.53 29.32 -61.15
CA SER C 466 20.43 29.19 -62.29
C SER C 466 19.86 30.01 -63.43
N THR C 467 20.15 31.31 -63.43
CA THR C 467 19.65 32.19 -64.47
C THR C 467 20.44 32.00 -65.77
N GLU C 468 21.69 31.58 -65.68
CA GLU C 468 22.55 31.41 -66.84
C GLU C 468 22.00 30.32 -67.76
N ILE C 469 22.28 30.48 -69.06
CA ILE C 469 21.80 29.55 -70.08
C ILE C 469 22.63 28.28 -70.04
N TYR C 470 22.02 27.16 -70.40
CA TYR C 470 22.69 25.88 -70.44
C TYR C 470 23.06 25.48 -71.86
N GLN C 471 24.15 24.74 -71.99
CA GLN C 471 24.63 24.24 -73.27
C GLN C 471 24.62 22.72 -73.25
N ALA C 472 24.07 22.12 -74.31
CA ALA C 472 23.97 20.68 -74.43
C ALA C 472 24.41 20.27 -75.83
N GLY C 473 24.87 19.03 -75.94
CA GLY C 473 25.33 18.48 -77.20
C GLY C 473 26.83 18.41 -77.39
N ASN C 474 27.62 18.54 -76.31
CA ASN C 474 29.08 18.51 -76.39
C ASN C 474 29.62 19.58 -77.33
N LYS C 475 29.00 20.76 -77.28
CA LYS C 475 29.45 21.90 -78.08
C LYS C 475 29.49 23.12 -77.16
N PRO C 476 30.64 23.77 -77.00
CA PRO C 476 30.72 24.93 -76.11
C PRO C 476 29.93 26.12 -76.67
N CYS C 477 28.79 26.42 -76.06
CA CYS C 477 27.96 27.54 -76.52
C CYS C 477 28.48 28.86 -75.98
N ASN C 478 28.44 29.03 -74.66
CA ASN C 478 28.93 30.22 -73.96
C ASN C 478 28.36 31.52 -74.53
N GLY C 479 27.23 31.45 -75.21
CA GLY C 479 26.68 32.62 -75.87
C GLY C 479 25.22 32.88 -75.58
N VAL C 480 24.58 33.69 -76.43
CA VAL C 480 23.18 34.06 -76.26
C VAL C 480 22.44 33.76 -77.56
N ALA C 481 21.29 33.11 -77.44
CA ALA C 481 20.40 32.80 -78.56
C ALA C 481 21.13 31.98 -79.64
N GLY C 482 21.52 30.77 -79.22
CA GLY C 482 22.15 29.81 -80.10
C GLY C 482 21.43 28.46 -80.06
N PHE C 483 21.67 27.67 -81.11
CA PHE C 483 21.09 26.34 -81.17
C PHE C 483 21.73 25.44 -80.12
N ASN C 484 20.90 24.56 -79.53
CA ASN C 484 21.30 23.71 -78.41
C ASN C 484 21.76 24.54 -77.21
N CYS C 485 21.26 25.77 -77.13
CA CYS C 485 21.51 26.67 -76.00
C CYS C 485 20.15 27.12 -75.48
N TYR C 486 19.63 26.42 -74.48
CA TYR C 486 18.26 26.56 -74.04
C TYR C 486 18.20 27.36 -72.75
N PHE C 487 17.33 28.37 -72.72
CA PHE C 487 17.15 29.18 -71.53
C PHE C 487 16.34 28.38 -70.50
N PRO C 488 16.86 28.12 -69.30
CA PRO C 488 16.19 27.21 -68.37
C PRO C 488 14.94 27.78 -67.71
N LEU C 489 14.54 29.00 -68.00
CA LEU C 489 13.42 29.65 -67.32
C LEU C 489 12.36 30.01 -68.36
N ARG C 490 11.21 29.34 -68.28
CA ARG C 490 10.10 29.57 -69.18
C ARG C 490 8.84 29.87 -68.38
N SER C 491 7.85 30.44 -69.05
CA SER C 491 6.73 31.11 -68.40
C SER C 491 5.45 30.30 -68.47
N TYR C 492 4.62 30.42 -67.43
CA TYR C 492 3.25 29.95 -67.48
C TYR C 492 2.39 30.86 -68.35
N SER C 493 1.27 30.32 -68.81
CA SER C 493 0.21 31.08 -69.46
C SER C 493 -1.05 30.98 -68.61
N PHE C 494 -1.62 32.13 -68.26
CA PHE C 494 -2.73 32.19 -67.31
C PHE C 494 -3.91 32.94 -67.91
N ARG C 495 -4.25 32.59 -69.15
CA ARG C 495 -5.43 33.16 -69.77
C ARG C 495 -6.69 32.67 -69.07
N PRO C 496 -7.66 33.54 -68.83
CA PRO C 496 -8.84 33.15 -68.03
C PRO C 496 -9.82 32.25 -68.76
N THR C 497 -9.63 32.00 -70.06
CA THR C 497 -10.54 31.15 -70.81
C THR C 497 -10.33 29.67 -70.55
N TYR C 498 -9.22 29.29 -69.92
CA TYR C 498 -8.92 27.89 -69.67
C TYR C 498 -9.75 27.36 -68.50
N GLY C 499 -9.83 26.03 -68.41
CA GLY C 499 -10.60 25.37 -67.39
C GLY C 499 -9.76 24.97 -66.19
N VAL C 500 -10.36 24.18 -65.31
CA VAL C 500 -9.69 23.71 -64.12
C VAL C 500 -8.58 22.74 -64.50
N GLY C 501 -7.38 22.96 -63.94
CA GLY C 501 -6.24 22.14 -64.27
C GLY C 501 -5.10 22.96 -64.81
N HIS C 502 -5.42 24.13 -65.38
CA HIS C 502 -4.43 25.06 -65.89
C HIS C 502 -4.55 26.44 -65.26
N GLN C 503 -5.52 26.63 -64.36
CA GLN C 503 -5.69 27.90 -63.67
C GLN C 503 -4.61 28.07 -62.61
N PRO C 504 -4.26 29.31 -62.28
CA PRO C 504 -3.27 29.53 -61.22
C PRO C 504 -3.83 29.17 -59.86
N TYR C 505 -3.02 28.46 -59.08
CA TYR C 505 -3.34 28.11 -57.70
C TYR C 505 -2.24 28.61 -56.78
N ARG C 506 -2.61 29.41 -55.80
CA ARG C 506 -1.66 29.93 -54.83
C ARG C 506 -1.56 28.95 -53.67
N VAL C 507 -0.40 28.32 -53.51
CA VAL C 507 -0.18 27.31 -52.48
C VAL C 507 0.74 27.87 -51.42
N VAL C 508 0.39 27.65 -50.16
CA VAL C 508 1.20 28.08 -49.03
C VAL C 508 1.59 26.86 -48.21
N VAL C 509 2.76 26.29 -48.51
CA VAL C 509 3.18 25.02 -47.92
C VAL C 509 3.73 25.32 -46.53
N LEU C 510 2.90 25.13 -45.51
CA LEU C 510 3.38 25.22 -44.13
C LEU C 510 4.10 23.95 -43.74
N SER C 511 5.08 24.08 -42.85
CA SER C 511 5.79 22.93 -42.31
C SER C 511 6.28 23.25 -40.91
N PHE C 512 6.51 22.21 -40.13
CA PHE C 512 6.89 22.33 -38.72
C PHE C 512 8.09 21.46 -38.42
N GLU C 513 9.01 21.99 -37.62
CA GLU C 513 10.17 21.25 -37.13
C GLU C 513 10.24 21.36 -35.62
N LEU C 514 10.71 20.29 -34.98
CA LEU C 514 10.80 20.22 -33.52
C LEU C 514 12.18 19.68 -33.16
N LEU C 515 13.06 20.57 -32.71
CA LEU C 515 14.42 20.21 -32.29
C LEU C 515 14.69 20.89 -30.95
N HIS C 516 14.40 20.17 -29.86
CA HIS C 516 14.55 20.67 -28.50
C HIS C 516 13.77 21.99 -28.40
N ALA C 517 14.40 23.10 -28.00
CA ALA C 517 13.84 24.45 -28.01
C ALA C 517 12.73 24.61 -26.98
N PRO C 518 12.46 25.84 -26.54
CA PRO C 518 11.37 26.04 -25.57
C PRO C 518 9.99 26.12 -26.21
N ALA C 519 9.93 26.29 -27.54
CA ALA C 519 8.70 26.41 -28.33
C ALA C 519 8.11 27.80 -28.17
N THR C 520 7.64 28.40 -29.27
CA THR C 520 7.25 29.80 -29.25
C THR C 520 5.93 30.08 -29.95
N VAL C 521 5.43 29.13 -30.73
CA VAL C 521 4.22 29.33 -31.54
C VAL C 521 3.13 28.44 -30.95
N CYS C 522 2.05 29.06 -30.48
CA CYS C 522 0.92 28.32 -29.95
C CYS C 522 -0.28 29.25 -29.86
N GLY C 523 -1.46 28.71 -30.15
CA GLY C 523 -2.67 29.50 -30.22
C GLY C 523 -3.72 29.11 -29.20
N PRO C 524 -4.03 30.04 -28.29
CA PRO C 524 -5.11 29.79 -27.33
C PRO C 524 -6.47 30.21 -27.88
N LYS C 525 -7.53 29.93 -27.13
CA LYS C 525 -8.88 30.25 -27.59
C LYS C 525 -9.89 30.13 -26.45
N LYS C 526 -11.18 30.17 -26.80
CA LYS C 526 -12.30 29.80 -25.92
C LYS C 526 -12.23 30.49 -24.56
N SER C 527 -12.09 31.82 -24.56
CA SER C 527 -12.30 32.57 -23.35
C SER C 527 -13.79 32.58 -23.01
N THR C 528 -14.12 32.24 -21.77
CA THR C 528 -15.50 32.09 -21.34
C THR C 528 -15.82 33.05 -20.21
N ASN C 529 -17.11 33.19 -19.93
CA ASN C 529 -17.56 34.08 -18.86
C ASN C 529 -17.18 33.52 -17.50
N LEU C 530 -16.87 34.41 -16.57
CA LEU C 530 -16.59 34.01 -15.20
C LEU C 530 -17.88 33.84 -14.41
N VAL C 531 -17.86 32.90 -13.47
CA VAL C 531 -19.05 32.54 -12.71
C VAL C 531 -18.75 32.71 -11.23
N LYS C 532 -19.62 33.41 -10.52
CA LYS C 532 -19.45 33.69 -9.10
C LYS C 532 -20.50 32.94 -8.28
N ASN C 533 -20.08 32.46 -7.11
CA ASN C 533 -20.96 31.87 -6.11
C ASN C 533 -21.76 30.69 -6.68
N LYS C 534 -21.08 29.89 -7.50
CA LYS C 534 -21.68 28.69 -8.06
C LYS C 534 -20.58 27.65 -8.26
N CYS C 535 -20.97 26.38 -8.20
CA CYS C 535 -20.02 25.31 -8.46
C CYS C 535 -19.52 25.40 -9.89
N VAL C 536 -18.20 25.25 -10.07
CA VAL C 536 -17.54 25.47 -11.36
C VAL C 536 -16.40 24.47 -11.50
N ASN C 537 -16.17 24.01 -12.73
CA ASN C 537 -14.99 23.25 -13.11
C ASN C 537 -14.02 24.23 -13.77
N PHE C 538 -13.30 24.98 -12.96
CA PHE C 538 -12.54 26.11 -13.46
C PHE C 538 -11.27 25.67 -14.17
N ASN C 539 -10.70 26.59 -14.96
CA ASN C 539 -9.44 26.36 -15.67
C ASN C 539 -8.79 27.72 -15.89
N PHE C 540 -7.82 28.06 -15.03
CA PHE C 540 -7.07 29.30 -15.15
C PHE C 540 -5.61 28.95 -15.42
N ASN C 541 -5.09 29.40 -16.57
CA ASN C 541 -3.67 29.33 -16.88
C ASN C 541 -3.11 27.92 -16.68
N GLY C 542 -3.88 26.92 -17.11
CA GLY C 542 -3.47 25.54 -16.95
C GLY C 542 -3.64 24.98 -15.56
N LEU C 543 -4.60 25.49 -14.79
CA LEU C 543 -4.91 24.93 -13.49
C LEU C 543 -6.24 24.17 -13.58
N LYS C 544 -6.21 22.91 -13.16
CA LYS C 544 -7.39 22.05 -13.23
C LYS C 544 -7.89 21.78 -11.83
N GLY C 545 -9.17 22.01 -11.60
CA GLY C 545 -9.76 21.80 -10.30
C GLY C 545 -11.23 22.13 -10.30
N THR C 546 -11.84 21.94 -9.14
CA THR C 546 -13.26 22.20 -8.95
C THR C 546 -13.46 23.02 -7.69
N GLY C 547 -14.40 23.96 -7.74
CA GLY C 547 -14.68 24.77 -6.58
C GLY C 547 -15.63 25.91 -6.92
N VAL C 548 -15.80 26.79 -5.94
CA VAL C 548 -16.67 27.95 -6.04
C VAL C 548 -15.81 29.20 -5.90
N LEU C 549 -15.91 30.10 -6.87
CA LEU C 549 -15.07 31.28 -6.94
C LEU C 549 -15.80 32.50 -6.37
N THR C 550 -15.14 33.21 -5.46
CA THR C 550 -15.68 34.41 -4.84
C THR C 550 -14.62 35.50 -4.83
N GLU C 551 -15.07 36.74 -4.67
CA GLU C 551 -14.14 37.85 -4.54
C GLU C 551 -13.35 37.73 -3.24
N SER C 552 -12.05 38.00 -3.31
CA SER C 552 -11.15 37.77 -2.20
C SER C 552 -10.61 39.10 -1.66
N ASN C 553 -9.70 38.98 -0.70
CA ASN C 553 -9.15 40.13 0.00
C ASN C 553 -7.62 40.15 0.07
N LYS C 554 -6.94 39.04 -0.19
CA LYS C 554 -5.50 39.00 -0.08
C LYS C 554 -4.86 39.93 -1.10
N LYS C 555 -3.64 40.38 -0.80
CA LYS C 555 -2.91 41.30 -1.65
C LYS C 555 -1.70 40.58 -2.24
N PHE C 556 -1.69 40.41 -3.55
CA PHE C 556 -0.57 39.77 -4.23
C PHE C 556 0.54 40.77 -4.47
N LEU C 557 1.56 40.33 -5.21
CA LEU C 557 2.71 41.01 -5.77
C LEU C 557 2.54 41.16 -7.28
N PRO C 558 3.20 42.14 -7.90
CA PRO C 558 3.03 42.34 -9.35
C PRO C 558 3.33 41.11 -10.18
N PHE C 559 4.23 40.25 -9.71
CA PHE C 559 4.63 39.07 -10.49
C PHE C 559 3.96 37.79 -10.03
N GLN C 560 3.69 37.62 -8.74
CA GLN C 560 3.10 36.37 -8.25
C GLN C 560 1.68 36.20 -8.78
N GLN C 561 1.36 34.97 -9.19
CA GLN C 561 0.05 34.66 -9.78
C GLN C 561 -0.78 33.71 -8.94
N PHE C 562 -0.23 32.54 -8.61
CA PHE C 562 -1.00 31.52 -7.91
C PHE C 562 -1.15 31.87 -6.44
N GLY C 563 -1.62 30.90 -5.66
CA GLY C 563 -1.72 31.03 -4.22
C GLY C 563 -1.87 29.67 -3.59
N ARG C 564 -1.10 29.39 -2.54
CA ARG C 564 -1.10 28.07 -1.93
C ARG C 564 -1.30 28.20 -0.42
N ASP C 565 -1.95 27.20 0.14
CA ASP C 565 -2.27 27.14 1.56
C ASP C 565 -1.28 26.21 2.27
N ILE C 566 -1.55 25.95 3.55
CA ILE C 566 -0.65 25.11 4.34
C ILE C 566 -0.60 23.70 3.77
N ALA C 567 -1.74 23.15 3.37
CA ALA C 567 -1.79 21.81 2.82
C ALA C 567 -1.23 21.71 1.41
N ASP C 568 -0.56 22.76 0.92
CA ASP C 568 0.06 22.78 -0.39
C ASP C 568 -0.96 22.52 -1.50
N THR C 569 -2.03 23.30 -1.52
CA THR C 569 -3.04 23.22 -2.56
C THR C 569 -3.40 24.61 -3.03
N THR C 570 -3.84 24.73 -4.27
CA THR C 570 -4.21 26.02 -4.81
C THR C 570 -5.51 26.51 -4.17
N ASP C 571 -5.49 27.72 -3.62
CA ASP C 571 -6.66 28.32 -2.99
C ASP C 571 -6.96 29.73 -3.44
N ALA C 572 -6.00 30.44 -4.02
CA ALA C 572 -6.23 31.77 -4.57
C ALA C 572 -5.67 31.82 -5.98
N VAL C 573 -6.47 32.30 -6.92
CA VAL C 573 -6.07 32.36 -8.33
C VAL C 573 -6.43 33.74 -8.88
N ARG C 574 -5.50 34.31 -9.63
CA ARG C 574 -5.66 35.62 -10.24
C ARG C 574 -6.28 35.44 -11.63
N ASP C 575 -7.33 36.20 -11.92
CA ASP C 575 -8.01 36.12 -13.21
C ASP C 575 -7.10 36.65 -14.31
N PRO C 576 -6.80 35.84 -15.32
CA PRO C 576 -5.83 36.25 -16.35
C PRO C 576 -6.20 37.52 -17.11
N GLN C 577 -7.48 37.71 -17.42
CA GLN C 577 -7.86 38.85 -18.25
C GLN C 577 -7.93 40.13 -17.43
N THR C 578 -8.86 40.19 -16.49
CA THR C 578 -8.91 41.31 -15.56
C THR C 578 -8.24 40.92 -14.24
N LEU C 579 -7.24 41.71 -13.85
CA LEU C 579 -6.24 41.27 -12.88
C LEU C 579 -6.66 41.48 -11.44
N GLU C 580 -7.79 40.91 -11.02
CA GLU C 580 -8.13 40.86 -9.61
C GLU C 580 -7.86 39.46 -9.06
N ILE C 581 -8.16 39.27 -7.78
CA ILE C 581 -7.85 38.03 -7.09
C ILE C 581 -9.16 37.38 -6.66
N LEU C 582 -9.31 36.10 -6.99
CA LEU C 582 -10.48 35.32 -6.62
C LEU C 582 -10.07 34.20 -5.67
N ASP C 583 -10.86 34.01 -4.62
CA ASP C 583 -10.63 32.93 -3.67
C ASP C 583 -11.41 31.70 -4.11
N ILE C 584 -10.86 30.52 -3.84
CA ILE C 584 -11.48 29.25 -4.16
C ILE C 584 -11.86 28.55 -2.86
N THR C 585 -13.11 28.13 -2.76
CA THR C 585 -13.62 27.47 -1.59
C THR C 585 -14.26 26.14 -1.96
N PRO C 586 -14.21 25.15 -1.07
CA PRO C 586 -14.88 23.88 -1.34
C PRO C 586 -16.39 24.02 -1.23
N CYS C 587 -17.07 23.15 -1.97
CA CYS C 587 -18.53 23.07 -1.94
C CYS C 587 -18.93 21.69 -1.46
N SER C 588 -20.24 21.42 -1.47
CA SER C 588 -20.75 20.10 -1.13
C SER C 588 -20.31 19.66 0.26
N PHE C 589 -20.83 20.33 1.29
CA PHE C 589 -20.62 19.90 2.68
C PHE C 589 -20.78 18.39 2.77
N GLY C 590 -19.74 17.71 3.24
CA GLY C 590 -19.62 16.27 3.03
C GLY C 590 -20.76 15.48 3.64
N GLY C 591 -21.10 15.75 4.89
CA GLY C 591 -22.15 15.00 5.54
C GLY C 591 -22.62 15.68 6.80
N VAL C 592 -23.79 15.25 7.26
CA VAL C 592 -24.38 15.77 8.49
C VAL C 592 -24.53 14.61 9.47
N SER C 593 -25.04 14.91 10.67
CA SER C 593 -25.30 13.89 11.67
C SER C 593 -26.78 13.88 11.97
N VAL C 594 -27.42 12.72 11.80
CA VAL C 594 -28.85 12.59 12.00
C VAL C 594 -29.12 12.09 13.41
N ILE C 595 -30.03 12.75 14.10
CA ILE C 595 -30.47 12.33 15.43
C ILE C 595 -31.80 11.61 15.28
N THR C 596 -31.79 10.29 15.37
CA THR C 596 -32.99 9.51 15.17
C THR C 596 -33.20 8.55 16.32
N PRO C 597 -34.45 8.30 16.70
CA PRO C 597 -34.75 7.17 17.58
C PRO C 597 -34.82 5.90 16.73
N GLY C 598 -35.14 4.78 17.39
CA GLY C 598 -35.25 3.53 16.68
C GLY C 598 -36.37 3.58 15.65
N THR C 599 -36.17 2.84 14.55
CA THR C 599 -37.21 2.74 13.53
C THR C 599 -38.47 2.08 14.07
N ASN C 600 -38.37 1.37 15.21
CA ASN C 600 -39.56 0.83 15.87
C ASN C 600 -40.57 1.93 16.16
N THR C 601 -40.11 3.05 16.72
CA THR C 601 -41.03 4.05 17.24
C THR C 601 -41.61 4.93 16.13
N SER C 602 -40.75 5.68 15.43
CA SER C 602 -41.23 6.63 14.44
C SER C 602 -40.13 6.87 13.41
N ASN C 603 -40.42 7.76 12.47
CA ASN C 603 -39.53 8.06 11.36
C ASN C 603 -39.11 9.53 11.33
N GLN C 604 -39.48 10.32 12.35
CA GLN C 604 -39.07 11.71 12.39
C GLN C 604 -37.65 11.82 12.96
N VAL C 605 -36.85 12.69 12.34
CA VAL C 605 -35.43 12.79 12.62
C VAL C 605 -35.03 14.24 12.80
N ALA C 606 -33.90 14.45 13.47
CA ALA C 606 -33.25 15.74 13.58
C ALA C 606 -31.92 15.70 12.84
N VAL C 607 -31.44 16.86 12.43
CA VAL C 607 -30.20 16.98 11.66
C VAL C 607 -29.31 18.01 12.33
N LEU C 608 -28.03 17.67 12.49
CA LEU C 608 -27.04 18.53 13.13
C LEU C 608 -26.03 18.96 12.08
N TYR C 609 -25.78 20.27 11.99
CA TYR C 609 -24.74 20.78 11.10
C TYR C 609 -23.51 21.16 11.92
N GLN C 610 -22.34 20.72 11.44
CA GLN C 610 -21.11 20.75 12.24
C GLN C 610 -20.48 22.14 12.18
N GLY C 611 -20.82 22.95 13.19
CA GLY C 611 -20.15 24.20 13.46
C GLY C 611 -20.62 25.39 12.64
N VAL C 612 -21.42 25.15 11.61
CA VAL C 612 -21.84 26.23 10.73
C VAL C 612 -22.83 27.14 11.45
N ASN C 613 -22.57 28.44 11.39
CA ASN C 613 -23.57 29.41 11.83
C ASN C 613 -24.77 29.37 10.90
N CYS C 614 -25.94 29.07 11.48
CA CYS C 614 -27.12 28.90 10.65
C CYS C 614 -27.93 30.18 10.47
N THR C 615 -27.28 31.19 9.90
CA THR C 615 -27.97 32.17 9.07
C THR C 615 -27.72 31.95 7.57
N GLU C 616 -26.84 31.01 7.20
CA GLU C 616 -26.57 30.70 5.80
C GLU C 616 -26.63 29.20 5.50
N VAL C 617 -27.15 28.37 6.41
CA VAL C 617 -27.33 26.95 6.11
C VAL C 617 -28.24 26.72 4.90
N PRO C 618 -29.25 27.56 4.61
CA PRO C 618 -29.92 27.40 3.31
C PRO C 618 -28.98 27.64 2.14
N VAL C 619 -27.92 28.43 2.34
CA VAL C 619 -26.95 28.68 1.28
C VAL C 619 -25.82 27.65 1.34
N ALA C 620 -25.33 27.35 2.55
CA ALA C 620 -24.22 26.41 2.69
C ALA C 620 -24.59 25.02 2.18
N ILE C 621 -25.79 24.55 2.53
CA ILE C 621 -26.28 23.27 2.03
C ILE C 621 -26.70 23.34 0.56
N HIS C 622 -26.86 24.56 0.02
CA HIS C 622 -27.45 24.76 -1.30
C HIS C 622 -28.86 24.15 -1.33
N ALA C 623 -29.67 24.53 -0.35
CA ALA C 623 -30.98 23.90 -0.16
C ALA C 623 -31.94 24.26 -1.28
N ASP C 624 -31.57 25.22 -2.13
CA ASP C 624 -32.45 25.62 -3.23
C ASP C 624 -32.70 24.46 -4.19
N GLN C 625 -31.67 23.67 -4.47
CA GLN C 625 -31.78 22.56 -5.39
C GLN C 625 -32.23 21.27 -4.73
N LEU C 626 -32.42 21.26 -3.41
CA LEU C 626 -32.87 20.07 -2.73
C LEU C 626 -34.36 19.80 -3.00
N THR C 627 -34.76 18.56 -2.76
CA THR C 627 -36.17 18.20 -2.83
C THR C 627 -36.91 18.84 -1.65
N PRO C 628 -38.22 19.05 -1.79
CA PRO C 628 -38.95 19.74 -0.72
C PRO C 628 -38.92 19.02 0.62
N THR C 629 -38.68 17.71 0.64
CA THR C 629 -38.60 16.99 1.90
C THR C 629 -37.41 17.45 2.73
N TRP C 630 -36.26 17.67 2.08
CA TRP C 630 -35.07 18.14 2.80
C TRP C 630 -35.26 19.54 3.37
N ARG C 631 -35.97 20.41 2.65
CA ARG C 631 -36.04 21.81 3.06
C ARG C 631 -36.88 21.99 4.32
N VAL C 632 -37.56 20.94 4.78
CA VAL C 632 -38.25 20.96 6.06
C VAL C 632 -37.22 21.13 7.18
N TYR C 633 -36.11 20.41 7.08
CA TYR C 633 -35.03 20.49 8.06
C TYR C 633 -34.01 21.56 7.72
N SER C 634 -34.24 22.36 6.68
CA SER C 634 -33.35 23.45 6.33
C SER C 634 -33.79 24.79 6.88
N THR C 635 -35.05 24.92 7.30
CA THR C 635 -35.55 26.14 7.93
C THR C 635 -36.85 25.80 8.64
N GLY C 636 -37.01 26.35 9.84
CA GLY C 636 -38.20 26.08 10.62
C GLY C 636 -38.24 26.96 11.86
N SER C 637 -39.26 26.72 12.68
CA SER C 637 -39.47 27.48 13.90
C SER C 637 -38.72 26.92 15.10
N ASN C 638 -38.07 25.77 14.96
CA ASN C 638 -37.31 25.16 16.05
C ASN C 638 -35.83 25.17 15.67
N VAL C 639 -35.08 26.10 16.26
CA VAL C 639 -33.64 26.20 16.02
C VAL C 639 -32.95 26.50 17.35
N PHE C 640 -32.10 25.57 17.78
CA PHE C 640 -31.25 25.75 18.94
C PHE C 640 -29.79 25.62 18.51
N GLN C 641 -28.95 26.52 19.02
CA GLN C 641 -27.56 26.59 18.58
C GLN C 641 -26.62 26.49 19.77
N THR C 642 -25.53 25.73 19.60
CA THR C 642 -24.47 25.61 20.59
C THR C 642 -23.13 25.68 19.87
N ARG C 643 -22.07 25.38 20.63
CA ARG C 643 -20.72 25.49 20.09
C ARG C 643 -20.51 24.54 18.91
N ALA C 644 -20.98 23.30 19.03
CA ALA C 644 -20.82 22.34 17.95
C ALA C 644 -21.64 22.73 16.73
N GLY C 645 -22.66 23.55 16.93
CA GLY C 645 -23.49 24.00 15.83
C GLY C 645 -24.93 24.13 16.29
N CYS C 646 -25.81 24.32 15.30
CA CYS C 646 -27.24 24.36 15.55
C CYS C 646 -27.90 23.19 14.83
N LEU C 647 -28.86 22.56 15.51
CA LEU C 647 -29.59 21.43 14.96
C LEU C 647 -31.03 21.86 14.67
N ILE C 648 -31.55 21.43 13.54
CA ILE C 648 -32.90 21.78 13.10
C ILE C 648 -33.76 20.53 13.20
N GLY C 649 -34.88 20.64 13.90
CA GLY C 649 -35.78 19.52 14.08
C GLY C 649 -36.01 19.18 15.53
N ALA C 650 -35.35 19.92 16.42
CA ALA C 650 -35.48 19.71 17.85
C ALA C 650 -35.75 21.03 18.53
N GLU C 651 -36.55 20.97 19.59
CA GLU C 651 -36.95 22.15 20.36
C GLU C 651 -36.29 22.12 21.73
N TYR C 652 -35.64 23.22 22.09
CA TYR C 652 -34.95 23.31 23.37
C TYR C 652 -35.95 23.33 24.52
N VAL C 653 -35.53 22.78 25.66
CA VAL C 653 -36.29 22.83 26.90
C VAL C 653 -35.36 23.28 28.02
N ASN C 654 -35.93 23.87 29.06
CA ASN C 654 -35.15 24.48 30.12
C ASN C 654 -34.93 23.56 31.32
N ASN C 655 -35.46 22.34 31.29
CA ASN C 655 -35.22 21.39 32.35
C ASN C 655 -34.12 20.42 31.95
N SER C 656 -33.46 19.85 32.95
CA SER C 656 -32.27 19.03 32.73
C SER C 656 -32.55 17.58 33.09
N TYR C 657 -32.23 16.68 32.16
CA TYR C 657 -32.28 15.25 32.39
C TYR C 657 -30.89 14.65 32.15
N GLU C 658 -30.74 13.37 32.46
CA GLU C 658 -29.51 12.68 32.13
C GLU C 658 -29.42 12.46 30.63
N CYS C 659 -28.20 12.29 30.15
CA CYS C 659 -27.98 12.17 28.71
C CYS C 659 -28.57 10.88 28.18
N ASP C 660 -29.18 10.97 26.99
CA ASP C 660 -29.73 9.82 26.30
C ASP C 660 -29.07 9.60 24.95
N ILE C 661 -28.94 10.66 24.15
CA ILE C 661 -28.18 10.62 22.90
C ILE C 661 -27.19 11.78 22.92
N PRO C 662 -25.89 11.52 23.03
CA PRO C 662 -24.92 12.62 23.16
C PRO C 662 -24.86 13.51 21.92
N ILE C 663 -25.21 14.78 22.09
CA ILE C 663 -25.17 15.72 20.98
C ILE C 663 -23.79 16.35 20.86
N GLY C 664 -23.28 16.91 21.95
CA GLY C 664 -21.97 17.53 21.95
C GLY C 664 -21.94 18.87 22.65
N ALA C 665 -20.86 19.14 23.37
CA ALA C 665 -20.67 20.40 24.10
C ALA C 665 -21.78 20.65 25.11
N GLY C 666 -22.26 19.59 25.76
CA GLY C 666 -23.23 19.74 26.82
C GLY C 666 -24.64 19.33 26.48
N ILE C 667 -25.01 19.47 25.20
CA ILE C 667 -26.37 19.17 24.77
C ILE C 667 -26.56 17.65 24.66
N CYS C 668 -27.74 17.18 25.05
CA CYS C 668 -28.08 15.76 24.93
C CYS C 668 -29.55 15.65 24.52
N ALA C 669 -29.80 14.98 23.40
CA ALA C 669 -31.14 14.79 22.88
C ALA C 669 -31.84 13.63 23.58
N SER C 670 -33.16 13.58 23.43
CA SER C 670 -33.96 12.49 23.98
C SER C 670 -35.31 12.51 23.26
N TYR C 671 -36.08 11.45 23.49
CA TYR C 671 -37.38 11.27 22.85
C TYR C 671 -38.48 11.35 23.89
N GLN C 672 -39.46 12.21 23.63
CA GLN C 672 -40.65 12.33 24.47
C GLN C 672 -41.89 12.22 23.60
N THR C 673 -42.77 11.28 23.95
CA THR C 673 -43.97 11.04 23.16
C THR C 673 -45.05 12.07 23.49
N SER C 686 -46.22 14.82 22.40
CA SER C 686 -46.91 14.26 21.24
C SER C 686 -45.92 13.89 20.14
N GLN C 687 -45.10 12.87 20.40
CA GLN C 687 -44.13 12.37 19.44
C GLN C 687 -43.16 13.46 18.99
N SER C 688 -42.37 13.98 19.92
CA SER C 688 -41.47 15.08 19.63
C SER C 688 -40.06 14.73 20.09
N ILE C 689 -39.07 15.30 19.40
CA ILE C 689 -37.66 15.14 19.74
C ILE C 689 -37.18 16.45 20.35
N ILE C 690 -36.63 16.38 21.55
CA ILE C 690 -36.14 17.56 22.25
C ILE C 690 -34.63 17.49 22.37
N ALA C 691 -34.02 18.65 22.60
CA ALA C 691 -32.60 18.76 22.87
C ALA C 691 -32.42 19.65 24.09
N TYR C 692 -31.72 19.15 25.10
CA TYR C 692 -31.62 19.83 26.38
C TYR C 692 -30.19 19.78 26.90
N THR C 693 -30.02 20.15 28.16
CA THR C 693 -28.71 20.23 28.80
C THR C 693 -28.55 19.07 29.78
N MET C 694 -27.33 18.54 29.86
CA MET C 694 -27.05 17.46 30.80
C MET C 694 -27.39 17.87 32.22
N SER C 695 -27.81 16.90 33.01
CA SER C 695 -27.98 17.06 34.45
C SER C 695 -26.91 16.24 35.16
N LEU C 696 -26.05 16.92 35.91
CA LEU C 696 -24.96 16.28 36.61
C LEU C 696 -25.41 15.61 37.90
N GLY C 697 -26.67 15.81 38.30
CA GLY C 697 -27.16 15.29 39.55
C GLY C 697 -27.92 16.34 40.33
N ALA C 698 -27.90 16.26 41.65
CA ALA C 698 -28.57 17.24 42.50
C ALA C 698 -27.64 17.70 43.60
N GLU C 699 -27.71 18.98 43.92
CA GLU C 699 -26.89 19.54 44.98
C GLU C 699 -27.32 18.97 46.34
N ASN C 700 -26.33 18.62 47.16
CA ASN C 700 -26.58 18.12 48.50
C ASN C 700 -26.31 19.15 49.58
N SER C 701 -25.32 20.01 49.39
CA SER C 701 -25.00 21.10 50.30
C SER C 701 -24.73 20.58 51.72
N VAL C 702 -23.66 19.78 51.82
CA VAL C 702 -23.21 19.33 53.12
C VAL C 702 -22.81 20.53 53.97
N ALA C 703 -23.14 20.45 55.26
CA ALA C 703 -22.91 21.55 56.19
C ALA C 703 -21.64 21.26 56.99
N TYR C 704 -20.54 21.89 56.62
CA TYR C 704 -19.34 21.70 57.46
C TYR C 704 -19.57 22.37 58.81
N SER C 705 -19.00 21.82 59.83
CA SER C 705 -19.12 22.32 61.19
C SER C 705 -17.96 21.79 62.01
N ASN C 706 -17.31 22.68 62.75
CA ASN C 706 -16.15 22.30 63.54
C ASN C 706 -16.51 21.60 64.84
N ASN C 707 -17.78 21.24 65.04
CA ASN C 707 -18.21 20.57 66.26
C ASN C 707 -19.25 19.49 66.02
N SER C 708 -19.52 19.13 64.78
CA SER C 708 -20.57 18.16 64.48
C SER C 708 -20.03 17.05 63.59
N ILE C 709 -20.35 15.80 63.97
CA ILE C 709 -20.03 14.62 63.19
C ILE C 709 -21.28 13.76 63.08
N ALA C 710 -21.34 12.97 62.01
CA ALA C 710 -22.53 12.18 61.67
C ALA C 710 -22.14 10.71 61.55
N ILE C 711 -22.41 9.94 62.59
CA ILE C 711 -22.08 8.52 62.60
C ILE C 711 -23.28 7.72 62.11
N PRO C 712 -23.13 6.85 61.12
CA PRO C 712 -24.25 6.03 60.67
C PRO C 712 -24.67 5.01 61.73
N THR C 713 -25.94 4.61 61.68
CA THR C 713 -26.51 3.73 62.68
C THR C 713 -27.12 2.46 62.08
N ASN C 714 -27.06 2.29 60.77
CA ASN C 714 -27.57 1.08 60.12
C ASN C 714 -26.81 0.88 58.81
N PHE C 715 -26.93 -0.33 58.25
CA PHE C 715 -26.14 -0.69 57.09
C PHE C 715 -26.96 -1.59 56.19
N THR C 716 -26.40 -1.87 55.01
CA THR C 716 -26.99 -2.80 54.06
C THR C 716 -25.89 -3.66 53.47
N ILE C 717 -26.28 -4.85 53.03
CA ILE C 717 -25.36 -5.77 52.37
C ILE C 717 -25.75 -5.90 50.91
N SER C 718 -25.18 -5.06 50.05
CA SER C 718 -25.53 -5.07 48.65
C SER C 718 -24.69 -6.08 47.88
N VAL C 719 -25.11 -6.38 46.66
CA VAL C 719 -24.39 -7.25 45.76
C VAL C 719 -24.33 -6.59 44.38
N THR C 720 -23.13 -6.23 43.96
CA THR C 720 -22.94 -5.59 42.66
C THR C 720 -22.64 -6.68 41.63
N THR C 721 -22.21 -6.29 40.42
CA THR C 721 -21.86 -7.23 39.37
C THR C 721 -21.03 -6.49 38.34
N GLU C 722 -19.92 -7.11 37.94
CA GLU C 722 -19.03 -6.49 36.95
C GLU C 722 -18.58 -7.57 35.96
N ILE C 723 -18.85 -7.32 34.68
CA ILE C 723 -18.54 -8.28 33.63
C ILE C 723 -17.21 -7.91 32.99
N LEU C 724 -16.32 -8.90 32.83
CA LEU C 724 -14.99 -8.67 32.28
C LEU C 724 -14.68 -9.71 31.22
N PRO C 725 -14.34 -9.30 30.00
CA PRO C 725 -13.86 -10.27 29.01
C PRO C 725 -12.54 -10.87 29.44
N VAL C 726 -12.31 -12.12 29.03
CA VAL C 726 -11.08 -12.83 29.37
C VAL C 726 -10.37 -13.37 28.14
N SER C 727 -11.08 -13.68 27.07
CA SER C 727 -10.44 -14.19 25.86
C SER C 727 -11.38 -13.96 24.69
N MET C 728 -10.82 -14.01 23.49
CA MET C 728 -11.58 -13.82 22.27
C MET C 728 -11.52 -15.10 21.45
N THR C 729 -12.26 -15.11 20.34
CA THR C 729 -12.40 -16.32 19.54
C THR C 729 -11.11 -16.59 18.76
N LYS C 730 -10.52 -17.76 19.01
CA LYS C 730 -9.34 -18.18 18.25
C LYS C 730 -9.72 -18.39 16.79
N THR C 731 -8.78 -18.07 15.90
CA THR C 731 -9.05 -18.14 14.48
C THR C 731 -7.78 -18.54 13.73
N SER C 732 -7.97 -18.95 12.48
CA SER C 732 -6.86 -19.31 11.60
C SER C 732 -7.28 -19.05 10.16
N VAL C 733 -6.29 -18.81 9.30
CA VAL C 733 -6.56 -18.42 7.92
C VAL C 733 -5.56 -19.14 7.02
N ASP C 734 -6.02 -19.61 5.86
CA ASP C 734 -5.17 -20.25 4.87
C ASP C 734 -4.92 -19.29 3.72
N CYS C 735 -3.64 -19.11 3.37
CA CYS C 735 -3.30 -18.22 2.26
C CYS C 735 -3.83 -18.73 0.93
N THR C 736 -3.56 -20.00 0.63
CA THR C 736 -3.85 -20.51 -0.71
C THR C 736 -5.34 -20.45 -1.02
N MET C 737 -6.19 -20.74 -0.04
CA MET C 737 -7.63 -20.72 -0.27
C MET C 737 -8.13 -19.30 -0.49
N TYR C 738 -7.67 -18.36 0.32
CA TYR C 738 -8.21 -17.00 0.28
C TYR C 738 -7.57 -16.17 -0.83
N ILE C 739 -6.24 -16.01 -0.78
CA ILE C 739 -5.56 -15.14 -1.72
C ILE C 739 -5.70 -15.66 -3.14
N CYS C 740 -5.51 -16.96 -3.33
CA CYS C 740 -5.60 -17.57 -4.65
C CYS C 740 -6.92 -18.30 -4.81
N GLY C 741 -7.46 -18.26 -6.03
CA GLY C 741 -8.74 -18.89 -6.29
C GLY C 741 -8.63 -20.37 -6.62
N ASP C 742 -7.82 -21.09 -5.84
CA ASP C 742 -7.61 -22.53 -6.03
C ASP C 742 -7.15 -22.83 -7.45
N SER C 743 -6.19 -22.03 -7.93
CA SER C 743 -5.64 -22.17 -9.27
C SER C 743 -4.16 -22.49 -9.18
N THR C 744 -3.70 -23.37 -10.07
CA THR C 744 -2.27 -23.67 -10.12
C THR C 744 -1.46 -22.47 -10.57
N GLU C 745 -2.02 -21.67 -11.49
CA GLU C 745 -1.30 -20.49 -11.97
C GLU C 745 -1.08 -19.49 -10.84
N CYS C 746 -2.10 -19.26 -10.00
CA CYS C 746 -1.97 -18.26 -8.95
C CYS C 746 -0.96 -18.70 -7.89
N SER C 747 -0.93 -20.00 -7.58
CA SER C 747 -0.13 -20.48 -6.45
C SER C 747 1.35 -20.23 -6.67
N ASN C 748 1.83 -20.44 -7.90
CA ASN C 748 3.26 -20.30 -8.19
C ASN C 748 3.75 -18.88 -8.00
N LEU C 749 2.99 -17.89 -8.45
CA LEU C 749 3.36 -16.49 -8.32
C LEU C 749 3.20 -15.95 -6.90
N LEU C 750 2.57 -16.72 -6.02
CA LEU C 750 2.49 -16.35 -4.62
C LEU C 750 3.77 -16.67 -3.86
N LEU C 751 4.64 -17.49 -4.46
CA LEU C 751 5.93 -17.78 -3.84
C LEU C 751 6.91 -16.63 -4.03
N GLN C 752 6.83 -15.95 -5.17
CA GLN C 752 7.77 -14.86 -5.46
C GLN C 752 7.54 -13.67 -4.54
N TYR C 753 6.30 -13.43 -4.14
CA TYR C 753 5.98 -12.21 -3.41
C TYR C 753 6.62 -12.15 -2.03
N GLY C 754 7.17 -13.25 -1.56
CA GLY C 754 7.92 -13.25 -0.32
C GLY C 754 7.38 -14.31 0.60
N SER C 755 7.87 -14.28 1.84
CA SER C 755 7.45 -15.21 2.87
C SER C 755 6.38 -14.61 3.79
N PHE C 756 5.61 -13.64 3.28
CA PHE C 756 4.60 -12.98 4.11
C PHE C 756 3.65 -13.98 4.75
N CYS C 757 3.32 -14.98 3.94
CA CYS C 757 2.34 -15.99 4.41
C CYS C 757 2.85 -16.77 5.61
N THR C 758 4.12 -17.12 5.69
CA THR C 758 4.57 -17.78 6.93
C THR C 758 4.39 -16.80 8.06
N GLN C 759 4.76 -15.55 7.86
CA GLN C 759 4.68 -14.62 9.00
C GLN C 759 3.23 -14.47 9.42
N LEU C 760 2.29 -14.47 8.49
CA LEU C 760 0.91 -14.28 8.98
C LEU C 760 0.60 -15.46 9.88
N LYS C 761 0.94 -16.67 9.46
CA LYS C 761 0.50 -17.80 10.29
C LYS C 761 1.18 -17.71 11.64
N ARG C 762 2.44 -17.32 11.71
CA ARG C 762 3.07 -17.31 13.04
C ARG C 762 2.30 -16.33 13.90
N ALA C 763 1.83 -15.22 13.33
CA ALA C 763 1.13 -14.21 14.12
C ALA C 763 -0.18 -14.77 14.64
N LEU C 764 -0.92 -15.49 13.81
CA LEU C 764 -2.25 -15.95 14.24
C LEU C 764 -2.08 -17.25 15.02
N THR C 765 -0.85 -17.67 15.28
CA THR C 765 -0.68 -18.85 16.14
C THR C 765 -0.21 -18.34 17.49
N GLY C 766 0.60 -17.29 17.50
CA GLY C 766 0.94 -16.71 18.80
C GLY C 766 -0.27 -16.15 19.51
N ILE C 767 -1.22 -15.59 18.76
CA ILE C 767 -2.48 -15.16 19.33
C ILE C 767 -3.28 -16.35 19.86
N ALA C 768 -3.41 -17.41 19.07
CA ALA C 768 -4.25 -18.55 19.41
C ALA C 768 -3.77 -19.28 20.66
N VAL C 769 -2.46 -19.49 20.80
CA VAL C 769 -1.95 -20.19 21.97
C VAL C 769 -2.09 -19.34 23.22
N GLU C 770 -2.00 -18.02 23.08
CA GLU C 770 -2.14 -17.15 24.25
C GLU C 770 -3.52 -17.24 24.86
N GLN C 771 -4.57 -17.35 24.04
CA GLN C 771 -5.93 -17.51 24.53
C GLN C 771 -6.12 -18.83 25.26
N ASP C 772 -5.20 -19.79 25.07
CA ASP C 772 -5.16 -21.01 25.87
C ASP C 772 -4.26 -20.83 27.08
N LYS C 773 -3.69 -19.64 27.25
CA LYS C 773 -2.96 -19.26 28.46
C LYS C 773 -3.69 -18.21 29.29
N ASN C 774 -4.50 -17.36 28.66
CA ASN C 774 -5.34 -16.43 29.41
C ASN C 774 -6.29 -17.19 30.33
N THR C 775 -6.89 -18.26 29.80
CA THR C 775 -7.84 -19.03 30.60
C THR C 775 -7.16 -19.74 31.76
N GLN C 776 -5.95 -20.26 31.56
CA GLN C 776 -5.24 -20.95 32.63
C GLN C 776 -4.87 -20.00 33.76
N GLU C 777 -4.31 -18.83 33.43
CA GLU C 777 -3.87 -17.90 34.46
C GLU C 777 -5.04 -17.28 35.21
N VAL C 778 -6.20 -17.16 34.57
CA VAL C 778 -7.37 -16.64 35.27
C VAL C 778 -8.05 -17.72 36.09
N PHE C 779 -8.34 -18.87 35.47
CA PHE C 779 -9.21 -19.87 36.08
C PHE C 779 -8.49 -20.92 36.90
N ALA C 780 -7.17 -21.07 36.75
CA ALA C 780 -6.48 -22.21 37.32
C ALA C 780 -5.38 -21.84 38.31
N GLN C 781 -5.67 -20.94 39.24
CA GLN C 781 -4.72 -20.64 40.31
C GLN C 781 -4.62 -21.77 41.34
N VAL C 782 -5.48 -22.78 41.26
CA VAL C 782 -5.51 -23.87 42.23
C VAL C 782 -5.08 -25.15 41.52
N LYS C 783 -4.27 -25.96 42.20
CA LYS C 783 -3.79 -27.21 41.66
C LYS C 783 -4.66 -28.41 42.01
N GLN C 784 -5.60 -28.24 42.95
CA GLN C 784 -6.43 -29.34 43.43
C GLN C 784 -7.90 -29.00 43.25
N ILE C 785 -8.68 -29.97 42.79
CA ILE C 785 -10.10 -29.80 42.54
C ILE C 785 -10.83 -30.17 43.83
N TYR C 786 -11.29 -29.17 44.56
CA TYR C 786 -12.03 -29.41 45.79
C TYR C 786 -13.46 -29.84 45.49
N LYS C 787 -14.04 -30.59 46.42
CA LYS C 787 -15.38 -31.14 46.27
C LYS C 787 -16.35 -30.40 47.18
N THR C 788 -17.50 -30.05 46.63
CA THR C 788 -18.53 -29.38 47.40
C THR C 788 -19.06 -30.35 48.46
N PRO C 789 -19.27 -29.89 49.69
CA PRO C 789 -19.87 -30.75 50.72
C PRO C 789 -21.26 -31.19 50.30
N PRO C 790 -21.60 -32.47 50.49
CA PRO C 790 -22.95 -32.93 50.11
C PRO C 790 -24.06 -32.19 50.84
N ILE C 791 -23.85 -31.85 52.12
CA ILE C 791 -24.84 -31.08 52.85
C ILE C 791 -24.58 -29.59 52.61
N LYS C 792 -25.66 -28.83 52.50
CA LYS C 792 -25.59 -27.42 52.11
C LYS C 792 -26.29 -26.54 53.14
N TYR C 793 -25.97 -26.75 54.41
CA TYR C 793 -26.34 -25.82 55.47
C TYR C 793 -25.12 -24.95 55.78
N PHE C 794 -25.22 -23.66 55.48
CA PHE C 794 -24.11 -22.72 55.69
C PHE C 794 -24.64 -21.51 56.45
N GLY C 795 -24.71 -21.63 57.77
CA GLY C 795 -25.15 -20.55 58.64
C GLY C 795 -26.44 -19.87 58.24
N GLY C 796 -27.24 -20.47 57.36
CA GLY C 796 -28.39 -19.83 56.79
C GLY C 796 -28.13 -19.08 55.49
N PHE C 797 -26.86 -18.95 55.09
CA PHE C 797 -26.52 -18.25 53.86
C PHE C 797 -26.83 -19.18 52.69
N ASN C 798 -27.97 -18.95 52.05
CA ASN C 798 -28.38 -19.79 50.93
C ASN C 798 -27.43 -19.64 49.75
N PHE C 799 -26.98 -20.78 49.21
CA PHE C 799 -26.07 -20.78 48.08
C PHE C 799 -26.56 -21.62 46.91
N SER C 800 -27.84 -21.94 46.87
CA SER C 800 -28.28 -22.89 45.83
C SER C 800 -28.23 -22.26 44.46
N GLN C 801 -28.17 -20.94 44.35
CA GLN C 801 -28.27 -20.32 43.02
C GLN C 801 -26.91 -20.32 42.36
N ILE C 802 -25.88 -20.69 43.10
CA ILE C 802 -24.50 -20.60 42.55
C ILE C 802 -23.81 -21.97 42.65
N LEU C 803 -24.01 -22.73 43.74
CA LEU C 803 -23.43 -24.07 43.83
C LEU C 803 -24.04 -24.98 42.77
N PRO C 804 -23.30 -25.95 42.25
CA PRO C 804 -23.84 -26.79 41.17
C PRO C 804 -25.08 -27.55 41.58
N ASP C 805 -26.00 -27.71 40.63
CA ASP C 805 -27.23 -28.44 40.86
C ASP C 805 -27.13 -29.80 40.17
N PRO C 806 -27.14 -30.91 40.91
CA PRO C 806 -26.89 -32.22 40.28
C PRO C 806 -27.94 -32.64 39.27
N SER C 807 -29.15 -32.08 39.32
CA SER C 807 -30.21 -32.53 38.42
C SER C 807 -29.83 -32.30 36.96
N LYS C 808 -29.33 -31.12 36.64
CA LYS C 808 -28.83 -30.87 35.30
C LYS C 808 -27.53 -31.64 35.09
N PRO C 809 -27.32 -32.22 33.90
CA PRO C 809 -26.08 -33.00 33.70
C PRO C 809 -24.81 -32.20 33.92
N SER C 810 -24.79 -30.93 33.51
CA SER C 810 -23.64 -30.10 33.77
C SER C 810 -23.68 -29.56 35.21
N LYS C 811 -22.53 -29.10 35.68
CA LYS C 811 -22.44 -28.50 37.01
C LYS C 811 -22.84 -27.03 37.01
N ARG C 812 -23.20 -26.54 35.81
CA ARG C 812 -23.62 -25.13 35.63
C ARG C 812 -24.81 -24.88 36.56
N SER C 813 -24.64 -23.96 37.49
CA SER C 813 -25.68 -23.68 38.51
C SER C 813 -26.75 -22.80 37.90
N PRO C 814 -27.88 -22.53 38.57
CA PRO C 814 -28.87 -21.74 37.90
C PRO C 814 -28.43 -20.35 37.41
N ILE C 815 -27.72 -19.52 38.19
CA ILE C 815 -27.40 -18.15 37.70
C ILE C 815 -26.58 -18.35 36.44
N GLU C 816 -25.70 -19.32 36.46
CA GLU C 816 -24.81 -19.50 35.30
C GLU C 816 -25.69 -19.86 34.14
N ASP C 817 -26.81 -20.55 34.37
CA ASP C 817 -27.60 -20.99 33.20
C ASP C 817 -28.11 -19.77 32.42
N LEU C 818 -28.62 -18.74 33.09
CA LEU C 818 -29.02 -17.52 32.35
C LEU C 818 -27.84 -17.00 31.51
N LEU C 819 -26.67 -16.80 32.11
CA LEU C 819 -25.53 -16.22 31.39
C LEU C 819 -25.32 -16.88 30.04
N PHE C 820 -25.40 -18.21 29.99
CA PHE C 820 -25.23 -18.90 28.72
C PHE C 820 -26.48 -18.74 27.84
N ASN C 821 -27.64 -18.55 28.45
CA ASN C 821 -28.85 -18.29 27.66
C ASN C 821 -28.88 -16.85 27.15
N LYS C 822 -28.39 -15.89 27.92
CA LYS C 822 -28.52 -14.46 27.48
C LYS C 822 -27.42 -14.09 26.49
N VAL C 823 -26.47 -14.99 26.25
CA VAL C 823 -25.40 -14.72 25.31
C VAL C 823 -25.52 -15.72 24.16
N THR C 824 -25.51 -15.21 22.93
CA THR C 824 -25.60 -16.05 21.74
C THR C 824 -24.30 -15.97 20.96
N LEU C 825 -23.96 -17.07 20.29
CA LEU C 825 -22.76 -17.13 19.48
C LEU C 825 -23.10 -17.04 17.99
N LEU C 846 -26.02 -19.32 8.94
CA LEU C 846 -25.71 -20.05 7.72
C LEU C 846 -24.48 -19.46 7.05
N ILE C 847 -23.95 -18.38 7.63
CA ILE C 847 -22.77 -17.73 7.07
C ILE C 847 -21.54 -18.62 7.19
N CYS C 848 -21.47 -19.44 8.25
CA CYS C 848 -20.33 -20.33 8.42
C CYS C 848 -20.22 -21.34 7.29
N ALA C 849 -21.36 -21.71 6.68
CA ALA C 849 -21.32 -22.56 5.50
C ALA C 849 -20.61 -21.87 4.35
N GLN C 850 -20.81 -20.55 4.23
CA GLN C 850 -20.16 -19.76 3.19
C GLN C 850 -18.76 -19.30 3.60
N LYS C 851 -18.15 -19.99 4.57
CA LYS C 851 -16.79 -19.68 4.97
C LYS C 851 -15.87 -20.84 4.61
N PHE C 852 -16.04 -21.37 3.41
CA PHE C 852 -15.08 -22.31 2.83
C PHE C 852 -13.71 -21.69 2.65
N LYS C 853 -13.62 -20.38 2.46
CA LYS C 853 -12.41 -19.74 1.97
C LYS C 853 -11.38 -19.59 3.09
N GLY C 854 -11.05 -20.72 3.71
CA GLY C 854 -9.94 -20.79 4.65
C GLY C 854 -10.24 -20.29 6.05
N LEU C 855 -11.20 -19.37 6.18
CA LEU C 855 -11.48 -18.75 7.47
C LEU C 855 -12.18 -19.76 8.36
N THR C 856 -11.39 -20.47 9.17
CA THR C 856 -11.90 -21.48 10.08
C THR C 856 -11.59 -21.09 11.52
N VAL C 857 -12.47 -21.49 12.43
CA VAL C 857 -12.38 -21.13 13.84
C VAL C 857 -11.95 -22.36 14.62
N LEU C 858 -10.79 -22.28 15.28
CA LEU C 858 -10.29 -23.39 16.07
C LEU C 858 -11.08 -23.55 17.36
N PRO C 859 -11.23 -24.78 17.85
CA PRO C 859 -11.89 -24.99 19.14
C PRO C 859 -10.93 -24.72 20.29
N PRO C 860 -11.43 -24.15 21.39
CA PRO C 860 -10.56 -23.90 22.54
C PRO C 860 -10.11 -25.21 23.19
N LEU C 861 -8.96 -25.13 23.86
CA LEU C 861 -8.41 -26.32 24.51
C LEU C 861 -9.26 -26.75 25.69
N LEU C 862 -9.67 -25.81 26.53
CA LEU C 862 -10.46 -26.12 27.71
C LEU C 862 -11.94 -26.12 27.35
N THR C 863 -12.61 -27.24 27.58
CA THR C 863 -14.03 -27.38 27.31
C THR C 863 -14.82 -26.74 28.44
N ASP C 864 -16.08 -26.38 28.16
CA ASP C 864 -16.91 -25.68 29.11
C ASP C 864 -17.14 -26.51 30.37
N GLU C 865 -17.21 -27.82 30.22
CA GLU C 865 -17.37 -28.68 31.40
C GLU C 865 -16.14 -28.60 32.29
N MET C 866 -14.94 -28.56 31.70
CA MET C 866 -13.72 -28.46 32.48
C MET C 866 -13.64 -27.11 33.20
N ILE C 867 -14.05 -26.04 32.53
CA ILE C 867 -14.06 -24.72 33.16
C ILE C 867 -14.99 -24.72 34.37
N ALA C 868 -16.12 -25.43 34.27
CA ALA C 868 -17.05 -25.49 35.39
C ALA C 868 -16.40 -26.10 36.62
N GLN C 869 -15.57 -27.13 36.44
CA GLN C 869 -14.91 -27.75 37.59
C GLN C 869 -13.88 -26.82 38.20
N TYR C 870 -13.17 -26.05 37.38
CA TYR C 870 -12.35 -24.97 37.93
C TYR C 870 -13.19 -23.99 38.73
N THR C 871 -14.26 -23.46 38.12
CA THR C 871 -15.08 -22.49 38.81
C THR C 871 -15.74 -23.09 40.04
N SER C 872 -16.26 -24.31 39.94
CA SER C 872 -16.90 -24.95 41.10
C SER C 872 -15.90 -25.19 42.21
N ALA C 873 -14.63 -25.42 41.86
CA ALA C 873 -13.60 -25.57 42.89
C ALA C 873 -13.40 -24.29 43.67
N LEU C 874 -13.38 -23.15 42.98
CA LEU C 874 -13.13 -21.87 43.65
C LEU C 874 -14.20 -21.56 44.69
N LEU C 875 -15.48 -21.73 44.31
CA LEU C 875 -16.54 -21.54 45.28
C LEU C 875 -16.49 -22.58 46.39
N ALA C 876 -16.15 -23.82 46.04
CA ALA C 876 -16.08 -24.87 47.06
C ALA C 876 -14.99 -24.57 48.09
N GLY C 877 -13.83 -24.10 47.63
CA GLY C 877 -12.78 -23.71 48.56
C GLY C 877 -13.14 -22.48 49.37
N THR C 878 -13.70 -21.46 48.71
CA THR C 878 -13.93 -20.17 49.36
C THR C 878 -14.91 -20.29 50.51
N ILE C 879 -15.99 -21.04 50.33
CA ILE C 879 -17.04 -21.11 51.35
C ILE C 879 -16.73 -22.11 52.46
N THR C 880 -15.60 -22.82 52.39
CA THR C 880 -15.21 -23.74 53.44
C THR C 880 -13.79 -23.50 53.97
N SER C 881 -12.95 -22.78 53.25
CA SER C 881 -11.58 -22.51 53.68
C SER C 881 -11.33 -21.04 53.93
N GLY C 882 -11.66 -20.17 52.97
CA GLY C 882 -11.42 -18.74 53.14
C GLY C 882 -10.30 -18.24 52.26
N TRP C 883 -9.36 -17.49 52.85
CA TRP C 883 -8.20 -17.05 52.10
C TRP C 883 -7.07 -18.06 52.20
N THR C 884 -7.20 -19.01 53.10
CA THR C 884 -6.05 -19.87 53.32
C THR C 884 -5.71 -20.66 52.09
N PHE C 885 -6.68 -21.21 51.39
CA PHE C 885 -6.38 -22.12 50.30
C PHE C 885 -5.67 -21.40 49.16
N GLY C 886 -5.47 -20.09 49.30
CA GLY C 886 -4.69 -19.32 48.36
C GLY C 886 -3.27 -19.03 48.78
N ALA C 887 -2.80 -19.56 49.90
CA ALA C 887 -1.44 -19.29 50.40
C ALA C 887 -0.90 -20.52 51.12
N GLY C 888 -1.06 -21.70 50.55
CA GLY C 888 -0.58 -22.86 51.29
C GLY C 888 -1.56 -24.00 51.34
N PRO C 889 -1.36 -24.97 52.22
CA PRO C 889 -2.28 -26.07 52.36
C PRO C 889 -3.62 -25.48 52.80
N ALA C 890 -4.72 -25.98 52.23
CA ALA C 890 -6.07 -25.46 52.54
C ALA C 890 -6.46 -25.79 53.97
N LEU C 891 -7.19 -24.90 54.63
CA LEU C 891 -7.71 -25.20 55.97
C LEU C 891 -9.24 -25.09 55.96
N GLN C 892 -9.91 -25.30 57.09
CA GLN C 892 -11.36 -25.36 57.20
C GLN C 892 -11.83 -24.49 58.36
N ILE C 893 -12.81 -23.63 58.09
CA ILE C 893 -13.45 -22.81 59.12
C ILE C 893 -14.94 -22.71 58.82
N PRO C 894 -15.83 -22.83 59.83
CA PRO C 894 -17.25 -22.63 59.60
C PRO C 894 -17.66 -21.31 58.93
N PHE C 895 -18.60 -21.24 57.97
CA PHE C 895 -18.94 -19.96 57.27
C PHE C 895 -19.45 -18.88 58.23
N PRO C 896 -20.23 -19.12 59.31
CA PRO C 896 -20.66 -18.05 60.18
C PRO C 896 -19.44 -17.47 60.89
N MET C 897 -18.31 -18.16 60.86
CA MET C 897 -17.09 -17.55 61.46
C MET C 897 -16.25 -16.90 60.38
N GLN C 898 -16.29 -17.36 59.14
CA GLN C 898 -15.46 -16.65 58.16
C GLN C 898 -16.03 -15.26 58.11
N MET C 899 -17.35 -15.06 58.15
CA MET C 899 -17.82 -13.67 57.99
C MET C 899 -17.32 -12.75 59.11
N ALA C 900 -17.24 -13.20 60.35
CA ALA C 900 -16.87 -12.30 61.45
C ALA C 900 -15.40 -12.02 61.36
N TYR C 901 -14.70 -12.79 60.57
CA TYR C 901 -13.30 -12.51 60.28
C TYR C 901 -13.14 -11.64 59.05
N ARG C 902 -14.25 -11.20 58.45
CA ARG C 902 -14.21 -10.31 57.31
C ARG C 902 -14.78 -8.93 57.60
N PHE C 903 -15.52 -8.76 58.70
CA PHE C 903 -15.87 -7.42 59.13
C PHE C 903 -14.67 -6.68 59.69
N ASN C 904 -13.66 -7.40 60.18
CA ASN C 904 -12.49 -6.74 60.72
C ASN C 904 -11.77 -5.91 59.66
N GLY C 905 -11.85 -6.33 58.40
CA GLY C 905 -11.27 -5.54 57.33
C GLY C 905 -11.96 -4.21 57.15
N ILE C 906 -13.26 -4.15 57.39
CA ILE C 906 -13.96 -2.87 57.41
C ILE C 906 -13.44 -1.99 58.54
N GLY C 907 -13.11 -2.61 59.67
CA GLY C 907 -12.80 -1.87 60.88
C GLY C 907 -13.93 -1.91 61.90
N VAL C 908 -15.10 -2.40 61.52
CA VAL C 908 -16.21 -2.59 62.44
C VAL C 908 -16.06 -3.94 63.11
N THR C 909 -16.23 -3.96 64.42
CA THR C 909 -15.89 -5.12 65.23
C THR C 909 -16.84 -6.28 64.91
N GLN C 910 -16.34 -7.51 65.12
CA GLN C 910 -17.08 -8.71 64.78
C GLN C 910 -18.34 -8.89 65.61
N ASN C 911 -18.47 -8.14 66.71
CA ASN C 911 -19.66 -8.28 67.54
C ASN C 911 -20.91 -7.75 66.85
N VAL C 912 -20.77 -7.26 65.61
CA VAL C 912 -21.95 -6.84 64.85
C VAL C 912 -22.63 -8.03 64.19
N LEU C 913 -21.85 -9.03 63.72
CA LEU C 913 -22.45 -10.18 62.95
C LEU C 913 -23.42 -10.93 63.87
N TYR C 914 -22.96 -11.92 64.58
CA TYR C 914 -23.89 -12.76 65.40
C TYR C 914 -25.27 -12.15 65.65
N GLU C 915 -25.42 -10.96 66.19
CA GLU C 915 -26.73 -10.39 66.54
C GLU C 915 -27.56 -10.11 65.31
N ASN C 916 -26.92 -9.68 64.22
CA ASN C 916 -27.62 -9.50 62.95
C ASN C 916 -27.47 -10.69 62.02
N GLN C 917 -27.00 -11.83 62.53
CA GLN C 917 -26.71 -12.99 61.65
C GLN C 917 -27.99 -13.33 60.93
N LYS C 918 -29.07 -13.50 61.70
CA LYS C 918 -30.35 -13.88 61.10
C LYS C 918 -30.79 -12.83 60.10
N LEU C 919 -30.66 -11.54 60.46
CA LEU C 919 -31.03 -10.47 59.56
C LEU C 919 -30.11 -10.40 58.35
N ILE C 920 -28.80 -10.49 58.58
CA ILE C 920 -27.85 -10.46 57.47
C ILE C 920 -28.07 -11.63 56.54
N ALA C 921 -28.45 -12.80 57.09
CA ALA C 921 -28.76 -13.95 56.26
C ALA C 921 -29.89 -13.64 55.30
N ASN C 922 -30.98 -13.05 55.81
CA ASN C 922 -32.11 -12.72 54.94
C ASN C 922 -31.72 -11.66 53.91
N GLN C 923 -30.95 -10.66 54.32
CA GLN C 923 -30.50 -9.65 53.38
C GLN C 923 -29.65 -10.25 52.27
N PHE C 924 -28.74 -11.14 52.64
CA PHE C 924 -27.92 -11.80 51.63
C PHE C 924 -28.76 -12.70 50.73
N ASN C 925 -29.69 -13.45 51.32
CA ASN C 925 -30.55 -14.30 50.51
C ASN C 925 -31.43 -13.48 49.58
N SER C 926 -32.02 -12.39 50.08
CA SER C 926 -32.86 -11.55 49.24
C SER C 926 -32.05 -10.84 48.17
N ALA C 927 -30.86 -10.35 48.52
CA ALA C 927 -30.04 -9.63 47.56
C ALA C 927 -29.62 -10.52 46.41
N ILE C 928 -29.22 -11.76 46.72
CA ILE C 928 -28.75 -12.66 45.67
C ILE C 928 -29.91 -13.10 44.78
N GLY C 929 -31.12 -13.17 45.35
CA GLY C 929 -32.28 -13.53 44.55
C GLY C 929 -32.61 -12.50 43.50
N LYS C 930 -32.51 -11.22 43.87
CA LYS C 930 -32.81 -10.14 42.92
C LYS C 930 -31.82 -10.12 41.78
N ILE C 931 -30.59 -10.59 42.01
CA ILE C 931 -29.58 -10.61 40.96
C ILE C 931 -30.03 -11.47 39.78
N GLN C 932 -30.70 -12.59 40.08
CA GLN C 932 -31.14 -13.49 39.01
C GLN C 932 -32.13 -12.81 38.09
N ASP C 933 -33.05 -12.04 38.64
CA ASP C 933 -34.04 -11.33 37.83
C ASP C 933 -33.43 -10.11 37.14
N SER C 934 -32.49 -9.44 37.79
CA SER C 934 -31.93 -8.21 37.25
C SER C 934 -31.22 -8.46 35.93
N LEU C 935 -30.45 -9.54 35.85
CA LEU C 935 -29.83 -9.92 34.58
C LEU C 935 -30.88 -10.26 33.54
N SER C 936 -31.96 -10.94 33.95
CA SER C 936 -33.05 -11.29 33.05
C SER C 936 -34.01 -10.14 32.80
N SER C 937 -33.89 -9.05 33.57
CA SER C 937 -34.79 -7.92 33.38
C SER C 937 -34.51 -7.18 32.08
N THR C 938 -33.26 -6.70 31.99
CA THR C 938 -32.84 -6.07 30.72
C THR C 938 -31.79 -7.01 30.17
N PRO C 939 -32.07 -7.78 29.11
CA PRO C 939 -31.12 -8.79 28.66
C PRO C 939 -29.81 -8.14 28.23
N SER C 940 -29.78 -6.83 28.07
CA SER C 940 -28.58 -6.15 27.51
C SER C 940 -27.52 -5.89 28.58
N ALA C 941 -27.63 -6.48 29.77
CA ALA C 941 -26.54 -6.35 30.76
C ALA C 941 -25.25 -6.94 30.17
N LEU C 942 -25.33 -8.10 29.49
CA LEU C 942 -24.13 -8.78 28.95
C LEU C 942 -23.69 -8.11 27.65
N GLY C 943 -23.70 -6.79 27.60
CA GLY C 943 -23.22 -6.14 26.39
C GLY C 943 -21.73 -6.32 26.17
N LYS C 944 -20.94 -6.32 27.24
CA LYS C 944 -19.49 -6.40 27.10
C LYS C 944 -19.06 -7.71 26.47
N LEU C 945 -19.59 -8.83 26.95
CA LEU C 945 -19.29 -10.13 26.37
C LEU C 945 -19.97 -10.35 25.02
N GLN C 946 -21.12 -9.73 24.81
CA GLN C 946 -21.79 -9.79 23.52
C GLN C 946 -21.09 -8.95 22.45
N ASP C 947 -20.40 -7.87 22.86
CA ASP C 947 -19.66 -7.08 21.89
C ASP C 947 -18.46 -7.85 21.34
N VAL C 948 -17.90 -8.77 22.12
CA VAL C 948 -16.73 -9.53 21.69
C VAL C 948 -17.09 -10.44 20.52
N VAL C 949 -18.18 -11.19 20.65
CA VAL C 949 -18.55 -12.14 19.60
C VAL C 949 -18.99 -11.41 18.35
N ASN C 950 -19.69 -10.29 18.50
CA ASN C 950 -20.14 -9.53 17.34
C ASN C 950 -18.97 -8.92 16.59
N HIS C 951 -17.99 -8.38 17.31
CA HIS C 951 -16.85 -7.74 16.65
C HIS C 951 -16.06 -8.74 15.81
N ASN C 952 -15.84 -9.94 16.35
CA ASN C 952 -15.07 -10.94 15.62
C ASN C 952 -15.86 -11.48 14.44
N ALA C 953 -17.15 -11.76 14.64
CA ALA C 953 -17.97 -12.26 13.53
C ALA C 953 -18.11 -11.21 12.44
N GLN C 954 -18.29 -9.94 12.83
CA GLN C 954 -18.34 -8.88 11.83
C GLN C 954 -17.01 -8.73 11.12
N ALA C 955 -15.91 -8.85 11.85
CA ALA C 955 -14.59 -8.70 11.24
C ALA C 955 -14.35 -9.78 10.19
N LEU C 956 -14.72 -11.02 10.50
CA LEU C 956 -14.58 -12.10 9.52
C LEU C 956 -15.52 -11.90 8.35
N ASN C 957 -16.75 -11.44 8.62
CA ASN C 957 -17.73 -11.27 7.55
C ASN C 957 -17.28 -10.22 6.54
N THR C 958 -16.74 -9.10 7.02
CA THR C 958 -16.22 -8.10 6.10
C THR C 958 -15.09 -8.65 5.26
N LEU C 959 -14.21 -9.44 5.88
CA LEU C 959 -13.07 -10.00 5.16
C LEU C 959 -13.54 -10.90 4.02
N VAL C 960 -14.65 -11.62 4.22
CA VAL C 960 -15.23 -12.41 3.15
C VAL C 960 -15.77 -11.50 2.05
N LYS C 961 -16.39 -10.38 2.44
CA LYS C 961 -17.01 -9.49 1.47
C LYS C 961 -15.98 -8.75 0.63
N GLN C 962 -14.79 -8.50 1.18
CA GLN C 962 -13.82 -7.65 0.51
C GLN C 962 -13.32 -8.24 -0.81
N LEU C 963 -13.36 -9.56 -0.97
CA LEU C 963 -12.82 -10.18 -2.17
C LEU C 963 -13.72 -10.00 -3.39
N SER C 964 -14.86 -9.35 -3.25
CA SER C 964 -15.67 -8.94 -4.39
C SER C 964 -15.22 -7.61 -4.97
N SER C 965 -14.22 -6.98 -4.37
CA SER C 965 -13.70 -5.71 -4.86
C SER C 965 -12.75 -5.94 -6.02
N LYS C 966 -12.94 -5.16 -7.10
CA LYS C 966 -12.12 -5.34 -8.28
C LYS C 966 -10.68 -4.87 -8.04
N PHE C 967 -10.47 -3.98 -7.07
CA PHE C 967 -9.15 -3.45 -6.73
C PHE C 967 -8.48 -2.77 -7.92
N GLY C 968 -9.24 -2.45 -8.97
CA GLY C 968 -8.68 -1.86 -10.17
C GLY C 968 -8.38 -2.85 -11.28
N ALA C 969 -8.82 -4.09 -11.16
CA ALA C 969 -8.56 -5.11 -12.17
C ALA C 969 -9.78 -5.28 -13.07
N ILE C 970 -9.69 -6.22 -14.00
CA ILE C 970 -10.81 -6.49 -14.90
C ILE C 970 -11.98 -7.08 -14.12
N SER C 971 -11.72 -8.05 -13.26
CA SER C 971 -12.78 -8.72 -12.51
C SER C 971 -12.21 -9.27 -11.22
N SER C 972 -13.12 -9.66 -10.33
CA SER C 972 -12.75 -10.16 -9.01
C SER C 972 -12.75 -11.68 -8.92
N VAL C 973 -12.86 -12.37 -10.06
CA VAL C 973 -12.79 -13.83 -10.11
C VAL C 973 -11.50 -14.22 -10.83
N LEU C 974 -10.59 -14.85 -10.11
CA LEU C 974 -9.26 -15.10 -10.65
C LEU C 974 -9.31 -16.05 -11.84
N ASN C 975 -10.15 -17.08 -11.77
CA ASN C 975 -10.18 -18.08 -12.83
C ASN C 975 -10.63 -17.47 -14.15
N ASP C 976 -11.60 -16.54 -14.09
CA ASP C 976 -12.10 -15.93 -15.32
C ASP C 976 -11.04 -15.07 -16.00
N ILE C 977 -10.15 -14.46 -15.22
CA ILE C 977 -9.10 -13.65 -15.80
C ILE C 977 -8.19 -14.51 -16.68
N PHE C 978 -7.84 -15.70 -16.19
CA PHE C 978 -6.92 -16.56 -16.93
C PHE C 978 -7.57 -17.11 -18.20
N SER C 979 -8.89 -17.31 -18.17
CA SER C 979 -9.57 -17.80 -19.36
C SER C 979 -9.62 -16.74 -20.46
N ARG C 980 -9.78 -15.47 -20.10
CA ARG C 980 -9.97 -14.41 -21.13
C ARG C 980 -8.69 -13.68 -21.48
N LEU C 981 -7.61 -13.84 -20.71
CA LEU C 981 -6.42 -13.01 -20.99
C LEU C 981 -5.19 -13.87 -21.28
N ASP C 982 -4.27 -13.38 -22.11
CA ASP C 982 -3.03 -14.13 -22.49
C ASP C 982 -2.09 -14.17 -21.29
N PRO C 983 -1.08 -15.07 -21.21
CA PRO C 983 -0.29 -15.18 -19.99
C PRO C 983 0.42 -13.93 -19.44
N PRO C 984 1.10 -13.06 -20.22
CA PRO C 984 1.77 -11.92 -19.62
C PRO C 984 0.89 -10.86 -18.94
N GLU C 985 -0.15 -10.42 -19.61
CA GLU C 985 -1.02 -9.37 -19.04
C GLU C 985 -1.76 -10.01 -17.91
N ALA C 986 -2.04 -11.29 -18.03
CA ALA C 986 -2.87 -11.89 -16.99
C ALA C 986 -2.14 -11.68 -15.67
N GLU C 987 -0.82 -11.84 -15.64
CA GLU C 987 -0.15 -11.57 -14.36
C GLU C 987 -0.33 -10.11 -14.00
N VAL C 988 -0.14 -9.21 -14.95
CA VAL C 988 -0.25 -7.77 -14.55
C VAL C 988 -1.53 -7.60 -13.74
N GLN C 989 -2.64 -8.16 -14.21
CA GLN C 989 -3.90 -7.95 -13.52
C GLN C 989 -3.93 -8.63 -12.15
N ILE C 990 -3.43 -9.87 -12.07
CA ILE C 990 -3.52 -10.59 -10.80
C ILE C 990 -2.55 -9.99 -9.78
N ASP C 991 -1.54 -9.25 -10.24
CA ASP C 991 -0.69 -8.52 -9.31
C ASP C 991 -1.51 -7.53 -8.49
N ARG C 992 -2.46 -6.86 -9.13
CA ARG C 992 -3.33 -5.93 -8.43
C ARG C 992 -4.15 -6.65 -7.37
N LEU C 993 -4.62 -7.86 -7.68
CA LEU C 993 -5.43 -8.61 -6.72
C LEU C 993 -4.58 -9.20 -5.60
N ILE C 994 -3.40 -9.73 -5.92
CA ILE C 994 -2.56 -10.31 -4.88
C ILE C 994 -2.10 -9.24 -3.89
N THR C 995 -1.61 -8.11 -4.38
CA THR C 995 -1.26 -7.01 -3.48
C THR C 995 -2.52 -6.41 -2.84
N GLY C 996 -3.63 -6.39 -3.57
CA GLY C 996 -4.86 -5.89 -3.00
C GLY C 996 -5.37 -6.78 -1.88
N ARG C 997 -5.34 -8.10 -2.08
CA ARG C 997 -5.86 -8.99 -1.06
C ARG C 997 -4.89 -9.15 0.10
N LEU C 998 -3.58 -9.08 -0.18
CA LEU C 998 -2.62 -9.07 0.92
C LEU C 998 -2.83 -7.87 1.82
N GLN C 999 -3.10 -6.71 1.23
CA GLN C 999 -3.41 -5.52 2.02
C GLN C 999 -4.67 -5.74 2.85
N SER C 1000 -5.57 -6.61 2.40
CA SER C 1000 -6.75 -6.93 3.19
C SER C 1000 -6.40 -7.82 4.37
N LEU C 1001 -5.46 -8.74 4.18
CA LEU C 1001 -5.05 -9.61 5.29
C LEU C 1001 -4.12 -8.88 6.24
N GLN C 1002 -3.25 -8.02 5.72
CA GLN C 1002 -2.39 -7.22 6.59
C GLN C 1002 -3.22 -6.37 7.55
N THR C 1003 -4.27 -5.73 7.03
CA THR C 1003 -5.17 -4.98 7.89
C THR C 1003 -5.87 -5.88 8.89
N TYR C 1004 -6.31 -7.06 8.45
CA TYR C 1004 -7.04 -7.96 9.35
C TYR C 1004 -6.15 -8.43 10.49
N VAL C 1005 -4.93 -8.86 10.19
CA VAL C 1005 -4.04 -9.35 11.23
C VAL C 1005 -3.69 -8.24 12.22
N THR C 1006 -3.37 -7.06 11.69
CA THR C 1006 -2.98 -5.95 12.56
C THR C 1006 -4.11 -5.57 13.51
N GLN C 1007 -5.34 -5.51 13.01
CA GLN C 1007 -6.48 -5.23 13.88
C GLN C 1007 -6.60 -6.29 14.96
N GLN C 1008 -6.28 -7.55 14.64
CA GLN C 1008 -6.35 -8.61 15.64
C GLN C 1008 -5.26 -8.44 16.70
N LEU C 1009 -4.07 -8.02 16.29
CA LEU C 1009 -2.98 -7.85 17.24
C LEU C 1009 -3.31 -6.79 18.29
N ILE C 1010 -3.89 -5.66 17.85
CA ILE C 1010 -4.25 -4.61 18.79
C ILE C 1010 -5.40 -5.05 19.68
N ARG C 1011 -6.38 -5.76 19.11
CA ARG C 1011 -7.49 -6.27 19.92
C ARG C 1011 -6.99 -7.30 20.93
N ALA C 1012 -6.03 -8.14 20.53
CA ALA C 1012 -5.52 -9.16 21.44
C ALA C 1012 -4.86 -8.52 22.66
N ALA C 1013 -4.10 -7.45 22.44
CA ALA C 1013 -3.50 -6.73 23.57
C ALA C 1013 -4.56 -6.09 24.44
N GLU C 1014 -5.65 -5.61 23.83
CA GLU C 1014 -6.74 -5.02 24.60
C GLU C 1014 -7.41 -6.07 25.47
N ILE C 1015 -7.60 -7.29 24.95
CA ILE C 1015 -8.17 -8.36 25.75
C ILE C 1015 -7.21 -8.79 26.85
N ARG C 1016 -5.90 -8.83 26.56
CA ARG C 1016 -4.94 -9.25 27.57
C ARG C 1016 -4.95 -8.33 28.79
N ALA C 1017 -5.03 -7.02 28.57
CA ALA C 1017 -5.09 -6.09 29.68
C ALA C 1017 -6.33 -6.33 30.53
N SER C 1018 -7.41 -6.80 29.91
CA SER C 1018 -8.60 -7.18 30.67
C SER C 1018 -8.40 -8.51 31.37
N ALA C 1019 -7.72 -9.46 30.72
CA ALA C 1019 -7.46 -10.74 31.34
C ALA C 1019 -6.56 -10.59 32.56
N ASN C 1020 -5.53 -9.76 32.47
CA ASN C 1020 -4.66 -9.51 33.61
C ASN C 1020 -5.43 -8.83 34.74
N LEU C 1021 -6.35 -7.93 34.39
CA LEU C 1021 -7.20 -7.34 35.42
C LEU C 1021 -8.13 -8.38 36.02
N ALA C 1022 -8.66 -9.29 35.19
CA ALA C 1022 -9.50 -10.36 35.71
C ALA C 1022 -8.71 -11.30 36.62
N ALA C 1023 -7.48 -11.63 36.22
CA ALA C 1023 -6.64 -12.46 37.08
C ALA C 1023 -6.29 -11.73 38.37
N THR C 1024 -6.12 -10.41 38.31
CA THR C 1024 -5.80 -9.64 39.50
C THR C 1024 -6.97 -9.66 40.49
N LYS C 1025 -8.20 -9.49 40.00
CA LYS C 1025 -9.36 -9.48 40.86
C LYS C 1025 -9.70 -10.85 41.43
N MET C 1026 -9.50 -11.92 40.66
CA MET C 1026 -9.76 -13.26 41.15
C MET C 1026 -8.74 -13.70 42.19
N SER C 1027 -7.62 -13.01 42.30
CA SER C 1027 -6.60 -13.37 43.28
C SER C 1027 -6.65 -12.46 44.50
N GLU C 1028 -7.14 -11.23 44.35
CA GLU C 1028 -7.25 -10.33 45.49
C GLU C 1028 -8.65 -10.35 46.09
N CYS C 1029 -9.67 -10.12 45.27
CA CYS C 1029 -11.04 -10.10 45.78
C CYS C 1029 -11.50 -11.48 46.21
N VAL C 1030 -11.29 -12.48 45.36
CA VAL C 1030 -11.81 -13.83 45.65
C VAL C 1030 -10.99 -14.50 46.74
N LEU C 1031 -9.67 -14.44 46.63
CA LEU C 1031 -8.77 -15.20 47.48
C LEU C 1031 -8.40 -14.45 48.76
N GLY C 1032 -9.09 -13.36 49.07
CA GLY C 1032 -8.83 -12.61 50.28
C GLY C 1032 -9.66 -11.35 50.31
N GLN C 1033 -9.52 -10.60 51.40
CA GLN C 1033 -10.21 -9.33 51.51
C GLN C 1033 -9.31 -8.20 51.06
N SER C 1034 -9.87 -7.30 50.25
CA SER C 1034 -9.11 -6.22 49.62
C SER C 1034 -9.40 -4.91 50.32
N LYS C 1035 -8.35 -4.14 50.58
CA LYS C 1035 -8.47 -2.81 51.19
C LYS C 1035 -8.24 -1.70 50.18
N ARG C 1036 -8.35 -2.00 48.89
CA ARG C 1036 -8.26 -0.99 47.85
C ARG C 1036 -9.65 -0.43 47.59
N VAL C 1037 -9.85 0.82 47.98
CA VAL C 1037 -11.19 1.41 47.95
C VAL C 1037 -11.70 1.47 46.52
N ASP C 1038 -12.95 1.06 46.32
CA ASP C 1038 -13.62 1.05 45.03
C ASP C 1038 -12.87 0.19 44.00
N PHE C 1039 -12.43 -0.99 44.42
CA PHE C 1039 -11.81 -1.96 43.52
C PHE C 1039 -12.56 -3.27 43.43
N CYS C 1040 -12.95 -3.84 44.57
CA CYS C 1040 -13.73 -5.07 44.62
C CYS C 1040 -15.17 -4.77 45.05
N GLY C 1041 -15.71 -3.65 44.61
CA GLY C 1041 -17.08 -3.28 44.90
C GLY C 1041 -17.23 -1.88 45.46
N LYS C 1042 -18.39 -1.28 45.21
CA LYS C 1042 -18.68 0.08 45.66
C LYS C 1042 -19.00 0.04 47.14
N GLY C 1043 -17.99 0.31 47.96
CA GLY C 1043 -18.16 0.28 49.40
C GLY C 1043 -17.09 -0.60 50.02
N TYR C 1044 -17.32 -0.92 51.29
CA TYR C 1044 -16.44 -1.85 52.00
C TYR C 1044 -16.67 -3.27 51.50
N HIS C 1045 -15.59 -3.92 51.09
CA HIS C 1045 -15.65 -5.19 50.39
C HIS C 1045 -15.74 -6.35 51.39
N LEU C 1046 -16.52 -7.37 51.02
CA LEU C 1046 -16.67 -8.56 51.85
C LEU C 1046 -16.19 -9.83 51.17
N MET C 1047 -16.74 -10.17 50.00
CA MET C 1047 -16.39 -11.41 49.30
C MET C 1047 -16.54 -11.17 47.81
N SER C 1048 -16.27 -12.22 47.03
CA SER C 1048 -16.48 -12.16 45.57
C SER C 1048 -16.63 -13.59 45.05
N PHE C 1049 -17.87 -13.97 44.76
CA PHE C 1049 -18.12 -15.26 44.15
C PHE C 1049 -17.94 -15.16 42.63
N PRO C 1050 -17.10 -15.98 42.03
CA PRO C 1050 -16.95 -15.96 40.58
C PRO C 1050 -17.93 -16.90 39.88
N GLN C 1051 -18.31 -16.49 38.68
CA GLN C 1051 -19.13 -17.31 37.80
C GLN C 1051 -18.54 -17.25 36.39
N SER C 1052 -18.66 -18.35 35.67
CA SER C 1052 -18.16 -18.44 34.31
C SER C 1052 -19.20 -17.95 33.32
N ALA C 1053 -18.72 -17.42 32.21
CA ALA C 1053 -19.59 -16.94 31.14
C ALA C 1053 -18.85 -17.08 29.82
N PRO C 1054 -19.57 -17.14 28.70
CA PRO C 1054 -18.90 -17.28 27.41
C PRO C 1054 -17.89 -16.17 27.13
N HIS C 1055 -16.62 -16.56 26.98
CA HIS C 1055 -15.54 -15.64 26.65
C HIS C 1055 -15.33 -14.58 27.73
N GLY C 1056 -15.56 -14.94 28.99
CA GLY C 1056 -15.38 -13.96 30.06
C GLY C 1056 -15.71 -14.55 31.41
N VAL C 1057 -15.79 -13.65 32.40
CA VAL C 1057 -16.09 -14.04 33.77
C VAL C 1057 -16.95 -12.95 34.41
N VAL C 1058 -17.80 -13.36 35.34
CA VAL C 1058 -18.72 -12.45 36.02
C VAL C 1058 -18.58 -12.59 37.53
N PHE C 1059 -18.19 -11.51 38.19
CA PHE C 1059 -18.04 -11.54 39.64
C PHE C 1059 -19.30 -11.07 40.34
N LEU C 1060 -19.48 -11.55 41.57
CA LEU C 1060 -20.59 -11.16 42.43
C LEU C 1060 -20.01 -10.57 43.70
N HIS C 1061 -19.80 -9.26 43.72
CA HIS C 1061 -19.12 -8.58 44.81
C HIS C 1061 -20.13 -8.27 45.91
N VAL C 1062 -19.86 -8.77 47.11
CA VAL C 1062 -20.69 -8.49 48.28
C VAL C 1062 -20.06 -7.33 49.03
N THR C 1063 -20.84 -6.27 49.26
CA THR C 1063 -20.32 -5.02 49.79
C THR C 1063 -21.13 -4.57 50.99
N TYR C 1064 -20.48 -3.82 51.88
CA TYR C 1064 -21.09 -3.26 53.07
C TYR C 1064 -21.30 -1.77 52.86
N VAL C 1065 -22.54 -1.31 53.01
CA VAL C 1065 -22.89 0.09 52.73
C VAL C 1065 -23.79 0.59 53.85
N PRO C 1066 -23.42 1.66 54.54
CA PRO C 1066 -24.30 2.22 55.58
C PRO C 1066 -25.47 2.97 54.98
N ALA C 1067 -26.56 3.04 55.75
CA ALA C 1067 -27.77 3.69 55.26
C ALA C 1067 -28.23 4.86 56.11
N GLN C 1068 -28.44 4.65 57.41
CA GLN C 1068 -29.05 5.65 58.27
C GLN C 1068 -28.01 6.26 59.19
N GLU C 1069 -28.09 7.61 59.28
CA GLU C 1069 -27.07 8.39 60.02
C GLU C 1069 -27.69 9.36 61.01
N LYS C 1070 -27.04 9.55 62.14
CA LYS C 1070 -27.49 10.51 63.13
C LYS C 1070 -26.28 11.32 63.58
N ASN C 1071 -26.45 12.63 63.69
CA ASN C 1071 -25.31 13.50 63.98
C ASN C 1071 -25.34 14.00 65.42
N PHE C 1072 -24.16 14.34 65.92
CA PHE C 1072 -23.98 14.69 67.32
C PHE C 1072 -22.95 15.79 67.45
N THR C 1073 -22.55 16.06 68.69
CA THR C 1073 -21.53 17.06 68.98
C THR C 1073 -20.23 16.35 69.34
N THR C 1074 -19.14 16.75 68.68
CA THR C 1074 -17.86 16.06 68.80
C THR C 1074 -16.80 16.98 69.40
N ALA C 1075 -15.77 16.36 69.99
CA ALA C 1075 -14.64 17.07 70.57
C ALA C 1075 -13.36 16.35 70.15
N PRO C 1076 -12.30 17.08 69.77
CA PRO C 1076 -11.09 16.39 69.33
C PRO C 1076 -10.29 15.72 70.43
N ALA C 1077 -10.46 16.11 71.68
CA ALA C 1077 -9.74 15.51 72.78
C ALA C 1077 -10.61 15.64 74.03
N ILE C 1078 -10.03 15.36 75.20
CA ILE C 1078 -10.72 15.49 76.47
C ILE C 1078 -9.68 15.41 77.58
N CYS C 1079 -9.81 16.23 78.61
CA CYS C 1079 -8.88 16.20 79.74
C CYS C 1079 -9.68 16.17 81.04
N HIS C 1080 -9.48 15.12 81.83
CA HIS C 1080 -10.18 14.98 83.11
C HIS C 1080 -9.40 15.67 84.22
N ASP C 1081 -8.12 15.31 84.40
CA ASP C 1081 -7.28 15.88 85.43
C ASP C 1081 -6.03 16.45 84.77
N GLY C 1082 -6.15 17.67 84.25
CA GLY C 1082 -5.04 18.40 83.65
C GLY C 1082 -4.21 17.66 82.62
N LYS C 1083 -4.74 16.56 82.07
CA LYS C 1083 -4.05 15.75 81.08
C LYS C 1083 -5.02 15.37 79.98
N ALA C 1084 -4.69 15.73 78.74
CA ALA C 1084 -5.55 15.41 77.62
C ALA C 1084 -5.65 13.90 77.42
N HIS C 1085 -6.82 13.45 77.00
CA HIS C 1085 -7.06 12.05 76.69
C HIS C 1085 -7.53 11.94 75.24
N PHE C 1086 -7.01 10.94 74.54
CA PHE C 1086 -7.34 10.72 73.15
C PHE C 1086 -7.94 9.32 72.98
N PRO C 1087 -8.91 9.15 72.07
CA PRO C 1087 -9.52 7.82 71.90
C PRO C 1087 -8.52 6.85 71.30
N ARG C 1088 -8.37 5.69 71.96
CA ARG C 1088 -7.48 4.68 71.40
C ARG C 1088 -7.97 4.19 70.04
N GLU C 1089 -9.28 3.93 69.92
CA GLU C 1089 -9.88 3.65 68.63
C GLU C 1089 -11.36 4.02 68.66
N GLY C 1090 -11.70 5.17 68.10
CA GLY C 1090 -13.08 5.63 68.11
C GLY C 1090 -13.13 7.14 68.06
N VAL C 1091 -14.36 7.65 68.16
CA VAL C 1091 -14.65 9.06 68.04
C VAL C 1091 -15.41 9.50 69.28
N PHE C 1092 -15.10 10.69 69.78
CA PHE C 1092 -15.87 11.24 70.90
C PHE C 1092 -17.17 11.86 70.39
N VAL C 1093 -18.29 11.48 71.01
CA VAL C 1093 -19.60 12.03 70.67
C VAL C 1093 -20.38 12.25 71.95
N SER C 1094 -21.41 13.09 71.86
CA SER C 1094 -22.29 13.35 72.98
C SER C 1094 -23.73 13.43 72.50
N ASN C 1095 -24.65 12.98 73.35
CA ASN C 1095 -26.08 13.01 73.04
C ASN C 1095 -26.79 14.17 73.72
N GLY C 1096 -26.06 15.14 74.27
CA GLY C 1096 -26.63 16.31 74.87
C GLY C 1096 -26.38 16.45 76.35
N THR C 1097 -26.22 15.34 77.08
CA THR C 1097 -26.00 15.40 78.51
C THR C 1097 -24.74 14.64 78.92
N HIS C 1098 -24.39 13.62 78.15
CA HIS C 1098 -23.25 12.77 78.45
C HIS C 1098 -22.45 12.52 77.18
N TRP C 1099 -21.16 12.25 77.35
CA TRP C 1099 -20.26 11.99 76.25
C TRP C 1099 -19.95 10.50 76.15
N PHE C 1100 -19.70 10.05 74.92
CA PHE C 1100 -19.45 8.64 74.66
C PHE C 1100 -18.41 8.50 73.56
N VAL C 1101 -17.74 7.35 73.54
CA VAL C 1101 -16.82 6.97 72.47
C VAL C 1101 -17.44 5.82 71.71
N THR C 1102 -17.46 5.91 70.39
CA THR C 1102 -18.12 4.91 69.57
C THR C 1102 -17.16 4.43 68.50
N GLN C 1103 -17.64 3.47 67.71
CA GLN C 1103 -16.90 3.04 66.54
C GLN C 1103 -16.99 4.11 65.44
N ARG C 1104 -16.35 3.80 64.31
CA ARG C 1104 -16.24 4.74 63.20
C ARG C 1104 -17.18 4.40 62.06
N ASN C 1105 -17.91 3.29 62.15
CA ASN C 1105 -18.78 2.84 61.06
C ASN C 1105 -20.14 2.32 61.51
N PHE C 1106 -20.40 2.23 62.81
CA PHE C 1106 -21.67 1.69 63.28
C PHE C 1106 -21.89 2.20 64.69
N TYR C 1107 -22.97 2.96 64.88
CA TYR C 1107 -23.17 3.66 66.14
C TYR C 1107 -23.30 2.66 67.29
N GLU C 1108 -22.36 2.73 68.23
CA GLU C 1108 -22.43 1.95 69.45
C GLU C 1108 -21.67 2.66 70.56
N PRO C 1109 -22.36 3.22 71.54
CA PRO C 1109 -21.68 4.03 72.56
C PRO C 1109 -21.22 3.24 73.78
N GLN C 1110 -20.12 3.70 74.39
CA GLN C 1110 -19.61 3.16 75.63
C GLN C 1110 -19.19 4.30 76.55
N ILE C 1111 -19.18 4.02 77.85
CA ILE C 1111 -18.74 5.00 78.83
C ILE C 1111 -17.24 5.22 78.67
N ILE C 1112 -16.80 6.47 78.81
CA ILE C 1112 -15.41 6.82 78.56
C ILE C 1112 -14.52 6.14 79.59
N THR C 1113 -13.52 5.41 79.13
CA THR C 1113 -12.61 4.68 79.99
C THR C 1113 -11.18 4.84 79.50
N THR C 1114 -10.24 4.75 80.43
CA THR C 1114 -8.83 4.74 80.03
C THR C 1114 -8.45 3.45 79.32
N ASP C 1115 -9.27 2.41 79.44
CA ASP C 1115 -9.13 1.27 78.54
C ASP C 1115 -9.40 1.68 77.10
N ASN C 1116 -10.05 2.82 76.90
CA ASN C 1116 -10.32 3.36 75.57
C ASN C 1116 -9.51 4.60 75.25
N THR C 1117 -8.80 5.18 76.22
CA THR C 1117 -8.11 6.45 76.02
C THR C 1117 -6.67 6.36 76.52
N PHE C 1118 -5.80 7.12 75.87
CA PHE C 1118 -4.41 7.25 76.29
C PHE C 1118 -4.06 8.72 76.42
N VAL C 1119 -3.24 9.04 77.43
CA VAL C 1119 -2.96 10.42 77.80
C VAL C 1119 -1.73 10.91 77.06
N SER C 1120 -1.68 12.24 76.83
CA SER C 1120 -0.53 12.86 76.20
C SER C 1120 -0.51 14.34 76.58
N GLY C 1121 0.35 14.70 77.52
CA GLY C 1121 0.50 16.09 77.90
C GLY C 1121 -0.69 16.66 78.65
N ASN C 1122 -0.75 17.98 78.68
CA ASN C 1122 -1.83 18.71 79.32
C ASN C 1122 -2.71 19.38 78.25
N CYS C 1123 -3.89 19.81 78.67
CA CYS C 1123 -4.87 20.41 77.77
C CYS C 1123 -4.71 21.93 77.76
N ASP C 1124 -3.65 22.39 77.11
CA ASP C 1124 -3.43 23.81 76.87
C ASP C 1124 -3.08 24.11 75.42
N VAL C 1125 -2.44 23.19 74.71
CA VAL C 1125 -1.94 23.43 73.36
C VAL C 1125 -2.97 23.03 72.31
N VAL C 1126 -3.95 22.22 72.67
CA VAL C 1126 -4.94 21.71 71.72
C VAL C 1126 -6.17 22.61 71.77
N ILE C 1127 -6.71 22.92 70.59
CA ILE C 1127 -7.82 23.86 70.47
C ILE C 1127 -9.11 23.07 70.35
N GLY C 1128 -10.08 23.36 71.22
CA GLY C 1128 -11.39 22.73 71.17
C GLY C 1128 -11.58 21.60 72.15
N ILE C 1129 -10.64 21.35 73.04
CA ILE C 1129 -10.76 20.25 73.99
C ILE C 1129 -11.86 20.56 74.98
N VAL C 1130 -12.75 19.60 75.21
CA VAL C 1130 -13.95 19.84 75.99
C VAL C 1130 -13.85 19.18 77.35
N ASN C 1131 -14.20 19.93 78.39
CA ASN C 1131 -14.20 19.43 79.75
C ASN C 1131 -15.23 18.32 79.93
N ASN C 1132 -14.84 17.31 80.70
CA ASN C 1132 -15.73 16.22 81.12
C ASN C 1132 -15.03 15.35 82.14
N THR C 1133 -15.67 14.25 82.54
CA THR C 1133 -15.07 13.27 83.44
C THR C 1133 -14.76 11.99 82.68
N VAL C 1134 -13.60 11.40 82.98
CA VAL C 1134 -13.18 10.14 82.37
C VAL C 1134 -13.28 9.04 83.42
N TYR C 1135 -14.09 8.03 83.12
CA TYR C 1135 -14.34 6.93 84.05
C TYR C 1135 -13.26 5.85 83.86
N ASP C 1136 -12.07 6.16 84.37
CA ASP C 1136 -10.95 5.23 84.38
C ASP C 1136 -11.41 3.93 85.04
N PRO C 1137 -11.55 2.85 84.28
CA PRO C 1137 -12.18 1.64 84.85
C PRO C 1137 -11.41 1.03 85.99
N LEU C 1138 -10.08 1.20 86.03
CA LEU C 1138 -9.27 0.52 87.05
C LEU C 1138 -9.58 1.04 88.45
N GLN C 1139 -9.98 2.32 88.56
CA GLN C 1139 -10.26 2.87 89.88
C GLN C 1139 -11.51 2.27 90.51
N PRO C 1140 -12.71 2.37 89.88
CA PRO C 1140 -13.87 1.71 90.50
C PRO C 1140 -13.71 0.21 90.62
N GLU C 1141 -12.92 -0.42 89.73
CA GLU C 1141 -12.59 -1.82 89.91
C GLU C 1141 -11.85 -2.04 91.23
N LEU C 1142 -10.89 -1.17 91.53
CA LEU C 1142 -10.30 -1.17 92.87
C LEU C 1142 -11.30 -0.64 93.89
N ASP C 1143 -11.96 0.48 93.58
CA ASP C 1143 -12.86 1.10 94.54
C ASP C 1143 -14.02 0.19 94.90
N SER C 1144 -14.37 -0.75 94.02
CA SER C 1144 -15.35 -1.78 94.39
C SER C 1144 -14.85 -2.61 95.56
N PHE C 1145 -13.53 -2.72 95.72
CA PHE C 1145 -12.93 -3.37 96.87
C PHE C 1145 -12.41 -2.38 97.91
N LYS C 1146 -12.08 -1.15 97.50
CA LYS C 1146 -11.55 -0.18 98.46
C LYS C 1146 -12.64 0.33 99.38
N GLU C 1147 -13.90 0.30 98.92
CA GLU C 1147 -15.02 0.70 99.76
C GLU C 1147 -15.22 -0.25 100.94
N GLU C 1148 -15.00 -1.55 100.75
CA GLU C 1148 -15.23 -2.53 101.79
C GLU C 1148 -14.02 -2.76 102.67
N LEU C 1149 -12.82 -2.43 102.19
CA LEU C 1149 -11.62 -2.63 103.00
C LEU C 1149 -11.60 -1.72 104.22
N ASP C 1150 -11.83 -0.42 104.01
CA ASP C 1150 -11.72 0.54 105.11
C ASP C 1150 -12.76 0.28 106.18
N LYS C 1151 -13.99 -0.09 105.79
CA LYS C 1151 -15.05 -0.34 106.76
C LYS C 1151 -14.71 -1.51 107.66
N TYR C 1152 -14.06 -2.55 107.12
CA TYR C 1152 -13.74 -3.73 107.90
C TYR C 1152 -12.74 -3.41 109.00
N PHE C 1153 -11.75 -2.56 108.70
CA PHE C 1153 -10.71 -2.26 109.68
C PHE C 1153 -11.28 -1.58 110.91
N LYS C 1154 -12.19 -0.62 110.71
CA LYS C 1154 -12.71 0.17 111.83
C LYS C 1154 -13.48 -0.70 112.82
N ASN C 1155 -14.18 -1.71 112.33
CA ASN C 1155 -14.93 -2.60 113.22
C ASN C 1155 -13.99 -3.37 114.14
N HIS C 1156 -12.85 -3.82 113.61
CA HIS C 1156 -11.93 -4.62 114.42
C HIS C 1156 -11.17 -3.76 115.42
N THR C 1157 -11.07 -2.44 115.15
CA THR C 1157 -10.40 -1.56 116.10
C THR C 1157 -11.32 -1.14 117.23
N SER C 1158 -12.63 -1.31 117.06
CA SER C 1158 -13.61 -0.91 118.06
C SER C 1158 -13.41 -1.64 119.40
N PRO C 1159 -13.15 -2.96 119.42
CA PRO C 1159 -12.95 -3.53 120.76
C PRO C 1159 -11.60 -3.13 121.36
N VAL D 1 24.28 15.11 -84.13
CA VAL D 1 23.05 15.16 -83.34
C VAL D 1 22.09 14.08 -83.80
N GLN D 2 22.55 13.26 -84.75
CA GLN D 2 21.73 12.18 -85.28
C GLN D 2 21.70 11.01 -84.28
N LEU D 3 20.78 10.08 -84.53
CA LEU D 3 20.56 8.94 -83.66
C LEU D 3 21.00 7.67 -84.37
N VAL D 4 21.60 6.76 -83.60
CA VAL D 4 22.18 5.52 -84.12
C VAL D 4 21.34 4.35 -83.64
N GLU D 5 20.85 3.56 -84.58
CA GLU D 5 20.07 2.37 -84.26
C GLU D 5 20.98 1.28 -83.71
N SER D 6 20.43 0.43 -82.85
CA SER D 6 21.15 -0.73 -82.32
C SER D 6 20.11 -1.77 -81.87
N GLY D 7 19.93 -2.80 -82.70
CA GLY D 7 19.01 -3.87 -82.36
C GLY D 7 18.74 -4.73 -83.58
N GLY D 8 18.14 -5.87 -83.30
CA GLY D 8 17.80 -6.82 -84.35
C GLY D 8 17.68 -8.22 -83.81
N GLY D 9 17.45 -9.16 -84.72
CA GLY D 9 17.36 -10.56 -84.38
C GLY D 9 15.95 -10.99 -83.98
N LEU D 10 15.79 -12.30 -83.88
CA LEU D 10 14.53 -12.92 -83.50
C LEU D 10 14.67 -13.60 -82.15
N VAL D 11 13.66 -13.43 -81.30
CA VAL D 11 13.67 -14.02 -79.96
C VAL D 11 12.35 -14.74 -79.71
N GLN D 12 12.39 -15.63 -78.73
CA GLN D 12 11.24 -16.41 -78.30
C GLN D 12 10.53 -15.74 -77.14
N PRO D 13 9.23 -16.00 -76.96
CA PRO D 13 8.52 -15.44 -75.81
C PRO D 13 9.15 -15.90 -74.50
N GLY D 14 9.17 -15.00 -73.52
CA GLY D 14 9.83 -15.23 -72.26
C GLY D 14 11.29 -14.80 -72.22
N GLY D 15 11.86 -14.42 -73.37
CA GLY D 15 13.22 -13.95 -73.44
C GLY D 15 13.27 -12.48 -73.83
N SER D 16 14.29 -11.78 -73.36
CA SER D 16 14.45 -10.36 -73.63
C SER D 16 15.88 -10.09 -74.08
N LEU D 17 16.05 -9.09 -74.92
CA LEU D 17 17.36 -8.71 -75.43
C LEU D 17 17.70 -7.29 -74.98
N ARG D 18 18.86 -6.81 -75.44
CA ARG D 18 19.49 -5.60 -74.92
C ARG D 18 19.19 -4.46 -75.90
N LEU D 19 18.11 -3.71 -75.65
CA LEU D 19 17.81 -2.60 -76.54
C LEU D 19 18.72 -1.41 -76.24
N SER D 20 19.31 -0.85 -77.29
CA SER D 20 20.20 0.29 -77.15
C SER D 20 19.97 1.24 -78.31
N CYS D 21 20.03 2.54 -78.03
CA CYS D 21 20.01 3.55 -79.07
C CYS D 21 21.03 4.62 -78.75
N ALA D 22 21.93 4.89 -79.69
CA ALA D 22 23.09 5.73 -79.44
C ALA D 22 22.85 7.15 -79.94
N ALA D 23 23.62 8.09 -79.39
CA ALA D 23 23.55 9.49 -79.77
C ALA D 23 24.85 9.90 -80.46
N SER D 24 24.76 11.00 -81.21
CA SER D 24 25.90 11.54 -81.95
C SER D 24 26.51 12.75 -81.27
N GLY D 25 26.57 12.75 -79.95
CA GLY D 25 27.09 13.85 -79.17
C GLY D 25 26.11 14.50 -78.23
N ILE D 26 24.82 14.17 -78.33
CA ILE D 26 23.82 14.70 -77.41
C ILE D 26 23.89 13.92 -76.11
N ILE D 27 23.89 14.64 -74.98
CA ILE D 27 23.94 14.01 -73.67
C ILE D 27 22.71 13.13 -73.49
N VAL D 28 22.91 11.95 -72.91
CA VAL D 28 21.82 11.00 -72.70
C VAL D 28 21.35 10.96 -71.25
N SER D 29 22.22 11.25 -70.29
CA SER D 29 21.82 11.27 -68.89
C SER D 29 21.22 12.62 -68.48
N SER D 30 21.88 13.71 -68.85
CA SER D 30 21.38 15.05 -68.56
C SER D 30 20.46 15.55 -69.67
N ASN D 31 19.45 14.75 -69.99
CA ASN D 31 18.50 15.08 -71.04
C ASN D 31 17.20 14.32 -70.78
N TYR D 32 16.32 14.29 -71.77
CA TYR D 32 14.97 13.75 -71.63
C TYR D 32 14.77 12.71 -72.72
N MET D 33 15.06 11.44 -72.42
CA MET D 33 15.00 10.38 -73.42
C MET D 33 13.61 9.72 -73.41
N SER D 34 13.25 9.09 -74.53
CA SER D 34 11.94 8.48 -74.65
C SER D 34 11.90 7.52 -75.83
N TRP D 35 11.24 6.38 -75.63
CA TRP D 35 11.03 5.40 -76.69
C TRP D 35 9.55 5.17 -76.90
N VAL D 36 9.17 4.90 -78.16
CA VAL D 36 7.79 4.65 -78.54
C VAL D 36 7.73 3.40 -79.42
N ARG D 37 6.50 2.94 -79.66
CA ARG D 37 6.19 1.65 -80.28
C ARG D 37 5.30 1.85 -81.50
N GLN D 38 5.68 1.20 -82.61
CA GLN D 38 4.97 1.36 -83.87
C GLN D 38 4.67 -0.03 -84.43
N GLY D 39 3.39 -0.31 -84.70
CA GLY D 39 2.97 -1.62 -85.15
C GLY D 39 2.55 -1.65 -86.59
N PRO D 40 2.73 -2.82 -87.21
CA PRO D 40 2.19 -3.04 -88.56
C PRO D 40 0.67 -2.96 -88.54
N GLY D 41 0.13 -1.95 -89.21
CA GLY D 41 -1.31 -1.80 -89.33
C GLY D 41 -1.99 -1.09 -88.19
N LYS D 42 -1.28 -0.79 -87.10
CA LYS D 42 -1.83 -0.06 -85.97
C LYS D 42 -0.98 1.17 -85.69
N GLY D 43 -1.54 2.08 -84.88
CA GLY D 43 -0.90 3.35 -84.63
C GLY D 43 0.23 3.26 -83.62
N LEU D 44 0.83 4.42 -83.36
CA LEU D 44 1.91 4.53 -82.40
C LEU D 44 1.41 4.34 -80.97
N GLU D 45 2.30 3.82 -80.12
CA GLU D 45 2.06 3.71 -78.68
C GLU D 45 3.30 4.15 -77.92
N TRP D 46 3.10 5.05 -76.96
CA TRP D 46 4.19 5.48 -76.10
C TRP D 46 4.69 4.31 -75.25
N VAL D 47 6.00 4.16 -75.15
CA VAL D 47 6.58 3.07 -74.37
C VAL D 47 7.12 3.61 -73.05
N SER D 48 8.11 4.49 -73.12
CA SER D 48 8.77 4.91 -71.89
C SER D 48 9.44 6.26 -72.08
N VAL D 49 9.74 6.91 -70.96
CA VAL D 49 10.44 8.19 -70.93
C VAL D 49 11.26 8.26 -69.64
N ILE D 50 12.45 8.84 -69.74
CA ILE D 50 13.33 9.06 -68.61
C ILE D 50 13.76 10.52 -68.62
N TYR D 51 13.68 11.16 -67.45
CA TYR D 51 14.05 12.55 -67.29
C TYR D 51 15.51 12.67 -66.91
N SER D 52 16.01 13.91 -66.92
CA SER D 52 17.38 14.17 -66.50
C SER D 52 17.59 13.94 -65.01
N GLY D 53 16.52 13.95 -64.22
CA GLY D 53 16.59 13.69 -62.81
C GLY D 53 16.51 12.23 -62.40
N GLY D 54 16.46 11.32 -63.37
CA GLY D 54 16.35 9.91 -63.07
C GLY D 54 14.96 9.39 -62.85
N SER D 55 13.94 10.16 -63.21
CA SER D 55 12.55 9.74 -63.02
C SER D 55 12.08 9.00 -64.26
N THR D 56 11.72 7.73 -64.08
CA THR D 56 11.27 6.87 -65.19
C THR D 56 9.75 6.80 -65.19
N TYR D 57 9.13 7.24 -66.28
CA TYR D 57 7.69 7.14 -66.46
C TYR D 57 7.44 6.26 -67.69
N TYR D 58 6.69 5.18 -67.51
CA TYR D 58 6.37 4.29 -68.62
C TYR D 58 4.94 3.79 -68.47
N ALA D 59 4.40 3.28 -69.56
CA ALA D 59 2.99 2.91 -69.63
C ALA D 59 2.67 1.80 -68.63
N ASP D 60 1.46 1.87 -68.08
CA ASP D 60 1.00 0.89 -67.10
C ASP D 60 0.80 -0.49 -67.70
N SER D 61 0.74 -0.61 -69.03
CA SER D 61 0.58 -1.91 -69.67
C SER D 61 1.81 -2.79 -69.47
N VAL D 62 2.97 -2.20 -69.17
CA VAL D 62 4.20 -2.95 -69.01
C VAL D 62 4.76 -2.70 -67.61
N LYS D 63 3.86 -2.52 -66.64
CA LYS D 63 4.25 -2.20 -65.28
C LYS D 63 5.20 -3.26 -64.71
N ALA D 64 6.30 -2.79 -64.13
CA ALA D 64 7.30 -3.65 -63.49
C ALA D 64 7.88 -4.68 -64.46
N ARG D 65 8.09 -4.28 -65.71
CA ARG D 65 8.68 -5.18 -66.70
C ARG D 65 9.83 -4.58 -67.50
N PHE D 66 9.96 -3.26 -67.56
CA PHE D 66 11.00 -2.61 -68.36
C PHE D 66 11.98 -1.91 -67.42
N THR D 67 13.28 -2.00 -67.75
CA THR D 67 14.31 -1.27 -67.04
C THR D 67 15.12 -0.46 -68.03
N ILE D 68 15.21 0.85 -67.81
CA ILE D 68 15.84 1.78 -68.75
C ILE D 68 16.87 2.61 -68.00
N SER D 69 17.99 2.89 -68.67
CA SER D 69 19.06 3.68 -68.06
C SER D 69 19.91 4.34 -69.12
N ARG D 70 20.44 5.52 -68.80
CA ARG D 70 21.30 6.27 -69.70
C ARG D 70 22.76 6.07 -69.33
N ASP D 71 23.58 5.78 -70.34
CA ASP D 71 25.00 5.52 -70.12
C ASP D 71 25.72 6.80 -69.72
N ASN D 72 26.78 6.64 -68.93
CA ASN D 72 27.50 7.80 -68.40
C ASN D 72 28.28 8.53 -69.50
N SER D 73 28.96 7.79 -70.37
CA SER D 73 29.80 8.41 -71.38
C SER D 73 29.62 7.85 -72.79
N LYS D 74 28.95 6.71 -72.97
CA LYS D 74 28.78 6.11 -74.27
C LYS D 74 27.70 6.78 -75.11
N ASN D 75 26.93 7.69 -74.51
CA ASN D 75 25.87 8.42 -75.23
C ASN D 75 24.86 7.46 -75.85
N THR D 76 24.56 6.37 -75.14
CA THR D 76 23.63 5.36 -75.62
C THR D 76 22.65 5.00 -74.51
N LEU D 77 21.36 5.07 -74.82
CA LEU D 77 20.31 4.67 -73.89
C LEU D 77 20.09 3.16 -73.97
N TYR D 78 19.88 2.54 -72.82
CA TYR D 78 19.76 1.10 -72.67
C TYR D 78 18.41 0.75 -72.07
N LEU D 79 17.83 -0.37 -72.50
CA LEU D 79 16.61 -0.90 -71.88
C LEU D 79 16.61 -2.41 -72.00
N GLN D 80 16.01 -3.05 -70.99
CA GLN D 80 15.87 -4.50 -70.91
C GLN D 80 14.44 -4.83 -70.51
N MET D 81 13.89 -5.90 -71.09
CA MET D 81 12.50 -6.28 -70.82
C MET D 81 12.45 -7.37 -69.77
N ASN D 82 11.22 -7.70 -69.36
CA ASN D 82 10.96 -8.83 -68.47
C ASN D 82 9.62 -9.46 -68.85
N SER D 83 9.63 -10.79 -69.01
CA SER D 83 8.41 -11.59 -69.16
C SER D 83 7.59 -11.12 -70.37
N LEU D 84 8.18 -11.31 -71.55
CA LEU D 84 7.48 -11.00 -72.80
C LEU D 84 6.27 -11.91 -72.97
N ARG D 85 5.12 -11.31 -73.26
CA ARG D 85 3.89 -12.05 -73.56
C ARG D 85 3.60 -12.12 -75.05
N ALA D 86 4.58 -11.75 -75.88
CA ALA D 86 4.52 -11.91 -77.35
C ALA D 86 3.49 -11.00 -78.01
N GLU D 87 3.21 -9.84 -77.43
CA GLU D 87 2.46 -8.81 -78.14
C GLU D 87 3.32 -7.67 -78.64
N ASP D 88 4.61 -7.65 -78.30
CA ASP D 88 5.50 -6.57 -78.68
C ASP D 88 6.28 -6.85 -79.95
N THR D 89 5.70 -7.60 -80.88
CA THR D 89 6.21 -7.61 -82.25
C THR D 89 5.96 -6.22 -82.81
N ALA D 90 7.01 -5.43 -82.94
CA ALA D 90 6.91 -3.97 -82.98
C ALA D 90 8.14 -3.43 -83.70
N VAL D 91 8.14 -2.13 -83.96
CA VAL D 91 9.38 -1.40 -84.18
C VAL D 91 9.49 -0.32 -83.10
N TYR D 92 10.66 -0.25 -82.46
CA TYR D 92 10.88 0.64 -81.32
C TYR D 92 11.61 1.89 -81.82
N TYR D 93 10.93 3.03 -81.79
CA TYR D 93 11.54 4.29 -82.18
C TYR D 93 12.14 4.95 -80.94
N CYS D 94 13.44 5.18 -80.98
CA CYS D 94 14.15 5.88 -79.93
C CYS D 94 14.26 7.36 -80.27
N ALA D 95 14.18 8.21 -79.26
CA ALA D 95 14.34 9.64 -79.47
C ALA D 95 14.44 10.32 -78.10
N ARG D 96 14.48 11.63 -78.12
CA ARG D 96 14.23 12.46 -76.96
C ARG D 96 12.92 13.23 -77.16
N GLU D 97 12.35 13.69 -76.06
CA GLU D 97 11.07 14.39 -76.12
C GLU D 97 11.17 15.59 -77.04
N VAL D 98 10.13 15.80 -77.85
CA VAL D 98 10.23 16.67 -79.02
C VAL D 98 10.45 18.13 -78.66
N VAL D 99 9.82 18.64 -77.59
CA VAL D 99 9.97 20.04 -77.20
C VAL D 99 9.53 20.18 -75.75
N GLY D 100 10.35 20.86 -74.95
CA GLY D 100 9.96 21.11 -73.58
C GLY D 100 8.80 22.07 -73.51
N SER D 101 9.05 23.34 -73.83
CA SER D 101 7.98 24.30 -74.06
C SER D 101 8.01 24.87 -75.47
N ASN D 102 9.12 25.48 -75.88
CA ASN D 102 9.23 26.11 -77.20
C ASN D 102 10.67 25.98 -77.68
N SER D 103 10.87 25.21 -78.74
CA SER D 103 12.20 25.04 -79.32
C SER D 103 12.05 24.58 -80.77
N ASN D 104 13.13 24.77 -81.53
CA ASN D 104 13.20 24.28 -82.90
C ASN D 104 13.82 22.90 -83.02
N MET D 105 14.32 22.36 -81.92
CA MET D 105 14.96 21.04 -81.92
C MET D 105 13.92 19.93 -82.08
N ASP D 106 14.04 19.16 -83.17
CA ASP D 106 13.03 18.16 -83.48
C ASP D 106 13.59 16.85 -84.02
N VAL D 107 14.87 16.53 -83.79
CA VAL D 107 15.50 15.38 -84.40
C VAL D 107 14.85 14.10 -83.89
N TRP D 108 14.80 13.08 -84.77
CA TRP D 108 14.28 11.76 -84.47
C TRP D 108 15.35 10.70 -84.68
N GLY D 109 14.96 9.45 -84.51
CA GLY D 109 15.89 8.33 -84.69
C GLY D 109 15.17 7.12 -85.26
N GLN D 110 15.93 6.34 -86.03
CA GLN D 110 15.41 5.13 -86.65
C GLN D 110 15.32 4.01 -85.62
N GLY D 111 14.43 3.05 -85.89
CA GLY D 111 14.25 1.92 -85.00
C GLY D 111 14.26 0.60 -85.76
N THR D 112 14.58 -0.46 -85.02
CA THR D 112 14.63 -1.80 -85.59
C THR D 112 13.33 -2.54 -85.34
N THR D 113 12.80 -3.16 -86.41
CA THR D 113 11.55 -3.91 -86.32
C THR D 113 11.83 -5.28 -85.68
N VAL D 114 11.73 -5.30 -84.36
CA VAL D 114 11.91 -6.54 -83.61
C VAL D 114 10.63 -7.36 -83.62
N THR D 115 10.80 -8.67 -83.57
CA THR D 115 9.65 -9.58 -83.58
C THR D 115 9.86 -10.65 -82.51
N VAL D 116 8.77 -11.03 -81.86
CA VAL D 116 8.77 -12.06 -80.82
C VAL D 116 7.78 -13.14 -81.23
N SER D 117 8.27 -14.36 -81.41
CA SER D 117 7.42 -15.48 -81.79
C SER D 117 8.06 -16.77 -81.34
N SER D 118 7.21 -17.76 -81.05
CA SER D 118 7.71 -19.07 -80.64
C SER D 118 8.50 -19.75 -81.75
N ALA D 119 8.03 -19.67 -82.99
CA ALA D 119 8.76 -20.25 -84.11
C ALA D 119 10.00 -19.41 -84.41
N SER D 120 11.13 -20.10 -84.56
CA SER D 120 12.40 -19.43 -84.84
C SER D 120 12.51 -19.17 -86.34
N THR D 121 13.70 -18.77 -86.79
CA THR D 121 13.92 -18.47 -88.20
C THR D 121 13.80 -19.75 -89.02
N LYS D 122 13.13 -19.65 -90.17
CA LYS D 122 12.95 -20.79 -91.05
C LYS D 122 13.42 -20.47 -92.46
N ASP E 1 -5.42 8.66 -67.98
CA ASP E 1 -5.57 8.37 -69.40
C ASP E 1 -6.62 9.27 -70.05
N ILE E 2 -6.32 9.72 -71.26
CA ILE E 2 -7.23 10.57 -72.03
C ILE E 2 -7.62 9.82 -73.30
N GLN E 3 -8.92 9.63 -73.50
CA GLN E 3 -9.43 9.00 -74.71
C GLN E 3 -9.19 9.95 -75.87
N MET E 4 -8.26 9.58 -76.75
CA MET E 4 -7.84 10.44 -77.85
C MET E 4 -8.56 10.00 -79.10
N THR E 5 -9.40 10.87 -79.67
CA THR E 5 -10.28 10.52 -80.77
C THR E 5 -10.19 11.52 -81.91
N GLN E 6 -10.41 11.04 -83.12
CA GLN E 6 -10.59 11.88 -84.30
C GLN E 6 -11.52 11.17 -85.27
N SER E 7 -12.56 11.87 -85.70
CA SER E 7 -13.57 11.29 -86.58
C SER E 7 -13.11 11.19 -88.03
N PRO E 8 -12.54 12.26 -88.64
CA PRO E 8 -12.18 12.16 -90.05
C PRO E 8 -10.96 11.29 -90.28
N SER E 9 -11.18 9.97 -90.37
CA SER E 9 -10.08 9.01 -90.42
C SER E 9 -9.27 9.13 -91.70
N SER E 10 -9.93 9.11 -92.86
CA SER E 10 -9.25 9.03 -94.14
C SER E 10 -9.72 10.16 -95.05
N LEU E 11 -8.89 11.19 -95.21
CA LEU E 11 -9.17 12.27 -96.16
C LEU E 11 -8.41 12.03 -97.46
N SER E 12 -8.74 10.93 -98.12
CA SER E 12 -8.11 10.57 -99.38
C SER E 12 -8.78 11.21 -100.59
N ALA E 13 -9.95 11.83 -100.40
CA ALA E 13 -10.64 12.47 -101.51
C ALA E 13 -10.02 13.80 -101.92
N SER E 14 -9.36 14.48 -100.97
CA SER E 14 -8.84 15.81 -101.22
C SER E 14 -7.51 15.72 -101.99
N VAL E 15 -7.46 16.38 -103.15
CA VAL E 15 -6.24 16.49 -103.94
C VAL E 15 -6.01 17.97 -104.18
N GLY E 16 -5.16 18.58 -103.35
CA GLY E 16 -4.93 20.01 -103.42
C GLY E 16 -6.16 20.84 -103.12
N ASP E 17 -6.94 20.46 -102.11
CA ASP E 17 -8.18 21.14 -101.78
C ASP E 17 -8.24 21.35 -100.27
N ARG E 18 -9.39 21.80 -99.78
CA ARG E 18 -9.56 22.05 -98.36
C ARG E 18 -9.48 20.75 -97.58
N VAL E 19 -8.78 20.79 -96.45
CA VAL E 19 -8.61 19.64 -95.57
C VAL E 19 -9.04 20.05 -94.17
N THR E 20 -9.93 19.26 -93.56
CA THR E 20 -10.53 19.60 -92.28
C THR E 20 -10.13 18.61 -91.19
N ILE E 21 -8.84 18.24 -91.16
CA ILE E 21 -8.37 17.29 -90.17
C ILE E 21 -8.32 17.92 -88.79
N THR E 22 -8.76 17.17 -87.79
CA THR E 22 -8.94 17.67 -86.44
C THR E 22 -8.90 16.51 -85.46
N CYS E 23 -8.72 16.84 -84.19
CA CYS E 23 -8.67 15.85 -83.12
C CYS E 23 -9.34 16.41 -81.87
N GLN E 24 -9.77 15.48 -81.00
CA GLN E 24 -10.50 15.78 -79.79
C GLN E 24 -9.90 15.02 -78.63
N ALA E 25 -10.15 15.52 -77.42
CA ALA E 25 -9.70 14.89 -76.19
C ALA E 25 -10.87 14.75 -75.23
N SER E 26 -10.79 13.75 -74.36
CA SER E 26 -11.84 13.54 -73.36
C SER E 26 -11.85 14.65 -72.32
N GLN E 27 -10.75 14.80 -71.59
CA GLN E 27 -10.62 15.90 -70.65
C GLN E 27 -10.21 17.17 -71.39
N ASP E 28 -10.44 18.31 -70.74
CA ASP E 28 -10.08 19.60 -71.31
C ASP E 28 -8.58 19.80 -71.24
N ILE E 29 -7.95 20.08 -72.38
CA ILE E 29 -6.51 20.30 -72.46
C ILE E 29 -6.25 21.62 -73.15
N ASN E 30 -5.10 22.21 -72.85
CA ASN E 30 -4.65 23.46 -73.45
C ASN E 30 -3.77 23.13 -74.66
N ILE E 31 -3.03 24.13 -75.15
CA ILE E 31 -2.29 24.05 -76.40
C ILE E 31 -1.10 23.09 -76.30
N TYR E 32 -0.92 22.44 -75.16
CA TYR E 32 0.15 21.44 -75.00
C TYR E 32 -0.29 20.19 -75.77
N LEU E 33 -0.08 20.24 -77.08
CA LEU E 33 -0.63 19.24 -78.00
C LEU E 33 0.01 19.45 -79.37
N ASN E 34 0.48 18.36 -79.98
CA ASN E 34 1.11 18.45 -81.29
C ASN E 34 0.84 17.20 -82.11
N TRP E 35 1.42 17.17 -83.29
CA TRP E 35 1.18 16.12 -84.27
C TRP E 35 2.51 15.63 -84.83
N TYR E 36 2.50 14.40 -85.34
CA TYR E 36 3.63 13.87 -86.08
C TYR E 36 3.20 13.50 -87.49
N GLN E 37 4.17 13.58 -88.40
CA GLN E 37 4.00 13.17 -89.79
C GLN E 37 5.00 12.06 -90.07
N GLN E 38 4.50 10.90 -90.50
CA GLN E 38 5.33 9.70 -90.60
C GLN E 38 5.17 9.08 -91.97
N LYS E 39 6.25 9.09 -92.76
CA LYS E 39 6.27 8.30 -93.98
C LYS E 39 6.34 6.82 -93.62
N PRO E 40 5.61 5.96 -94.34
CA PRO E 40 5.66 4.52 -94.05
C PRO E 40 7.07 3.95 -94.01
N GLY E 41 7.49 3.47 -92.83
CA GLY E 41 8.74 2.76 -92.71
C GLY E 41 9.91 3.53 -92.14
N LYS E 42 9.71 4.78 -91.70
CA LYS E 42 10.79 5.55 -91.11
C LYS E 42 10.23 6.44 -89.99
N ALA E 43 11.13 7.04 -89.23
CA ALA E 43 10.76 7.75 -88.01
C ALA E 43 9.92 9.00 -88.32
N PRO E 44 8.99 9.34 -87.43
CA PRO E 44 8.12 10.50 -87.67
C PRO E 44 8.90 11.82 -87.62
N LYS E 45 8.18 12.89 -87.94
CA LYS E 45 8.74 14.24 -87.99
C LYS E 45 7.73 15.20 -87.39
N LEU E 46 8.21 16.36 -86.96
CA LEU E 46 7.37 17.38 -86.35
C LEU E 46 7.08 18.51 -87.34
N LEU E 47 5.90 19.08 -87.22
CA LEU E 47 5.47 20.23 -88.02
C LEU E 47 5.01 21.41 -87.17
N ILE E 48 4.40 21.14 -86.01
CA ILE E 48 3.83 22.18 -85.16
C ILE E 48 4.37 21.98 -83.74
N TYR E 49 4.70 23.09 -83.07
CA TYR E 49 5.21 23.05 -81.71
C TYR E 49 4.23 23.77 -80.80
N ASP E 50 3.80 23.09 -79.73
CA ASP E 50 2.92 23.66 -78.71
C ASP E 50 1.60 24.17 -79.33
N ALA E 51 1.17 23.50 -80.39
CA ALA E 51 -0.08 23.78 -81.11
C ALA E 51 -0.15 25.19 -81.66
N SER E 52 0.95 25.95 -81.64
CA SER E 52 0.94 27.32 -82.13
C SER E 52 2.17 27.70 -82.93
N ASN E 53 3.17 26.83 -83.04
CA ASN E 53 4.40 27.13 -83.76
C ASN E 53 4.45 26.32 -85.06
N LEU E 54 5.55 26.46 -85.78
CA LEU E 54 5.70 25.80 -87.07
C LEU E 54 7.11 25.23 -87.17
N GLU E 55 7.25 24.17 -87.96
CA GLU E 55 8.54 23.54 -88.18
C GLU E 55 9.48 24.49 -88.93
N THR E 56 10.77 24.34 -88.66
CA THR E 56 11.77 25.22 -89.27
C THR E 56 11.69 25.18 -90.79
N GLY E 57 11.73 23.99 -91.38
CA GLY E 57 11.54 23.90 -92.81
C GLY E 57 10.32 23.10 -93.23
N VAL E 58 9.29 23.82 -93.66
CA VAL E 58 8.02 23.30 -94.18
C VAL E 58 7.39 24.41 -95.01
N PRO E 59 6.44 24.12 -95.89
CA PRO E 59 5.72 25.20 -96.57
C PRO E 59 4.98 26.07 -95.56
N SER E 60 4.96 27.37 -95.84
CA SER E 60 4.37 28.33 -94.92
C SER E 60 2.85 28.25 -94.85
N ARG E 61 2.21 27.52 -95.77
CA ARG E 61 0.76 27.46 -95.80
C ARG E 61 0.16 26.66 -94.65
N PHE E 62 0.98 25.90 -93.92
CA PHE E 62 0.47 25.11 -92.80
C PHE E 62 0.09 26.04 -91.65
N SER E 63 -1.18 25.99 -91.24
CA SER E 63 -1.67 26.83 -90.15
C SER E 63 -2.70 26.05 -89.36
N GLY E 64 -2.41 25.80 -88.10
CA GLY E 64 -3.31 25.06 -87.21
C GLY E 64 -3.65 25.86 -85.99
N SER E 65 -4.85 25.62 -85.46
CA SER E 65 -5.32 26.34 -84.28
C SER E 65 -6.39 25.52 -83.58
N GLY E 66 -6.32 25.47 -82.25
CA GLY E 66 -7.30 24.73 -81.48
C GLY E 66 -7.17 24.92 -79.99
N SER E 67 -8.30 25.02 -79.30
CA SER E 67 -8.32 25.15 -77.85
C SER E 67 -9.64 24.61 -77.33
N GLY E 68 -9.64 24.20 -76.07
CA GLY E 68 -10.84 23.61 -75.49
C GLY E 68 -11.17 22.26 -76.08
N THR E 69 -10.33 21.27 -75.81
CA THR E 69 -10.46 19.85 -76.19
C THR E 69 -10.71 19.67 -77.68
N ASP E 70 -10.47 20.68 -78.50
CA ASP E 70 -10.68 20.61 -79.95
C ASP E 70 -9.48 21.24 -80.64
N PHE E 71 -8.79 20.47 -81.46
CA PHE E 71 -7.64 20.97 -82.22
C PHE E 71 -7.94 20.78 -83.70
N THR E 72 -7.73 21.82 -84.50
CA THR E 72 -7.99 21.79 -85.92
C THR E 72 -6.75 22.22 -86.70
N PHE E 73 -6.59 21.64 -87.89
CA PHE E 73 -5.48 22.00 -88.77
C PHE E 73 -5.91 21.75 -90.20
N THR E 74 -5.35 22.54 -91.13
CA THR E 74 -5.70 22.42 -92.54
C THR E 74 -4.43 22.39 -93.37
N ILE E 75 -4.48 21.60 -94.44
CA ILE E 75 -3.46 21.60 -95.49
C ILE E 75 -4.19 21.75 -96.83
N ASN E 76 -4.32 23.00 -97.28
CA ASN E 76 -5.13 23.27 -98.46
C ASN E 76 -4.41 22.86 -99.74
N SER E 77 -3.08 22.80 -99.72
CA SER E 77 -2.29 22.40 -100.87
C SER E 77 -1.69 21.04 -100.59
N LEU E 78 -1.94 20.08 -101.49
CA LEU E 78 -1.47 18.70 -101.32
C LEU E 78 -0.30 18.48 -102.28
N GLN E 79 0.90 18.84 -101.81
CA GLN E 79 2.09 18.53 -102.58
C GLN E 79 2.34 17.02 -102.57
N PRO E 80 2.92 16.48 -103.65
CA PRO E 80 3.07 15.02 -103.77
C PRO E 80 3.95 14.38 -102.71
N GLU E 81 4.79 15.15 -102.01
CA GLU E 81 5.71 14.59 -101.03
C GLU E 81 5.10 14.47 -99.63
N ASP E 82 3.82 14.82 -99.47
CA ASP E 82 3.12 14.67 -98.20
C ASP E 82 2.14 13.51 -98.19
N ILE E 83 2.42 12.46 -98.96
CA ILE E 83 1.57 11.28 -98.99
C ILE E 83 2.00 10.30 -97.92
N ALA E 84 1.48 10.49 -96.71
CA ALA E 84 1.82 9.64 -95.58
C ALA E 84 0.69 9.74 -94.56
N THR E 85 0.97 9.35 -93.32
CA THR E 85 -0.01 9.38 -92.24
C THR E 85 0.28 10.54 -91.29
N TYR E 86 -0.79 10.99 -90.61
CA TYR E 86 -0.70 12.07 -89.63
C TYR E 86 -1.19 11.52 -88.30
N TYR E 87 -0.51 11.87 -87.21
CA TYR E 87 -0.89 11.40 -85.88
C TYR E 87 -1.02 12.57 -84.91
N CYS E 88 -2.03 12.48 -84.06
CA CYS E 88 -2.27 13.44 -82.98
C CYS E 88 -1.66 12.90 -81.70
N GLN E 89 -1.11 13.80 -80.87
CA GLN E 89 -0.51 13.40 -79.60
C GLN E 89 -0.59 14.55 -78.61
N GLN E 90 -1.28 14.30 -77.50
CA GLN E 90 -1.25 15.18 -76.35
C GLN E 90 -0.16 14.71 -75.39
N TYR E 91 0.51 15.67 -74.76
CA TYR E 91 1.58 15.37 -73.82
C TYR E 91 1.42 16.26 -72.60
N ASP E 92 2.41 16.20 -71.71
CA ASP E 92 2.43 16.94 -70.45
C ASP E 92 1.34 16.51 -69.50
N ASN E 93 0.55 15.49 -69.84
CA ASN E 93 -0.48 14.94 -68.96
C ASN E 93 -0.31 13.43 -68.98
N LEU E 94 0.45 12.90 -68.01
CA LEU E 94 0.76 11.48 -67.99
C LEU E 94 -0.51 10.67 -67.73
N PRO E 95 -0.69 9.53 -68.42
CA PRO E 95 0.25 9.03 -69.42
C PRO E 95 0.13 9.70 -70.78
N ARG E 96 1.23 9.77 -71.51
CA ARG E 96 1.24 10.40 -72.83
C ARG E 96 0.57 9.48 -73.83
N THR E 97 -0.43 9.99 -74.54
CA THR E 97 -1.29 9.18 -75.37
C THR E 97 -1.20 9.61 -76.83
N PHE E 98 -1.45 8.67 -77.72
CA PHE E 98 -1.34 8.85 -79.15
C PHE E 98 -2.69 8.59 -79.83
N GLY E 99 -2.89 9.22 -80.98
CA GLY E 99 -4.08 8.99 -81.76
C GLY E 99 -4.00 7.68 -82.52
N GLN E 100 -5.18 7.20 -82.93
CA GLN E 100 -5.27 5.92 -83.63
C GLN E 100 -4.67 5.99 -85.02
N GLY E 101 -4.82 7.11 -85.73
CA GLY E 101 -4.22 7.25 -87.04
C GLY E 101 -5.13 7.88 -88.08
N THR E 102 -4.55 8.72 -88.94
CA THR E 102 -5.29 9.36 -90.02
C THR E 102 -4.59 9.04 -91.34
N LYS E 103 -5.40 8.81 -92.38
CA LYS E 103 -4.90 8.43 -93.70
C LYS E 103 -5.21 9.54 -94.71
N VAL E 104 -4.21 9.88 -95.52
CA VAL E 104 -4.40 10.77 -96.65
C VAL E 104 -3.64 10.21 -97.84
N GLU E 105 -4.31 10.23 -99.00
CA GLU E 105 -3.72 9.67 -100.22
C GLU E 105 -4.21 10.48 -101.41
N ILE E 106 -3.32 10.66 -102.38
CA ILE E 106 -3.63 11.41 -103.60
C ILE E 106 -4.10 10.45 -104.66
N LYS E 107 -5.04 10.90 -105.49
CA LYS E 107 -5.58 10.07 -106.56
C LYS E 107 -4.78 10.23 -107.85
C1 NAG F . -5.07 -30.02 77.58
C2 NAG F . -4.66 -31.47 77.88
C3 NAG F . -4.64 -31.70 79.40
C4 NAG F . -3.77 -30.67 80.09
C5 NAG F . -4.22 -29.27 79.70
C6 NAG F . -3.34 -28.17 80.27
C7 NAG F . -5.16 -33.37 76.40
C8 NAG F . -3.68 -33.44 76.16
N2 NAG F . -5.57 -32.40 77.24
O3 NAG F . -4.14 -33.02 79.65
O4 NAG F . -3.87 -30.84 81.50
O5 NAG F . -4.20 -29.12 78.27
O6 NAG F . -1.96 -28.51 80.14
O7 NAG F . -5.94 -34.13 75.87
C1 NAG F . -2.56 -31.05 82.09
C2 NAG F . -2.61 -30.57 83.54
C3 NAG F . -1.25 -30.77 84.21
C4 NAG F . -0.80 -32.22 84.07
C5 NAG F . -0.84 -32.65 82.61
C6 NAG F . -0.54 -34.12 82.41
C7 NAG F . -3.69 -28.67 84.66
C8 NAG F . -4.03 -27.22 84.58
N2 NAG F . -3.02 -29.18 83.62
O3 NAG F . -1.34 -30.41 85.58
O4 NAG F . 0.53 -32.34 84.54
O5 NAG F . -2.16 -32.43 82.06
O6 NAG F . -0.85 -34.88 83.58
O7 NAG F . -4.00 -29.36 85.63
C1 BMA F . 0.59 -32.98 85.84
C2 BMA F . 1.73 -32.31 86.64
C3 BMA F . 1.73 -32.82 88.09
C4 BMA F . 0.33 -32.78 88.71
C5 BMA F . -0.66 -33.53 87.82
C6 BMA F . -2.07 -33.52 88.35
O2 BMA F . 1.53 -30.90 86.71
O3 BMA F . 2.65 -32.09 88.90
O4 BMA F . 0.36 -33.37 90.00
O5 BMA F . -0.66 -32.91 86.52
O6 BMA F . -2.02 -33.84 89.74
C1 NAG G . -24.47 -21.85 80.78
C2 NAG G . -24.54 -23.35 80.69
C3 NAG G . -25.93 -23.82 81.09
C4 NAG G . -26.37 -23.18 82.41
C5 NAG G . -25.97 -21.71 82.56
C6 NAG G . -26.05 -21.21 83.98
C7 NAG G . -23.59 -24.97 79.11
C8 NAG G . -23.33 -25.30 77.66
N2 NAG G . -24.21 -23.81 79.35
O3 NAG G . -25.93 -25.23 81.21
O4 NAG G . -27.79 -23.19 82.46
O5 NAG G . -24.63 -21.47 82.11
O6 NAG G . -25.20 -21.96 84.83
O7 NAG G . -23.25 -25.72 80.01
C1 NAG G . -28.36 -24.31 83.15
C2 NAG G . -29.61 -23.81 83.87
C3 NAG G . -30.32 -24.95 84.57
C4 NAG G . -30.60 -26.08 83.57
C5 NAG G . -29.31 -26.50 82.89
C6 NAG G . -29.53 -27.52 81.80
C7 NAG G . -29.95 -21.60 84.91
C8 NAG G . -29.48 -20.64 85.95
N2 NAG G . -29.28 -22.75 84.82
O3 NAG G . -31.54 -24.48 85.12
O4 NAG G . -31.16 -27.20 84.26
O5 NAG G . -28.71 -25.35 82.25
O6 NAG G . -29.00 -27.08 80.56
O7 NAG G . -30.91 -21.36 84.19
C1 NAG H . -31.54 -1.54 58.94
C2 NAG H . -32.61 -1.78 60.02
C3 NAG H . -33.32 -3.10 59.78
C4 NAG H . -33.85 -3.18 58.35
C5 NAG H . -32.73 -2.88 57.36
C6 NAG H . -33.22 -2.81 55.92
C7 NAG H . -32.72 -1.48 62.45
C8 NAG H . -31.95 -1.50 63.73
N2 NAG H . -32.01 -1.75 61.34
O3 NAG H . -34.39 -3.23 60.70
O4 NAG H . -34.36 -4.48 58.09
O5 NAG H . -32.14 -1.61 57.65
O6 NAG H . -32.23 -2.27 55.07
O7 NAG H . -33.92 -1.25 62.42
C1 NAG H . -35.80 -4.43 58.06
C2 NAG H . -36.31 -5.69 57.37
C3 NAG H . -37.83 -5.70 57.34
C4 NAG H . -38.39 -5.52 58.75
C5 NAG H . -37.79 -4.27 59.40
C6 NAG H . -38.19 -4.11 60.84
C7 NAG H . -35.15 -6.92 55.59
C8 NAG H . -34.65 -6.87 54.18
N2 NAG H . -35.78 -5.82 56.02
O3 NAG H . -38.30 -6.93 56.79
O4 NAG H . -39.81 -5.38 58.70
O5 NAG H . -36.36 -4.34 59.37
O6 NAG H . -37.98 -5.31 61.57
O7 NAG H . -34.99 -7.90 56.31
C1 NAG I . -32.36 -21.72 48.95
C2 NAG I . -33.32 -22.58 49.79
C3 NAG I . -34.20 -23.43 48.89
C4 NAG I . -34.91 -22.56 47.86
C5 NAG I . -33.89 -21.75 47.08
C6 NAG I . -34.50 -20.80 46.09
C7 NAG I . -32.42 -23.14 52.01
C8 NAG I . -31.62 -24.11 52.81
N2 NAG I . -32.57 -23.42 50.71
O3 NAG I . -35.16 -24.12 49.68
O4 NAG I . -35.66 -23.36 46.95
O5 NAG I . -33.12 -20.96 48.00
O6 NAG I . -35.66 -20.18 46.62
O7 NAG I . -32.90 -22.12 52.52
C1 NAG I . -37.06 -23.11 47.19
C2 NAG I . -37.86 -23.48 45.94
C3 NAG I . -39.35 -23.27 46.18
C4 NAG I . -39.79 -24.02 47.42
C5 NAG I . -38.92 -23.64 48.61
C6 NAG I . -39.24 -24.46 49.85
C7 NAG I . -36.66 -23.21 43.81
C8 NAG I . -36.29 -22.27 42.70
N2 NAG I . -37.40 -22.70 44.79
O3 NAG I . -40.07 -23.73 45.04
O4 NAG I . -41.15 -23.71 47.72
O5 NAG I . -37.54 -23.87 48.30
O6 NAG I . -38.62 -25.74 49.79
O7 NAG I . -36.30 -24.38 43.82
C1 NAG J . 37.97 -66.65 -33.84
C2 NAG J . 37.04 -65.81 -34.72
C3 NAG J . 36.51 -66.66 -35.89
C4 NAG J . 37.65 -67.33 -36.62
C5 NAG J . 38.56 -68.07 -35.65
C6 NAG J . 39.80 -68.65 -36.32
C7 NAG J . 35.17 -64.25 -34.37
C8 NAG J . 34.07 -63.82 -33.44
N2 NAG J . 35.93 -65.26 -33.95
O3 NAG J . 35.77 -65.84 -36.79
O4 NAG J . 37.14 -68.26 -37.57
O5 NAG J . 39.03 -67.17 -34.63
O6 NAG J . 39.57 -68.91 -37.69
O7 NAG J . 35.35 -63.71 -35.46
C1 NAG K . 19.38 -60.87 -37.22
C2 NAG K . 20.30 -59.79 -37.80
C3 NAG K . 19.48 -58.74 -38.54
C4 NAG K . 18.60 -59.40 -39.59
C5 NAG K . 17.75 -60.49 -38.94
C6 NAG K . 16.94 -61.28 -39.96
C7 NAG K . 22.41 -59.44 -36.59
C8 NAG K . 23.01 -60.42 -37.54
N2 NAG K . 21.11 -59.17 -36.76
O3 NAG K . 20.35 -57.80 -39.16
O4 NAG K . 17.73 -58.43 -40.17
O5 NAG K . 18.59 -61.44 -38.28
O6 NAG K . 17.76 -62.20 -40.68
O7 NAG K . 23.06 -58.91 -35.70
C1 NAG L . -14.04 -14.18 -50.03
C2 NAG L . -13.75 -15.55 -49.43
C3 NAG L . -12.52 -16.17 -50.10
C4 NAG L . -12.68 -16.19 -51.61
C5 NAG L . -12.97 -14.77 -52.11
C6 NAG L . -13.22 -14.72 -53.60
C7 NAG L . -14.36 -16.06 -47.11
C8 NAG L . -14.03 -15.85 -45.66
N2 NAG L . -13.56 -15.46 -48.00
O3 NAG L . -12.36 -17.51 -49.62
O4 NAG L . -11.49 -16.68 -52.22
O5 NAG L . -14.15 -14.28 -51.47
O6 NAG L . -13.10 -16.00 -54.19
O7 NAG L . -15.32 -16.74 -47.46
C1 NAG M . 9.27 -52.13 -4.76
C2 NAG M . 9.06 -53.15 -5.89
C3 NAG M . 7.60 -53.55 -5.99
C4 NAG M . 7.08 -54.02 -4.64
C5 NAG M . 7.34 -52.96 -3.59
C6 NAG M . 6.94 -53.38 -2.19
C7 NAG M . 9.08 -51.56 -7.79
C8 NAG M . 9.72 -51.21 -9.09
N2 NAG M . 9.56 -52.64 -7.16
O3 NAG M . 7.47 -54.59 -6.95
O4 NAG M . 5.68 -54.28 -4.71
O5 NAG M . 8.74 -52.64 -3.54
O6 NAG M . 5.52 -53.54 -2.09
O7 NAG M . 8.17 -50.88 -7.32
C1 NAG N . 9.64 -37.84 -29.51
C2 NAG N . 8.48 -37.02 -30.08
C3 NAG N . 7.25 -37.14 -29.19
C4 NAG N . 6.90 -38.61 -28.96
C5 NAG N . 8.11 -39.35 -28.42
C6 NAG N . 7.88 -40.84 -28.27
C7 NAG N . 9.28 -35.10 -31.39
C8 NAG N . 9.63 -33.64 -31.37
N2 NAG N . 8.87 -35.62 -30.24
O3 NAG N . 6.15 -36.48 -29.82
O4 NAG N . 5.83 -38.71 -28.03
O5 NAG N . 9.22 -39.19 -29.31
O6 NAG N . 7.80 -41.48 -29.53
O7 NAG N . 9.37 -35.77 -32.42
C1 NAG O . 19.63 -36.16 23.34
C2 NAG O . 20.45 -34.92 23.73
C3 NAG O . 21.71 -35.32 24.50
C4 NAG O . 21.35 -36.22 25.67
C5 NAG O . 20.52 -37.41 25.19
C6 NAG O . 20.04 -38.29 26.33
C7 NAG O . 20.00 -33.22 22.02
C8 NAG O . 20.54 -32.52 20.80
N2 NAG O . 20.81 -34.15 22.54
O3 NAG O . 22.37 -34.15 24.96
O4 NAG O . 22.53 -36.70 26.30
O5 NAG O . 19.35 -36.92 24.52
O6 NAG O . 19.53 -37.52 27.40
O7 NAG O . 18.92 -32.94 22.50
C1 NAG P . -12.27 -46.97 29.30
C2 NAG P . -12.00 -48.42 28.92
C3 NAG P . -13.09 -48.95 28.00
C4 NAG P . -14.46 -48.73 28.63
C5 NAG P . -14.64 -47.27 29.02
C6 NAG P . -15.93 -47.00 29.76
C7 NAG P . -9.59 -48.92 28.97
C8 NAG P . -8.33 -49.01 28.16
N2 NAG P . -10.69 -48.56 28.29
O3 NAG P . -12.89 -50.34 27.77
O4 NAG P . -15.48 -49.10 27.71
O5 NAG P . -13.57 -46.86 29.88
O6 NAG P . -15.70 -46.80 31.15
O7 NAG P . -9.62 -49.16 30.17
C1 NAG Q . -19.78 -38.73 11.55
C2 NAG Q . -20.27 -37.88 12.72
C3 NAG Q . -21.13 -38.73 13.65
C4 NAG Q . -22.27 -39.38 12.87
C5 NAG Q . -21.70 -40.17 11.68
C6 NAG Q . -22.77 -40.73 10.79
C7 NAG Q . -19.11 -36.02 13.82
C8 NAG Q . -20.29 -35.18 13.44
N2 NAG Q . -19.16 -37.30 13.46
O3 NAG Q . -21.68 -37.90 14.68
O4 NAG Q . -22.99 -40.27 13.71
O5 NAG Q . -20.90 -39.30 10.86
O6 NAG Q . -24.06 -40.22 11.13
O7 NAG Q . -18.16 -35.56 14.44
C1 NAG R . 9.53 -27.44 61.11
C2 NAG R . 9.97 -28.57 62.06
C3 NAG R . 11.47 -28.77 61.98
C4 NAG R . 11.90 -28.99 60.54
C5 NAG R . 11.41 -27.84 59.66
C6 NAG R . 11.71 -28.05 58.20
C7 NAG R . 8.51 -28.87 64.00
C8 NAG R . 8.24 -28.47 65.42
N2 NAG R . 9.56 -28.29 63.42
O3 NAG R . 11.84 -29.89 62.77
O4 NAG R . 13.32 -29.07 60.46
O5 NAG R . 9.98 -27.73 59.79
O6 NAG R . 11.00 -27.12 57.38
O7 NAG R . 7.80 -29.68 63.42
C1 NAG S . -10.71 -33.67 62.35
C2 NAG S . -10.20 -34.73 61.39
C3 NAG S . -10.92 -36.05 61.63
C4 NAG S . -10.81 -36.46 63.09
C5 NAG S . -11.28 -35.33 63.99
C6 NAG S . -11.08 -35.61 65.46
C7 NAG S . -9.61 -34.76 59.00
C8 NAG S . -9.92 -34.21 57.64
N2 NAG S . -10.36 -34.30 60.01
O3 NAG S . -10.35 -37.06 60.79
O4 NAG S . -11.59 -37.62 63.33
O5 NAG S . -10.55 -34.13 63.70
O6 NAG S . -10.93 -34.41 66.21
O7 NAG S . -8.72 -35.59 59.18
C1 NAG T . 28.01 -18.39 52.91
C2 NAG T . 28.99 -18.66 54.04
C3 NAG T . 30.41 -18.77 53.50
C4 NAG T . 30.47 -19.79 52.37
C5 NAG T . 29.43 -19.46 51.31
C6 NAG T . 29.35 -20.51 50.22
C7 NAG T . 28.16 -17.75 56.17
C8 NAG T . 28.19 -16.58 57.11
N2 NAG T . 28.91 -17.63 55.07
O3 NAG T . 31.29 -19.15 54.55
O4 NAG T . 31.76 -19.77 51.77
O5 NAG T . 28.12 -19.41 51.91
O6 NAG T . 28.64 -21.65 50.64
O7 NAG T . 27.49 -18.75 56.38
C1 NAG U . -24.27 -28.94 61.36
C2 NAG U . -25.64 -28.71 61.99
C3 NAG U . -26.74 -29.31 61.12
C4 NAG U . -26.64 -28.78 59.69
C5 NAG U . -25.23 -28.98 59.14
C6 NAG U . -25.03 -28.33 57.79
C7 NAG U . -25.50 -28.52 64.43
C8 NAG U . -25.59 -29.25 65.74
N2 NAG U . -25.70 -29.26 63.33
O3 NAG U . -28.01 -28.99 61.67
O4 NAG U . -27.57 -29.46 58.86
O5 NAG U . -24.26 -28.40 60.03
O6 NAG U . -26.03 -27.37 57.50
O7 NAG U . -25.25 -27.31 64.38
C1 NAG V . 25.91 7.87 65.60
C2 NAG V . 26.70 7.28 66.76
C3 NAG V . 28.11 7.88 66.81
C4 NAG V . 28.80 7.72 65.47
C5 NAG V . 27.93 8.31 64.36
C6 NAG V . 28.50 8.10 62.98
C7 NAG V . 25.93 6.58 68.99
C8 NAG V . 25.18 6.99 70.22
N2 NAG V . 26.02 7.51 68.03
O3 NAG V . 28.87 7.23 67.83
O4 NAG V . 30.06 8.39 65.48
O5 NAG V . 26.64 7.68 64.38
O6 NAG V . 28.28 6.77 62.53
O7 NAG V . 26.43 5.47 68.87
C1 NAG W . 11.18 20.80 63.31
C2 NAG W . 11.70 21.79 64.35
C3 NAG W . 10.97 23.12 64.24
C4 NAG W . 11.05 23.65 62.82
C5 NAG W . 10.56 22.59 61.83
C6 NAG W . 10.73 23.01 60.39
C7 NAG W . 10.46 20.89 66.30
C8 NAG W . 10.58 20.36 67.69
N2 NAG W . 11.60 21.25 65.71
O3 NAG W . 11.53 24.05 65.15
O4 NAG W . 10.27 24.82 62.68
O5 NAG W . 11.30 21.37 62.00
O6 NAG W . 11.02 24.39 60.28
O7 NAG W . 9.37 20.98 65.74
C1 NAG X . -4.90 32.41 52.55
C2 NAG X . -5.47 33.32 53.63
C3 NAG X . -4.91 34.74 53.51
C4 NAG X . -4.98 35.23 52.07
C5 NAG X . -4.39 34.20 51.11
C6 NAG X . -3.23 34.75 50.29
C7 NAG X . -7.68 33.69 54.62
C8 NAG X . -9.16 33.66 54.39
N2 NAG X . -6.92 33.35 53.59
O3 NAG X . -3.56 34.76 53.95
O4 NAG X . -6.34 35.47 51.71
O5 NAG X . -3.87 33.09 51.85
O6 NAG X . -3.54 36.03 49.75
O7 NAG X . -7.20 34.02 55.70
C1 NAG Y . 28.36 -6.80 67.17
C2 NAG Y . 28.55 -8.30 67.42
C3 NAG Y . 29.68 -8.83 66.56
C4 NAG Y . 29.46 -8.48 65.10
C5 NAG Y . 29.21 -6.99 64.93
C6 NAG Y . 28.84 -6.60 63.53
C7 NAG Y . 28.28 -9.60 69.49
C8 NAG Y . 28.66 -9.72 70.93
N2 NAG Y . 28.81 -8.56 68.83
O3 NAG Y . 29.77 -10.24 66.72
O4 NAG Y . 30.60 -8.85 64.33
O5 NAG Y . 28.12 -6.58 65.77
O6 NAG Y . 28.67 -7.75 62.70
O7 NAG Y . 27.56 -10.42 68.94
C1 NAG Z . 18.88 10.15 79.18
C2 NAG Z . 19.81 11.29 79.59
C3 NAG Z . 19.66 11.60 81.08
C4 NAG Z . 18.20 11.86 81.42
C5 NAG Z . 17.32 10.71 80.93
C6 NAG Z . 15.84 10.98 81.12
C7 NAG Z . 21.77 11.33 78.12
C8 NAG Z . 23.21 10.92 77.97
N2 NAG Z . 21.20 10.97 79.28
O3 NAG Z . 20.45 12.73 81.41
O4 NAG Z . 18.04 12.02 82.82
O5 NAG Z . 17.52 10.50 79.53
O6 NAG Z . 15.63 12.09 81.98
O7 NAG Z . 21.18 11.95 77.26
C1 NAG AA . 21.26 -10.73 83.80
C2 NAG AA . 22.66 -11.28 83.57
C3 NAG AA . 22.76 -12.70 84.12
C4 NAG AA . 22.31 -12.76 85.56
C5 NAG AA . 20.92 -12.15 85.70
C6 NAG AA . 20.45 -12.06 87.13
C7 NAG AA . 23.69 -10.23 81.61
C8 NAG AA . 23.96 -10.35 80.14
N2 NAG AA . 23.03 -11.25 82.17
O3 NAG AA . 24.11 -13.15 84.01
O4 NAG AA . 22.28 -14.11 86.02
O5 NAG AA . 20.93 -10.81 85.19
O6 NAG AA . 20.23 -10.72 87.52
O7 NAG AA . 24.04 -9.25 82.26
C1 NAG BA . 14.64 53.51 -28.78
C2 NAG BA . 15.49 54.58 -29.49
C3 NAG BA . 14.66 55.32 -30.54
C4 NAG BA . 14.01 54.33 -31.49
C5 NAG BA . 13.20 53.30 -30.72
C6 NAG BA . 12.62 52.21 -31.60
C7 NAG BA . 17.18 55.28 -27.86
C8 NAG BA . 17.61 56.36 -26.91
N2 NAG BA . 16.05 55.52 -28.53
O3 NAG BA . 15.49 56.22 -31.26
O4 NAG BA . 13.15 55.01 -32.40
O5 NAG BA . 14.05 52.64 -29.76
O6 NAG BA . 13.65 51.48 -32.27
O7 NAG BA . 17.82 54.25 -28.01
C1 NAG CA . 36.10 64.38 -28.83
C2 NAG CA . 35.13 65.52 -29.13
C3 NAG CA . 34.80 65.55 -30.62
C4 NAG CA . 36.08 65.59 -31.45
C5 NAG CA . 37.01 64.45 -31.04
C6 NAG CA . 38.36 64.50 -31.73
C7 NAG CA . 33.45 66.41 -27.58
C8 NAG CA . 32.19 66.13 -26.83
N2 NAG CA . 33.92 65.42 -28.34
O3 NAG CA . 34.00 66.69 -30.91
O4 NAG CA . 35.77 65.46 -32.83
O5 NAG CA . 37.27 64.51 -29.63
O6 NAG CA . 39.42 64.63 -30.80
O7 NAG CA . 34.03 67.49 -27.49
C1 NAG DA . 44.83 43.02 -33.29
C2 NAG DA . 43.64 43.04 -34.25
C3 NAG DA . 43.33 41.64 -34.75
C4 NAG DA . 44.57 41.00 -35.34
C5 NAG DA . 45.72 41.06 -34.33
C6 NAG DA . 47.03 40.55 -34.90
C7 NAG DA . 41.88 44.74 -34.07
C8 NAG DA . 40.68 45.22 -33.31
N2 NAG DA . 42.47 43.63 -33.63
O3 NAG DA . 42.30 41.70 -35.73
O4 NAG DA . 44.32 39.64 -35.66
O5 NAG DA . 45.96 42.42 -33.94
O6 NAG DA . 47.63 41.51 -35.77
O7 NAG DA . 42.28 45.34 -35.07
C1 NAG EA . 28.57 -9.10 -46.73
C2 NAG EA . 28.91 -8.21 -45.53
C3 NAG EA . 28.70 -6.74 -45.89
C4 NAG EA . 29.46 -6.38 -47.15
C5 NAG EA . 29.11 -7.35 -48.28
C6 NAG EA . 29.94 -7.13 -49.52
C7 NAG EA . 28.50 -8.32 -43.11
C8 NAG EA . 27.56 -8.76 -42.03
N2 NAG EA . 28.11 -8.56 -44.37
O3 NAG EA . 29.12 -5.92 -44.81
O4 NAG EA . 29.16 -5.05 -47.56
O5 NAG EA . 29.35 -8.70 -47.86
O6 NAG EA . 31.33 -7.31 -49.25
O7 NAG EA . 29.56 -7.77 -42.86
C1 NAG FA . 39.22 33.18 -0.48
C2 NAG FA . 40.31 32.12 -0.59
C3 NAG FA . 41.32 32.28 0.54
C4 NAG FA . 41.86 33.70 0.57
C5 NAG FA . 40.72 34.71 0.61
C6 NAG FA . 41.19 36.14 0.50
C7 NAG FA . 39.51 30.08 -1.70
C8 NAG FA . 38.92 28.72 -1.51
N2 NAG FA . 39.73 30.78 -0.59
O3 NAG FA . 42.38 31.35 0.37
O4 NAG FA . 42.68 33.87 1.72
O5 NAG FA . 39.83 34.48 -0.49
O6 NAG FA . 42.06 36.31 -0.62
O7 NAG FA . 39.77 30.53 -2.81
C1 NAG GA . 24.81 23.49 -27.54
C2 NAG GA . 26.02 22.57 -27.75
C3 NAG GA . 25.63 21.38 -28.61
C4 NAG GA . 24.45 20.66 -27.98
C5 NAG GA . 23.30 21.63 -27.73
C6 NAG GA . 22.14 21.02 -26.98
C7 NAG GA . 28.15 23.81 -27.68
C8 NAG GA . 29.19 24.53 -28.47
N2 NAG GA . 27.12 23.31 -28.38
O3 NAG GA . 26.74 20.49 -28.72
O4 NAG GA . 23.99 19.63 -28.85
O5 NAG GA . 23.76 22.74 -26.93
O6 NAG GA . 22.23 19.60 -26.99
O7 NAG GA . 28.22 23.70 -26.46
C1 NAG HA . 15.68 33.28 23.41
C2 NAG HA . 14.54 32.32 23.78
C3 NAG HA . 13.20 32.93 23.38
C4 NAG HA . 13.05 34.31 23.99
C5 NAG HA . 14.24 35.19 23.64
C6 NAG HA . 14.22 36.53 24.34
C7 NAG HA . 15.50 30.05 23.68
C8 NAG HA . 15.57 28.78 22.90
N2 NAG HA . 14.72 31.02 23.16
O3 NAG HA . 12.14 32.07 23.81
O4 NAG HA . 11.85 34.93 23.49
O5 NAG HA . 15.46 34.54 24.04
O6 NAG HA . 14.35 36.38 25.74
O7 NAG HA . 16.10 30.21 24.73
C1 NAG IA . 45.39 -14.13 -21.63
C2 NAG IA . 46.56 -14.64 -22.46
C3 NAG IA . 47.06 -15.98 -21.91
C4 NAG IA . 47.36 -15.87 -20.43
C5 NAG IA . 46.14 -15.31 -19.69
C6 NAG IA . 46.41 -15.07 -18.22
C7 NAG IA . 46.29 -13.72 -24.72
C8 NAG IA . 45.89 -14.02 -26.13
N2 NAG IA . 46.22 -14.75 -23.86
O3 NAG IA . 48.22 -16.37 -22.62
O4 NAG IA . 47.69 -17.15 -19.91
O5 NAG IA . 45.76 -14.06 -20.25
O6 NAG IA . 47.62 -14.35 -18.03
O7 NAG IA . 46.67 -12.61 -24.37
C1 NAG JA . 40.40 0.94 15.07
C2 NAG JA . 40.15 0.78 16.56
C3 NAG JA . 41.46 0.78 17.33
C4 NAG JA . 42.40 -0.27 16.76
C5 NAG JA . 42.55 -0.12 15.24
C6 NAG JA . 43.33 -1.24 14.61
C7 NAG JA . 37.94 1.63 17.20
C8 NAG JA . 37.17 2.81 17.72
N2 NAG JA . 39.26 1.81 17.06
O3 NAG JA . 41.21 0.53 18.70
O4 NAG JA . 43.69 -0.16 17.36
O5 NAG JA . 41.24 -0.12 14.61
O6 NAG JA . 43.06 -2.48 15.23
O7 NAG JA . 37.40 0.57 16.93
C1 NAG KA . -8.71 42.08 -23.22
C2 NAG KA . -7.55 42.99 -22.76
C3 NAG KA . -8.04 43.98 -21.71
C4 NAG KA . -9.25 44.75 -22.21
C5 NAG KA . -10.34 43.77 -22.64
C6 NAG KA . -11.55 44.46 -23.25
C7 NAG KA . -5.24 42.66 -21.98
C8 NAG KA . -4.24 41.68 -21.41
N2 NAG KA . -6.46 42.18 -22.22
O3 NAG KA . -7.00 44.90 -21.38
O4 NAG KA . -9.76 45.59 -21.19
O5 NAG KA . -9.82 42.90 -23.65
O6 NAG KA . -11.20 45.17 -24.43
O7 NAG KA . -4.93 43.83 -22.21
C1 NAG LA . -7.68 39.04 -47.54
C2 NAG LA . -8.28 39.18 -46.14
C3 NAG LA . -9.74 38.73 -46.14
C4 NAG LA . -10.52 39.48 -47.22
C5 NAG LA . -9.83 39.33 -48.57
C6 NAG LA . -10.48 40.15 -49.66
C7 NAG LA . -7.31 37.11 -45.18
C8 NAG LA . -6.48 36.55 -44.07
N2 NAG LA . -7.51 38.43 -45.15
O3 NAG LA . -10.32 38.98 -44.86
O4 NAG LA . -11.84 38.96 -47.30
O5 NAG LA . -8.47 39.78 -48.48
O6 NAG LA . -9.89 41.44 -49.76
O7 NAG LA . -7.77 36.39 -46.07
C1 NAG MA . -38.11 -3.35 18.13
C2 NAG MA . -36.60 -3.49 18.36
C3 NAG MA . -36.22 -4.95 18.49
C4 NAG MA . -37.05 -5.63 19.57
C5 NAG MA . -38.53 -5.41 19.30
C6 NAG MA . -39.42 -5.95 20.40
C7 NAG MA . -35.20 -1.70 17.42
C8 NAG MA . -35.25 -1.07 18.77
N2 NAG MA . -35.87 -2.85 17.28
O3 NAG MA . -34.83 -5.05 18.81
O4 NAG MA . -36.78 -7.03 19.60
O5 NAG MA . -38.81 -4.01 19.19
O6 NAG MA . -39.69 -4.96 21.38
O7 NAG MA . -34.58 -1.19 16.48
C1 NAG NA . -24.14 34.07 13.37
C2 NAG NA . -23.53 34.51 14.69
C3 NAG NA . -24.38 35.61 15.31
C4 NAG NA . -24.57 36.75 14.32
C5 NAG NA . -25.12 36.23 13.01
C6 NAG NA . -25.21 37.29 11.93
C7 NAG NA . -22.24 33.05 16.16
C8 NAG NA . -22.28 31.87 17.09
N2 NAG NA . -23.40 33.39 15.61
O3 NAG NA . -23.76 36.09 16.50
O4 NAG NA . -25.47 37.73 14.85
O5 NAG NA . -24.26 35.19 12.49
O6 NAG NA . -23.96 37.93 11.75
O7 NAG NA . -21.20 33.65 15.93
C1 NAG OA . -16.26 27.04 64.90
C2 NAG OA . -15.59 27.66 66.12
C3 NAG OA . -16.35 28.90 66.57
C4 NAG OA . -16.52 29.87 65.41
C5 NAG OA . -17.16 29.16 64.22
C6 NAG OA . -17.26 30.03 62.99
C7 NAG OA . -14.41 26.56 67.98
C8 NAG OA . -14.49 25.52 69.05
N2 NAG OA . -15.50 26.70 67.21
O3 NAG OA . -15.63 29.53 67.63
O4 NAG OA . -17.34 30.96 65.80
O5 NAG OA . -16.36 28.02 63.86
O6 NAG OA . -16.35 29.60 61.98
O7 NAG OA . -13.42 27.26 67.83
C1 NAG PA . -51.49 -3.67 -38.03
C2 NAG PA . -51.24 -3.05 -39.40
C3 NAG PA . -52.57 -2.72 -40.08
C4 NAG PA . -53.47 -3.94 -40.12
C5 NAG PA . -53.64 -4.52 -38.71
C6 NAG PA . -54.43 -5.80 -38.68
C7 NAG PA . -49.07 -1.89 -39.33
C8 NAG PA . -48.38 -0.58 -39.21
N2 NAG PA . -50.41 -1.86 -39.29
O3 NAG PA . -52.32 -2.25 -41.39
O4 NAG PA . -54.75 -3.59 -40.62
O5 NAG PA . -52.34 -4.82 -38.17
O6 NAG PA . -53.69 -6.89 -39.23
O7 NAG PA . -48.45 -2.95 -39.46
C1 NAG QA . -67.35 1.42 -37.06
C2 NAG QA . -68.87 1.38 -37.27
C3 NAG QA . -69.24 0.17 -38.12
C4 NAG QA . -68.42 0.15 -39.41
C5 NAG QA . -66.93 0.28 -39.11
C6 NAG QA . -66.09 0.41 -40.36
C7 NAG QA . -70.32 2.40 -35.58
C8 NAG QA . -71.00 2.22 -34.26
N2 NAG QA . -69.59 1.36 -36.01
O3 NAG QA . -70.62 0.20 -38.42
O4 NAG QA . -68.65 -1.06 -40.12
O5 NAG QA . -66.67 1.44 -38.32
O6 NAG QA . -64.89 1.14 -40.11
O7 NAG QA . -70.43 3.42 -36.23
C1 NAG RA . -53.41 21.28 -39.23
C2 NAG RA . -54.20 22.14 -40.23
C3 NAG RA . -53.36 22.38 -41.50
C4 NAG RA . -52.00 22.95 -41.13
C5 NAG RA . -51.30 22.06 -40.11
C6 NAG RA . -50.00 22.62 -39.62
C7 NAG RA . -56.48 22.16 -41.14
C8 NAG RA . -57.71 21.34 -41.44
N2 NAG RA . -55.47 21.51 -40.58
O3 NAG RA . -54.04 23.27 -42.36
O4 NAG RA . -51.19 23.06 -42.30
O5 NAG RA . -52.14 21.89 -38.96
O6 NAG RA . -50.10 24.02 -39.37
O7 NAG RA . -56.43 23.36 -41.41
C1 NAG SA . -44.46 19.09 -7.95
C2 NAG SA . -45.00 20.39 -7.36
C3 NAG SA . -43.97 21.51 -7.48
C4 NAG SA . -42.64 21.07 -6.87
C5 NAG SA . -42.19 19.74 -7.49
C6 NAG SA . -40.95 19.19 -6.85
C7 NAG SA . -47.44 20.37 -7.60
C8 NAG SA . -48.62 20.87 -8.39
N2 NAG SA . -46.24 20.78 -8.01
O3 NAG SA . -44.45 22.67 -6.82
O4 NAG SA . -41.65 22.06 -7.11
O5 NAG SA . -43.22 18.76 -7.31
O6 NAG SA . -40.40 18.13 -7.61
O7 NAG SA . -47.58 19.64 -6.63
C1 NAG TA . -30.13 16.07 -29.58
C2 NAG TA . -28.72 16.62 -29.37
C3 NAG TA . -28.75 17.80 -28.42
C4 NAG TA . -29.72 18.86 -28.92
C5 NAG TA . -31.09 18.24 -29.16
C6 NAG TA . -32.08 19.20 -29.79
C7 NAG TA . -26.60 15.37 -29.37
C8 NAG TA . -26.17 16.29 -30.49
N2 NAG TA . -27.82 15.59 -28.88
O3 NAG TA . -27.44 18.35 -28.29
O4 NAG TA . -29.84 19.91 -27.98
O5 NAG TA . -30.99 17.12 -30.06
O6 NAG TA . -31.62 19.67 -31.05
O7 NAG TA . -25.86 14.50 -28.94
C1 NAG UA . -35.94 29.23 29.10
C2 NAG UA . -36.61 30.48 29.67
C3 NAG UA . -36.45 31.65 28.70
C4 NAG UA . -34.98 31.86 28.36
C5 NAG UA . -34.37 30.55 27.85
C6 NAG UA . -32.88 30.66 27.62
C7 NAG UA . -38.47 29.89 31.16
C8 NAG UA . -39.95 29.67 31.26
N2 NAG UA . -38.02 30.24 29.95
O3 NAG UA . -36.98 32.83 29.30
O4 NAG UA . -34.86 32.85 27.35
O5 NAG UA . -34.57 29.51 28.82
O6 NAG UA . -32.16 30.63 28.85
O7 NAG UA . -37.73 29.75 32.12
C1 NAG VA . -27.89 17.05 61.65
C2 NAG VA . -27.86 18.37 62.43
C3 NAG VA . -29.02 19.27 61.99
C4 NAG VA . -29.03 19.44 60.48
C5 NAG VA . -29.06 18.07 59.81
C6 NAG VA . -28.99 18.14 58.30
C7 NAG VA . -26.90 18.36 64.69
C8 NAG VA . -27.14 18.06 66.13
N2 NAG VA . -27.93 18.13 63.86
O3 NAG VA . -28.89 20.54 62.62
O4 NAG VA . -30.19 20.18 60.08
O5 NAG VA . -27.92 17.33 60.24
O6 NAG VA . -28.71 16.88 57.74
O7 NAG VA . -25.83 18.81 64.29
C1 NAG WA . -28.42 10.73 76.68
C2 NAG WA . -29.94 10.65 76.85
C3 NAG WA . -30.30 10.38 78.32
C4 NAG WA . -29.56 9.16 78.82
C5 NAG WA . -28.06 9.31 78.59
C6 NAG WA . -27.26 8.09 78.98
C7 NAG WA . -30.99 12.04 75.13
C8 NAG WA . -31.63 13.35 74.82
N2 NAG WA . -30.58 11.87 76.39
O3 NAG WA . -31.70 10.17 78.41
O4 NAG WA . -29.80 8.99 80.22
O5 NAG WA . -27.81 9.54 77.20
O6 NAG WA . -28.12 7.05 79.46
O7 NAG WA . -30.84 11.17 74.27
C1 NAG XA . -12.35 22.98 82.68
C2 NAG XA . -12.55 24.42 82.23
C3 NAG XA . -11.47 25.32 82.83
C4 NAG XA . -11.41 25.15 84.33
C5 NAG XA . -11.25 23.68 84.70
C6 NAG XA . -11.31 23.43 86.19
C7 NAG XA . -13.67 24.49 80.05
C8 NAG XA . -13.49 24.60 78.56
N2 NAG XA . -12.55 24.52 80.78
O3 NAG XA . -11.74 26.67 82.49
O4 NAG XA . -10.31 25.89 84.86
O5 NAG XA . -12.31 22.91 84.11
O6 NAG XA . -12.65 23.25 86.63
O7 NAG XA . -14.78 24.34 80.56
#